data_7ND6
#
_entry.id   7ND6
#
_cell.length_a   1.00
_cell.length_b   1.00
_cell.length_c   1.00
_cell.angle_alpha   90.00
_cell.angle_beta   90.00
_cell.angle_gamma   90.00
#
_symmetry.space_group_name_H-M   'P 1'
#
loop_
_entity.id
_entity.type
_entity.pdbx_description
1 polymer 'Spike glycoprotein'
2 polymer 'COVOX-158 Fab heavy chain'
3 polymer 'COVOX-158 Fab light chain'
4 branched 2-acetamido-2-deoxy-beta-D-glucopyranose-(1-4)-2-acetamido-2-deoxy-beta-D-glucopyranose
5 non-polymer 2-acetamido-2-deoxy-beta-D-glucopyranose
#
loop_
_entity_poly.entity_id
_entity_poly.type
_entity_poly.pdbx_seq_one_letter_code
_entity_poly.pdbx_strand_id
1 'polypeptide(L)'
;MFVFLVLLPLVSSQCVNLTTRTQLPPAYTNSFTRGVYYPDKVFRSSVLHSTQDLFLPFFSNVTWFHAIHVSGTNGTKRFD
NPVLPFNDGVYFASTEKSNIIRGWIFGTTLDSKTQSLLIVNNATNVVIKVCEFQFCNDPFLGVYYHKNNKSWMESEFRVY
SSANNCTFEYVSQPFLMDLEGKQGNFKNLREFVFKNIDGYFKIYSKHTPINLVRDLPQGFSALEPLVDLPIGINITRFQT
LLALHRSYLTPGDSSSGWTAGAAAYYVGYLQPRTFLLKYNENGTITDAVDCALDPLSETKCTLKSFTVEKGIYQTSNFRV
QPTESIVRFPNITNLCPFGEVFNATRFASVYAWNRKRISNCVADYSVLYNSASFSTFKCYGVSPTKLNDLCFTNVYADSF
VIRGDEVRQIAPGQTGKIADYNYKLPDDFTGCVIAWNSNNLDSKVGGNYNYLYRLFRKSNLKPFERDISTEIYQAGSTPC
NGVEGFNCYFPLQSYGFQPTNGVGYQPYRVVVLSFELLHAPATVCGPKKSTNLVKNKCVNFNFNGLTGTGVLTESNKKFL
PFQQFGRDIADTTDAVRDPQTLEILDITPCSFGGVSVITPGTNTSNQVAVLYQDVNCTEVPVAIHADQLTPTWRVYSTGS
NVFQTRAGCLIGAEHVNNSYECDIPIGAGICASYQTQTNSPGSASSVASQSIIAYTMSLGAENSVAYSNNSIAIPTNFTI
SVTTEILPVSMTKTSVDCTMYICGDSTECSNLLLQYGSFCTQLNRALTGIAVEQDKNTQEVFAQVKQIYKTPPIKDFGGF
NFSQILPDPSKPSKRSFIEDLLFNKVTLADAGFIKQYGDCLGDIAARDLICAQKFNGLTVLPPLLTDEMIAQYTSALLAG
TITSGWTFGAGAALQIPFAMQMAYRFNGIGVTQNVLYENQKLIANQFNSAIGKIQDSLSSTASALGKLQDVVNQNAQALN
TLVKQLSSNFGAISSVLNDILSRLDPPEAEVQIDRLITGRLQSLQTYVTQQLIRAAEIRASANLAATKMSECVLGQSKRV
DFCGKGYHLMSFPQSAPHGVVFLHVTYVPAQEKNFTTAPAICHDGKAHFPREGVFVSNGTHWFVTQRNFYEPQIITTDNT
FVSGNCDVVIGIVNNTVYDPLQPELDSFKEELDKYFKNHTSPDVDLGDISGINASVVNIQKEIDRLNEVAKNLNESLIDL
QELGKYEQGSGYIPEAPRDGQAYVRKDGEWVLLSTFLGRSLEVLFQGPGHHHHHHHHGSAWSHPQFEKGGGSGGGSGGSA
WSHPQFEK
;
A,B,C
2 'polypeptide(L)'
;EVQLLESGGDLIQPGGSLRLSCAASGVTVSSNYMSWVRQAPGKGLEWVSIIYPGGSTFYADSVKGRFTISRDNSKNTLYL
QMHSLRAEDTAVYYCARDLGSGDMDVWGKGTTVTVSSASTKGPSVFPLAPSSKSTSGGTAALGCLVKDYFPEPVTVSWNS
GALTSGVHTFPAVLQSSGLYSLSSVVTVPSSSLGTQTYICNVNHKPSNTKVDKKVEPKSCDK
;
H
3 'polypeptide(L)'
;DIVMTQSPSFLSASVGDRVTITCRASQGISSYLAWYQQKPGKAPKLLIQAASTLQSGVPSRFSGSGSGTEFTLTISSLQP
EDFATYYCQQLNSYRYTFGQGTKVEIKRTVAAPSVFIFPPSDEQLKSGTASVVCLLNNFYPREAKVQWKVDNALQSGNSQ
ESVTEQDSKDSTYSLSSTLTLSKADYEKHKVYACEVTHQGLSSPVTKSFNRGEC
;
L
#
# COMPACT_ATOMS: atom_id res chain seq x y z
N ALA A 27 27.36 45.72 -26.23
CA ALA A 27 26.38 46.49 -25.47
C ALA A 27 25.51 45.57 -24.62
N TYR A 28 24.95 46.12 -23.54
CA TYR A 28 24.07 45.37 -22.65
C TYR A 28 22.96 46.29 -22.18
N THR A 29 21.85 45.68 -21.77
CA THR A 29 20.72 46.44 -21.23
C THR A 29 19.97 45.58 -20.24
N ASN A 30 19.00 46.19 -19.58
CA ASN A 30 18.30 45.58 -18.45
C ASN A 30 16.93 45.09 -18.90
N SER A 31 16.70 43.78 -18.78
CA SER A 31 15.40 43.18 -19.09
C SER A 31 14.51 43.34 -17.86
N PHE A 32 13.93 44.54 -17.73
CA PHE A 32 13.20 44.95 -16.53
C PHE A 32 12.20 43.91 -16.07
N THR A 33 11.14 43.68 -16.85
CA THR A 33 10.14 42.69 -16.49
C THR A 33 9.63 41.90 -17.70
N ARG A 34 10.27 42.02 -18.86
CA ARG A 34 9.79 41.38 -20.07
C ARG A 34 10.28 39.94 -20.16
N GLY A 35 9.60 39.17 -21.00
CA GLY A 35 9.91 37.77 -21.20
C GLY A 35 8.94 36.79 -20.58
N VAL A 36 7.79 37.26 -20.12
CA VAL A 36 6.76 36.39 -19.57
C VAL A 36 5.75 36.06 -20.67
N TYR A 37 5.48 34.77 -20.84
CA TYR A 37 4.62 34.28 -21.91
C TYR A 37 3.65 33.25 -21.34
N TYR A 38 2.46 33.19 -21.93
CA TYR A 38 1.44 32.24 -21.49
C TYR A 38 1.98 30.82 -21.54
N PRO A 39 2.25 30.19 -20.40
CA PRO A 39 2.86 28.85 -20.45
C PRO A 39 1.89 27.77 -20.88
N ASP A 40 0.59 28.06 -20.89
CA ASP A 40 -0.44 27.12 -21.29
C ASP A 40 -1.48 27.85 -22.14
N LYS A 41 -2.15 27.10 -23.00
CA LYS A 41 -3.19 27.63 -23.87
C LYS A 41 -4.58 27.57 -23.22
N VAL A 42 -4.64 27.62 -21.89
CA VAL A 42 -5.89 27.55 -21.15
C VAL A 42 -6.11 28.88 -20.45
N PHE A 43 -7.32 29.41 -20.59
CA PHE A 43 -7.68 30.68 -19.96
C PHE A 43 -7.82 30.54 -18.45
N ARG A 44 -7.43 31.60 -17.75
CA ARG A 44 -7.61 31.72 -16.30
C ARG A 44 -7.99 33.15 -16.01
N SER A 45 -8.37 33.42 -14.76
CA SER A 45 -8.87 34.75 -14.40
C SER A 45 -8.64 34.98 -12.92
N SER A 46 -8.17 36.19 -12.59
CA SER A 46 -8.07 36.70 -11.23
C SER A 46 -7.47 35.65 -10.29
N VAL A 47 -6.21 35.29 -10.55
CA VAL A 47 -5.56 34.22 -9.80
C VAL A 47 -4.05 34.42 -9.91
N LEU A 48 -3.32 33.87 -8.95
CA LEU A 48 -1.87 33.89 -8.93
C LEU A 48 -1.40 32.45 -9.14
N HIS A 49 -0.99 32.13 -10.35
CA HIS A 49 -0.66 30.76 -10.73
C HIS A 49 0.85 30.60 -10.81
N SER A 50 1.36 29.55 -10.17
CA SER A 50 2.78 29.23 -10.19
C SER A 50 3.06 28.20 -11.29
N THR A 51 4.15 28.40 -12.02
CA THR A 51 4.52 27.48 -13.09
C THR A 51 6.02 27.56 -13.32
N GLN A 52 6.64 26.41 -13.54
CA GLN A 52 8.07 26.33 -13.82
C GLN A 52 8.27 25.96 -15.30
N ASP A 53 9.14 26.70 -15.96
CA ASP A 53 9.48 26.48 -17.37
C ASP A 53 10.66 27.38 -17.69
N LEU A 54 11.06 27.39 -18.96
CA LEU A 54 12.17 28.22 -19.41
C LEU A 54 11.66 29.63 -19.64
N PHE A 55 12.10 30.57 -18.80
CA PHE A 55 11.71 31.96 -18.88
C PHE A 55 12.93 32.86 -18.93
N LEU A 56 12.70 34.12 -19.24
CA LEU A 56 13.74 35.14 -19.17
C LEU A 56 13.81 35.69 -17.75
N PRO A 57 14.91 35.47 -17.03
CA PRO A 57 15.00 35.96 -15.64
C PRO A 57 14.83 37.47 -15.58
N PHE A 58 14.12 37.92 -14.55
CA PHE A 58 13.87 39.35 -14.39
C PHE A 58 15.17 40.10 -14.10
N PHE A 59 15.22 41.35 -14.55
CA PHE A 59 16.38 42.22 -14.34
C PHE A 59 17.67 41.56 -14.82
N SER A 60 17.59 40.87 -15.94
CA SER A 60 18.74 40.18 -16.51
C SER A 60 19.49 41.09 -17.49
N ASN A 61 20.75 40.75 -17.72
CA ASN A 61 21.58 41.46 -18.69
C ASN A 61 21.33 40.88 -20.07
N VAL A 62 20.60 41.62 -20.91
CA VAL A 62 20.25 41.18 -22.26
C VAL A 62 21.13 41.94 -23.23
N THR A 63 21.70 41.21 -24.20
CA THR A 63 22.64 41.82 -25.13
C THR A 63 21.92 42.69 -26.15
N TRP A 64 22.51 43.85 -26.43
CA TRP A 64 21.94 44.87 -27.29
C TRP A 64 22.80 44.98 -28.54
N PHE A 65 22.20 44.71 -29.70
CA PHE A 65 22.89 44.81 -30.98
C PHE A 65 22.29 45.95 -31.79
N HIS A 66 23.14 46.87 -32.23
CA HIS A 66 22.72 48.01 -33.02
C HIS A 66 22.99 47.76 -34.50
N ALA A 67 22.28 48.51 -35.33
CA ALA A 67 22.36 48.37 -36.79
C ALA A 67 22.60 49.74 -37.44
N ILE A 68 23.57 50.48 -36.91
CA ILE A 68 23.86 51.83 -37.35
C ILE A 68 25.34 51.95 -37.64
N HIS A 69 25.68 52.61 -38.75
CA HIS A 69 27.05 52.82 -39.19
C HIS A 69 27.91 51.55 -39.12
N PRO A 82 25.17 38.65 -37.74
CA PRO A 82 25.97 37.93 -36.74
C PRO A 82 25.26 36.69 -36.20
N VAL A 83 26.00 35.61 -35.99
CA VAL A 83 25.44 34.37 -35.47
C VAL A 83 25.53 34.38 -33.95
N LEU A 84 24.49 33.86 -33.31
CA LEU A 84 24.41 33.83 -31.85
C LEU A 84 24.08 32.44 -31.36
N PRO A 85 24.48 32.11 -30.13
CA PRO A 85 24.14 30.79 -29.58
C PRO A 85 22.66 30.68 -29.26
N PHE A 86 22.21 29.43 -29.15
CA PHE A 86 20.82 29.08 -28.86
C PHE A 86 20.76 28.09 -27.71
N ASN A 87 21.43 28.43 -26.61
CA ASN A 87 21.70 27.52 -25.50
C ASN A 87 20.51 26.67 -25.11
N ASP A 88 19.45 27.30 -24.59
CA ASP A 88 18.26 26.58 -24.15
C ASP A 88 16.99 27.33 -24.50
N GLY A 89 16.99 28.09 -25.58
CA GLY A 89 15.89 28.97 -25.89
C GLY A 89 16.31 30.43 -25.87
N VAL A 90 15.57 31.30 -26.56
CA VAL A 90 16.01 32.68 -26.77
C VAL A 90 14.80 33.60 -26.72
N TYR A 91 14.98 34.77 -26.11
CA TYR A 91 14.04 35.88 -26.20
C TYR A 91 14.64 36.92 -27.12
N PHE A 92 13.89 37.28 -28.16
CA PHE A 92 14.32 38.26 -29.14
C PHE A 92 13.37 39.45 -29.07
N ALA A 93 13.92 40.66 -29.27
CA ALA A 93 13.08 41.84 -29.27
C ALA A 93 13.61 42.83 -30.30
N SER A 94 12.70 43.59 -30.89
CA SER A 94 13.03 44.54 -31.96
C SER A 94 12.31 45.85 -31.70
N THR A 95 13.05 46.95 -31.80
CA THR A 95 12.49 48.29 -31.81
C THR A 95 12.66 48.86 -33.21
N GLU A 96 11.57 49.29 -33.82
CA GLU A 96 11.55 49.60 -35.24
C GLU A 96 10.93 50.97 -35.49
N LYS A 97 11.44 51.64 -36.52
CA LYS A 97 10.84 52.84 -37.07
C LYS A 97 10.30 52.65 -38.48
N SER A 98 10.88 51.72 -39.25
CA SER A 98 10.36 51.40 -40.58
C SER A 98 10.41 49.90 -40.86
N ASN A 99 10.51 49.06 -39.83
CA ASN A 99 10.51 47.61 -39.96
C ASN A 99 11.69 47.12 -40.80
N ILE A 100 12.90 47.51 -40.38
CA ILE A 100 14.10 47.08 -41.09
C ILE A 100 14.34 45.58 -40.88
N ILE A 101 14.24 45.11 -39.64
CA ILE A 101 14.47 43.70 -39.37
C ILE A 101 13.29 42.88 -39.86
N ARG A 102 13.57 41.86 -40.65
CA ARG A 102 12.51 41.02 -41.18
C ARG A 102 12.74 39.54 -40.94
N GLY A 103 13.98 39.06 -41.03
CA GLY A 103 14.19 37.63 -41.16
C GLY A 103 14.96 36.96 -40.04
N TRP A 104 14.82 35.64 -39.95
CA TRP A 104 15.59 34.82 -39.02
C TRP A 104 16.11 33.59 -39.73
N ILE A 105 17.32 33.17 -39.38
CA ILE A 105 17.91 31.92 -39.84
C ILE A 105 18.29 31.09 -38.63
N PHE A 106 17.97 29.80 -38.68
CA PHE A 106 18.25 28.87 -37.59
C PHE A 106 18.98 27.65 -38.13
N GLY A 107 19.83 27.06 -37.29
CA GLY A 107 20.51 25.83 -37.63
C GLY A 107 21.82 25.71 -36.89
N THR A 108 22.56 24.66 -37.24
CA THR A 108 23.87 24.40 -36.65
C THR A 108 25.01 25.03 -37.43
N THR A 109 25.08 24.77 -38.74
CA THR A 109 26.09 25.36 -39.61
C THR A 109 25.55 26.54 -40.41
N LEU A 110 24.26 26.55 -40.70
CA LEU A 110 23.55 27.68 -41.30
C LEU A 110 23.96 27.90 -42.76
N ASP A 111 24.40 26.85 -43.45
CA ASP A 111 24.75 26.96 -44.87
C ASP A 111 24.49 25.61 -45.53
N SER A 112 23.29 25.47 -46.11
CA SER A 112 22.93 24.32 -46.95
C SER A 112 23.19 23.00 -46.22
N LYS A 113 22.76 22.94 -44.97
CA LYS A 113 22.92 21.72 -44.16
C LYS A 113 22.09 21.80 -42.89
N SER A 116 17.90 23.19 -40.97
CA SER A 116 17.96 24.64 -40.85
C SER A 116 16.63 25.28 -41.22
N LEU A 117 16.32 26.39 -40.57
CA LEU A 117 15.06 27.09 -40.78
C LEU A 117 15.31 28.51 -41.27
N LEU A 118 14.35 29.06 -42.00
CA LEU A 118 14.39 30.46 -42.40
C LEU A 118 12.99 31.04 -42.29
N ILE A 119 12.91 32.28 -41.82
CA ILE A 119 11.67 33.05 -41.81
C ILE A 119 11.98 34.42 -42.40
N VAL A 120 11.06 34.96 -43.17
CA VAL A 120 11.27 36.26 -43.79
C VAL A 120 9.91 36.88 -44.11
N ASN A 121 9.79 38.18 -43.83
CA ASN A 121 8.55 38.92 -44.06
C ASN A 121 8.81 39.92 -45.17
N ASN A 122 8.42 39.57 -46.40
CA ASN A 122 8.61 40.47 -47.54
C ASN A 122 7.40 41.38 -47.64
N ALA A 123 7.42 42.42 -46.80
CA ALA A 123 6.80 43.71 -47.03
C ALA A 123 5.28 43.67 -47.18
N THR A 124 4.72 42.48 -47.42
CA THR A 124 3.30 42.26 -47.25
C THR A 124 3.04 40.85 -46.73
N ASN A 125 4.03 39.97 -46.84
CA ASN A 125 3.76 38.54 -46.67
C ASN A 125 4.80 37.87 -45.79
N VAL A 126 4.33 37.08 -44.83
CA VAL A 126 5.22 36.23 -44.05
C VAL A 126 5.52 34.97 -44.86
N VAL A 127 6.75 34.44 -44.71
CA VAL A 127 7.17 33.23 -45.41
C VAL A 127 8.11 32.45 -44.51
N ILE A 128 7.70 31.24 -44.13
CA ILE A 128 8.51 30.34 -43.32
C ILE A 128 8.86 29.13 -44.16
N LYS A 129 10.15 28.78 -44.19
CA LYS A 129 10.64 27.61 -44.91
C LYS A 129 11.64 26.88 -44.02
N VAL A 130 11.82 25.59 -44.30
CA VAL A 130 12.77 24.78 -43.54
C VAL A 130 13.73 24.11 -44.50
N CYS A 131 13.80 24.61 -45.74
CA CYS A 131 14.78 24.12 -46.69
C CYS A 131 16.19 24.52 -46.27
N GLU A 132 17.16 23.68 -46.62
CA GLU A 132 18.57 23.98 -46.36
C GLU A 132 19.06 24.98 -47.40
N PHE A 133 18.71 26.24 -47.19
CA PHE A 133 18.99 27.28 -48.16
C PHE A 133 20.48 27.57 -48.24
N GLN A 134 20.87 28.25 -49.32
CA GLN A 134 22.23 28.75 -49.50
C GLN A 134 22.24 30.23 -49.13
N PHE A 135 22.87 30.55 -48.00
CA PHE A 135 22.95 31.91 -47.51
C PHE A 135 24.40 32.38 -47.48
N CYS A 136 24.59 33.69 -47.63
CA CYS A 136 25.92 34.27 -47.59
C CYS A 136 26.50 34.20 -46.19
N ASN A 137 27.80 34.46 -46.09
CA ASN A 137 28.47 34.51 -44.78
C ASN A 137 27.74 35.45 -43.83
N ASP A 138 27.29 36.60 -44.33
CA ASP A 138 26.47 37.53 -43.55
C ASP A 138 25.43 38.15 -44.48
N PRO A 139 24.27 37.51 -44.61
CA PRO A 139 23.24 38.01 -45.53
C PRO A 139 22.72 39.38 -45.10
N PHE A 140 22.22 40.12 -46.07
CA PHE A 140 21.74 41.48 -45.85
C PHE A 140 20.67 41.80 -46.88
N LEU A 141 20.09 43.00 -46.76
CA LEU A 141 19.12 43.50 -47.71
C LEU A 141 19.48 44.92 -48.11
N GLY A 142 19.20 45.26 -49.37
CA GLY A 142 19.51 46.57 -49.89
C GLY A 142 18.46 47.61 -49.53
N VAL A 143 18.72 48.83 -49.99
CA VAL A 143 17.81 49.95 -49.73
C VAL A 143 17.58 50.73 -51.02
N CYS A 166 13.02 20.20 -48.11
CA CYS A 166 11.92 21.08 -47.75
C CYS A 166 10.77 20.29 -47.14
N THR A 167 10.75 20.15 -45.82
CA THR A 167 9.70 19.43 -45.13
C THR A 167 8.52 20.32 -44.75
N PHE A 168 8.62 21.64 -44.95
CA PHE A 168 7.56 22.55 -44.58
C PHE A 168 7.75 23.86 -45.35
N GLU A 169 6.64 24.51 -45.65
CA GLU A 169 6.66 25.84 -46.27
C GLU A 169 5.30 26.48 -46.03
N TYR A 170 5.31 27.70 -45.50
CA TYR A 170 4.07 28.43 -45.23
C TYR A 170 4.20 29.87 -45.69
N VAL A 171 3.09 30.41 -46.21
CA VAL A 171 3.00 31.78 -46.68
C VAL A 171 1.72 32.39 -46.14
N SER A 172 1.81 33.63 -45.67
CA SER A 172 0.64 34.35 -45.17
C SER A 172 0.05 35.24 -46.25
N ASN A 188 7.89 51.06 -33.06
CA ASN A 188 7.13 49.96 -32.48
C ASN A 188 8.05 48.93 -31.85
N LEU A 189 7.50 48.11 -30.95
CA LEU A 189 8.24 47.06 -30.26
C LEU A 189 7.61 45.72 -30.56
N ARG A 190 8.45 44.74 -30.92
CA ARG A 190 8.02 43.38 -31.20
C ARG A 190 8.85 42.43 -30.34
N GLU A 191 8.18 41.51 -29.66
CA GLU A 191 8.84 40.55 -28.78
C GLU A 191 8.50 39.13 -29.20
N PHE A 192 9.53 38.28 -29.31
CA PHE A 192 9.37 36.89 -29.69
C PHE A 192 10.13 36.01 -28.71
N VAL A 193 9.62 34.80 -28.50
CA VAL A 193 10.31 33.75 -27.75
C VAL A 193 10.41 32.51 -28.62
N PHE A 194 11.62 31.97 -28.74
CA PHE A 194 11.90 30.77 -29.52
C PHE A 194 12.39 29.69 -28.57
N LYS A 195 11.68 28.55 -28.54
CA LYS A 195 12.18 27.37 -27.83
C LYS A 195 12.04 26.13 -28.70
N ASN A 196 12.91 25.15 -28.47
CA ASN A 196 12.92 23.91 -29.23
C ASN A 196 12.85 22.73 -28.26
N ILE A 197 11.67 22.16 -28.11
CA ILE A 197 11.40 21.08 -27.15
C ILE A 197 10.91 19.86 -27.91
N ASP A 198 11.66 18.75 -27.79
CA ASP A 198 11.30 17.48 -28.44
C ASP A 198 11.08 17.64 -29.93
N GLY A 199 11.94 18.44 -30.57
CA GLY A 199 11.86 18.67 -31.99
C GLY A 199 10.77 19.61 -32.43
N TYR A 200 9.99 20.16 -31.49
CA TYR A 200 8.95 21.13 -31.79
C TYR A 200 9.48 22.54 -31.52
N PHE A 201 9.30 23.43 -32.47
CA PHE A 201 9.77 24.80 -32.40
C PHE A 201 8.59 25.68 -32.01
N LYS A 202 8.60 26.21 -30.80
CA LYS A 202 7.56 27.09 -30.31
C LYS A 202 8.02 28.54 -30.45
N ILE A 203 7.18 29.34 -31.11
CA ILE A 203 7.42 30.75 -31.34
C ILE A 203 6.25 31.52 -30.74
N TYR A 204 6.54 32.27 -29.69
CA TYR A 204 5.57 33.16 -29.05
C TYR A 204 5.85 34.58 -29.51
N SER A 205 4.80 35.37 -29.66
CA SER A 205 4.95 36.70 -30.25
C SER A 205 4.06 37.69 -29.52
N LYS A 206 4.43 38.96 -29.64
CA LYS A 206 3.64 40.07 -29.12
C LYS A 206 4.15 41.36 -29.74
N HIS A 207 3.25 42.33 -29.88
CA HIS A 207 3.59 43.62 -30.48
C HIS A 207 2.98 44.73 -29.62
N THR A 208 3.56 45.92 -29.73
CA THR A 208 3.00 47.09 -29.07
C THR A 208 3.67 48.37 -29.56
N PRO A 209 2.92 49.46 -29.75
CA PRO A 209 3.55 50.74 -30.09
C PRO A 209 4.35 51.29 -28.92
N ILE A 210 5.40 52.04 -29.26
CA ILE A 210 6.31 52.61 -28.27
C ILE A 210 6.79 53.97 -28.79
N ASN A 211 7.31 54.79 -27.88
CA ASN A 211 7.96 56.05 -28.24
C ASN A 211 9.22 56.18 -27.37
N LEU A 212 10.34 55.67 -27.89
CA LEU A 212 11.61 55.73 -27.19
C LEU A 212 12.71 55.36 -28.18
N VAL A 213 13.89 55.94 -27.98
CA VAL A 213 15.01 55.78 -28.91
C VAL A 213 16.29 55.31 -28.22
N ARG A 214 16.25 55.04 -26.91
CA ARG A 214 17.44 54.63 -26.17
C ARG A 214 17.55 53.12 -26.05
N ASP A 215 16.52 52.48 -25.50
CA ASP A 215 16.50 51.04 -25.31
C ASP A 215 15.05 50.59 -25.17
N LEU A 216 14.85 49.32 -24.85
CA LEU A 216 13.49 48.82 -24.66
C LEU A 216 12.85 49.48 -23.45
N PRO A 217 11.64 50.00 -23.56
CA PRO A 217 11.04 50.71 -22.43
C PRO A 217 10.73 49.78 -21.27
N GLN A 218 10.69 50.37 -20.07
CA GLN A 218 10.35 49.61 -18.87
C GLN A 218 8.85 49.38 -18.82
N GLY A 219 8.45 48.15 -18.54
CA GLY A 219 7.05 47.78 -18.50
C GLY A 219 6.89 46.28 -18.50
N PHE A 220 5.63 45.85 -18.53
CA PHE A 220 5.31 44.44 -18.51
C PHE A 220 4.26 44.14 -19.57
N SER A 221 4.38 42.97 -20.20
CA SER A 221 3.40 42.49 -21.17
C SER A 221 3.59 40.99 -21.33
N ALA A 222 2.59 40.35 -21.93
CA ALA A 222 2.60 38.91 -22.11
C ALA A 222 2.68 38.58 -23.59
N LEU A 223 3.44 37.52 -23.90
CA LEU A 223 3.73 37.12 -25.27
C LEU A 223 2.99 35.81 -25.57
N GLU A 224 1.81 35.93 -26.18
CA GLU A 224 1.02 34.75 -26.46
C GLU A 224 1.72 33.88 -27.52
N PRO A 225 1.49 32.56 -27.49
CA PRO A 225 2.05 31.70 -28.53
C PRO A 225 1.38 31.95 -29.88
N LEU A 226 2.19 31.86 -30.94
CA LEU A 226 1.66 32.07 -32.29
C LEU A 226 1.97 30.92 -33.24
N VAL A 227 3.13 30.26 -33.10
CA VAL A 227 3.50 29.19 -34.02
C VAL A 227 4.07 28.00 -33.26
N ASP A 228 3.65 26.80 -33.65
CA ASP A 228 4.30 25.55 -33.26
C ASP A 228 4.66 24.82 -34.54
N LEU A 229 5.95 24.53 -34.72
CA LEU A 229 6.46 23.98 -35.97
C LEU A 229 7.08 22.62 -35.73
N PRO A 230 6.69 21.59 -36.48
CA PRO A 230 7.25 20.24 -36.31
C PRO A 230 8.54 20.03 -37.12
N ILE A 231 9.57 20.83 -36.82
CA ILE A 231 10.80 20.75 -37.59
C ILE A 231 11.55 19.45 -37.29
N GLY A 232 11.69 19.11 -36.02
CA GLY A 232 12.56 18.01 -35.63
C GLY A 232 14.01 18.24 -36.01
N ILE A 233 14.42 19.49 -36.12
CA ILE A 233 15.72 19.88 -36.65
C ILE A 233 16.62 20.32 -35.50
N ASN A 234 17.87 19.86 -35.50
CA ASN A 234 18.81 20.29 -34.48
C ASN A 234 19.02 21.79 -34.57
N ILE A 235 19.17 22.42 -33.41
CA ILE A 235 19.38 23.86 -33.32
C ILE A 235 20.53 24.11 -32.35
N THR A 236 21.54 24.85 -32.81
CA THR A 236 22.58 25.39 -31.95
C THR A 236 23.00 26.80 -32.29
N ARG A 237 22.38 27.44 -33.28
CA ARG A 237 22.77 28.79 -33.66
C ARG A 237 21.66 29.43 -34.47
N PHE A 238 21.66 30.76 -34.47
CA PHE A 238 20.70 31.53 -35.25
C PHE A 238 21.32 32.87 -35.62
N GLN A 239 20.64 33.58 -36.51
CA GLN A 239 21.12 34.88 -36.98
C GLN A 239 19.97 35.68 -37.55
N THR A 240 19.89 36.95 -37.18
CA THR A 240 18.81 37.80 -37.66
C THR A 240 19.13 38.31 -39.07
N LEU A 241 18.15 39.00 -39.66
CA LEU A 241 18.26 39.52 -41.02
C LEU A 241 17.52 40.83 -41.07
N LEU A 242 18.24 41.91 -41.38
CA LEU A 242 17.65 43.23 -41.50
C LEU A 242 18.13 43.93 -42.77
N ALA A 263 17.74 50.35 -36.66
CA ALA A 263 16.86 49.42 -35.95
C ALA A 263 17.67 48.40 -35.16
N ALA A 264 17.81 48.65 -33.87
CA ALA A 264 18.53 47.74 -32.99
C ALA A 264 17.61 46.62 -32.51
N TYR A 265 18.23 45.57 -31.96
CA TYR A 265 17.49 44.46 -31.39
C TYR A 265 18.18 43.99 -30.11
N TYR A 266 17.47 43.13 -29.37
CA TYR A 266 17.92 42.67 -28.07
C TYR A 266 17.73 41.17 -27.97
N VAL A 267 18.72 40.50 -27.38
CA VAL A 267 18.74 39.05 -27.28
C VAL A 267 18.96 38.65 -25.81
N GLY A 268 18.13 37.73 -25.32
CA GLY A 268 18.32 37.18 -23.99
C GLY A 268 18.14 35.68 -24.01
N TYR A 269 18.57 35.04 -22.92
CA TYR A 269 18.57 33.60 -22.81
C TYR A 269 17.65 33.15 -21.67
N LEU A 270 16.96 32.04 -21.90
CA LEU A 270 16.00 31.52 -20.94
C LEU A 270 16.65 30.50 -20.02
N GLN A 271 16.14 30.40 -18.80
CA GLN A 271 16.55 29.42 -17.81
C GLN A 271 15.31 28.78 -17.21
N PRO A 272 15.44 27.55 -16.66
CA PRO A 272 14.27 26.90 -16.05
C PRO A 272 13.92 27.47 -14.68
N ARG A 273 13.15 28.54 -14.67
CA ARG A 273 12.84 29.26 -13.43
C ARG A 273 11.34 29.32 -13.21
N THR A 274 10.93 29.12 -11.97
CA THR A 274 9.51 29.19 -11.61
C THR A 274 9.06 30.64 -11.57
N PHE A 275 7.83 30.89 -11.99
CA PHE A 275 7.24 32.22 -12.02
C PHE A 275 5.82 32.16 -11.48
N LEU A 276 5.35 33.31 -11.00
CA LEU A 276 4.03 33.46 -10.39
C LEU A 276 3.25 34.50 -11.17
N LEU A 277 2.48 34.04 -12.14
CA LEU A 277 1.74 34.92 -13.05
C LEU A 277 0.43 35.34 -12.41
N LYS A 278 0.05 36.60 -12.63
CA LYS A 278 -1.20 37.14 -12.12
C LYS A 278 -2.18 37.35 -13.26
N TYR A 279 -3.18 36.47 -13.34
CA TYR A 279 -4.26 36.63 -14.31
C TYR A 279 -5.32 37.57 -13.73
N ASN A 280 -5.65 38.61 -14.48
CA ASN A 280 -6.57 39.64 -14.02
C ASN A 280 -8.01 39.16 -14.23
N GLU A 281 -8.98 40.06 -14.04
CA GLU A 281 -10.38 39.72 -14.28
C GLU A 281 -10.60 39.34 -15.74
N ASN A 282 -9.89 40.00 -16.64
CA ASN A 282 -10.07 39.81 -18.08
C ASN A 282 -9.13 38.76 -18.66
N GLY A 283 -8.26 38.19 -17.84
CA GLY A 283 -7.42 37.08 -18.26
C GLY A 283 -6.11 37.46 -18.92
N THR A 284 -5.65 38.69 -18.73
CA THR A 284 -4.35 39.11 -19.25
C THR A 284 -3.35 39.16 -18.11
N ILE A 285 -2.17 38.58 -18.33
CA ILE A 285 -1.10 38.59 -17.34
C ILE A 285 -0.65 40.03 -17.10
N THR A 286 -0.87 40.55 -15.90
CA THR A 286 -0.55 41.93 -15.57
C THR A 286 0.74 42.07 -14.77
N ASP A 287 1.18 41.02 -14.09
CA ASP A 287 2.35 41.12 -13.23
C ASP A 287 2.91 39.72 -13.05
N ALA A 288 4.15 39.64 -12.58
CA ALA A 288 4.82 38.38 -12.36
C ALA A 288 5.85 38.54 -11.25
N VAL A 289 6.31 37.43 -10.71
CA VAL A 289 7.29 37.42 -9.63
C VAL A 289 8.26 36.27 -9.88
N ASP A 290 9.51 36.60 -10.20
CA ASP A 290 10.55 35.60 -10.38
C ASP A 290 10.79 34.91 -9.06
N CYS A 291 10.67 33.58 -9.04
CA CYS A 291 10.77 32.82 -7.80
C CYS A 291 12.21 32.65 -7.32
N ALA A 292 13.19 33.21 -8.03
CA ALA A 292 14.58 33.13 -7.61
C ALA A 292 15.31 34.45 -7.80
N LEU A 293 14.61 35.54 -8.06
CA LEU A 293 15.26 36.83 -8.31
C LEU A 293 15.88 37.39 -7.04
N ASP A 294 15.12 37.41 -5.95
CA ASP A 294 15.55 38.07 -4.73
C ASP A 294 14.74 37.50 -3.57
N PRO A 295 15.17 37.74 -2.32
CA PRO A 295 14.44 37.16 -1.17
C PRO A 295 12.97 37.53 -1.12
N LEU A 296 12.63 38.81 -1.32
CA LEU A 296 11.22 39.20 -1.28
C LEU A 296 10.42 38.50 -2.37
N SER A 297 11.00 38.37 -3.57
CA SER A 297 10.32 37.64 -4.64
C SER A 297 10.14 36.17 -4.27
N GLU A 298 11.15 35.57 -3.64
CA GLU A 298 11.02 34.19 -3.19
C GLU A 298 9.89 34.05 -2.17
N THR A 299 9.79 35.01 -1.25
CA THR A 299 8.70 34.98 -0.27
C THR A 299 7.35 35.07 -0.95
N LYS A 300 7.21 36.02 -1.88
CA LYS A 300 5.96 36.16 -2.61
C LYS A 300 5.63 34.86 -3.37
N CYS A 301 6.65 34.20 -3.91
CA CYS A 301 6.45 32.94 -4.61
C CYS A 301 5.94 31.87 -3.65
N THR A 302 6.57 31.73 -2.48
CA THR A 302 6.19 30.68 -1.55
C THR A 302 4.81 30.94 -0.95
N LEU A 303 4.45 32.20 -0.72
CA LEU A 303 3.18 32.56 -0.13
C LEU A 303 2.04 32.57 -1.14
N LYS A 304 2.34 32.47 -2.43
CA LYS A 304 1.33 32.56 -3.50
C LYS A 304 0.57 33.87 -3.42
N SER A 305 1.27 34.95 -3.09
CA SER A 305 0.66 36.27 -3.00
C SER A 305 1.65 37.33 -3.48
N PHE A 306 1.11 38.45 -3.93
CA PHE A 306 1.90 39.62 -4.30
C PHE A 306 1.96 40.68 -3.22
N THR A 307 1.31 40.43 -2.06
CA THR A 307 1.43 41.28 -0.90
C THR A 307 1.82 40.42 0.29
N VAL A 308 2.83 40.86 1.04
CA VAL A 308 3.36 40.11 2.17
C VAL A 308 3.22 40.96 3.42
N GLU A 309 2.59 40.39 4.45
CA GLU A 309 2.38 41.09 5.69
C GLU A 309 3.67 41.12 6.50
N LYS A 310 3.71 42.03 7.48
CA LYS A 310 4.86 42.09 8.38
C LYS A 310 5.02 40.77 9.11
N GLY A 311 6.26 40.29 9.18
CA GLY A 311 6.55 39.06 9.87
C GLY A 311 7.77 38.39 9.28
N ILE A 312 8.07 37.21 9.81
CA ILE A 312 9.20 36.40 9.38
C ILE A 312 8.64 35.12 8.76
N TYR A 313 8.99 34.89 7.49
CA TYR A 313 8.48 33.73 6.75
C TYR A 313 9.64 32.83 6.37
N GLN A 314 9.51 31.53 6.67
CA GLN A 314 10.51 30.56 6.26
C GLN A 314 10.26 30.17 4.81
N THR A 315 11.13 30.61 3.92
CA THR A 315 10.91 30.47 2.48
C THR A 315 11.57 29.22 1.91
N SER A 316 12.90 29.14 2.01
CA SER A 316 13.63 28.16 1.20
C SER A 316 14.67 27.39 1.99
N ASN A 317 15.50 26.62 1.30
CA ASN A 317 16.61 25.90 1.91
C ASN A 317 17.85 26.15 1.05
N PHE A 318 18.68 27.10 1.49
CA PHE A 318 19.95 27.37 0.81
C PHE A 318 20.81 26.12 0.78
N ARG A 319 21.32 25.80 -0.40
CA ARG A 319 22.18 24.64 -0.62
C ARG A 319 23.25 25.01 -1.63
N VAL A 320 24.51 24.77 -1.25
CA VAL A 320 25.63 25.03 -2.16
C VAL A 320 25.65 23.97 -3.25
N GLN A 321 25.84 24.41 -4.49
CA GLN A 321 25.77 23.33 -5.47
C GLN A 321 27.15 22.72 -5.70
N PRO A 322 27.21 21.43 -6.06
CA PRO A 322 28.50 20.81 -6.35
C PRO A 322 29.23 21.53 -7.49
N THR A 323 30.55 21.57 -7.39
CA THR A 323 31.36 22.23 -8.41
C THR A 323 32.24 21.27 -9.21
N GLU A 324 32.44 20.05 -8.73
CA GLU A 324 33.27 19.08 -9.45
C GLU A 324 32.58 17.73 -9.46
N SER A 325 32.94 16.91 -10.44
CA SER A 325 32.49 15.53 -10.54
C SER A 325 33.70 14.62 -10.38
N ILE A 326 33.74 13.85 -9.29
CA ILE A 326 34.88 13.01 -8.97
C ILE A 326 34.44 11.56 -9.11
N VAL A 327 34.98 10.87 -10.11
CA VAL A 327 34.72 9.46 -10.34
C VAL A 327 36.03 8.71 -10.18
N ARG A 328 36.01 7.63 -9.39
CA ARG A 328 37.22 6.87 -9.11
C ARG A 328 36.92 5.38 -9.18
N PHE A 329 37.88 4.62 -9.67
CA PHE A 329 37.78 3.17 -9.80
C PHE A 329 39.18 2.59 -9.73
N PRO A 330 39.33 1.33 -9.36
CA PRO A 330 40.64 0.67 -9.45
C PRO A 330 41.14 0.63 -10.88
N ASN A 331 42.44 0.89 -11.05
CA ASN A 331 43.07 0.98 -12.37
C ASN A 331 43.37 -0.43 -12.91
N ILE A 332 42.31 -1.15 -13.19
CA ILE A 332 42.41 -2.54 -13.65
C ILE A 332 42.24 -2.56 -15.17
N THR A 333 43.02 -3.41 -15.83
CA THR A 333 43.16 -3.41 -17.28
C THR A 333 42.42 -4.56 -17.95
N ASN A 334 42.60 -5.78 -17.46
CA ASN A 334 42.19 -6.97 -18.19
C ASN A 334 40.70 -6.96 -18.51
N LEU A 335 40.38 -7.22 -19.77
CA LEU A 335 38.98 -7.35 -20.18
C LEU A 335 38.42 -8.68 -19.70
N CYS A 336 37.12 -8.68 -19.40
CA CYS A 336 36.45 -9.90 -18.96
C CYS A 336 36.29 -10.86 -20.13
N PRO A 337 36.48 -12.16 -19.91
CA PRO A 337 36.44 -13.14 -21.01
C PRO A 337 35.02 -13.58 -21.36
N PHE A 338 34.18 -12.60 -21.71
CA PHE A 338 32.83 -12.92 -22.16
C PHE A 338 32.83 -13.75 -23.44
N GLY A 339 33.87 -13.60 -24.26
CA GLY A 339 33.92 -14.32 -25.52
C GLY A 339 33.89 -15.83 -25.35
N GLU A 340 34.67 -16.34 -24.39
CA GLU A 340 34.71 -17.78 -24.16
C GLU A 340 33.36 -18.34 -23.71
N VAL A 341 32.47 -17.51 -23.21
CA VAL A 341 31.14 -17.94 -22.80
C VAL A 341 30.17 -17.82 -23.98
N PHE A 342 30.04 -16.61 -24.52
CA PHE A 342 29.12 -16.37 -25.62
C PHE A 342 29.55 -17.05 -26.92
N ASN A 343 30.80 -17.49 -27.01
CA ASN A 343 31.32 -18.12 -28.22
C ASN A 343 32.04 -19.42 -27.88
N ALA A 344 31.52 -20.16 -26.90
CA ALA A 344 31.96 -21.52 -26.68
C ALA A 344 31.43 -22.44 -27.77
N THR A 345 32.28 -23.35 -28.25
CA THR A 345 31.87 -24.23 -29.34
C THR A 345 30.70 -25.12 -28.92
N ARG A 346 30.75 -25.67 -27.72
CA ARG A 346 29.68 -26.52 -27.20
C ARG A 346 29.05 -25.85 -25.99
N PHE A 347 27.73 -25.98 -25.86
CA PHE A 347 26.99 -25.49 -24.71
C PHE A 347 26.47 -26.68 -23.90
N ALA A 348 26.30 -26.44 -22.60
CA ALA A 348 25.83 -27.49 -21.72
C ALA A 348 24.31 -27.62 -21.79
N SER A 349 23.83 -28.81 -21.44
CA SER A 349 22.39 -29.06 -21.37
C SER A 349 21.77 -28.25 -20.24
N VAL A 350 20.49 -27.92 -20.42
CA VAL A 350 19.80 -27.06 -19.45
C VAL A 350 19.83 -27.68 -18.05
N TYR A 351 19.63 -28.99 -17.95
CA TYR A 351 19.70 -29.65 -16.64
C TYR A 351 21.11 -29.60 -16.05
N ALA A 352 22.13 -29.43 -16.89
CA ALA A 352 23.51 -29.36 -16.42
C ALA A 352 24.13 -28.03 -16.82
N TRP A 353 23.41 -26.93 -16.60
CA TRP A 353 23.86 -25.61 -17.02
C TRP A 353 25.23 -25.30 -16.44
N ASN A 354 26.11 -24.76 -17.27
CA ASN A 354 27.47 -24.46 -16.85
C ASN A 354 27.52 -23.09 -16.18
N ARG A 355 28.36 -22.96 -15.16
CA ARG A 355 28.53 -21.71 -14.44
C ARG A 355 29.97 -21.25 -14.56
N LYS A 356 30.17 -20.03 -15.03
CA LYS A 356 31.47 -19.41 -15.17
C LYS A 356 31.54 -18.19 -14.27
N ARG A 357 32.61 -18.09 -13.48
CA ARG A 357 32.80 -16.99 -12.56
C ARG A 357 33.61 -15.89 -13.23
N ILE A 358 33.12 -14.66 -13.15
CA ILE A 358 33.78 -13.49 -13.72
C ILE A 358 34.23 -12.61 -12.56
N SER A 359 35.51 -12.23 -12.57
CA SER A 359 36.07 -11.41 -11.50
C SER A 359 37.37 -10.77 -11.97
N ASN A 360 37.76 -9.72 -11.27
CA ASN A 360 39.03 -9.01 -11.48
C ASN A 360 39.27 -8.70 -12.95
N CYS A 361 38.29 -8.02 -13.55
CA CYS A 361 38.37 -7.68 -14.97
C CYS A 361 37.43 -6.52 -15.25
N VAL A 362 37.64 -5.90 -16.42
CA VAL A 362 36.81 -4.80 -16.89
C VAL A 362 35.78 -5.37 -17.87
N ALA A 363 34.51 -5.10 -17.61
CA ALA A 363 33.41 -5.64 -18.39
C ALA A 363 32.83 -4.53 -19.27
N ASP A 364 33.17 -4.57 -20.55
CA ASP A 364 32.64 -3.63 -21.53
C ASP A 364 31.32 -4.20 -22.06
N TYR A 365 30.25 -3.92 -21.31
CA TYR A 365 28.94 -4.48 -21.66
C TYR A 365 28.41 -3.97 -22.98
N SER A 366 28.97 -2.89 -23.53
CA SER A 366 28.54 -2.39 -24.83
C SER A 366 28.60 -3.50 -25.88
N VAL A 367 29.74 -4.20 -25.93
CA VAL A 367 29.95 -5.31 -26.86
C VAL A 367 28.74 -6.25 -26.86
N LEU A 368 28.06 -6.37 -25.72
CA LEU A 368 26.88 -7.21 -25.63
C LEU A 368 25.63 -6.46 -26.11
N TYR A 369 25.35 -5.29 -25.52
CA TYR A 369 24.09 -4.63 -25.84
C TYR A 369 24.14 -3.82 -27.12
N ASN A 370 25.31 -3.66 -27.74
CA ASN A 370 25.39 -3.09 -29.08
C ASN A 370 25.46 -4.15 -30.16
N SER A 371 25.56 -5.42 -29.79
CA SER A 371 25.60 -6.51 -30.76
C SER A 371 24.20 -6.80 -31.28
N ALA A 372 24.12 -7.16 -32.56
CA ALA A 372 22.86 -7.55 -33.18
C ALA A 372 22.64 -9.05 -33.16
N SER A 373 23.52 -9.81 -32.49
CA SER A 373 23.46 -11.26 -32.50
C SER A 373 22.48 -11.83 -31.48
N PHE A 374 21.81 -11.00 -30.70
CA PHE A 374 20.94 -11.46 -29.63
C PHE A 374 19.50 -11.09 -29.94
N SER A 375 18.59 -12.07 -29.80
CA SER A 375 17.17 -11.83 -30.02
C SER A 375 16.43 -11.49 -28.73
N THR A 376 16.93 -11.95 -27.57
CA THR A 376 16.35 -11.59 -26.28
C THR A 376 17.44 -11.06 -25.38
N PHE A 377 17.22 -9.88 -24.82
CA PHE A 377 18.17 -9.24 -23.90
C PHE A 377 17.36 -8.50 -22.85
N LYS A 378 17.16 -9.11 -21.70
CA LYS A 378 16.24 -8.61 -20.67
C LYS A 378 16.96 -8.56 -19.34
N CYS A 379 17.14 -7.36 -18.79
CA CYS A 379 17.84 -7.16 -17.53
C CYS A 379 16.82 -6.79 -16.45
N TYR A 380 16.84 -7.54 -15.36
CA TYR A 380 15.97 -7.32 -14.21
C TYR A 380 16.78 -6.68 -13.08
N GLY A 381 16.26 -5.58 -12.55
CA GLY A 381 16.89 -4.89 -11.45
C GLY A 381 18.00 -3.93 -11.86
N VAL A 382 18.29 -3.81 -13.14
CA VAL A 382 19.36 -2.94 -13.65
C VAL A 382 18.96 -2.52 -15.06
N SER A 383 19.53 -1.41 -15.52
CA SER A 383 19.47 -0.98 -16.90
C SER A 383 20.83 -1.15 -17.56
N PRO A 384 20.91 -1.86 -18.69
CA PRO A 384 22.22 -2.22 -19.25
C PRO A 384 23.12 -1.03 -19.56
N THR A 385 22.56 0.12 -19.95
CA THR A 385 23.39 1.28 -20.22
C THR A 385 24.20 1.67 -18.99
N LYS A 386 23.55 1.68 -17.82
CA LYS A 386 24.19 2.07 -16.58
C LYS A 386 25.20 1.03 -16.07
N LEU A 387 25.18 -0.20 -16.60
CA LEU A 387 26.20 -1.18 -16.22
C LEU A 387 27.60 -0.67 -16.47
N ASN A 388 27.80 0.17 -17.50
CA ASN A 388 29.12 0.73 -17.75
C ASN A 388 29.63 1.57 -16.60
N ASP A 389 28.72 2.09 -15.77
CA ASP A 389 29.05 2.92 -14.61
C ASP A 389 28.94 2.17 -13.29
N LEU A 390 28.90 0.85 -13.30
CA LEU A 390 28.68 0.08 -12.08
C LEU A 390 29.73 -1.00 -11.90
N CYS A 391 30.01 -1.31 -10.64
CA CYS A 391 30.87 -2.41 -10.22
C CYS A 391 30.08 -3.41 -9.41
N PHE A 392 30.53 -4.67 -9.44
CA PHE A 392 29.86 -5.74 -8.73
C PHE A 392 30.92 -6.66 -8.12
N THR A 393 30.52 -7.38 -7.07
CA THR A 393 31.42 -8.29 -6.38
C THR A 393 31.34 -9.71 -6.89
N ASN A 394 30.26 -10.06 -7.58
CA ASN A 394 30.04 -11.42 -8.08
C ASN A 394 29.35 -11.33 -9.43
N VAL A 395 29.94 -11.97 -10.43
CA VAL A 395 29.31 -12.14 -11.74
C VAL A 395 29.35 -13.62 -12.08
N TYR A 396 28.17 -14.19 -12.34
CA TYR A 396 28.01 -15.63 -12.58
C TYR A 396 27.29 -15.82 -13.90
N ALA A 397 28.06 -16.13 -14.95
CA ALA A 397 27.49 -16.42 -16.26
C ALA A 397 27.04 -17.88 -16.30
N ASP A 398 25.73 -18.10 -16.37
CA ASP A 398 25.17 -19.44 -16.47
C ASP A 398 24.76 -19.68 -17.92
N SER A 399 25.39 -20.64 -18.57
CA SER A 399 25.14 -20.93 -19.97
C SER A 399 24.43 -22.28 -20.12
N PHE A 400 23.50 -22.34 -21.07
CA PHE A 400 22.83 -23.58 -21.41
C PHE A 400 22.08 -23.37 -22.72
N VAL A 401 21.29 -24.38 -23.11
CA VAL A 401 20.52 -24.35 -24.35
C VAL A 401 19.11 -24.84 -24.05
N ILE A 402 18.11 -24.19 -24.63
CA ILE A 402 16.72 -24.63 -24.54
C ILE A 402 16.06 -24.51 -25.90
N ARG A 403 14.76 -24.76 -25.97
CA ARG A 403 13.99 -24.49 -27.18
C ARG A 403 13.26 -23.15 -27.03
N GLY A 404 12.92 -22.57 -28.19
CA GLY A 404 12.45 -21.19 -28.20
C GLY A 404 11.23 -20.96 -27.31
N ASP A 405 10.26 -21.86 -27.37
CA ASP A 405 9.04 -21.70 -26.57
C ASP A 405 9.34 -21.61 -25.08
N GLU A 406 10.47 -22.16 -24.64
CA GLU A 406 10.83 -22.17 -23.24
C GLU A 406 11.67 -20.97 -22.84
N VAL A 407 12.02 -20.08 -23.77
CA VAL A 407 12.82 -18.92 -23.43
C VAL A 407 12.11 -18.05 -22.39
N ARG A 408 10.79 -17.96 -22.50
CA ARG A 408 10.02 -17.20 -21.51
C ARG A 408 10.23 -17.73 -20.10
N GLN A 409 10.49 -19.03 -19.95
CA GLN A 409 10.62 -19.63 -18.62
C GLN A 409 11.90 -19.19 -17.91
N ILE A 410 12.88 -18.66 -18.64
CA ILE A 410 14.13 -18.20 -18.02
C ILE A 410 13.89 -16.75 -17.60
N ALA A 411 13.29 -16.59 -16.42
CA ALA A 411 12.94 -15.29 -15.86
C ALA A 411 12.42 -15.48 -14.44
N PRO A 412 12.60 -14.50 -13.56
CA PRO A 412 12.12 -14.66 -12.18
C PRO A 412 10.62 -14.87 -12.13
N GLY A 413 10.19 -15.75 -11.22
CA GLY A 413 8.77 -15.93 -10.99
C GLY A 413 8.06 -16.68 -12.10
N GLN A 414 8.77 -17.49 -12.87
CA GLN A 414 8.20 -18.27 -13.95
C GLN A 414 8.05 -19.73 -13.54
N THR A 415 7.10 -20.41 -14.18
CA THR A 415 6.83 -21.81 -13.92
C THR A 415 6.86 -22.58 -15.23
N GLY A 416 6.81 -23.90 -15.12
CA GLY A 416 6.90 -24.80 -16.25
C GLY A 416 8.04 -25.79 -16.09
N LYS A 417 8.15 -26.68 -17.08
CA LYS A 417 9.16 -27.73 -17.07
C LYS A 417 10.54 -27.18 -16.71
N ILE A 418 11.05 -26.27 -17.55
CA ILE A 418 12.41 -25.76 -17.37
C ILE A 418 12.54 -25.04 -16.02
N ALA A 419 11.59 -24.15 -15.72
CA ALA A 419 11.67 -23.39 -14.47
C ALA A 419 11.57 -24.30 -13.25
N ASP A 420 10.67 -25.29 -13.30
CA ASP A 420 10.42 -26.11 -12.12
C ASP A 420 11.54 -27.13 -11.88
N TYR A 421 12.06 -27.73 -12.95
CA TYR A 421 12.90 -28.91 -12.82
C TYR A 421 14.32 -28.74 -13.35
N ASN A 422 14.60 -27.69 -14.13
CA ASN A 422 15.90 -27.56 -14.78
C ASN A 422 16.69 -26.37 -14.28
N TYR A 423 16.11 -25.16 -14.32
CA TYR A 423 16.81 -23.97 -13.85
C TYR A 423 15.78 -22.99 -13.29
N LYS A 424 15.95 -22.61 -12.03
CA LYS A 424 15.00 -21.75 -11.33
C LYS A 424 15.72 -20.49 -10.86
N LEU A 425 15.25 -19.33 -11.31
CA LEU A 425 15.74 -18.06 -10.82
C LEU A 425 15.03 -17.64 -9.55
N PRO A 426 15.66 -16.83 -8.71
CA PRO A 426 14.96 -16.28 -7.55
C PRO A 426 13.97 -15.20 -7.94
N ASP A 427 12.96 -15.00 -7.10
CA ASP A 427 11.95 -13.98 -7.37
C ASP A 427 12.56 -12.59 -7.40
N ASP A 428 13.61 -12.35 -6.62
CA ASP A 428 14.30 -11.07 -6.58
C ASP A 428 15.59 -11.09 -7.41
N PHE A 429 15.60 -11.85 -8.50
CA PHE A 429 16.80 -11.99 -9.31
C PHE A 429 17.28 -10.63 -9.80
N THR A 430 18.59 -10.41 -9.72
CA THR A 430 19.21 -9.16 -10.16
C THR A 430 20.29 -9.49 -11.19
N GLY A 431 20.06 -9.11 -12.43
CA GLY A 431 21.00 -9.41 -13.50
C GLY A 431 20.28 -9.53 -14.82
N CYS A 432 21.01 -10.02 -15.82
CA CYS A 432 20.52 -10.01 -17.20
C CYS A 432 20.37 -11.42 -17.74
N VAL A 433 19.41 -11.59 -18.64
CA VAL A 433 19.20 -12.84 -19.37
C VAL A 433 19.31 -12.53 -20.85
N ILE A 434 20.11 -13.33 -21.55
CA ILE A 434 20.38 -13.14 -22.97
C ILE A 434 20.16 -14.47 -23.67
N ALA A 435 19.42 -14.42 -24.77
CA ALA A 435 19.08 -15.63 -25.51
C ALA A 435 19.12 -15.34 -27.00
N TRP A 436 19.70 -16.28 -27.76
CA TRP A 436 19.79 -16.11 -29.20
C TRP A 436 19.65 -17.46 -29.89
N ASN A 437 19.02 -17.45 -31.06
CA ASN A 437 18.85 -18.65 -31.85
C ASN A 437 20.20 -19.23 -32.25
N SER A 438 20.32 -20.55 -32.15
CA SER A 438 21.52 -21.30 -32.52
C SER A 438 21.16 -22.48 -33.40
N ASN A 439 20.18 -22.29 -34.29
CA ASN A 439 19.75 -23.38 -35.16
C ASN A 439 20.89 -23.85 -36.07
N ASN A 440 21.68 -22.91 -36.58
CA ASN A 440 22.79 -23.27 -37.48
C ASN A 440 23.83 -24.13 -36.79
N LEU A 441 23.95 -24.02 -35.47
CA LEU A 441 25.03 -24.67 -34.72
C LEU A 441 24.58 -25.93 -33.99
N ASP A 442 23.39 -25.96 -33.42
CA ASP A 442 22.96 -27.06 -32.57
C ASP A 442 22.00 -28.03 -33.24
N SER A 443 21.63 -27.79 -34.50
CA SER A 443 20.71 -28.66 -35.22
C SER A 443 21.46 -29.57 -36.16
N LYS A 444 20.92 -30.77 -36.36
CA LYS A 444 21.48 -31.77 -37.26
C LYS A 444 20.37 -32.35 -38.12
N VAL A 445 20.74 -32.72 -39.35
CA VAL A 445 19.75 -33.28 -40.28
C VAL A 445 19.08 -34.52 -39.69
N GLY A 446 19.86 -35.38 -39.04
CA GLY A 446 19.32 -36.54 -38.37
C GLY A 446 18.78 -36.29 -36.99
N GLY A 447 18.85 -35.05 -36.51
CA GLY A 447 18.36 -34.71 -35.19
C GLY A 447 19.46 -34.78 -34.14
N ASN A 448 19.75 -33.65 -33.50
CA ASN A 448 20.77 -33.59 -32.45
C ASN A 448 20.11 -33.82 -31.10
N TYR A 449 20.52 -34.88 -30.43
CA TYR A 449 19.96 -35.26 -29.13
C TYR A 449 20.95 -35.09 -27.99
N ASN A 450 22.06 -34.37 -28.21
CA ASN A 450 23.06 -34.20 -27.16
C ASN A 450 22.58 -33.27 -26.06
N TYR A 451 21.57 -32.45 -26.31
CA TYR A 451 21.04 -31.53 -25.32
C TYR A 451 19.86 -32.17 -24.60
N LEU A 452 19.91 -32.17 -23.28
CA LEU A 452 18.93 -32.87 -22.46
C LEU A 452 18.15 -31.88 -21.60
N TYR A 453 17.02 -32.35 -21.08
CA TYR A 453 16.23 -31.58 -20.14
C TYR A 453 15.60 -32.54 -19.14
N ARG A 454 15.54 -32.13 -17.87
CA ARG A 454 14.91 -32.94 -16.85
C ARG A 454 13.41 -32.84 -16.98
N LEU A 455 12.73 -33.98 -16.96
CA LEU A 455 11.29 -34.01 -17.15
C LEU A 455 10.51 -34.24 -15.86
N PHE A 456 11.13 -34.88 -14.86
CA PHE A 456 10.46 -35.15 -13.59
C PHE A 456 11.36 -34.79 -12.43
N ARG A 457 10.75 -34.50 -11.29
CA ARG A 457 11.45 -34.22 -10.04
C ARG A 457 10.43 -34.19 -8.91
N LYS A 458 10.85 -34.66 -7.74
CA LYS A 458 9.95 -34.73 -6.59
C LYS A 458 9.55 -33.36 -6.08
N SER A 459 10.30 -32.31 -6.41
CA SER A 459 9.96 -30.96 -5.98
C SER A 459 10.63 -29.97 -6.92
N ASN A 460 10.15 -28.73 -6.88
CA ASN A 460 10.72 -27.67 -7.71
C ASN A 460 12.07 -27.25 -7.17
N LEU A 461 12.96 -26.85 -8.08
CA LEU A 461 14.29 -26.40 -7.70
C LEU A 461 14.23 -25.08 -6.93
N LYS A 462 15.07 -24.97 -5.91
CA LYS A 462 15.28 -23.71 -5.24
C LYS A 462 16.13 -22.78 -6.13
N PRO A 463 16.10 -21.47 -5.86
CA PRO A 463 16.86 -20.55 -6.73
C PRO A 463 18.33 -20.93 -6.81
N PHE A 464 18.87 -20.89 -8.03
CA PHE A 464 20.25 -21.21 -8.37
C PHE A 464 20.65 -22.63 -7.97
N GLU A 465 19.68 -23.49 -7.65
CA GLU A 465 19.99 -24.88 -7.35
C GLU A 465 20.30 -25.64 -8.63
N ARG A 466 21.28 -26.55 -8.54
CA ARG A 466 21.69 -27.36 -9.67
C ARG A 466 21.54 -28.83 -9.30
N ASP A 467 20.82 -29.58 -10.13
CA ASP A 467 20.59 -31.00 -9.92
C ASP A 467 21.03 -31.75 -11.16
N ILE A 468 22.06 -32.59 -11.01
CA ILE A 468 22.57 -33.42 -12.10
C ILE A 468 22.40 -34.91 -11.81
N SER A 469 21.65 -35.25 -10.76
CA SER A 469 21.46 -36.65 -10.40
C SER A 469 20.69 -37.39 -11.48
N THR A 470 21.03 -38.66 -11.66
CA THR A 470 20.37 -39.52 -12.64
C THR A 470 19.49 -40.58 -11.98
N GLU A 471 19.07 -40.34 -10.73
CA GLU A 471 18.21 -41.28 -10.04
C GLU A 471 16.92 -41.52 -10.82
N ILE A 472 16.48 -42.77 -10.85
CA ILE A 472 15.27 -43.14 -11.58
C ILE A 472 14.05 -42.56 -10.87
N TYR A 473 13.24 -41.82 -11.61
CA TYR A 473 12.02 -41.22 -11.06
C TYR A 473 10.92 -42.28 -11.02
N GLN A 474 10.36 -42.48 -9.82
CA GLN A 474 9.27 -43.42 -9.61
C GLN A 474 7.94 -42.70 -9.83
N ALA A 475 7.38 -42.85 -11.02
CA ALA A 475 6.13 -42.20 -11.37
C ALA A 475 4.91 -42.89 -10.78
N GLY A 476 5.06 -44.11 -10.24
CA GLY A 476 3.94 -44.83 -9.67
C GLY A 476 4.15 -45.20 -8.22
N SER A 477 3.37 -46.16 -7.72
CA SER A 477 3.50 -46.62 -6.35
C SER A 477 4.51 -47.74 -6.18
N THR A 478 5.04 -48.29 -7.28
CA THR A 478 5.98 -49.41 -7.20
C THR A 478 7.40 -48.87 -7.10
N PRO A 479 8.15 -49.20 -6.06
CA PRO A 479 9.56 -48.77 -6.01
C PRO A 479 10.34 -49.30 -7.19
N CYS A 480 11.24 -48.45 -7.71
CA CYS A 480 12.02 -48.81 -8.88
C CYS A 480 13.31 -49.54 -8.55
N ASN A 481 13.92 -49.25 -7.41
CA ASN A 481 15.17 -49.89 -6.98
C ASN A 481 16.25 -49.75 -8.05
N GLY A 482 16.30 -48.58 -8.68
CA GLY A 482 17.28 -48.33 -9.72
C GLY A 482 17.04 -49.03 -11.03
N VAL A 483 15.84 -49.58 -11.24
CA VAL A 483 15.50 -50.32 -12.45
C VAL A 483 14.43 -49.53 -13.20
N GLU A 484 14.73 -49.16 -14.44
CA GLU A 484 13.77 -48.45 -15.27
C GLU A 484 12.68 -49.38 -15.77
N GLY A 485 11.53 -48.80 -16.08
CA GLY A 485 10.40 -49.57 -16.55
C GLY A 485 9.11 -48.77 -16.44
N PHE A 486 8.00 -49.49 -16.38
CA PHE A 486 6.70 -48.85 -16.25
C PHE A 486 6.65 -48.01 -14.98
N ASN A 487 6.30 -46.73 -15.14
CA ASN A 487 6.28 -45.75 -14.05
C ASN A 487 7.65 -45.57 -13.40
N CYS A 488 8.71 -46.03 -14.06
CA CYS A 488 10.08 -45.88 -13.59
C CYS A 488 10.90 -45.30 -14.74
N TYR A 489 11.13 -43.99 -14.71
CA TYR A 489 11.64 -43.28 -15.87
C TYR A 489 13.00 -42.67 -15.58
N PHE A 490 13.80 -42.54 -16.63
CA PHE A 490 15.02 -41.74 -16.56
C PHE A 490 14.66 -40.26 -16.56
N PRO A 491 15.06 -39.49 -15.55
CA PRO A 491 14.55 -38.11 -15.42
C PRO A 491 14.89 -37.21 -16.59
N LEU A 492 15.90 -37.55 -17.38
CA LEU A 492 16.35 -36.72 -18.49
C LEU A 492 15.71 -37.20 -19.79
N GLN A 493 15.54 -36.26 -20.71
CA GLN A 493 15.02 -36.55 -22.05
C GLN A 493 15.72 -35.64 -23.05
N SER A 494 16.04 -36.19 -24.22
CA SER A 494 16.83 -35.46 -25.20
C SER A 494 15.94 -34.52 -26.02
N TYR A 495 16.50 -33.36 -26.35
CA TYR A 495 15.84 -32.46 -27.29
C TYR A 495 15.95 -33.00 -28.71
N GLY A 496 14.88 -32.79 -29.49
CA GLY A 496 14.94 -33.08 -30.92
C GLY A 496 15.20 -31.83 -31.74
N PHE A 497 16.45 -31.61 -32.15
CA PHE A 497 16.85 -30.41 -32.87
C PHE A 497 17.19 -30.78 -34.31
N GLN A 498 16.29 -30.45 -35.24
CA GLN A 498 16.52 -30.56 -36.66
C GLN A 498 16.37 -29.20 -37.32
N PRO A 499 17.14 -28.93 -38.39
CA PRO A 499 17.07 -27.59 -39.02
C PRO A 499 15.69 -27.25 -39.56
N THR A 500 14.86 -28.23 -39.87
CA THR A 500 13.51 -27.98 -40.37
C THR A 500 12.48 -27.79 -39.26
N ASN A 501 12.89 -27.91 -38.01
CA ASN A 501 11.97 -27.72 -36.89
C ASN A 501 11.48 -26.28 -36.83
N GLY A 502 10.25 -26.12 -36.34
CA GLY A 502 9.72 -24.78 -36.14
C GLY A 502 10.56 -23.97 -35.17
N VAL A 503 10.51 -22.65 -35.35
CA VAL A 503 11.35 -21.74 -34.57
C VAL A 503 11.12 -21.95 -33.07
N GLY A 504 9.87 -22.21 -32.67
CA GLY A 504 9.61 -22.49 -31.26
C GLY A 504 10.34 -23.72 -30.76
N TYR A 505 10.61 -24.68 -31.65
CA TYR A 505 11.35 -25.89 -31.31
C TYR A 505 12.82 -25.81 -31.71
N GLN A 506 13.26 -24.69 -32.28
CA GLN A 506 14.66 -24.57 -32.67
C GLN A 506 15.53 -24.28 -31.45
N PRO A 507 16.78 -24.74 -31.47
CA PRO A 507 17.65 -24.51 -30.31
C PRO A 507 17.97 -23.03 -30.12
N TYR A 508 18.07 -22.64 -28.85
CA TYR A 508 18.42 -21.30 -28.44
C TYR A 508 19.47 -21.38 -27.35
N ARG A 509 20.55 -20.64 -27.50
CA ARG A 509 21.59 -20.55 -26.49
C ARG A 509 21.26 -19.42 -25.54
N VAL A 510 21.35 -19.70 -24.24
CA VAL A 510 20.94 -18.76 -23.21
C VAL A 510 22.07 -18.59 -22.22
N VAL A 511 22.37 -17.33 -21.88
CA VAL A 511 23.36 -16.96 -20.89
C VAL A 511 22.70 -16.03 -19.89
N VAL A 512 22.79 -16.36 -18.61
CA VAL A 512 22.21 -15.58 -17.54
C VAL A 512 23.37 -15.01 -16.73
N LEU A 513 23.56 -13.71 -16.78
CA LEU A 513 24.57 -13.03 -15.99
C LEU A 513 23.93 -12.64 -14.66
N SER A 514 24.48 -13.14 -13.56
CA SER A 514 23.96 -12.85 -12.23
C SER A 514 24.96 -12.01 -11.47
N PHE A 515 24.50 -10.86 -10.96
CA PHE A 515 25.31 -9.93 -10.21
C PHE A 515 24.96 -10.01 -8.73
N GLU A 516 25.87 -9.48 -7.91
CA GLU A 516 25.65 -9.35 -6.46
C GLU A 516 26.06 -7.92 -6.12
N LEU A 517 25.08 -7.02 -6.10
CA LEU A 517 25.32 -5.60 -5.87
C LEU A 517 25.22 -5.22 -4.40
N LEU A 518 25.96 -5.95 -3.57
CA LEU A 518 26.09 -5.59 -2.16
C LEU A 518 27.38 -4.80 -2.00
N HIS A 519 27.29 -3.67 -1.30
CA HIS A 519 28.42 -2.77 -1.14
C HIS A 519 29.58 -3.45 -0.43
N ALA A 520 30.66 -3.68 -1.18
CA ALA A 520 31.76 -4.53 -0.75
C ALA A 520 32.97 -4.27 -1.65
N PRO A 521 34.13 -4.92 -1.42
CA PRO A 521 35.28 -4.67 -2.30
C PRO A 521 35.06 -5.18 -3.72
N ALA A 522 34.27 -4.43 -4.50
CA ALA A 522 33.89 -4.84 -5.84
C ALA A 522 35.13 -5.06 -6.72
N THR A 523 35.06 -6.09 -7.55
CA THR A 523 36.16 -6.45 -8.45
C THR A 523 35.84 -6.17 -9.91
N VAL A 524 34.70 -6.65 -10.42
CA VAL A 524 34.31 -6.34 -11.79
C VAL A 524 33.82 -4.90 -11.86
N CYS A 525 34.17 -4.21 -12.94
CA CYS A 525 33.77 -2.82 -13.14
C CYS A 525 33.64 -2.55 -14.63
N GLY A 526 33.00 -1.42 -14.94
CA GLY A 526 32.79 -1.01 -16.31
C GLY A 526 33.83 -0.02 -16.77
N PRO A 527 33.62 0.56 -17.95
CA PRO A 527 34.59 1.51 -18.52
C PRO A 527 34.45 2.91 -17.94
N LYS A 528 35.44 3.34 -17.17
CA LYS A 528 35.47 4.67 -16.59
C LYS A 528 36.91 5.03 -16.28
N LYS A 529 37.17 6.32 -16.17
CA LYS A 529 38.51 6.84 -15.87
C LYS A 529 38.52 7.50 -14.50
N SER A 530 39.45 7.08 -13.66
CA SER A 530 39.60 7.66 -12.33
C SER A 530 40.29 9.02 -12.44
N THR A 531 39.59 10.07 -12.02
CA THR A 531 40.14 11.42 -12.07
C THR A 531 40.79 11.77 -10.72
N ASN A 532 41.33 12.98 -10.64
CA ASN A 532 41.94 13.45 -9.42
C ASN A 532 40.87 13.77 -8.37
N LEU A 533 41.30 13.87 -7.12
CA LEU A 533 40.40 14.09 -5.99
C LEU A 533 40.70 15.45 -5.37
N VAL A 534 39.63 16.20 -5.09
CA VAL A 534 39.72 17.52 -4.49
C VAL A 534 39.02 17.47 -3.13
N LYS A 535 39.70 17.98 -2.11
CA LYS A 535 39.17 17.99 -0.76
C LYS A 535 38.63 19.37 -0.43
N ASN A 536 37.84 19.44 0.66
CA ASN A 536 37.29 20.67 1.21
C ASN A 536 36.39 21.40 0.21
N LYS A 537 36.00 20.74 -0.88
CA LYS A 537 35.07 21.30 -1.85
C LYS A 537 33.94 20.31 -2.11
N CYS A 538 32.71 20.81 -2.13
CA CYS A 538 31.55 19.97 -2.38
C CYS A 538 31.51 19.49 -3.82
N VAL A 539 31.54 18.17 -4.00
CA VAL A 539 31.66 17.56 -5.31
C VAL A 539 30.64 16.44 -5.44
N ASN A 540 30.33 16.09 -6.69
CA ASN A 540 29.46 14.96 -7.02
C ASN A 540 30.37 13.75 -7.22
N PHE A 541 30.47 12.91 -6.20
CA PHE A 541 31.39 11.79 -6.22
C PHE A 541 30.66 10.47 -6.51
N ASN A 542 31.43 9.49 -6.97
CA ASN A 542 30.91 8.16 -7.24
C ASN A 542 32.06 7.18 -7.03
N PHE A 543 32.08 6.54 -5.86
CA PHE A 543 33.14 5.60 -5.49
C PHE A 543 32.67 4.18 -5.77
N ASN A 544 33.26 3.53 -6.78
CA ASN A 544 33.02 2.12 -7.08
C ASN A 544 31.55 1.80 -7.27
N GLY A 545 30.76 2.79 -7.71
CA GLY A 545 29.34 2.61 -7.95
C GLY A 545 28.45 3.30 -6.94
N LEU A 546 28.98 3.60 -5.75
CA LEU A 546 28.22 4.33 -4.74
C LEU A 546 28.27 5.82 -5.05
N THR A 547 27.12 6.40 -5.40
CA THR A 547 27.04 7.78 -5.84
C THR A 547 26.58 8.67 -4.69
N GLY A 548 27.05 9.92 -4.71
CA GLY A 548 26.66 10.86 -3.68
C GLY A 548 27.16 12.25 -4.02
N THR A 549 26.74 13.21 -3.20
CA THR A 549 27.16 14.60 -3.35
C THR A 549 27.53 15.16 -1.99
N GLY A 550 28.70 15.77 -1.90
CA GLY A 550 29.13 16.35 -0.63
C GLY A 550 30.59 16.71 -0.67
N VAL A 551 31.05 17.27 0.46
CA VAL A 551 32.44 17.63 0.65
C VAL A 551 33.20 16.41 1.18
N LEU A 552 34.41 16.23 0.67
CA LEU A 552 35.31 15.17 1.13
C LEU A 552 36.40 15.83 1.96
N THR A 553 36.56 15.38 3.20
CA THR A 553 37.53 15.97 4.12
C THR A 553 38.36 14.87 4.76
N GLU A 554 39.67 15.06 4.80
CA GLU A 554 40.57 14.10 5.44
C GLU A 554 40.07 13.78 6.85
N SER A 555 39.69 12.53 7.06
CA SER A 555 39.05 12.13 8.31
C SER A 555 40.08 11.66 9.32
N ASN A 556 39.73 11.78 10.60
CA ASN A 556 40.53 11.28 11.70
C ASN A 556 40.03 9.94 12.22
N LYS A 557 39.05 9.35 11.55
CA LYS A 557 38.48 8.08 11.99
C LYS A 557 39.52 6.98 11.93
N LYS A 558 39.49 6.09 12.94
CA LYS A 558 40.44 4.98 13.00
C LYS A 558 39.83 3.75 12.32
N PHE A 559 39.75 3.85 10.99
CA PHE A 559 39.26 2.74 10.18
C PHE A 559 40.17 1.53 10.34
N LEU A 560 39.56 0.34 10.43
CA LEU A 560 40.31 -0.89 10.40
C LEU A 560 40.77 -1.20 8.97
N PRO A 561 41.83 -2.00 8.83
CA PRO A 561 42.39 -2.24 7.48
C PRO A 561 41.42 -2.87 6.50
N PHE A 562 40.40 -3.58 6.97
CA PHE A 562 39.46 -4.26 6.10
C PHE A 562 38.18 -3.48 5.84
N GLN A 563 37.94 -2.40 6.58
CA GLN A 563 36.72 -1.62 6.40
C GLN A 563 36.85 -0.77 5.15
N GLN A 564 35.82 -0.81 4.30
CA GLN A 564 35.83 -0.05 3.05
C GLN A 564 35.17 1.30 3.17
N PHE A 565 34.12 1.43 3.99
CA PHE A 565 33.43 2.70 4.13
C PHE A 565 32.51 2.63 5.35
N GLY A 566 32.18 3.81 5.88
CA GLY A 566 31.28 3.91 7.00
C GLY A 566 29.86 4.29 6.58
N ARG A 567 28.98 4.36 7.58
CA ARG A 567 27.59 4.71 7.35
C ARG A 567 27.09 5.59 8.49
N ASP A 568 26.02 6.33 8.21
CA ASP A 568 25.25 7.02 9.22
C ASP A 568 24.08 6.15 9.68
N ILE A 569 23.42 6.60 10.75
CA ILE A 569 22.30 5.85 11.28
C ILE A 569 21.13 5.80 10.31
N ALA A 570 21.07 6.75 9.37
CA ALA A 570 20.03 6.77 8.34
C ALA A 570 20.36 5.89 7.14
N ASP A 571 21.34 4.99 7.26
CA ASP A 571 21.75 4.10 6.18
C ASP A 571 22.31 4.89 4.99
N THR A 572 23.16 5.87 5.28
CA THR A 572 23.78 6.70 4.27
C THR A 572 25.29 6.73 4.48
N THR A 573 26.03 6.79 3.38
CA THR A 573 27.48 6.77 3.45
C THR A 573 28.01 7.96 4.25
N ASP A 574 29.04 7.70 5.07
CA ASP A 574 29.65 8.74 5.87
C ASP A 574 31.12 8.97 5.54
N ALA A 575 31.93 7.91 5.45
CA ALA A 575 33.33 8.05 5.09
C ALA A 575 33.73 6.89 4.19
N VAL A 576 34.62 7.17 3.23
CA VAL A 576 35.05 6.18 2.25
C VAL A 576 36.57 6.13 2.20
N ARG A 577 37.09 4.95 1.89
CA ARG A 577 38.52 4.74 1.66
C ARG A 577 38.78 4.80 0.16
N ASP A 578 39.68 5.69 -0.25
CA ASP A 578 39.95 5.90 -1.67
C ASP A 578 40.43 4.61 -2.31
N PRO A 579 39.77 4.14 -3.37
CA PRO A 579 40.27 2.93 -4.05
C PRO A 579 41.68 3.07 -4.61
N GLN A 580 42.05 4.26 -5.07
CA GLN A 580 43.37 4.43 -5.69
C GLN A 580 44.45 4.68 -4.65
N THR A 581 44.16 5.40 -3.58
CA THR A 581 45.13 5.75 -2.56
C THR A 581 44.70 5.19 -1.22
N LEU A 582 45.67 4.70 -0.44
CA LEU A 582 45.38 4.15 0.89
C LEU A 582 45.10 5.28 1.89
N GLU A 583 44.01 5.99 1.62
CA GLU A 583 43.57 7.09 2.47
C GLU A 583 42.08 6.99 2.71
N ILE A 584 41.65 7.42 3.90
CA ILE A 584 40.26 7.40 4.31
C ILE A 584 39.80 8.85 4.51
N LEU A 585 38.70 9.21 3.87
CA LEU A 585 38.17 10.57 3.98
C LEU A 585 36.68 10.55 4.26
N ASP A 586 36.24 11.47 5.12
CA ASP A 586 34.85 11.57 5.51
C ASP A 586 34.06 12.37 4.49
N ILE A 587 32.80 12.00 4.33
CA ILE A 587 31.85 12.67 3.44
C ILE A 587 30.88 13.45 4.30
N THR A 588 30.85 14.76 4.11
CA THR A 588 29.88 15.62 4.79
C THR A 588 28.96 16.22 3.73
N PRO A 589 27.66 15.97 3.78
CA PRO A 589 26.76 16.49 2.75
C PRO A 589 26.88 18.01 2.61
N CYS A 590 26.74 18.46 1.36
CA CYS A 590 26.95 19.85 0.96
C CYS A 590 26.30 20.82 1.94
N SER A 591 27.08 21.82 2.37
CA SER A 591 26.59 22.77 3.38
C SER A 591 25.27 23.37 2.96
N PHE A 592 24.37 23.53 3.93
CA PHE A 592 22.99 23.91 3.64
C PHE A 592 22.43 24.70 4.81
N GLY A 593 21.14 25.02 4.71
CA GLY A 593 20.42 25.64 5.81
C GLY A 593 19.12 26.30 5.44
N GLY A 594 18.15 26.29 6.34
CA GLY A 594 16.90 26.98 6.11
C GLY A 594 17.12 28.48 5.89
N VAL A 595 16.27 29.05 5.03
CA VAL A 595 16.32 30.46 4.69
C VAL A 595 14.94 31.05 4.96
N SER A 596 14.86 31.94 5.95
CA SER A 596 13.66 32.69 6.28
C SER A 596 13.86 34.13 5.85
N VAL A 597 12.78 34.80 5.47
CA VAL A 597 12.86 36.16 4.95
C VAL A 597 12.05 37.07 5.85
N ILE A 598 12.76 37.88 6.64
CA ILE A 598 12.12 38.84 7.53
C ILE A 598 11.76 40.08 6.73
N THR A 599 10.49 40.49 6.79
CA THR A 599 10.07 41.64 6.03
C THR A 599 8.96 42.38 6.75
N PRO A 600 9.03 43.71 6.80
CA PRO A 600 7.84 44.50 7.15
C PRO A 600 6.83 44.44 6.02
N GLY A 601 5.61 44.86 6.33
CA GLY A 601 4.53 44.87 5.36
C GLY A 601 4.93 45.58 4.07
N THR A 602 4.69 44.94 2.93
CA THR A 602 5.02 45.55 1.65
C THR A 602 4.34 46.91 1.50
N ASN A 603 3.20 47.10 2.16
CA ASN A 603 2.58 48.42 2.22
C ASN A 603 3.58 49.47 2.67
N THR A 604 4.41 49.15 3.66
CA THR A 604 5.38 50.11 4.17
C THR A 604 6.63 50.18 3.29
N SER A 605 7.33 49.06 3.15
CA SER A 605 8.56 49.03 2.38
C SER A 605 8.76 47.65 1.79
N ASN A 606 9.63 47.58 0.77
CA ASN A 606 10.02 46.33 0.14
C ASN A 606 11.50 46.02 0.38
N GLN A 607 12.03 46.48 1.51
CA GLN A 607 13.37 46.13 1.96
C GLN A 607 13.28 45.01 3.00
N VAL A 608 14.07 43.95 2.82
CA VAL A 608 13.92 42.74 3.60
C VAL A 608 15.29 42.29 4.10
N ALA A 609 15.27 41.49 5.16
CA ALA A 609 16.43 40.79 5.67
C ALA A 609 16.25 39.29 5.51
N VAL A 610 17.37 38.56 5.60
CA VAL A 610 17.37 37.13 5.40
C VAL A 610 18.05 36.46 6.59
N LEU A 611 17.39 35.48 7.19
CA LEU A 611 17.94 34.70 8.28
C LEU A 611 18.26 33.30 7.75
N TYR A 612 19.55 32.97 7.73
CA TYR A 612 20.00 31.61 7.47
C TYR A 612 20.09 30.88 8.80
N GLN A 613 19.31 29.81 8.95
CA GLN A 613 19.16 29.15 10.23
C GLN A 613 20.36 28.26 10.54
N ASP A 614 20.95 28.46 11.73
CA ASP A 614 21.98 27.58 12.27
C ASP A 614 23.17 27.42 11.33
N VAL A 615 23.58 28.51 10.69
CA VAL A 615 24.80 28.52 9.88
C VAL A 615 25.70 29.67 10.34
N ASN A 616 26.97 29.36 10.56
CA ASN A 616 27.95 30.40 10.85
C ASN A 616 27.98 31.42 9.71
N CYS A 617 28.35 32.66 10.04
CA CYS A 617 28.39 33.69 9.01
C CYS A 617 29.71 33.63 8.24
N THR A 618 30.09 32.43 7.80
CA THR A 618 31.24 32.26 6.92
C THR A 618 30.90 31.54 5.62
N GLU A 619 30.17 30.42 5.69
CA GLU A 619 29.90 29.63 4.49
C GLU A 619 29.03 30.38 3.50
N VAL A 620 28.00 31.06 3.99
CA VAL A 620 27.06 31.75 3.12
C VAL A 620 27.75 32.89 2.37
N ASN A 641 27.44 44.38 6.82
CA ASN A 641 26.11 44.47 7.42
C ASN A 641 25.57 43.07 7.69
N VAL A 642 26.28 42.33 8.55
CA VAL A 642 25.94 40.95 8.88
C VAL A 642 25.93 40.80 10.39
N PHE A 643 24.95 40.08 10.92
CA PHE A 643 24.78 39.88 12.35
C PHE A 643 24.79 38.38 12.64
N GLN A 644 25.55 37.98 13.65
CA GLN A 644 25.54 36.59 14.11
C GLN A 644 24.61 36.48 15.32
N THR A 645 23.77 35.45 15.32
CA THR A 645 22.84 35.21 16.42
C THR A 645 22.78 33.71 16.68
N ARG A 646 22.28 33.35 17.86
CA ARG A 646 22.12 31.94 18.19
C ARG A 646 21.19 31.23 17.20
N ALA A 647 20.34 31.99 16.49
CA ALA A 647 19.46 31.41 15.49
C ALA A 647 20.17 31.18 14.16
N GLY A 648 21.24 31.91 13.88
CA GLY A 648 21.94 31.74 12.62
C GLY A 648 22.62 33.03 12.19
N CYS A 649 22.61 33.27 10.88
CA CYS A 649 23.21 34.45 10.28
C CYS A 649 22.11 35.34 9.74
N LEU A 650 22.07 36.58 10.22
CA LEU A 650 21.08 37.57 9.78
C LEU A 650 21.75 38.60 8.87
N ILE A 651 21.28 38.69 7.63
CA ILE A 651 21.88 39.57 6.63
C ILE A 651 20.84 40.61 6.23
N GLY A 652 21.29 41.86 6.09
CA GLY A 652 20.43 42.97 5.75
C GLY A 652 19.90 43.75 6.93
N ALA A 653 20.11 43.28 8.15
CA ALA A 653 19.64 43.94 9.37
C ALA A 653 20.80 44.66 10.05
N GLU A 654 20.48 45.79 10.66
CA GLU A 654 21.47 46.61 11.36
C GLU A 654 21.41 46.31 12.85
N HIS A 655 22.53 45.85 13.42
CA HIS A 655 22.57 45.49 14.82
C HIS A 655 22.59 46.75 15.68
N VAL A 656 21.65 46.83 16.63
CA VAL A 656 21.51 47.98 17.50
C VAL A 656 21.68 47.51 18.94
N ASN A 657 22.14 48.43 19.80
CA ASN A 657 22.32 48.11 21.21
C ASN A 657 21.10 48.48 22.04
N ASN A 658 20.36 49.51 21.64
CA ASN A 658 19.14 49.88 22.34
C ASN A 658 18.08 48.81 22.17
N SER A 659 17.41 48.48 23.28
CA SER A 659 16.40 47.42 23.29
C SER A 659 15.01 48.02 23.24
N TYR A 660 14.10 47.34 22.54
CA TYR A 660 12.72 47.79 22.39
C TYR A 660 11.81 46.59 22.55
N GLU A 661 10.50 46.85 22.48
CA GLU A 661 9.53 45.77 22.47
C GLU A 661 9.67 44.94 21.20
N CYS A 662 9.50 43.63 21.33
CA CYS A 662 9.64 42.74 20.19
C CYS A 662 8.51 42.98 19.19
N ASP A 663 8.87 43.09 17.91
CA ASP A 663 7.91 43.35 16.85
C ASP A 663 7.85 42.21 15.84
N ILE A 664 8.98 41.78 15.33
CA ILE A 664 9.06 40.67 14.38
C ILE A 664 10.00 39.63 14.98
N PRO A 665 9.48 38.66 15.74
CA PRO A 665 10.37 37.77 16.49
C PRO A 665 11.25 36.95 15.56
N ILE A 666 12.56 37.01 15.80
CA ILE A 666 13.51 36.17 15.10
C ILE A 666 13.78 34.92 15.92
N GLY A 667 14.29 35.12 17.12
CA GLY A 667 14.51 34.01 18.03
C GLY A 667 15.74 34.24 18.88
N ALA A 668 15.88 33.39 19.89
CA ALA A 668 17.00 33.47 20.83
C ALA A 668 17.08 34.86 21.47
N GLY A 669 15.92 35.45 21.73
CA GLY A 669 15.85 36.77 22.33
C GLY A 669 16.10 37.91 21.37
N ILE A 670 16.32 37.64 20.10
CA ILE A 670 16.57 38.67 19.10
C ILE A 670 15.29 38.90 18.32
N CYS A 671 14.87 40.18 18.23
CA CYS A 671 13.75 40.59 17.41
C CYS A 671 14.18 41.75 16.52
N ALA A 672 13.56 41.84 15.35
CA ALA A 672 13.87 42.87 14.39
C ALA A 672 12.63 43.71 14.11
N SER A 673 12.86 44.94 13.67
CA SER A 673 11.74 45.84 13.38
C SER A 673 12.20 46.92 12.41
N TYR A 674 11.22 47.54 11.76
CA TYR A 674 11.47 48.59 10.78
C TYR A 674 11.39 49.94 11.47
N GLN A 675 12.48 50.71 11.40
CA GLN A 675 12.55 51.99 12.08
C GLN A 675 13.40 52.96 11.28
N THR A 676 13.30 54.24 11.63
CA THR A 676 14.05 55.29 10.96
C THR A 676 15.47 55.38 11.52
N GLN A 690 15.11 55.32 6.53
CA GLN A 690 14.60 54.20 7.31
C GLN A 690 15.32 52.91 6.93
N SER A 691 15.21 51.89 7.77
CA SER A 691 15.86 50.61 7.56
C SER A 691 15.26 49.59 8.53
N ILE A 692 15.85 48.40 8.55
CA ILE A 692 15.48 47.33 9.46
C ILE A 692 16.59 47.17 10.48
N ILE A 693 16.23 47.06 11.76
CA ILE A 693 17.19 46.93 12.84
C ILE A 693 16.88 45.66 13.61
N ALA A 694 17.93 45.05 14.16
CA ALA A 694 17.81 43.83 14.96
C ALA A 694 18.39 44.11 16.35
N TYR A 695 17.63 43.75 17.38
CA TYR A 695 18.01 44.05 18.75
C TYR A 695 17.58 42.92 19.67
N THR A 696 18.27 42.80 20.80
CA THR A 696 17.82 41.91 21.86
C THR A 696 16.61 42.52 22.55
N MET A 697 15.46 41.86 22.45
CA MET A 697 14.22 42.43 22.94
C MET A 697 14.29 42.65 24.44
N SER A 698 13.62 43.71 24.90
CA SER A 698 13.55 44.03 26.32
C SER A 698 12.31 43.37 26.93
N LEU A 699 12.46 42.89 28.16
CA LEU A 699 11.36 42.27 28.88
C LEU A 699 10.44 43.27 29.56
N GLY A 700 10.82 44.55 29.60
CA GLY A 700 10.01 45.55 30.26
C GLY A 700 10.85 46.55 31.01
N ALA A 701 10.25 47.67 31.41
CA ALA A 701 10.99 48.69 32.14
C ALA A 701 11.37 48.19 33.52
N GLU A 702 12.64 48.36 33.89
CA GLU A 702 13.08 47.99 35.22
C GLU A 702 12.51 48.94 36.25
N ASN A 703 12.13 48.40 37.41
CA ASN A 703 11.55 49.22 38.47
C ASN A 703 11.75 48.53 39.81
N SER A 704 12.66 49.06 40.62
CA SER A 704 12.87 48.56 41.96
C SER A 704 11.67 48.92 42.84
N VAL A 705 11.53 48.19 43.94
CA VAL A 705 10.47 48.43 44.92
C VAL A 705 11.11 48.88 46.21
N ALA A 706 10.65 50.02 46.74
CA ALA A 706 11.24 50.60 47.94
C ALA A 706 10.76 49.84 49.17
N TYR A 707 11.26 48.60 49.29
CA TYR A 707 10.87 47.74 50.39
C TYR A 707 11.61 48.15 51.66
N SER A 708 10.89 48.11 52.78
CA SER A 708 11.47 48.39 54.08
C SER A 708 10.51 47.87 55.14
N ASN A 709 11.07 47.51 56.30
CA ASN A 709 10.32 46.74 57.28
C ASN A 709 9.29 47.56 58.04
N ASN A 710 9.25 48.87 57.88
CA ASN A 710 8.27 49.71 58.57
C ASN A 710 7.70 50.76 57.62
N SER A 711 7.34 50.34 56.41
CA SER A 711 6.75 51.26 55.45
C SER A 711 5.72 50.52 54.60
N ILE A 712 4.56 51.13 54.42
CA ILE A 712 3.49 50.57 53.60
C ILE A 712 3.01 51.64 52.64
N ALA A 713 2.75 51.26 51.40
CA ALA A 713 2.28 52.19 50.38
C ALA A 713 0.78 51.97 50.19
N ILE A 714 -0.01 52.96 50.56
CA ILE A 714 -1.47 52.83 50.48
C ILE A 714 -1.98 53.77 49.40
N PRO A 715 -2.92 53.34 48.58
CA PRO A 715 -3.50 54.24 47.58
C PRO A 715 -4.31 55.33 48.25
N THR A 716 -4.43 56.46 47.54
CA THR A 716 -5.28 57.56 47.97
C THR A 716 -6.31 57.91 46.92
N ASN A 717 -6.38 57.15 45.84
CA ASN A 717 -7.28 57.42 44.73
C ASN A 717 -7.37 56.13 43.92
N PHE A 718 -8.35 56.08 43.02
CA PHE A 718 -8.59 54.88 42.24
C PHE A 718 -8.95 55.25 40.81
N THR A 719 -9.08 54.22 39.97
CA THR A 719 -9.54 54.40 38.61
C THR A 719 -10.33 53.17 38.20
N ILE A 720 -11.47 53.40 37.56
CA ILE A 720 -12.33 52.33 37.06
C ILE A 720 -11.97 52.14 35.60
N SER A 721 -11.44 50.97 35.25
CA SER A 721 -10.99 50.69 33.90
C SER A 721 -11.83 49.60 33.28
N VAL A 722 -12.26 49.82 32.05
CA VAL A 722 -13.01 48.82 31.29
C VAL A 722 -12.07 48.27 30.23
N THR A 723 -11.61 47.04 30.44
CA THR A 723 -10.73 46.38 29.50
C THR A 723 -11.54 45.42 28.63
N THR A 724 -10.92 44.96 27.54
CA THR A 724 -11.61 44.13 26.58
C THR A 724 -10.88 42.80 26.45
N GLU A 725 -11.63 41.71 26.34
CA GLU A 725 -11.05 40.38 26.21
C GLU A 725 -11.89 39.58 25.23
N ILE A 726 -11.27 39.13 24.14
CA ILE A 726 -11.98 38.47 23.05
C ILE A 726 -11.68 36.99 23.13
N LEU A 727 -12.70 36.16 22.90
CA LEU A 727 -12.55 34.72 22.97
C LEU A 727 -13.35 34.05 21.87
N PRO A 728 -12.71 33.23 21.03
CA PRO A 728 -13.45 32.42 20.07
C PRO A 728 -14.30 31.38 20.78
N VAL A 729 -15.47 31.11 20.20
CA VAL A 729 -16.41 30.14 20.75
C VAL A 729 -16.64 28.98 19.78
N SER A 730 -16.77 29.28 18.49
CA SER A 730 -17.10 28.27 17.50
C SER A 730 -16.35 28.55 16.20
N MET A 731 -16.10 27.48 15.44
CA MET A 731 -15.48 27.55 14.13
C MET A 731 -16.57 27.74 13.08
N THR A 732 -16.19 27.59 11.81
CA THR A 732 -17.15 27.55 10.72
C THR A 732 -17.61 26.11 10.54
N LYS A 733 -18.94 25.91 10.55
CA LYS A 733 -19.53 24.57 10.49
C LYS A 733 -19.38 24.01 9.08
N THR A 734 -18.17 23.54 8.78
CA THR A 734 -17.90 22.94 7.48
C THR A 734 -18.46 21.52 7.41
N SER A 735 -18.67 21.05 6.19
CA SER A 735 -19.09 19.68 5.96
C SER A 735 -18.66 19.28 4.56
N VAL A 736 -17.94 18.16 4.45
CA VAL A 736 -17.34 17.73 3.21
C VAL A 736 -18.02 16.45 2.75
N ASP A 737 -18.38 16.40 1.48
CA ASP A 737 -19.01 15.22 0.89
C ASP A 737 -17.90 14.35 0.33
N CYS A 738 -17.59 13.25 1.03
CA CYS A 738 -16.45 12.42 0.66
C CYS A 738 -16.57 11.89 -0.76
N THR A 739 -17.71 11.27 -1.08
CA THR A 739 -17.87 10.66 -2.39
C THR A 739 -17.84 11.71 -3.50
N MET A 740 -18.54 12.83 -3.31
CA MET A 740 -18.59 13.85 -4.36
C MET A 740 -17.26 14.58 -4.49
N TYR A 741 -16.51 14.72 -3.39
CA TYR A 741 -15.19 15.35 -3.50
C TYR A 741 -14.21 14.44 -4.22
N ILE A 742 -14.10 13.19 -3.76
CA ILE A 742 -13.10 12.28 -4.33
C ILE A 742 -13.49 11.86 -5.74
N CYS A 743 -14.78 11.57 -5.96
CA CYS A 743 -15.27 10.96 -7.19
C CYS A 743 -16.45 11.74 -7.76
N GLY A 744 -16.29 13.06 -7.92
CA GLY A 744 -17.38 13.90 -8.37
C GLY A 744 -18.03 13.44 -9.65
N ASP A 745 -19.29 12.99 -9.54
CA ASP A 745 -20.12 12.61 -10.68
C ASP A 745 -19.41 11.60 -11.57
N SER A 746 -19.15 10.43 -11.00
CA SER A 746 -18.51 9.34 -11.75
C SER A 746 -18.81 8.01 -11.07
N THR A 747 -19.58 7.16 -11.74
CA THR A 747 -19.95 5.88 -11.15
C THR A 747 -18.74 4.98 -10.94
N GLU A 748 -17.84 4.91 -11.93
CA GLU A 748 -16.69 4.02 -11.85
C GLU A 748 -15.77 4.41 -10.70
N CYS A 749 -15.52 5.71 -10.53
CA CYS A 749 -14.67 6.15 -9.44
C CYS A 749 -15.30 5.82 -8.09
N SER A 750 -16.62 5.98 -7.97
CA SER A 750 -17.29 5.64 -6.72
C SER A 750 -17.22 4.15 -6.43
N ASN A 751 -17.38 3.32 -7.47
CA ASN A 751 -17.26 1.88 -7.28
C ASN A 751 -15.85 1.49 -6.86
N LEU A 752 -14.83 2.13 -7.43
CA LEU A 752 -13.46 1.87 -6.97
C LEU A 752 -13.25 2.36 -5.54
N LEU A 753 -13.86 3.50 -5.19
CA LEU A 753 -13.70 4.06 -3.85
C LEU A 753 -14.32 3.15 -2.79
N LEU A 754 -15.51 2.60 -3.07
CA LEU A 754 -16.22 1.78 -2.10
C LEU A 754 -15.52 0.46 -1.80
N GLN A 755 -14.41 0.17 -2.48
CA GLN A 755 -13.58 -0.98 -2.12
C GLN A 755 -12.82 -0.76 -0.82
N TYR A 756 -12.59 0.50 -0.44
CA TYR A 756 -11.82 0.82 0.76
C TYR A 756 -12.64 0.70 2.03
N GLY A 757 -13.94 0.47 1.94
CA GLY A 757 -14.77 0.28 3.13
C GLY A 757 -15.27 1.61 3.67
N SER A 758 -15.09 1.81 4.98
CA SER A 758 -15.65 2.96 5.69
C SER A 758 -14.69 4.14 5.76
N PHE A 759 -13.77 4.26 4.80
CA PHE A 759 -12.85 5.39 4.75
C PHE A 759 -13.53 6.71 4.41
N CYS A 760 -14.80 6.68 3.96
CA CYS A 760 -15.54 7.90 3.66
C CYS A 760 -16.59 8.24 4.70
N THR A 761 -17.40 7.26 5.12
CA THR A 761 -18.50 7.55 6.04
C THR A 761 -18.00 8.15 7.34
N GLN A 762 -16.86 7.67 7.84
CA GLN A 762 -16.37 8.13 9.13
C GLN A 762 -15.87 9.57 9.06
N LEU A 763 -15.39 10.03 7.90
CA LEU A 763 -15.05 11.43 7.74
C LEU A 763 -16.28 12.31 7.91
N ASN A 764 -17.39 11.93 7.26
CA ASN A 764 -18.64 12.66 7.44
C ASN A 764 -19.11 12.61 8.89
N ARG A 765 -18.96 11.45 9.53
CA ARG A 765 -19.34 11.34 10.93
C ARG A 765 -18.53 12.29 11.80
N ALA A 766 -17.22 12.36 11.56
CA ALA A 766 -16.37 13.26 12.33
C ALA A 766 -16.76 14.71 12.10
N LEU A 767 -17.02 15.09 10.85
CA LEU A 767 -17.36 16.48 10.57
C LEU A 767 -18.72 16.86 11.18
N THR A 768 -19.68 15.94 11.15
CA THR A 768 -20.96 16.21 11.82
C THR A 768 -20.77 16.34 13.32
N GLY A 769 -19.91 15.49 13.90
CA GLY A 769 -19.57 15.64 15.31
C GLY A 769 -18.97 16.99 15.60
N ILE A 770 -18.08 17.46 14.72
CA ILE A 770 -17.46 18.78 14.89
C ILE A 770 -18.53 19.87 14.88
N ALA A 771 -19.46 19.79 13.94
CA ALA A 771 -20.52 20.79 13.85
C ALA A 771 -21.37 20.79 15.13
N VAL A 772 -21.77 19.60 15.59
CA VAL A 772 -22.53 19.49 16.83
C VAL A 772 -21.73 20.07 17.98
N GLU A 773 -20.43 19.84 18.00
CA GLU A 773 -19.57 20.38 19.05
C GLU A 773 -19.58 21.90 19.03
N GLN A 774 -19.55 22.49 17.84
CA GLN A 774 -19.61 23.95 17.73
C GLN A 774 -20.94 24.48 18.28
N ASP A 775 -22.04 23.83 17.91
CA ASP A 775 -23.35 24.28 18.41
C ASP A 775 -23.42 24.16 19.93
N LYS A 776 -22.91 23.06 20.48
CA LYS A 776 -22.87 22.88 21.92
C LYS A 776 -22.00 23.93 22.58
N ASN A 777 -20.86 24.26 21.97
CA ASN A 777 -20.00 25.32 22.48
C ASN A 777 -20.75 26.63 22.58
N THR A 778 -21.43 27.04 21.51
CA THR A 778 -22.15 28.30 21.54
C THR A 778 -23.25 28.30 22.61
N GLN A 779 -24.00 27.19 22.69
CA GLN A 779 -25.08 27.12 23.67
C GLN A 779 -24.54 27.16 25.09
N GLU A 780 -23.43 26.47 25.35
CA GLU A 780 -22.81 26.50 26.67
C GLU A 780 -22.33 27.90 27.01
N VAL A 781 -21.67 28.57 26.06
CA VAL A 781 -21.08 29.87 26.34
C VAL A 781 -22.17 30.89 26.66
N PHE A 782 -23.19 30.98 25.80
CA PHE A 782 -24.13 32.07 25.93
C PHE A 782 -25.37 31.72 26.77
N ALA A 783 -25.97 30.55 26.52
CA ALA A 783 -27.25 30.22 27.13
C ALA A 783 -27.05 29.71 28.56
N GLN A 784 -26.55 30.62 29.41
CA GLN A 784 -26.43 30.36 30.84
C GLN A 784 -27.46 31.13 31.66
N VAL A 785 -28.44 31.76 31.01
CA VAL A 785 -29.48 32.51 31.71
C VAL A 785 -30.83 31.85 31.42
N LYS A 786 -31.55 31.52 32.50
CA LYS A 786 -32.81 30.78 32.35
C LYS A 786 -33.87 31.62 31.65
N GLN A 787 -33.94 32.91 31.97
CA GLN A 787 -34.98 33.78 31.44
C GLN A 787 -34.34 34.91 30.63
N ILE A 788 -35.19 35.73 30.01
CA ILE A 788 -34.74 36.86 29.21
C ILE A 788 -35.15 38.14 29.94
N TYR A 789 -34.18 38.80 30.56
CA TYR A 789 -34.45 40.03 31.29
C TYR A 789 -34.36 41.25 30.37
N LYS A 790 -34.96 42.35 30.80
CA LYS A 790 -34.95 43.59 30.06
C LYS A 790 -34.78 44.76 31.02
N THR A 791 -34.00 45.75 30.60
CA THR A 791 -33.83 46.95 31.41
C THR A 791 -35.11 47.78 31.40
N PRO A 792 -35.35 48.58 32.44
CA PRO A 792 -36.50 49.49 32.42
C PRO A 792 -36.28 50.61 31.42
N PRO A 793 -37.34 51.27 30.98
CA PRO A 793 -37.17 52.36 30.00
C PRO A 793 -36.32 53.50 30.49
N ILE A 794 -36.24 53.70 31.81
CA ILE A 794 -35.51 54.82 32.41
C ILE A 794 -34.17 54.31 32.91
N LYS A 795 -33.10 54.98 32.50
CA LYS A 795 -31.74 54.59 32.88
C LYS A 795 -31.28 55.41 34.08
N ASP A 796 -31.95 55.19 35.20
CA ASP A 796 -31.62 55.88 36.44
C ASP A 796 -30.73 54.98 37.29
N PHE A 797 -29.51 54.81 36.78
CA PHE A 797 -28.51 53.93 37.38
C PHE A 797 -27.50 54.71 38.22
N GLY A 798 -27.91 55.83 38.79
CA GLY A 798 -27.04 56.57 39.68
C GLY A 798 -25.96 57.34 38.96
N GLY A 799 -26.19 57.70 37.70
CA GLY A 799 -25.24 58.46 36.91
C GLY A 799 -24.50 57.65 35.87
N PHE A 800 -24.39 56.35 36.05
CA PHE A 800 -23.75 55.50 35.05
C PHE A 800 -24.57 55.49 33.76
N ASN A 801 -23.88 55.47 32.63
CA ASN A 801 -24.49 55.58 31.32
C ASN A 801 -24.15 54.31 30.53
N PHE A 802 -25.12 53.40 30.42
CA PHE A 802 -24.96 52.15 29.69
C PHE A 802 -25.59 52.19 28.31
N SER A 803 -25.96 53.37 27.81
CA SER A 803 -26.62 53.46 26.51
C SER A 803 -25.77 52.93 25.38
N GLN A 804 -24.44 52.87 25.56
CA GLN A 804 -23.54 52.42 24.51
C GLN A 804 -23.34 50.91 24.52
N ILE A 805 -23.87 50.21 25.52
CA ILE A 805 -23.79 48.76 25.57
C ILE A 805 -25.17 48.10 25.61
N LEU A 806 -26.20 48.81 26.08
CA LEU A 806 -27.55 48.30 25.98
C LEU A 806 -28.02 48.35 24.52
N PRO A 807 -28.88 47.43 24.10
CA PRO A 807 -29.29 47.39 22.70
C PRO A 807 -30.00 48.67 22.29
N ASP A 808 -29.72 49.12 21.08
CA ASP A 808 -30.42 50.27 20.50
C ASP A 808 -31.74 49.81 19.91
N PRO A 809 -32.88 50.34 20.37
CA PRO A 809 -34.18 49.82 19.90
C PRO A 809 -34.39 49.96 18.41
N SER A 810 -33.85 51.01 17.79
CA SER A 810 -34.10 51.29 16.39
C SER A 810 -33.17 50.54 15.44
N LYS A 811 -32.04 50.05 15.94
CA LYS A 811 -31.06 49.32 15.12
C LYS A 811 -31.72 48.17 14.38
N PRO A 812 -31.15 47.72 13.25
CA PRO A 812 -31.80 46.67 12.46
C PRO A 812 -31.77 45.29 13.10
N SER A 813 -30.97 45.09 14.14
CA SER A 813 -30.83 43.78 14.75
C SER A 813 -30.87 43.81 16.27
N LYS A 814 -31.26 44.93 16.88
CA LYS A 814 -31.27 45.08 18.33
C LYS A 814 -29.88 44.86 18.92
N ARG A 815 -28.85 45.27 18.19
CA ARG A 815 -27.47 45.16 18.63
C ARG A 815 -26.95 46.54 19.03
N SER A 816 -26.22 46.59 20.14
CA SER A 816 -25.75 47.86 20.66
C SER A 816 -24.65 48.43 19.76
N PHE A 817 -24.35 49.71 20.00
CA PHE A 817 -23.35 50.43 19.20
C PHE A 817 -22.05 49.64 19.12
N ILE A 818 -21.55 49.19 20.28
CA ILE A 818 -20.28 48.49 20.32
C ILE A 818 -20.37 47.15 19.59
N GLU A 819 -21.52 46.48 19.68
CA GLU A 819 -21.70 45.25 18.91
C GLU A 819 -21.57 45.52 17.42
N ASP A 820 -22.20 46.58 16.93
CA ASP A 820 -22.09 46.92 15.52
C ASP A 820 -20.64 47.23 15.15
N LEU A 821 -19.93 47.99 16.00
CA LEU A 821 -18.52 48.24 15.75
C LEU A 821 -17.73 46.94 15.65
N LEU A 822 -18.02 45.98 16.53
CA LEU A 822 -17.33 44.69 16.47
C LEU A 822 -17.64 43.95 15.19
N PHE A 823 -18.91 43.96 14.76
CA PHE A 823 -19.32 43.15 13.63
C PHE A 823 -18.68 43.63 12.33
N ASN A 824 -18.32 44.91 12.26
CA ASN A 824 -17.76 45.48 11.04
C ASN A 824 -16.25 45.24 10.94
N LYS A 825 -15.64 44.66 11.97
CA LYS A 825 -14.20 44.42 12.01
C LYS A 825 -13.83 42.98 11.70
N VAL A 826 -14.83 42.12 11.44
CA VAL A 826 -14.60 40.71 11.13
C VAL A 826 -15.23 40.41 9.78
N THR A 827 -14.47 39.72 8.93
CA THR A 827 -14.94 39.39 7.59
C THR A 827 -15.35 37.92 7.50
N ILE A 850 -16.17 31.53 -2.39
CA ILE A 850 -16.89 30.43 -1.77
C ILE A 850 -17.56 29.60 -2.85
N CYS A 851 -17.70 30.21 -4.04
CA CYS A 851 -18.37 29.55 -5.16
C CYS A 851 -17.78 28.17 -5.43
N ALA A 852 -16.49 28.11 -5.76
CA ALA A 852 -15.86 26.83 -6.06
C ALA A 852 -15.94 25.89 -4.87
N GLN A 853 -15.72 26.41 -3.66
CA GLN A 853 -15.83 25.60 -2.45
C GLN A 853 -17.17 24.89 -2.37
N LYS A 854 -18.25 25.62 -2.63
CA LYS A 854 -19.60 25.09 -2.50
C LYS A 854 -20.05 24.31 -3.75
N PHE A 855 -19.09 23.87 -4.58
CA PHE A 855 -19.40 23.07 -5.77
C PHE A 855 -18.77 21.69 -5.73
N ASN A 856 -17.71 21.48 -4.96
CA ASN A 856 -17.01 20.20 -4.93
C ASN A 856 -17.40 19.36 -3.73
N GLY A 857 -18.66 19.43 -3.31
CA GLY A 857 -19.14 18.69 -2.17
C GLY A 857 -18.92 19.34 -0.82
N LEU A 858 -18.20 20.45 -0.78
CA LEU A 858 -17.98 21.18 0.47
C LEU A 858 -19.11 22.17 0.69
N THR A 859 -19.56 22.27 1.94
CA THR A 859 -20.66 23.15 2.27
C THR A 859 -20.44 23.71 3.66
N VAL A 860 -21.12 24.82 3.95
CA VAL A 860 -21.02 25.51 5.24
C VAL A 860 -22.41 25.54 5.83
N LEU A 861 -22.59 24.83 6.94
CA LEU A 861 -23.88 24.87 7.62
C LEU A 861 -24.02 26.17 8.40
N PRO A 862 -25.25 26.66 8.55
CA PRO A 862 -25.47 27.85 9.36
C PRO A 862 -25.58 27.49 10.84
N PRO A 863 -25.01 28.30 11.73
CA PRO A 863 -25.10 28.01 13.16
C PRO A 863 -26.55 28.05 13.64
N LEU A 864 -26.85 27.21 14.63
CA LEU A 864 -28.21 27.14 15.16
C LEU A 864 -28.68 28.50 15.65
N LEU A 865 -27.84 29.18 16.43
CA LEU A 865 -28.19 30.47 17.03
C LEU A 865 -27.70 31.57 16.09
N THR A 866 -28.64 32.28 15.46
CA THR A 866 -28.26 33.44 14.67
C THR A 866 -27.60 34.50 15.55
N ASP A 867 -26.95 35.47 14.89
CA ASP A 867 -26.22 36.48 15.64
C ASP A 867 -27.15 37.41 16.41
N GLU A 868 -28.35 37.69 15.89
CA GLU A 868 -29.29 38.52 16.62
C GLU A 868 -29.76 37.84 17.90
N MET A 869 -29.91 36.51 17.86
CA MET A 869 -30.28 35.77 19.06
C MET A 869 -29.15 35.80 20.09
N ILE A 870 -27.90 35.72 19.65
CA ILE A 870 -26.78 35.86 20.56
C ILE A 870 -26.77 37.25 21.17
N ALA A 871 -27.11 38.26 20.36
CA ALA A 871 -27.22 39.62 20.87
C ALA A 871 -28.33 39.71 21.91
N GLN A 872 -29.45 39.02 21.68
CA GLN A 872 -30.53 38.98 22.67
C GLN A 872 -30.04 38.34 23.96
N TYR A 873 -29.29 37.24 23.87
CA TYR A 873 -28.76 36.59 25.06
C TYR A 873 -27.85 37.53 25.83
N THR A 874 -26.93 38.20 25.13
CA THR A 874 -26.01 39.10 25.81
C THR A 874 -26.74 40.29 26.40
N SER A 875 -27.77 40.79 25.72
CA SER A 875 -28.57 41.88 26.27
C SER A 875 -29.34 41.43 27.52
N ALA A 876 -29.85 40.20 27.52
CA ALA A 876 -30.53 39.67 28.70
C ALA A 876 -29.56 39.55 29.87
N LEU A 877 -28.36 39.02 29.59
CA LEU A 877 -27.34 38.91 30.63
C LEU A 877 -26.97 40.28 31.16
N LEU A 878 -26.82 41.26 30.27
CA LEU A 878 -26.48 42.61 30.67
C LEU A 878 -27.56 43.21 31.57
N ALA A 879 -28.82 43.11 31.14
CA ALA A 879 -29.91 43.67 31.93
C ALA A 879 -30.00 42.99 33.29
N GLY A 880 -29.80 41.67 33.32
CA GLY A 880 -29.79 40.96 34.60
C GLY A 880 -28.70 41.44 35.51
N THR A 881 -27.48 41.57 34.99
CA THR A 881 -26.36 42.04 35.79
C THR A 881 -26.61 43.45 36.31
N ILE A 882 -27.15 44.32 35.45
CA ILE A 882 -27.36 45.71 35.83
C ILE A 882 -28.42 45.82 36.92
N THR A 883 -29.53 45.11 36.76
CA THR A 883 -30.69 45.32 37.61
C THR A 883 -30.74 44.38 38.81
N SER A 884 -29.90 43.34 38.84
CA SER A 884 -29.95 42.36 39.91
C SER A 884 -28.59 41.94 40.44
N GLY A 885 -27.50 42.46 39.87
CA GLY A 885 -26.19 42.07 40.37
C GLY A 885 -25.85 40.65 39.98
N TRP A 886 -25.35 39.89 40.95
CA TRP A 886 -24.98 38.49 40.72
C TRP A 886 -26.11 37.53 41.06
N THR A 887 -27.20 38.02 41.66
CA THR A 887 -28.26 37.14 42.14
C THR A 887 -28.96 36.40 41.01
N PHE A 888 -28.97 36.96 39.80
CA PHE A 888 -29.69 36.32 38.71
C PHE A 888 -29.02 35.02 38.25
N GLY A 889 -27.79 34.76 38.67
CA GLY A 889 -27.14 33.51 38.32
C GLY A 889 -27.37 32.44 39.36
N ALA A 890 -27.38 32.83 40.64
CA ALA A 890 -27.55 31.86 41.71
C ALA A 890 -28.99 31.35 41.75
N GLY A 891 -29.95 32.27 41.90
CA GLY A 891 -31.34 31.90 41.97
C GLY A 891 -32.22 32.76 41.09
N ALA A 892 -33.26 33.36 41.67
CA ALA A 892 -34.14 34.27 40.96
C ALA A 892 -33.60 35.69 41.04
N ALA A 893 -33.81 36.45 39.96
CA ALA A 893 -33.34 37.82 39.90
C ALA A 893 -33.96 38.65 41.02
N LEU A 894 -33.11 39.30 41.81
CA LEU A 894 -33.53 40.17 42.90
C LEU A 894 -33.08 41.58 42.56
N GLN A 895 -34.03 42.47 42.30
CA GLN A 895 -33.66 43.82 41.92
C GLN A 895 -32.89 44.50 43.04
N ILE A 896 -32.09 45.49 42.66
CA ILE A 896 -31.29 46.24 43.61
C ILE A 896 -30.76 47.50 42.93
N PRO A 897 -30.78 48.65 43.60
CA PRO A 897 -30.26 49.87 42.97
C PRO A 897 -28.80 49.67 42.58
N PHE A 898 -28.43 50.20 41.42
CA PHE A 898 -27.11 49.90 40.86
C PHE A 898 -26.00 50.37 41.78
N ALA A 899 -26.18 51.55 42.40
CA ALA A 899 -25.19 52.03 43.35
C ALA A 899 -24.98 51.03 44.48
N MET A 900 -26.06 50.44 44.99
CA MET A 900 -25.92 49.43 46.02
C MET A 900 -25.17 48.20 45.52
N GLN A 901 -25.42 47.82 44.26
CA GLN A 901 -24.68 46.70 43.66
C GLN A 901 -23.18 47.00 43.63
N MET A 902 -22.82 48.21 43.19
CA MET A 902 -21.42 48.57 43.16
C MET A 902 -20.84 48.65 44.57
N ALA A 903 -21.65 49.04 45.55
CA ALA A 903 -21.20 49.02 46.94
C ALA A 903 -20.88 47.61 47.40
N TYR A 904 -21.72 46.64 47.04
CA TYR A 904 -21.42 45.25 47.35
C TYR A 904 -20.15 44.80 46.66
N ARG A 905 -19.95 45.21 45.40
CA ARG A 905 -18.73 44.83 44.69
C ARG A 905 -17.50 45.40 45.41
N PHE A 906 -17.57 46.66 45.83
CA PHE A 906 -16.46 47.27 46.56
C PHE A 906 -16.20 46.52 47.86
N ASN A 907 -17.25 46.19 48.61
CA ASN A 907 -17.08 45.32 49.77
C ASN A 907 -16.42 44.01 49.36
N GLY A 908 -16.73 43.52 48.16
CA GLY A 908 -16.16 42.29 47.64
C GLY A 908 -14.67 42.39 47.39
N ILE A 909 -14.16 43.60 47.19
CA ILE A 909 -12.74 43.79 46.91
C ILE A 909 -12.05 44.48 48.10
N GLY A 910 -12.65 44.41 49.28
CA GLY A 910 -12.00 44.88 50.48
C GLY A 910 -12.01 46.39 50.65
N VAL A 911 -12.84 47.10 49.89
CA VAL A 911 -13.00 48.54 50.01
C VAL A 911 -14.37 48.82 50.63
N THR A 912 -14.38 49.42 51.82
CA THR A 912 -15.63 49.76 52.48
C THR A 912 -16.54 50.54 51.54
N GLN A 913 -17.85 50.36 51.69
CA GLN A 913 -18.79 50.87 50.70
C GLN A 913 -18.98 52.39 50.78
N ASN A 914 -18.52 53.04 51.85
CA ASN A 914 -18.63 54.49 51.93
C ASN A 914 -17.83 55.18 50.83
N VAL A 915 -16.78 54.51 50.34
CA VAL A 915 -15.95 55.10 49.27
C VAL A 915 -16.80 55.34 48.03
N LEU A 916 -17.55 54.31 47.63
CA LEU A 916 -18.40 54.44 46.45
C LEU A 916 -19.46 55.52 46.64
N TYR A 917 -20.11 55.55 47.80
CA TYR A 917 -21.19 56.50 47.98
C TYR A 917 -20.65 57.93 48.02
N GLU A 918 -19.42 58.12 48.50
CA GLU A 918 -18.82 59.45 48.51
C GLU A 918 -18.20 59.84 47.17
N ASN A 919 -17.91 58.87 46.30
CA ASN A 919 -17.29 59.17 45.01
C ASN A 919 -18.11 58.62 43.84
N GLN A 920 -19.43 58.54 44.02
CA GLN A 920 -20.31 58.00 42.99
C GLN A 920 -20.21 58.78 41.68
N LYS A 921 -20.23 60.11 41.76
CA LYS A 921 -20.17 60.93 40.54
C LYS A 921 -18.86 60.69 39.80
N LEU A 922 -17.75 60.69 40.55
CA LEU A 922 -16.45 60.44 39.93
C LEU A 922 -16.40 59.07 39.28
N ILE A 923 -16.90 58.05 39.97
CA ILE A 923 -16.86 56.69 39.43
C ILE A 923 -17.72 56.57 38.18
N ALA A 924 -18.91 57.18 38.19
CA ALA A 924 -19.76 57.14 37.01
C ALA A 924 -19.08 57.83 35.83
N ASN A 925 -18.48 58.99 36.06
CA ASN A 925 -17.79 59.69 34.99
C ASN A 925 -16.63 58.86 34.46
N GLN A 926 -15.85 58.24 35.36
CA GLN A 926 -14.72 57.43 34.94
C GLN A 926 -15.18 56.24 34.12
N PHE A 927 -16.25 55.57 34.55
CA PHE A 927 -16.75 54.41 33.81
C PHE A 927 -17.24 54.82 32.42
N ASN A 928 -17.98 55.93 32.34
CA ASN A 928 -18.45 56.39 31.04
C ASN A 928 -17.30 56.74 30.11
N SER A 929 -16.27 57.42 30.66
CA SER A 929 -15.10 57.74 29.85
C SER A 929 -14.39 56.47 29.39
N ALA A 930 -14.33 55.45 30.26
CA ALA A 930 -13.71 54.19 29.86
C ALA A 930 -14.49 53.53 28.74
N ILE A 931 -15.82 53.54 28.81
CA ILE A 931 -16.62 52.97 27.75
C ILE A 931 -16.40 53.72 26.44
N GLY A 932 -16.34 55.06 26.51
CA GLY A 932 -16.02 55.84 25.33
C GLY A 932 -14.67 55.50 24.74
N LYS A 933 -13.66 55.36 25.60
CA LYS A 933 -12.33 54.97 25.14
C LYS A 933 -12.36 53.61 24.46
N ILE A 934 -13.15 52.68 25.01
CA ILE A 934 -13.30 51.37 24.38
C ILE A 934 -13.92 51.51 23.00
N GLN A 935 -14.95 52.36 22.89
CA GLN A 935 -15.55 52.62 21.58
C GLN A 935 -14.52 53.12 20.58
N ASP A 936 -13.73 54.12 20.98
CA ASP A 936 -12.73 54.67 20.07
C ASP A 936 -11.69 53.62 19.69
N SER A 937 -11.20 52.86 20.68
CA SER A 937 -10.18 51.85 20.41
C SER A 937 -10.70 50.79 19.44
N LEU A 938 -11.92 50.31 19.65
CA LEU A 938 -12.50 49.33 18.73
C LEU A 938 -12.71 49.93 17.35
N SER A 939 -13.13 51.19 17.27
CA SER A 939 -13.36 51.83 15.98
C SER A 939 -12.05 52.07 15.23
N SER A 940 -10.93 52.19 15.94
CA SER A 940 -9.66 52.53 15.32
C SER A 940 -8.88 51.28 14.90
N THR A 941 -8.55 50.43 15.87
CA THR A 941 -7.64 49.31 15.64
C THR A 941 -8.47 48.07 15.33
N ALA A 942 -8.42 47.61 14.08
CA ALA A 942 -9.11 46.39 13.70
C ALA A 942 -8.48 45.16 14.34
N SER A 943 -7.14 45.12 14.39
CA SER A 943 -6.43 43.95 14.92
C SER A 943 -6.84 43.59 16.34
N ALA A 944 -7.58 44.47 17.02
CA ALA A 944 -8.11 44.13 18.34
C ALA A 944 -8.90 42.81 18.29
N LEU A 945 -9.63 42.58 17.20
CA LEU A 945 -10.42 41.37 17.06
C LEU A 945 -9.66 40.27 16.32
N GLY A 946 -8.34 40.42 16.17
CA GLY A 946 -7.50 39.52 15.41
C GLY A 946 -7.85 38.07 15.60
N LYS A 947 -7.93 37.66 16.87
CA LYS A 947 -8.23 36.28 17.23
C LYS A 947 -9.38 35.74 16.40
N LEU A 948 -10.55 36.35 16.51
CA LEU A 948 -11.71 35.86 15.74
C LEU A 948 -11.35 35.80 14.26
N GLN A 949 -10.86 36.91 13.72
CA GLN A 949 -10.47 36.94 12.31
C GLN A 949 -9.53 35.78 12.02
N ASP A 950 -8.51 35.62 12.85
CA ASP A 950 -7.52 34.55 12.64
C ASP A 950 -8.23 33.23 12.45
N VAL A 951 -9.16 32.90 13.36
CA VAL A 951 -9.89 31.64 13.27
C VAL A 951 -10.42 31.47 11.86
N VAL A 952 -11.23 32.43 11.40
CA VAL A 952 -11.83 32.34 10.08
C VAL A 952 -10.76 32.05 9.05
N ASN A 953 -9.71 32.87 9.05
CA ASN A 953 -8.65 32.73 8.05
C ASN A 953 -8.16 31.29 8.00
N GLN A 954 -7.83 30.74 9.17
CA GLN A 954 -7.35 29.36 9.24
C GLN A 954 -8.29 28.45 8.45
N ASN A 955 -9.56 28.43 8.85
CA ASN A 955 -10.53 27.55 8.20
C ASN A 955 -10.50 27.78 6.69
N ALA A 956 -10.55 29.05 6.28
CA ALA A 956 -10.56 29.36 4.85
C ALA A 956 -9.40 28.68 4.17
N GLN A 957 -8.19 28.89 4.69
CA GLN A 957 -7.00 28.28 4.08
C GLN A 957 -7.21 26.79 3.92
N ALA A 958 -7.65 26.13 4.99
CA ALA A 958 -7.94 24.69 4.93
C ALA A 958 -8.74 24.37 3.69
N LEU A 959 -9.94 24.97 3.58
CA LEU A 959 -10.81 24.67 2.45
C LEU A 959 -10.07 24.92 1.15
N ASN A 960 -9.40 26.07 1.03
CA ASN A 960 -8.68 26.38 -0.19
C ASN A 960 -7.70 25.26 -0.51
N THR A 961 -6.91 24.85 0.48
CA THR A 961 -5.97 23.76 0.26
C THR A 961 -6.73 22.51 -0.16
N LEU A 962 -7.81 22.20 0.56
CA LEU A 962 -8.60 21.01 0.27
C LEU A 962 -9.13 21.04 -1.16
N VAL A 963 -9.23 22.22 -1.75
CA VAL A 963 -9.68 22.34 -3.13
C VAL A 963 -8.50 22.26 -4.09
N LYS A 964 -7.37 22.87 -3.74
CA LYS A 964 -6.21 22.83 -4.61
C LYS A 964 -5.66 21.42 -4.80
N GLN A 965 -5.94 20.51 -3.86
CA GLN A 965 -5.51 19.14 -4.01
C GLN A 965 -6.32 18.39 -5.08
N LEU A 966 -7.41 19.00 -5.59
CA LEU A 966 -8.15 18.42 -6.69
C LEU A 966 -7.47 18.61 -8.03
N SER A 967 -6.40 19.41 -8.08
CA SER A 967 -5.69 19.69 -9.32
C SER A 967 -4.41 18.88 -9.47
N SER A 968 -4.02 18.11 -8.47
CA SER A 968 -2.80 17.34 -8.55
C SER A 968 -3.00 16.02 -9.29
N ASN A 969 -1.96 15.60 -10.02
CA ASN A 969 -2.03 14.36 -10.77
C ASN A 969 -1.92 13.14 -9.85
N PHE A 970 -1.18 13.26 -8.75
CA PHE A 970 -0.88 12.14 -7.87
C PHE A 970 -0.25 10.96 -8.61
N GLY A 971 0.41 11.23 -9.72
CA GLY A 971 1.01 10.19 -10.54
C GLY A 971 0.17 9.78 -11.74
N ALA A 972 -1.11 10.13 -11.77
CA ALA A 972 -1.97 9.77 -12.88
C ALA A 972 -1.56 10.55 -14.13
N ILE A 973 -2.25 10.26 -15.24
CA ILE A 973 -1.95 10.94 -16.49
C ILE A 973 -2.58 12.32 -16.56
N SER A 974 -3.63 12.57 -15.78
CA SER A 974 -4.28 13.86 -15.76
C SER A 974 -5.07 13.99 -14.47
N SER A 975 -5.06 15.19 -13.89
CA SER A 975 -5.75 15.45 -12.64
C SER A 975 -7.25 15.57 -12.81
N VAL A 976 -7.77 15.47 -14.04
CA VAL A 976 -9.19 15.57 -14.31
C VAL A 976 -9.71 14.15 -14.53
N LEU A 977 -10.70 13.75 -13.73
CA LEU A 977 -11.25 12.40 -13.82
C LEU A 977 -11.88 12.16 -15.19
N ASN A 978 -12.60 13.15 -15.71
CA ASN A 978 -13.34 12.97 -16.96
C ASN A 978 -12.39 12.68 -18.12
N ASP A 979 -11.23 13.34 -18.15
CA ASP A 979 -10.26 13.09 -19.21
C ASP A 979 -9.80 11.64 -19.20
N ILE A 980 -9.45 11.11 -18.04
CA ILE A 980 -9.04 9.71 -17.93
C ILE A 980 -10.18 8.79 -18.36
N LEU A 981 -11.38 9.06 -17.87
CA LEU A 981 -12.51 8.19 -18.20
C LEU A 981 -12.89 8.27 -19.67
N SER A 982 -12.49 9.32 -20.38
CA SER A 982 -12.75 9.44 -21.81
C SER A 982 -11.62 8.94 -22.68
N ARG A 983 -10.38 8.92 -22.17
CA ARG A 983 -9.22 8.53 -22.95
C ARG A 983 -8.82 7.07 -22.79
N LEU A 984 -9.12 6.44 -21.66
CA LEU A 984 -8.68 5.08 -21.39
C LEU A 984 -9.87 4.18 -21.08
N ASP A 985 -9.67 2.89 -21.33
CA ASP A 985 -10.61 1.82 -21.04
C ASP A 985 -10.38 1.31 -19.61
N PRO A 986 -11.34 0.60 -19.04
CA PRO A 986 -11.27 0.23 -17.60
C PRO A 986 -9.93 -0.38 -17.20
N PRO A 987 -9.35 -1.33 -17.96
CA PRO A 987 -8.14 -2.01 -17.45
C PRO A 987 -7.02 -1.10 -16.97
N GLU A 988 -6.90 0.10 -17.53
CA GLU A 988 -5.93 1.09 -17.06
C GLU A 988 -6.57 2.31 -16.42
N ALA A 989 -7.78 2.66 -16.86
CA ALA A 989 -8.53 3.75 -16.25
C ALA A 989 -8.71 3.52 -14.75
N GLU A 990 -8.98 2.26 -14.36
CA GLU A 990 -9.22 2.00 -12.95
C GLU A 990 -7.95 2.06 -12.13
N VAL A 991 -6.80 1.78 -12.73
CA VAL A 991 -5.53 1.98 -12.05
C VAL A 991 -5.27 3.47 -11.84
N GLN A 992 -5.46 4.26 -12.89
CA GLN A 992 -5.26 5.70 -12.76
C GLN A 992 -6.21 6.30 -11.73
N ILE A 993 -7.46 5.83 -11.73
CA ILE A 993 -8.44 6.33 -10.76
C ILE A 993 -8.11 5.83 -9.36
N ASP A 994 -7.49 4.64 -9.24
CA ASP A 994 -7.00 4.20 -7.95
C ASP A 994 -5.97 5.17 -7.39
N ARG A 995 -5.02 5.58 -8.24
CA ARG A 995 -4.02 6.56 -7.81
C ARG A 995 -4.69 7.85 -7.38
N LEU A 996 -5.62 8.36 -8.20
CA LEU A 996 -6.29 9.62 -7.88
C LEU A 996 -7.07 9.51 -6.57
N ILE A 997 -7.79 8.40 -6.39
CA ILE A 997 -8.58 8.20 -5.17
C ILE A 997 -7.68 8.13 -3.96
N THR A 998 -6.54 7.43 -4.07
CA THR A 998 -5.60 7.36 -2.96
C THR A 998 -5.13 8.77 -2.56
N GLY A 999 -4.73 9.56 -3.55
CA GLY A 999 -4.27 10.90 -3.25
C GLY A 999 -5.34 11.77 -2.61
N ARG A 1000 -6.54 11.79 -3.21
CA ARG A 1000 -7.60 12.64 -2.70
C ARG A 1000 -8.06 12.17 -1.33
N LEU A 1001 -8.09 10.86 -1.08
CA LEU A 1001 -8.49 10.35 0.22
C LEU A 1001 -7.47 10.71 1.28
N GLN A 1002 -6.17 10.65 0.95
CA GLN A 1002 -5.16 11.11 1.89
C GLN A 1002 -5.33 12.59 2.20
N SER A 1003 -5.60 13.40 1.18
CA SER A 1003 -5.84 14.82 1.40
C SER A 1003 -7.02 15.05 2.33
N LEU A 1004 -8.13 14.34 2.07
CA LEU A 1004 -9.33 14.50 2.90
C LEU A 1004 -9.08 14.07 4.33
N GLN A 1005 -8.38 12.94 4.52
CA GLN A 1005 -8.10 12.48 5.87
C GLN A 1005 -7.22 13.48 6.63
N THR A 1006 -6.22 14.04 5.95
CA THR A 1006 -5.39 15.07 6.57
C THR A 1006 -6.24 16.27 6.98
N TYR A 1007 -7.13 16.71 6.09
CA TYR A 1007 -7.99 17.84 6.40
C TYR A 1007 -8.89 17.54 7.60
N VAL A 1008 -9.44 16.33 7.65
CA VAL A 1008 -10.33 15.98 8.74
C VAL A 1008 -9.58 15.93 10.07
N THR A 1009 -8.35 15.42 10.05
CA THR A 1009 -7.55 15.41 11.27
C THR A 1009 -7.24 16.84 11.74
N GLN A 1010 -6.90 17.72 10.79
CA GLN A 1010 -6.66 19.11 11.15
C GLN A 1010 -7.90 19.75 11.74
N GLN A 1011 -9.07 19.49 11.14
CA GLN A 1011 -10.31 20.04 11.65
C GLN A 1011 -10.61 19.52 13.05
N LEU A 1012 -10.35 18.23 13.30
CA LEU A 1012 -10.57 17.66 14.63
C LEU A 1012 -9.68 18.35 15.66
N ILE A 1013 -8.40 18.53 15.33
CA ILE A 1013 -7.48 19.17 16.26
C ILE A 1013 -7.90 20.61 16.54
N ARG A 1014 -8.23 21.36 15.49
CA ARG A 1014 -8.61 22.74 15.66
C ARG A 1014 -9.93 22.87 16.42
N ALA A 1015 -10.85 21.91 16.22
CA ALA A 1015 -12.09 21.93 16.98
C ALA A 1015 -11.85 21.61 18.46
N ALA A 1016 -10.90 20.72 18.76
CA ALA A 1016 -10.54 20.50 20.15
C ALA A 1016 -9.99 21.78 20.78
N GLU A 1017 -9.11 22.48 20.06
CA GLU A 1017 -8.60 23.77 20.56
C GLU A 1017 -9.74 24.75 20.79
N ILE A 1018 -10.62 24.91 19.80
CA ILE A 1018 -11.72 25.87 19.90
C ILE A 1018 -12.69 25.47 21.00
N ARG A 1019 -12.85 24.17 21.27
CA ARG A 1019 -13.73 23.76 22.35
C ARG A 1019 -13.10 24.03 23.71
N ALA A 1020 -11.78 23.90 23.82
CA ALA A 1020 -11.11 24.34 25.03
C ALA A 1020 -11.32 25.83 25.26
N SER A 1021 -11.17 26.62 24.18
CA SER A 1021 -11.40 28.06 24.30
C SER A 1021 -12.85 28.37 24.66
N ALA A 1022 -13.80 27.61 24.10
CA ALA A 1022 -15.21 27.83 24.38
C ALA A 1022 -15.53 27.48 25.83
N ASN A 1023 -14.92 26.43 26.36
CA ASN A 1023 -15.13 26.09 27.76
C ASN A 1023 -14.52 27.16 28.67
N LEU A 1024 -13.36 27.69 28.29
CA LEU A 1024 -12.80 28.82 29.04
C LEU A 1024 -13.73 30.03 29.01
N ALA A 1025 -14.32 30.31 27.84
CA ALA A 1025 -15.24 31.44 27.73
C ALA A 1025 -16.50 31.22 28.56
N ALA A 1026 -17.02 29.97 28.57
CA ALA A 1026 -18.16 29.66 29.42
C ALA A 1026 -17.83 29.85 30.89
N THR A 1027 -16.64 29.38 31.30
CA THR A 1027 -16.20 29.59 32.67
C THR A 1027 -16.15 31.09 33.00
N LYS A 1028 -15.60 31.88 32.08
CA LYS A 1028 -15.50 33.32 32.30
C LYS A 1028 -16.89 33.95 32.43
N MET A 1029 -17.81 33.56 31.55
CA MET A 1029 -19.15 34.14 31.60
C MET A 1029 -19.86 33.75 32.89
N SER A 1030 -19.63 32.52 33.37
CA SER A 1030 -20.30 32.05 34.58
C SER A 1030 -19.74 32.73 35.82
N GLU A 1031 -18.42 32.81 35.93
CA GLU A 1031 -17.76 33.23 37.17
C GLU A 1031 -17.30 34.68 37.13
N CYS A 1032 -17.53 35.36 36.03
CA CYS A 1032 -17.11 36.74 35.82
C CYS A 1032 -18.29 37.67 35.64
N VAL A 1033 -19.22 37.32 34.75
CA VAL A 1033 -20.40 38.14 34.53
C VAL A 1033 -21.44 37.86 35.61
N LEU A 1034 -21.86 36.59 35.72
CA LEU A 1034 -22.91 36.20 36.64
C LEU A 1034 -22.51 36.35 38.10
N GLY A 1035 -21.22 36.53 38.39
CA GLY A 1035 -20.78 36.71 39.76
C GLY A 1035 -19.59 37.64 39.85
N GLN A 1036 -18.89 37.63 40.99
CA GLN A 1036 -17.65 38.37 41.15
C GLN A 1036 -16.52 37.40 41.39
N SER A 1037 -15.52 37.41 40.52
CA SER A 1037 -14.39 36.50 40.65
C SER A 1037 -13.31 37.10 41.55
N LYS A 1038 -12.87 36.31 42.53
CA LYS A 1038 -11.73 36.68 43.37
C LYS A 1038 -10.42 36.13 42.82
N ARG A 1039 -10.49 35.36 41.74
CA ARG A 1039 -9.30 34.85 41.09
C ARG A 1039 -8.53 35.97 40.41
N VAL A 1040 -7.24 36.08 40.72
CA VAL A 1040 -6.43 37.18 40.22
C VAL A 1040 -6.16 37.01 38.74
N ASP A 1041 -6.28 38.10 37.99
CA ASP A 1041 -5.98 38.18 36.56
C ASP A 1041 -6.82 37.23 35.71
N PHE A 1042 -7.89 36.67 36.28
CA PHE A 1042 -8.82 35.87 35.49
C PHE A 1042 -9.90 36.71 34.83
N CYS A 1043 -10.12 37.92 35.32
CA CYS A 1043 -11.15 38.82 34.80
C CYS A 1043 -10.60 40.24 34.67
N GLY A 1044 -9.45 40.37 34.03
CA GLY A 1044 -8.89 41.68 33.78
C GLY A 1044 -7.88 42.08 34.83
N LYS A 1045 -6.88 42.85 34.39
CA LYS A 1045 -5.86 43.34 35.32
C LYS A 1045 -6.49 44.20 36.40
N GLY A 1046 -6.07 43.97 37.64
CA GLY A 1046 -6.68 44.62 38.78
C GLY A 1046 -7.76 43.79 39.42
N TYR A 1047 -8.42 44.40 40.40
CA TYR A 1047 -9.48 43.73 41.12
C TYR A 1047 -10.76 43.79 40.29
N HIS A 1048 -11.51 42.70 40.29
CA HIS A 1048 -12.65 42.58 39.40
C HIS A 1048 -13.89 43.15 40.07
N LEU A 1049 -14.53 44.11 39.40
CA LEU A 1049 -15.80 44.67 39.84
C LEU A 1049 -16.98 44.02 39.13
N MET A 1050 -16.92 43.90 37.81
CA MET A 1050 -17.98 43.21 37.06
C MET A 1050 -17.51 43.01 35.62
N SER A 1051 -18.38 42.41 34.82
CA SER A 1051 -18.10 42.18 33.42
C SER A 1051 -19.40 42.28 32.64
N PHE A 1052 -19.27 42.56 31.35
CA PHE A 1052 -20.42 42.62 30.45
C PHE A 1052 -20.09 41.84 29.19
N PRO A 1053 -20.92 40.88 28.79
CA PRO A 1053 -20.68 40.19 27.54
C PRO A 1053 -21.15 40.99 26.33
N GLN A 1054 -20.58 40.65 25.18
CA GLN A 1054 -20.98 41.20 23.90
C GLN A 1054 -20.77 40.13 22.85
N SER A 1055 -21.74 39.98 21.95
CA SER A 1055 -21.60 39.03 20.87
C SER A 1055 -20.56 39.50 19.86
N ALA A 1056 -20.08 38.55 19.05
CA ALA A 1056 -19.22 38.87 17.91
C ALA A 1056 -19.24 37.69 16.96
N PRO A 1057 -18.93 37.91 15.68
CA PRO A 1057 -18.99 36.80 14.72
C PRO A 1057 -18.16 35.62 15.16
N HIS A 1058 -18.82 34.51 15.52
CA HIS A 1058 -18.16 33.29 15.97
C HIS A 1058 -17.30 33.54 17.21
N GLY A 1059 -17.79 34.36 18.13
CA GLY A 1059 -17.02 34.60 19.34
C GLY A 1059 -17.74 35.53 20.30
N VAL A 1060 -17.12 35.72 21.46
CA VAL A 1060 -17.64 36.58 22.50
C VAL A 1060 -16.56 37.58 22.90
N VAL A 1061 -17.00 38.72 23.43
CA VAL A 1061 -16.10 39.79 23.84
C VAL A 1061 -16.57 40.29 25.19
N PHE A 1062 -15.72 40.16 26.20
CA PHE A 1062 -16.03 40.61 27.55
C PHE A 1062 -15.46 42.00 27.76
N LEU A 1063 -16.28 42.88 28.34
CA LEU A 1063 -15.82 44.15 28.87
C LEU A 1063 -15.70 43.99 30.38
N HIS A 1064 -14.46 43.95 30.87
CA HIS A 1064 -14.20 43.79 32.30
C HIS A 1064 -14.11 45.17 32.93
N VAL A 1065 -15.05 45.48 33.81
CA VAL A 1065 -14.99 46.69 34.64
C VAL A 1065 -14.23 46.31 35.91
N THR A 1066 -13.06 46.94 36.10
CA THR A 1066 -12.15 46.58 37.17
C THR A 1066 -11.70 47.85 37.89
N TYR A 1067 -11.29 47.66 39.15
CA TYR A 1067 -10.92 48.75 40.03
C TYR A 1067 -9.41 48.68 40.22
N VAL A 1068 -8.71 49.75 39.86
CA VAL A 1068 -7.26 49.78 39.88
C VAL A 1068 -6.80 50.94 40.73
N PRO A 1069 -6.00 50.73 41.76
CA PRO A 1069 -5.44 51.86 42.51
C PRO A 1069 -4.54 52.70 41.61
N ALA A 1070 -4.58 54.02 41.81
CA ALA A 1070 -3.87 54.94 40.92
C ALA A 1070 -2.76 55.68 41.66
N GLN A 1071 -3.06 56.38 42.74
CA GLN A 1071 -2.11 57.25 43.40
C GLN A 1071 -1.84 56.70 44.79
N GLU A 1072 -0.56 56.54 45.12
CA GLU A 1072 -0.17 55.90 46.37
C GLU A 1072 0.72 56.83 47.20
N LYS A 1073 0.71 56.60 48.51
CA LYS A 1073 1.55 57.34 49.44
C LYS A 1073 2.27 56.39 50.38
N ASN A 1074 3.49 56.75 50.73
CA ASN A 1074 4.27 56.02 51.73
C ASN A 1074 3.85 56.44 53.13
N PHE A 1075 3.52 55.46 53.97
CA PHE A 1075 3.19 55.71 55.37
C PHE A 1075 4.04 54.79 56.22
N THR A 1076 4.26 55.19 57.46
CA THR A 1076 5.01 54.35 58.41
C THR A 1076 4.04 53.43 59.11
N THR A 1077 4.30 52.13 59.05
CA THR A 1077 3.37 51.12 59.51
C THR A 1077 3.94 50.38 60.71
N ALA A 1078 3.10 49.54 61.32
CA ALA A 1078 3.50 48.78 62.49
C ALA A 1078 2.52 47.65 62.73
N PRO A 1079 2.99 46.45 63.09
CA PRO A 1079 2.06 45.33 63.24
C PRO A 1079 1.05 45.53 64.36
N ALA A 1080 1.46 46.19 65.44
CA ALA A 1080 0.58 46.40 66.58
C ALA A 1080 1.09 47.59 67.39
N ILE A 1081 0.22 48.12 68.23
CA ILE A 1081 0.54 49.24 69.11
C ILE A 1081 0.23 48.86 70.56
N CYS A 1082 1.16 49.15 71.47
CA CYS A 1082 0.99 48.84 72.89
C CYS A 1082 0.53 50.08 73.64
N HIS A 1083 -0.59 49.94 74.34
CA HIS A 1083 -1.23 51.04 75.06
C HIS A 1083 -0.97 50.93 76.56
N ASP A 1084 -1.29 49.79 77.16
CA ASP A 1084 -1.15 49.55 78.59
C ASP A 1084 -0.36 48.28 78.85
N GLY A 1085 0.64 48.00 78.02
CA GLY A 1085 1.35 46.74 78.07
C GLY A 1085 0.75 45.64 77.23
N LYS A 1086 -0.54 45.75 76.88
CA LYS A 1086 -1.16 44.81 75.96
C LYS A 1086 -0.88 45.19 74.51
N ALA A 1087 -1.01 44.22 73.62
CA ALA A 1087 -0.80 44.41 72.19
C ALA A 1087 -2.13 44.48 71.47
N HIS A 1088 -2.30 45.50 70.64
CA HIS A 1088 -3.52 45.74 69.90
C HIS A 1088 -3.27 45.56 68.41
N PHE A 1089 -3.99 44.65 67.78
CA PHE A 1089 -3.89 44.40 66.35
C PHE A 1089 -5.13 44.92 65.63
N PRO A 1090 -5.04 45.31 64.36
CA PRO A 1090 -6.22 45.85 63.67
C PRO A 1090 -7.23 44.76 63.34
N ARG A 1091 -8.49 45.02 63.66
CA ARG A 1091 -9.54 44.05 63.37
C ARG A 1091 -9.65 43.77 61.88
N GLU A 1092 -9.64 44.82 61.07
CA GLU A 1092 -9.65 44.68 59.62
C GLU A 1092 -9.10 45.98 59.04
N GLY A 1093 -7.92 45.91 58.44
CA GLY A 1093 -7.23 47.11 58.00
C GLY A 1093 -5.77 47.08 58.38
N VAL A 1094 -5.17 48.26 58.54
CA VAL A 1094 -3.74 48.35 58.81
C VAL A 1094 -3.47 49.68 59.50
N PHE A 1095 -2.49 49.67 60.40
CA PHE A 1095 -2.05 50.90 61.05
C PHE A 1095 -1.12 51.67 60.12
N VAL A 1096 -1.32 52.98 60.04
CA VAL A 1096 -0.42 53.85 59.30
C VAL A 1096 -0.13 55.08 60.13
N SER A 1097 0.94 55.78 59.74
CA SER A 1097 1.32 57.04 60.35
C SER A 1097 1.89 57.93 59.28
N ASN A 1098 1.39 59.17 59.22
CA ASN A 1098 1.91 60.21 58.35
C ASN A 1098 3.13 60.90 58.93
N GLY A 1099 3.66 60.40 60.05
CA GLY A 1099 4.83 60.94 60.70
C GLY A 1099 4.60 61.30 62.16
N THR A 1100 3.41 61.77 62.48
CA THR A 1100 3.09 62.22 63.84
C THR A 1100 1.99 61.41 64.49
N HIS A 1101 0.84 61.26 63.83
CA HIS A 1101 -0.31 60.57 64.42
C HIS A 1101 -0.56 59.23 63.73
N TRP A 1102 -1.08 58.29 64.51
CA TRP A 1102 -1.32 56.93 64.07
C TRP A 1102 -2.81 56.74 63.79
N PHE A 1103 -3.14 56.37 62.56
CA PHE A 1103 -4.50 56.03 62.15
C PHE A 1103 -4.56 54.56 61.76
N VAL A 1104 -5.78 54.06 61.61
CA VAL A 1104 -6.02 52.74 61.05
C VAL A 1104 -6.90 52.90 59.83
N THR A 1105 -6.44 52.37 58.70
CA THR A 1105 -7.16 52.51 57.42
C THR A 1105 -7.49 51.15 56.85
N GLN A 1106 -8.33 51.17 55.81
CA GLN A 1106 -8.54 50.00 54.98
C GLN A 1106 -7.35 49.82 54.04
N ARG A 1107 -7.10 48.58 53.64
CA ARG A 1107 -5.82 48.27 52.98
C ARG A 1107 -5.73 48.91 51.60
N ASN A 1108 -6.84 49.02 50.88
CA ASN A 1108 -6.83 49.40 49.48
C ASN A 1108 -7.27 50.85 49.23
N PHE A 1109 -7.44 51.64 50.29
CA PHE A 1109 -7.86 53.03 50.13
C PHE A 1109 -7.58 53.79 51.41
N TYR A 1110 -6.80 54.87 51.31
CA TYR A 1110 -6.38 55.63 52.48
C TYR A 1110 -7.57 56.42 53.02
N GLU A 1111 -8.18 55.89 54.07
CA GLU A 1111 -9.34 56.51 54.73
C GLU A 1111 -9.05 56.47 56.22
N PRO A 1112 -8.21 57.38 56.71
CA PRO A 1112 -7.71 57.27 58.08
C PRO A 1112 -8.82 57.44 59.11
N GLN A 1113 -8.65 56.77 60.25
CA GLN A 1113 -9.57 56.88 61.37
C GLN A 1113 -8.79 56.77 62.66
N ILE A 1114 -9.23 57.52 63.67
CA ILE A 1114 -8.60 57.46 64.98
C ILE A 1114 -8.63 56.01 65.47
N ILE A 1115 -7.61 55.62 66.22
CA ILE A 1115 -7.49 54.25 66.72
C ILE A 1115 -8.29 54.15 68.01
N THR A 1116 -9.25 53.22 68.04
CA THR A 1116 -10.08 52.97 69.20
C THR A 1116 -10.18 51.46 69.44
N THR A 1117 -10.78 51.10 70.57
CA THR A 1117 -10.96 49.70 70.94
C THR A 1117 -11.94 48.97 70.04
N ASP A 1118 -12.57 49.64 69.08
CA ASP A 1118 -13.43 48.98 68.12
C ASP A 1118 -12.71 48.65 66.81
N ASN A 1119 -11.66 49.40 66.48
CA ASN A 1119 -10.82 49.07 65.33
C ASN A 1119 -9.78 48.01 65.66
N THR A 1120 -9.39 47.89 66.92
CA THR A 1120 -8.31 47.00 67.34
C THR A 1120 -8.82 45.97 68.35
N PHE A 1121 -8.20 44.80 68.33
CA PHE A 1121 -8.45 43.75 69.30
C PHE A 1121 -7.16 43.37 70.00
N VAL A 1122 -7.29 42.92 71.25
CA VAL A 1122 -6.14 42.69 72.11
C VAL A 1122 -5.71 41.23 72.01
N SER A 1123 -4.41 40.99 71.95
CA SER A 1123 -3.90 39.62 71.94
C SER A 1123 -2.45 39.64 72.40
N GLY A 1124 -2.20 39.14 73.61
CA GLY A 1124 -0.84 38.98 74.09
C GLY A 1124 -0.29 40.22 74.74
N ASN A 1125 1.02 40.45 74.57
CA ASN A 1125 1.69 41.61 75.13
C ASN A 1125 2.80 42.03 74.16
N CYS A 1126 3.68 42.91 74.62
CA CYS A 1126 4.68 43.56 73.78
C CYS A 1126 5.99 42.79 73.69
N ASP A 1127 6.15 41.71 74.45
CA ASP A 1127 7.44 41.02 74.51
C ASP A 1127 7.58 39.94 73.45
N VAL A 1128 6.52 39.65 72.68
CA VAL A 1128 6.53 38.57 71.71
C VAL A 1128 6.54 39.11 70.29
N VAL A 1129 5.73 40.14 70.00
CA VAL A 1129 5.64 40.68 68.66
C VAL A 1129 6.96 41.34 68.28
N ILE A 1130 7.32 41.26 67.00
CA ILE A 1130 8.55 41.85 66.49
C ILE A 1130 8.17 43.09 65.69
N GLY A 1131 8.64 44.24 66.13
CA GLY A 1131 8.34 45.51 65.49
C GLY A 1131 7.20 46.28 66.11
N ILE A 1132 6.76 45.91 67.31
CA ILE A 1132 5.62 46.57 67.93
C ILE A 1132 6.02 47.97 68.39
N VAL A 1133 5.06 48.90 68.34
CA VAL A 1133 5.33 50.28 68.71
C VAL A 1133 4.39 50.73 69.82
N ASN A 1134 4.58 51.94 70.31
CA ASN A 1134 3.79 52.52 71.40
C ASN A 1134 2.89 53.62 70.86
N ASN A 1135 1.67 53.69 71.39
CA ASN A 1135 0.73 54.77 71.07
C ASN A 1135 -0.41 54.68 72.09
N THR A 1136 -1.43 55.52 71.88
CA THR A 1136 -2.60 55.56 72.75
C THR A 1136 -3.82 55.04 71.97
N VAL A 1137 -4.56 54.12 72.60
CA VAL A 1137 -5.81 53.60 72.07
C VAL A 1137 -6.95 54.28 72.80
N TYR A 1138 -7.74 55.06 72.08
CA TYR A 1138 -8.80 55.85 72.70
C TYR A 1138 -10.04 55.01 72.93
N ASP A 1139 -10.62 55.14 74.12
CA ASP A 1139 -11.78 54.35 74.50
C ASP A 1139 -13.03 55.16 74.31
N PRO A 1140 -13.99 54.70 73.51
CA PRO A 1140 -15.26 55.45 73.36
C PRO A 1140 -16.06 55.54 74.64
N LEU A 1141 -15.78 54.67 75.62
CA LEU A 1141 -16.60 54.56 76.82
C LEU A 1141 -16.22 55.55 77.90
N GLN A 1142 -14.93 55.88 78.02
CA GLN A 1142 -14.47 56.76 79.10
C GLN A 1142 -15.13 58.13 79.10
N PRO A 1143 -15.24 58.85 77.96
CA PRO A 1143 -15.92 60.15 78.01
C PRO A 1143 -17.36 60.07 78.50
N GLU A 1144 -18.07 58.99 78.15
CA GLU A 1144 -19.46 58.85 78.59
C GLU A 1144 -19.54 58.79 80.11
N LEU A 1145 -18.67 58.00 80.74
CA LEU A 1145 -18.64 57.95 82.20
C LEU A 1145 -18.19 59.29 82.78
N ASP A 1146 -17.23 59.95 82.13
CA ASP A 1146 -16.74 61.23 82.63
C ASP A 1146 -17.85 62.27 82.65
N SER A 1147 -18.67 62.33 81.60
CA SER A 1147 -19.77 63.27 81.53
C SER A 1147 -21.03 62.68 82.14
N ALA B 27 32.49 -34.00 27.10
CA ALA B 27 32.87 -32.82 27.87
C ALA B 27 32.32 -31.55 27.23
N TYR B 28 31.69 -30.71 28.05
CA TYR B 28 31.09 -29.47 27.59
C TYR B 28 31.59 -28.31 28.43
N THR B 29 31.61 -27.12 27.83
CA THR B 29 32.11 -25.93 28.50
C THR B 29 31.18 -24.77 28.17
N ASN B 30 31.19 -23.75 29.04
CA ASN B 30 30.35 -22.58 28.87
C ASN B 30 30.88 -21.70 27.73
N SER B 31 29.97 -20.96 27.11
CA SER B 31 30.28 -20.08 25.99
C SER B 31 29.86 -18.64 26.27
N PHE B 32 30.29 -18.10 27.41
CA PHE B 32 29.70 -16.92 28.04
C PHE B 32 29.29 -15.82 27.07
N THR B 33 30.27 -15.21 26.38
CA THR B 33 29.97 -14.13 25.45
C THR B 33 30.82 -14.19 24.19
N ARG B 34 31.53 -15.28 23.95
CA ARG B 34 32.41 -15.34 22.79
C ARG B 34 31.61 -15.69 21.53
N GLY B 35 32.26 -15.53 20.37
CA GLY B 35 31.61 -15.82 19.12
C GLY B 35 30.96 -14.64 18.44
N VAL B 36 31.36 -13.41 18.76
CA VAL B 36 30.81 -12.21 18.15
C VAL B 36 31.77 -11.71 17.09
N TYR B 37 31.26 -11.41 15.90
CA TYR B 37 32.05 -10.92 14.79
C TYR B 37 31.30 -9.79 14.11
N TYR B 38 31.99 -9.08 13.23
CA TYR B 38 31.36 -8.01 12.46
C TYR B 38 30.51 -8.64 11.36
N PRO B 39 29.18 -8.43 11.36
CA PRO B 39 28.33 -9.14 10.39
C PRO B 39 28.64 -8.76 8.96
N ASP B 40 29.15 -7.56 8.73
CA ASP B 40 29.50 -7.07 7.39
C ASP B 40 30.83 -6.34 7.49
N LYS B 41 31.18 -5.64 6.42
CA LYS B 41 32.44 -4.89 6.34
C LYS B 41 32.16 -3.40 6.19
N VAL B 42 31.13 -2.92 6.87
CA VAL B 42 30.77 -1.50 6.88
C VAL B 42 31.07 -0.95 8.27
N PHE B 43 31.67 0.23 8.32
CA PHE B 43 32.15 0.84 9.55
C PHE B 43 31.04 1.60 10.24
N ARG B 44 30.74 1.23 11.48
CA ARG B 44 29.81 1.95 12.33
C ARG B 44 30.51 2.28 13.65
N SER B 45 30.16 3.42 14.22
CA SER B 45 30.80 3.86 15.46
C SER B 45 29.77 4.50 16.38
N SER B 46 29.93 4.25 17.67
CA SER B 46 29.08 4.83 18.73
C SER B 46 27.61 4.67 18.39
N VAL B 47 27.18 3.41 18.29
CA VAL B 47 25.80 3.12 17.90
C VAL B 47 25.43 1.74 18.39
N LEU B 48 24.16 1.58 18.76
CA LEU B 48 23.58 0.27 19.06
C LEU B 48 22.79 -0.17 17.83
N HIS B 49 23.23 -1.24 17.18
CA HIS B 49 22.64 -1.66 15.92
C HIS B 49 22.12 -3.09 16.03
N SER B 50 20.98 -3.34 15.39
CA SER B 50 20.31 -4.64 15.43
C SER B 50 20.46 -5.35 14.10
N THR B 51 20.82 -6.63 14.15
CA THR B 51 20.96 -7.41 12.92
C THR B 51 20.87 -8.89 13.29
N GLN B 52 20.28 -9.67 12.39
CA GLN B 52 20.13 -11.10 12.61
C GLN B 52 20.95 -11.86 11.58
N ASP B 53 21.71 -12.84 12.07
CA ASP B 53 22.55 -13.70 11.24
C ASP B 53 22.95 -14.91 12.07
N LEU B 54 23.90 -15.70 11.54
CA LEU B 54 24.40 -16.87 12.22
C LEU B 54 25.44 -16.44 13.26
N PHE B 55 25.07 -16.53 14.54
CA PHE B 55 25.97 -16.21 15.64
C PHE B 55 26.03 -17.37 16.61
N LEU B 56 27.05 -17.35 17.47
CA LEU B 56 27.16 -18.33 18.54
C LEU B 56 26.28 -17.91 19.71
N PRO B 57 25.25 -18.69 20.07
CA PRO B 57 24.40 -18.31 21.20
C PRO B 57 25.19 -18.24 22.50
N PHE B 58 24.91 -17.19 23.28
CA PHE B 58 25.63 -16.97 24.52
C PHE B 58 25.36 -18.09 25.52
N PHE B 59 26.39 -18.43 26.29
CA PHE B 59 26.30 -19.45 27.35
C PHE B 59 25.85 -20.80 26.79
N SER B 60 26.30 -21.11 25.58
CA SER B 60 26.01 -22.40 24.98
C SER B 60 27.02 -23.45 25.44
N ASN B 61 26.67 -24.71 25.24
CA ASN B 61 27.60 -25.81 25.43
C ASN B 61 28.56 -25.85 24.24
N VAL B 62 29.86 -25.89 24.52
CA VAL B 62 30.88 -26.13 23.51
C VAL B 62 31.62 -27.41 23.88
N THR B 63 31.68 -28.35 22.94
CA THR B 63 32.32 -29.64 23.20
C THR B 63 33.81 -29.44 23.45
N TRP B 64 34.34 -30.15 24.43
CA TRP B 64 35.76 -30.11 24.77
C TRP B 64 36.42 -31.41 24.32
N PHE B 65 37.36 -31.31 23.40
CA PHE B 65 38.07 -32.46 22.84
C PHE B 65 39.48 -32.55 23.43
N HIS B 66 40.19 -33.60 23.04
CA HIS B 66 41.56 -33.81 23.52
C HIS B 66 42.40 -34.49 22.44
N ASN B 81 40.73 -36.58 17.26
CA ASN B 81 40.21 -35.64 16.29
C ASN B 81 39.17 -36.26 15.38
N PRO B 82 38.01 -36.61 15.94
CA PRO B 82 36.96 -37.25 15.12
C PRO B 82 36.31 -36.26 14.17
N VAL B 83 35.59 -36.81 13.19
CA VAL B 83 34.86 -36.00 12.24
C VAL B 83 33.61 -35.41 12.88
N LEU B 84 33.30 -34.16 12.54
CA LEU B 84 32.21 -33.43 13.13
C LEU B 84 31.34 -32.83 12.03
N PRO B 85 30.06 -32.58 12.29
CA PRO B 85 29.21 -31.93 11.29
C PRO B 85 29.57 -30.47 11.09
N PHE B 86 28.93 -29.87 10.10
CA PHE B 86 29.08 -28.45 9.78
C PHE B 86 27.71 -27.83 9.54
N ASN B 87 26.79 -28.06 10.48
CA ASN B 87 25.37 -27.77 10.31
C ASN B 87 25.09 -26.48 9.55
N ASP B 88 25.49 -25.35 10.11
CA ASP B 88 25.36 -24.08 9.41
C ASP B 88 26.65 -23.26 9.50
N GLY B 89 27.39 -23.44 10.58
CA GLY B 89 28.62 -22.70 10.81
C GLY B 89 29.28 -23.10 12.11
N VAL B 90 30.61 -23.03 12.17
CA VAL B 90 31.38 -23.60 13.27
C VAL B 90 32.20 -22.49 13.91
N TYR B 91 32.07 -22.36 15.24
CA TYR B 91 32.96 -21.56 16.05
C TYR B 91 34.02 -22.49 16.64
N PHE B 92 35.26 -22.34 16.19
CA PHE B 92 36.37 -23.20 16.56
C PHE B 92 37.33 -22.40 17.44
N ALA B 93 37.40 -22.74 18.72
CA ALA B 93 38.29 -22.07 19.65
C ALA B 93 39.46 -23.00 19.99
N SER B 94 40.62 -22.41 20.28
CA SER B 94 41.78 -23.22 20.62
C SER B 94 42.69 -22.47 21.58
N THR B 95 42.99 -23.11 22.71
CA THR B 95 44.00 -22.63 23.64
C THR B 95 45.22 -23.54 23.52
N GLU B 96 46.37 -22.94 23.21
CA GLU B 96 47.56 -23.75 22.94
C GLU B 96 48.82 -22.93 23.21
N LYS B 97 49.92 -23.65 23.39
CA LYS B 97 51.24 -23.06 23.51
C LYS B 97 52.28 -23.69 22.61
N SER B 98 51.99 -24.84 22.01
CA SER B 98 52.92 -25.52 21.11
C SER B 98 52.43 -25.61 19.67
N ASN B 99 51.27 -25.02 19.36
CA ASN B 99 50.74 -25.00 18.00
C ASN B 99 50.58 -26.40 17.42
N ILE B 100 49.98 -27.29 18.21
CA ILE B 100 49.74 -28.66 17.76
C ILE B 100 48.79 -28.68 16.57
N ILE B 101 47.71 -27.88 16.64
CA ILE B 101 46.76 -27.83 15.55
C ILE B 101 47.41 -27.23 14.32
N ARG B 102 47.17 -27.84 13.16
CA ARG B 102 47.79 -27.36 11.94
C ARG B 102 46.81 -27.08 10.82
N GLY B 103 45.74 -27.87 10.68
CA GLY B 103 44.87 -27.69 9.54
C GLY B 103 43.44 -28.11 9.80
N TRP B 104 42.61 -27.91 8.78
CA TRP B 104 41.21 -28.30 8.81
C TRP B 104 40.82 -28.89 7.46
N ILE B 105 39.85 -29.81 7.48
CA ILE B 105 39.29 -30.41 6.28
C ILE B 105 37.78 -30.33 6.36
N PHE B 106 37.16 -29.83 5.31
CA PHE B 106 35.72 -29.67 5.21
C PHE B 106 35.19 -30.41 3.98
N GLY B 107 33.95 -30.89 4.06
CA GLY B 107 33.35 -31.56 2.92
C GLY B 107 32.12 -32.34 3.34
N THR B 108 31.69 -33.23 2.44
CA THR B 108 30.56 -34.11 2.70
C THR B 108 30.99 -35.54 2.97
N THR B 109 31.81 -36.12 2.09
CA THR B 109 32.34 -37.46 2.27
C THR B 109 33.76 -37.49 2.80
N LEU B 110 34.50 -36.39 2.64
CA LEU B 110 35.89 -36.28 3.08
C LEU B 110 36.77 -37.36 2.44
N ASP B 111 36.44 -37.73 1.21
CA ASP B 111 37.22 -38.69 0.43
C ASP B 111 37.05 -38.35 -1.04
N SER B 112 37.77 -39.08 -1.89
CA SER B 112 37.78 -38.83 -3.32
C SER B 112 36.40 -39.02 -3.95
N LYS B 113 36.29 -38.74 -5.24
CA LYS B 113 35.07 -38.76 -6.07
C LYS B 113 34.24 -37.49 -5.86
N THR B 114 34.65 -36.58 -4.98
CA THR B 114 33.97 -35.31 -4.76
C THR B 114 35.00 -34.29 -4.29
N GLN B 115 34.58 -33.03 -4.26
CA GLN B 115 35.44 -31.94 -3.83
C GLN B 115 35.39 -31.79 -2.31
N SER B 116 36.48 -31.26 -1.75
CA SER B 116 36.58 -31.06 -0.32
C SER B 116 37.61 -29.97 -0.04
N LEU B 117 37.27 -29.08 0.89
CA LEU B 117 38.18 -28.01 1.28
C LEU B 117 39.25 -28.52 2.22
N LEU B 118 40.49 -28.08 2.02
CA LEU B 118 41.60 -28.40 2.89
C LEU B 118 42.43 -27.15 3.13
N ILE B 119 42.61 -26.78 4.39
CA ILE B 119 43.46 -25.67 4.79
C ILE B 119 44.56 -26.24 5.69
N VAL B 120 45.80 -25.87 5.40
CA VAL B 120 46.95 -26.44 6.13
C VAL B 120 47.99 -25.35 6.37
N ASN B 121 48.32 -25.12 7.63
CA ASN B 121 49.47 -24.30 7.99
C ASN B 121 50.76 -25.10 7.84
N ASN B 122 51.75 -24.52 7.15
CA ASN B 122 53.05 -25.15 6.96
C ASN B 122 54.11 -24.08 7.21
N ALA B 123 54.47 -23.91 8.47
CA ALA B 123 55.79 -23.48 8.94
C ALA B 123 56.18 -22.09 8.48
N THR B 124 55.52 -21.61 7.42
CA THR B 124 55.61 -20.22 6.99
C THR B 124 54.31 -19.67 6.43
N ASN B 125 53.36 -20.51 6.03
CA ASN B 125 52.20 -19.98 5.30
C ASN B 125 51.07 -20.99 5.30
N VAL B 126 49.88 -20.51 4.94
CA VAL B 126 48.69 -21.34 4.89
C VAL B 126 48.41 -21.69 3.43
N VAL B 127 48.14 -22.97 3.16
CA VAL B 127 47.80 -23.46 1.83
C VAL B 127 46.34 -23.90 1.87
N ILE B 128 45.56 -23.42 0.90
CA ILE B 128 44.14 -23.74 0.81
C ILE B 128 43.88 -24.35 -0.56
N LYS B 129 43.23 -25.52 -0.56
CA LYS B 129 42.97 -26.26 -1.78
C LYS B 129 41.58 -26.91 -1.69
N VAL B 130 41.02 -27.22 -2.85
CA VAL B 130 39.69 -27.83 -2.90
C VAL B 130 39.69 -29.03 -3.83
N CYS B 131 40.85 -29.64 -4.02
CA CYS B 131 40.96 -30.79 -4.92
C CYS B 131 40.17 -31.98 -4.37
N GLU B 132 39.94 -32.96 -5.25
CA GLU B 132 39.35 -34.24 -4.86
C GLU B 132 40.44 -35.12 -4.25
N PHE B 133 40.76 -34.84 -2.99
CA PHE B 133 41.90 -35.47 -2.34
C PHE B 133 41.59 -36.90 -1.95
N GLN B 134 42.64 -37.73 -1.89
CA GLN B 134 42.56 -39.09 -1.37
C GLN B 134 43.11 -39.04 0.06
N PHE B 135 42.21 -38.78 1.01
CA PHE B 135 42.61 -38.62 2.39
C PHE B 135 42.92 -39.98 3.03
N CYS B 136 43.72 -39.93 4.09
CA CYS B 136 44.00 -41.11 4.90
C CYS B 136 42.84 -41.37 5.86
N ASN B 137 42.85 -42.57 6.45
CA ASN B 137 41.81 -42.92 7.43
C ASN B 137 41.86 -41.99 8.63
N ASP B 138 43.05 -41.70 9.13
CA ASP B 138 43.26 -40.81 10.28
C ASP B 138 44.32 -39.78 9.94
N PRO B 139 44.00 -38.82 9.07
CA PRO B 139 45.01 -37.86 8.62
C PRO B 139 45.48 -36.96 9.75
N PHE B 140 46.74 -36.54 9.65
CA PHE B 140 47.34 -35.64 10.61
C PHE B 140 48.70 -35.15 10.12
N ASN B 164 42.84 -34.45 -7.31
CA ASN B 164 42.86 -33.75 -8.59
C ASN B 164 41.58 -32.98 -8.82
N ASN B 165 41.40 -32.48 -10.05
CA ASN B 165 40.23 -31.71 -10.43
C ASN B 165 40.04 -30.49 -9.53
N CYS B 166 41.15 -29.86 -9.16
CA CYS B 166 41.09 -28.69 -8.29
C CYS B 166 40.41 -27.53 -9.00
N THR B 167 39.59 -26.79 -8.25
CA THR B 167 38.96 -25.58 -8.75
C THR B 167 39.52 -24.31 -8.15
N PHE B 168 40.28 -24.40 -7.05
CA PHE B 168 40.86 -23.24 -6.40
C PHE B 168 42.09 -23.69 -5.61
N GLU B 169 43.09 -22.81 -5.55
CA GLU B 169 44.30 -23.09 -4.78
C GLU B 169 44.97 -21.77 -4.44
N TYR B 170 45.24 -21.57 -3.15
CA TYR B 170 45.85 -20.33 -2.67
C TYR B 170 46.98 -20.64 -1.70
N VAL B 171 48.03 -19.82 -1.76
CA VAL B 171 49.17 -19.89 -0.86
C VAL B 171 49.43 -18.50 -0.32
N SER B 172 49.60 -18.39 0.99
CA SER B 172 49.87 -17.10 1.61
C SER B 172 51.37 -16.82 1.66
N ASN B 188 48.07 -19.15 24.42
CA ASN B 188 47.56 -18.37 23.32
C ASN B 188 46.18 -18.87 22.88
N LEU B 189 45.27 -17.94 22.64
CA LEU B 189 43.90 -18.24 22.24
C LEU B 189 43.71 -17.86 20.78
N ARG B 190 43.15 -18.78 20.00
CA ARG B 190 42.81 -18.53 18.61
C ARG B 190 41.34 -18.88 18.42
N GLU B 191 40.54 -17.89 18.06
CA GLU B 191 39.12 -18.08 17.77
C GLU B 191 38.89 -17.99 16.27
N PHE B 192 38.04 -18.87 15.74
CA PHE B 192 37.72 -18.90 14.33
C PHE B 192 36.21 -19.09 14.16
N VAL B 193 35.69 -18.51 13.08
CA VAL B 193 34.30 -18.69 12.67
C VAL B 193 34.28 -19.06 11.21
N PHE B 194 33.70 -20.21 10.89
CA PHE B 194 33.56 -20.70 9.53
C PHE B 194 32.09 -20.71 9.19
N LYS B 195 31.72 -20.08 8.06
CA LYS B 195 30.32 -20.01 7.67
C LYS B 195 30.20 -20.07 6.16
N ASN B 196 28.97 -20.27 5.70
CA ASN B 196 28.68 -20.29 4.27
C ASN B 196 27.52 -19.36 3.94
N TYR B 200 28.90 -18.20 -0.12
CA TYR B 200 30.20 -18.83 -0.22
C TYR B 200 30.90 -18.86 1.14
N PHE B 201 32.12 -19.38 1.17
CA PHE B 201 32.79 -19.67 2.43
C PHE B 201 33.40 -18.41 3.01
N LYS B 202 33.23 -18.24 4.33
CA LYS B 202 33.73 -17.07 5.04
C LYS B 202 34.45 -17.53 6.30
N ILE B 203 35.67 -17.03 6.49
CA ILE B 203 36.50 -17.34 7.65
C ILE B 203 36.82 -16.04 8.37
N TYR B 204 36.34 -15.93 9.61
CA TYR B 204 36.70 -14.86 10.53
C TYR B 204 37.56 -15.44 11.63
N SER B 205 38.36 -14.60 12.28
CA SER B 205 39.22 -15.12 13.34
C SER B 205 39.73 -13.99 14.22
N LYS B 206 40.41 -14.39 15.30
CA LYS B 206 41.04 -13.50 16.24
C LYS B 206 42.11 -14.26 17.00
N HIS B 207 43.21 -13.59 17.31
CA HIS B 207 44.31 -14.18 18.07
C HIS B 207 44.62 -13.29 19.27
N THR B 208 44.71 -13.90 20.44
CA THR B 208 44.92 -13.18 21.70
C THR B 208 45.90 -13.95 22.56
N PRO B 209 46.56 -13.29 23.49
CA PRO B 209 47.38 -14.00 24.48
C PRO B 209 46.62 -14.34 25.75
N ILE B 210 47.01 -15.46 26.36
CA ILE B 210 46.38 -15.91 27.59
C ILE B 210 47.45 -16.33 28.60
N ASP B 215 37.74 -23.63 31.86
CA ASP B 215 38.93 -23.78 31.03
C ASP B 215 38.95 -22.74 29.91
N LEU B 216 37.76 -22.41 29.40
CA LEU B 216 37.64 -21.37 28.38
C LEU B 216 37.57 -20.00 29.05
N PRO B 217 38.53 -19.11 28.80
CA PRO B 217 38.53 -17.83 29.51
C PRO B 217 37.27 -17.01 29.21
N GLN B 218 36.79 -16.32 30.23
CA GLN B 218 35.62 -15.46 30.09
C GLN B 218 36.02 -14.07 29.63
N GLY B 219 35.15 -13.44 28.86
CA GLY B 219 35.42 -12.12 28.34
C GLY B 219 34.64 -11.89 27.07
N PHE B 220 34.90 -10.72 26.46
CA PHE B 220 34.23 -10.32 25.24
C PHE B 220 35.26 -9.82 24.24
N SER B 221 35.15 -10.26 23.00
CA SER B 221 36.05 -9.82 21.93
C SER B 221 35.32 -9.90 20.61
N ALA B 222 35.77 -9.09 19.65
CA ALA B 222 35.16 -9.01 18.34
C ALA B 222 36.13 -9.59 17.31
N LEU B 223 35.68 -10.60 16.58
CA LEU B 223 36.49 -11.22 15.54
C LEU B 223 36.36 -10.43 14.24
N GLU B 224 37.44 -10.43 13.46
CA GLU B 224 37.44 -9.67 12.22
C GLU B 224 37.45 -10.63 11.02
N PRO B 225 36.84 -10.23 9.91
CA PRO B 225 36.92 -11.05 8.69
C PRO B 225 38.36 -11.19 8.21
N LEU B 226 38.72 -12.41 7.83
CA LEU B 226 40.06 -12.69 7.33
C LEU B 226 40.07 -13.25 5.92
N VAL B 227 39.26 -14.27 5.63
CA VAL B 227 39.37 -14.99 4.36
C VAL B 227 37.98 -15.14 3.76
N ASP B 228 37.89 -14.94 2.45
CA ASP B 228 36.68 -15.22 1.68
C ASP B 228 37.00 -16.23 0.57
N LEU B 229 36.26 -17.33 0.53
CA LEU B 229 36.45 -18.35 -0.50
C LEU B 229 35.18 -18.46 -1.33
N PRO B 230 35.15 -17.91 -2.54
CA PRO B 230 33.97 -18.05 -3.41
C PRO B 230 33.98 -19.38 -4.17
N ILE B 231 33.84 -20.47 -3.42
CA ILE B 231 33.88 -21.81 -3.97
C ILE B 231 32.49 -22.43 -4.07
N GLY B 232 31.63 -22.16 -3.09
CA GLY B 232 30.29 -22.71 -3.09
C GLY B 232 30.26 -24.22 -3.02
N ILE B 233 31.06 -24.78 -2.12
CA ILE B 233 31.16 -26.23 -1.96
C ILE B 233 30.17 -26.68 -0.89
N ASN B 234 29.43 -27.74 -1.19
CA ASN B 234 28.53 -28.34 -0.21
C ASN B 234 29.34 -28.91 0.95
N ILE B 235 29.08 -28.42 2.15
CA ILE B 235 29.83 -28.79 3.34
C ILE B 235 28.83 -29.19 4.42
N THR B 236 28.91 -30.42 4.89
CA THR B 236 28.09 -30.89 5.99
C THR B 236 28.92 -31.53 7.11
N ARG B 237 30.22 -31.72 6.92
CA ARG B 237 31.06 -32.41 7.88
C ARG B 237 32.47 -31.84 7.78
N PHE B 238 33.25 -31.99 8.85
CA PHE B 238 34.62 -31.50 8.85
C PHE B 238 35.40 -32.18 9.95
N GLN B 239 36.72 -31.97 9.93
CA GLN B 239 37.62 -32.52 10.92
C GLN B 239 38.86 -31.62 11.03
N THR B 240 39.54 -31.74 12.15
CA THR B 240 40.77 -31.00 12.41
C THR B 240 41.99 -31.90 12.24
N LEU B 241 43.13 -31.28 11.94
CA LEU B 241 44.39 -31.99 11.71
C LEU B 241 45.44 -31.37 12.62
N LEU B 242 45.86 -32.13 13.63
CA LEU B 242 46.80 -31.63 14.62
C LEU B 242 47.99 -32.58 14.81
N ALA B 263 47.67 -28.96 23.73
CA ALA B 263 46.77 -28.04 23.06
C ALA B 263 45.32 -28.51 23.17
N ALA B 264 44.43 -27.60 23.56
CA ALA B 264 43.02 -27.90 23.70
C ALA B 264 42.21 -27.05 22.73
N TYR B 265 41.04 -27.58 22.34
CA TYR B 265 40.18 -26.86 21.41
C TYR B 265 38.73 -27.22 21.68
N TYR B 266 37.84 -26.32 21.26
CA TYR B 266 36.41 -26.43 21.46
C TYR B 266 35.69 -26.13 20.15
N VAL B 267 34.54 -26.78 19.97
CA VAL B 267 33.74 -26.64 18.76
C VAL B 267 32.33 -26.25 19.15
N GLY B 268 31.77 -25.24 18.49
CA GLY B 268 30.38 -24.87 18.68
C GLY B 268 29.70 -24.61 17.35
N TYR B 269 28.38 -24.59 17.40
CA TYR B 269 27.54 -24.47 16.20
C TYR B 269 26.73 -23.18 16.27
N LEU B 270 26.70 -22.46 15.15
CA LEU B 270 26.01 -21.19 15.08
C LEU B 270 24.50 -21.39 14.87
N GLN B 271 23.72 -20.41 15.31
CA GLN B 271 22.29 -20.36 15.12
C GLN B 271 21.90 -19.01 14.51
N PRO B 272 20.80 -18.97 13.75
CA PRO B 272 20.31 -17.69 13.17
C PRO B 272 19.56 -16.85 14.20
N ARG B 273 20.31 -16.07 14.97
CA ARG B 273 19.77 -15.33 16.10
C ARG B 273 20.05 -13.84 15.96
N THR B 274 19.03 -13.03 16.27
CA THR B 274 19.18 -11.58 16.23
C THR B 274 20.10 -11.13 17.36
N PHE B 275 20.92 -10.12 17.07
CA PHE B 275 21.87 -9.57 18.03
C PHE B 275 21.86 -8.05 17.93
N LEU B 276 22.01 -7.41 19.08
CA LEU B 276 22.21 -5.96 19.15
C LEU B 276 23.63 -5.69 19.60
N LEU B 277 24.42 -5.07 18.71
CA LEU B 277 25.84 -4.85 18.92
C LEU B 277 26.11 -3.37 19.21
N LYS B 278 27.14 -3.12 20.01
CA LYS B 278 27.49 -1.79 20.50
C LYS B 278 28.82 -1.36 19.85
N TYR B 279 28.71 -0.65 18.73
CA TYR B 279 29.91 -0.18 18.03
C TYR B 279 30.45 1.06 18.74
N ASN B 280 31.66 0.93 19.29
CA ASN B 280 32.36 2.03 19.94
C ASN B 280 32.71 3.11 18.91
N GLU B 281 33.11 4.28 19.40
CA GLU B 281 33.56 5.35 18.50
C GLU B 281 34.76 4.91 17.66
N ASN B 282 35.55 3.96 18.16
CA ASN B 282 36.63 3.37 17.38
C ASN B 282 36.14 2.33 16.39
N GLY B 283 34.83 2.09 16.32
CA GLY B 283 34.29 1.07 15.44
C GLY B 283 34.44 -0.36 15.92
N THR B 284 34.83 -0.56 17.18
CA THR B 284 35.03 -1.89 17.72
C THR B 284 33.79 -2.33 18.49
N ILE B 285 33.42 -3.60 18.33
CA ILE B 285 32.28 -4.18 19.04
C ILE B 285 32.69 -4.42 20.49
N THR B 286 32.29 -3.52 21.38
CA THR B 286 32.64 -3.64 22.79
C THR B 286 31.63 -4.42 23.60
N ASP B 287 30.45 -4.73 23.05
CA ASP B 287 29.45 -5.52 23.76
C ASP B 287 28.34 -5.88 22.78
N ALA B 288 27.58 -6.90 23.14
CA ALA B 288 26.44 -7.32 22.33
C ALA B 288 25.44 -8.05 23.21
N VAL B 289 24.20 -8.10 22.76
CA VAL B 289 23.13 -8.83 23.42
C VAL B 289 22.48 -9.76 22.42
N ASP B 290 22.37 -11.04 22.81
CA ASP B 290 21.61 -12.04 22.06
C ASP B 290 20.13 -11.87 22.36
N CYS B 291 19.38 -11.35 21.39
CA CYS B 291 18.00 -10.94 21.59
C CYS B 291 17.07 -12.11 21.90
N ALA B 292 17.54 -13.36 21.89
CA ALA B 292 16.71 -14.50 22.20
C ALA B 292 17.18 -15.29 23.41
N LEU B 293 18.24 -14.85 24.09
CA LEU B 293 18.79 -15.62 25.20
C LEU B 293 17.81 -15.74 26.36
N ASP B 294 17.20 -14.62 26.75
CA ASP B 294 16.36 -14.55 27.93
C ASP B 294 15.35 -13.43 27.76
N PRO B 295 14.25 -13.44 28.53
CA PRO B 295 13.31 -12.32 28.46
C PRO B 295 13.95 -10.97 28.76
N LEU B 296 14.93 -10.93 29.67
CA LEU B 296 15.64 -9.69 29.94
C LEU B 296 16.36 -9.21 28.69
N SER B 297 17.02 -10.12 27.96
CA SER B 297 17.65 -9.74 26.71
C SER B 297 16.61 -9.33 25.67
N GLU B 298 15.45 -10.00 25.67
CA GLU B 298 14.33 -9.59 24.81
C GLU B 298 13.97 -8.13 25.04
N THR B 299 13.81 -7.74 26.31
CA THR B 299 13.53 -6.35 26.63
C THR B 299 14.68 -5.45 26.19
N LYS B 300 15.91 -5.90 26.40
CA LYS B 300 17.08 -5.11 26.02
C LYS B 300 17.07 -4.77 24.54
N CYS B 301 16.79 -5.76 23.68
CA CYS B 301 16.78 -5.47 22.25
C CYS B 301 15.54 -4.68 21.83
N THR B 302 14.38 -5.03 22.40
CA THR B 302 13.16 -4.34 22.00
C THR B 302 13.20 -2.85 22.33
N LEU B 303 13.96 -2.46 23.36
CA LEU B 303 14.14 -1.06 23.69
C LEU B 303 15.37 -0.45 23.04
N LYS B 304 16.17 -1.25 22.33
CA LYS B 304 17.39 -0.77 21.67
C LYS B 304 18.35 -0.13 22.68
N SER B 305 18.64 -0.85 23.74
CA SER B 305 19.60 -0.37 24.73
C SER B 305 20.13 -1.55 25.53
N PHE B 306 21.34 -1.36 26.07
CA PHE B 306 21.97 -2.36 26.92
C PHE B 306 21.58 -2.22 28.39
N THR B 307 20.84 -1.18 28.74
CA THR B 307 20.38 -0.96 30.10
C THR B 307 18.88 -0.66 30.07
N VAL B 308 18.17 -1.16 31.07
CA VAL B 308 16.72 -1.03 31.14
C VAL B 308 16.36 -0.45 32.49
N GLU B 309 15.53 0.60 32.49
CA GLU B 309 15.04 1.18 33.72
C GLU B 309 13.90 0.34 34.30
N LYS B 310 13.63 0.56 35.58
CA LYS B 310 12.56 -0.17 36.25
C LYS B 310 11.22 0.11 35.58
N GLY B 311 10.42 -0.93 35.43
CA GLY B 311 9.10 -0.80 34.84
C GLY B 311 8.66 -2.10 34.21
N ILE B 312 7.53 -2.04 33.53
CA ILE B 312 6.95 -3.17 32.81
C ILE B 312 6.89 -2.79 31.33
N TYR B 313 7.46 -3.62 30.48
CA TYR B 313 7.47 -3.38 29.04
C TYR B 313 6.91 -4.59 28.31
N GLN B 314 6.31 -4.33 27.14
CA GLN B 314 5.86 -5.39 26.25
C GLN B 314 6.92 -5.60 25.18
N THR B 315 7.28 -6.86 24.97
CA THR B 315 8.38 -7.18 24.07
C THR B 315 7.99 -8.08 22.90
N SER B 316 7.01 -8.96 23.08
CA SER B 316 6.62 -9.90 22.02
C SER B 316 5.24 -10.46 22.36
N ASN B 317 4.80 -11.42 21.55
CA ASN B 317 3.49 -12.02 21.70
C ASN B 317 3.63 -13.54 21.73
N PHE B 318 3.10 -14.16 22.77
CA PHE B 318 3.00 -15.60 22.84
C PHE B 318 1.78 -16.07 22.08
N ARG B 319 1.97 -17.02 21.18
CA ARG B 319 0.90 -17.58 20.35
C ARG B 319 1.15 -19.07 20.20
N VAL B 320 0.17 -19.88 20.59
CA VAL B 320 0.28 -21.32 20.41
C VAL B 320 0.19 -21.65 18.93
N GLN B 321 1.09 -22.52 18.48
CA GLN B 321 1.10 -22.88 17.06
C GLN B 321 0.20 -24.09 16.81
N PRO B 322 -0.36 -24.19 15.60
CA PRO B 322 -1.20 -25.35 15.27
C PRO B 322 -0.37 -26.63 15.19
N THR B 323 -0.79 -27.64 15.94
CA THR B 323 -0.01 -28.86 16.05
C THR B 323 -0.03 -29.65 14.74
N GLU B 324 -1.19 -29.71 14.07
CA GLU B 324 -1.29 -30.36 12.78
C GLU B 324 -2.39 -29.69 11.98
N SER B 325 -2.66 -30.23 10.79
CA SER B 325 -3.64 -29.69 9.86
C SER B 325 -4.76 -30.69 9.64
N ILE B 326 -5.97 -30.16 9.42
CA ILE B 326 -7.14 -30.98 9.12
C ILE B 326 -7.82 -30.40 7.89
N VAL B 327 -8.31 -31.27 7.02
CA VAL B 327 -9.04 -30.90 5.81
C VAL B 327 -10.33 -31.70 5.77
N ARG B 328 -11.45 -31.01 5.55
CA ARG B 328 -12.76 -31.64 5.59
C ARG B 328 -13.56 -31.24 4.35
N PHE B 329 -14.10 -32.23 3.66
CA PHE B 329 -14.94 -32.06 2.48
C PHE B 329 -16.11 -33.02 2.57
N PRO B 330 -17.21 -32.74 1.86
CA PRO B 330 -18.36 -33.65 1.89
C PRO B 330 -18.03 -35.03 1.36
N ASN B 331 -18.98 -35.94 1.54
CA ASN B 331 -18.80 -37.33 1.16
C ASN B 331 -18.69 -37.48 -0.35
N ILE B 332 -17.68 -38.22 -0.80
CA ILE B 332 -17.43 -38.39 -2.23
C ILE B 332 -18.52 -39.29 -2.82
N THR B 333 -19.32 -38.73 -3.72
CA THR B 333 -20.37 -39.47 -4.42
C THR B 333 -20.34 -39.10 -5.89
N ASN B 334 -21.20 -39.76 -6.67
CA ASN B 334 -21.39 -39.45 -8.09
C ASN B 334 -20.10 -39.63 -8.89
N LEU B 335 -19.53 -40.84 -8.79
CA LEU B 335 -18.35 -41.16 -9.58
C LEU B 335 -18.69 -41.13 -11.07
N CYS B 336 -18.12 -40.44 -11.99
CA CYS B 336 -18.13 -40.42 -13.44
C CYS B 336 -18.18 -41.84 -13.98
N PRO B 337 -18.96 -42.08 -15.06
CA PRO B 337 -19.19 -43.43 -15.57
C PRO B 337 -18.08 -43.95 -16.48
N PHE B 338 -16.84 -43.87 -16.00
CA PHE B 338 -15.72 -44.38 -16.78
C PHE B 338 -15.80 -45.90 -16.97
N GLY B 339 -16.43 -46.60 -16.04
CA GLY B 339 -16.60 -48.04 -16.20
C GLY B 339 -17.42 -48.40 -17.43
N GLU B 340 -18.42 -47.59 -17.75
CA GLU B 340 -19.22 -47.82 -18.96
C GLU B 340 -18.36 -47.76 -20.21
N VAL B 341 -17.30 -46.95 -20.21
CA VAL B 341 -16.49 -46.81 -21.42
C VAL B 341 -15.42 -47.89 -21.49
N PHE B 342 -14.62 -48.02 -20.43
CA PHE B 342 -13.48 -48.94 -20.47
C PHE B 342 -13.95 -50.39 -20.47
N ASN B 343 -15.00 -50.72 -19.71
CA ASN B 343 -15.46 -52.09 -19.57
C ASN B 343 -16.66 -52.40 -20.44
N ALA B 344 -16.89 -51.62 -21.50
CA ALA B 344 -18.01 -51.87 -22.39
C ALA B 344 -17.85 -53.21 -23.10
N THR B 345 -18.98 -53.88 -23.32
CA THR B 345 -18.96 -55.20 -23.94
C THR B 345 -18.61 -55.12 -25.42
N ARG B 346 -19.13 -54.11 -26.12
CA ARG B 346 -18.87 -53.94 -27.54
C ARG B 346 -18.20 -52.59 -27.78
N PHE B 347 -17.19 -52.59 -28.65
CA PHE B 347 -16.45 -51.40 -29.04
C PHE B 347 -16.75 -51.06 -30.49
N ALA B 348 -16.52 -49.80 -30.83
CA ALA B 348 -16.88 -49.33 -32.17
C ALA B 348 -15.76 -49.56 -33.16
N SER B 349 -16.11 -49.61 -34.44
CA SER B 349 -15.12 -49.51 -35.50
C SER B 349 -14.52 -48.12 -35.51
N VAL B 350 -13.23 -48.03 -35.83
CA VAL B 350 -12.51 -46.77 -35.64
C VAL B 350 -13.06 -45.67 -36.53
N TYR B 351 -13.53 -46.02 -37.73
CA TYR B 351 -14.10 -45.00 -38.60
C TYR B 351 -15.36 -44.39 -38.00
N ALA B 352 -16.15 -45.19 -37.28
CA ALA B 352 -17.34 -44.70 -36.60
C ALA B 352 -17.11 -44.67 -35.10
N TRP B 353 -16.01 -44.06 -34.67
CA TRP B 353 -15.61 -44.09 -33.27
C TRP B 353 -16.69 -43.49 -32.38
N ASN B 354 -16.81 -44.05 -31.18
CA ASN B 354 -17.84 -43.67 -30.23
C ASN B 354 -17.31 -42.59 -29.29
N ARG B 355 -18.17 -41.63 -28.96
CA ARG B 355 -17.81 -40.54 -28.06
C ARG B 355 -18.81 -40.51 -26.91
N LYS B 356 -18.30 -40.56 -25.68
CA LYS B 356 -19.10 -40.41 -24.48
C LYS B 356 -18.76 -39.06 -23.85
N ARG B 357 -19.78 -38.21 -23.67
CA ARG B 357 -19.60 -36.91 -23.07
C ARG B 357 -19.82 -37.03 -21.56
N ILE B 358 -18.80 -36.67 -20.79
CA ILE B 358 -18.80 -36.86 -19.34
C ILE B 358 -18.94 -35.50 -18.68
N SER B 359 -19.96 -35.34 -17.84
CA SER B 359 -20.25 -34.05 -17.22
C SER B 359 -20.86 -34.28 -15.84
N ASN B 360 -20.66 -33.29 -14.97
CA ASN B 360 -21.30 -33.21 -13.66
C ASN B 360 -21.11 -34.50 -12.86
N CYS B 361 -19.85 -34.78 -12.54
CA CYS B 361 -19.52 -35.98 -11.78
C CYS B 361 -18.12 -35.83 -11.21
N VAL B 362 -17.84 -36.64 -10.19
CA VAL B 362 -16.51 -36.69 -9.58
C VAL B 362 -15.74 -37.82 -10.25
N ALA B 363 -14.58 -37.49 -10.82
CA ALA B 363 -13.78 -38.46 -11.56
C ALA B 363 -12.68 -39.01 -10.65
N ASP B 364 -12.68 -40.32 -10.46
CA ASP B 364 -11.65 -41.01 -9.69
C ASP B 364 -10.68 -41.63 -10.69
N TYR B 365 -9.63 -40.89 -11.03
CA TYR B 365 -8.64 -41.37 -11.99
C TYR B 365 -7.69 -42.39 -11.39
N SER B 366 -7.76 -42.62 -10.06
CA SER B 366 -6.95 -43.67 -9.46
C SER B 366 -7.28 -45.05 -10.03
N VAL B 367 -8.51 -45.21 -10.53
CA VAL B 367 -8.92 -46.49 -11.12
C VAL B 367 -8.13 -46.77 -12.39
N LEU B 368 -7.65 -45.73 -13.07
CA LEU B 368 -7.04 -45.90 -14.38
C LEU B 368 -5.51 -46.04 -14.31
N TYR B 369 -4.82 -45.11 -13.65
CA TYR B 369 -3.36 -45.19 -13.63
C TYR B 369 -2.84 -46.22 -12.64
N ASN B 370 -3.68 -46.76 -11.76
CA ASN B 370 -3.29 -47.85 -10.87
C ASN B 370 -3.69 -49.21 -11.41
N SER B 371 -4.04 -49.29 -12.68
CA SER B 371 -4.42 -50.55 -13.32
C SER B 371 -3.22 -51.11 -14.10
N ALA B 372 -2.97 -52.39 -13.91
CA ALA B 372 -1.87 -53.08 -14.59
C ALA B 372 -2.33 -53.75 -15.89
N SER B 373 -3.48 -53.35 -16.44
CA SER B 373 -4.06 -54.02 -17.60
C SER B 373 -3.97 -53.19 -18.88
N PHE B 374 -3.24 -52.07 -18.85
CA PHE B 374 -3.09 -51.21 -20.01
C PHE B 374 -1.69 -51.34 -20.57
N SER B 375 -1.58 -51.46 -21.90
CA SER B 375 -0.29 -51.49 -22.56
C SER B 375 0.15 -50.12 -23.05
N THR B 376 -0.80 -49.20 -23.27
CA THR B 376 -0.49 -47.83 -23.65
C THR B 376 -1.24 -46.88 -22.73
N PHE B 377 -0.52 -45.92 -22.14
CA PHE B 377 -1.10 -44.91 -21.26
C PHE B 377 -0.21 -43.66 -21.38
N LYS B 378 -0.44 -42.89 -22.44
CA LYS B 378 0.32 -41.69 -22.73
C LYS B 378 -0.60 -40.49 -22.62
N CYS B 379 -0.20 -39.50 -21.83
CA CYS B 379 -0.98 -38.30 -21.63
C CYS B 379 -0.23 -37.10 -22.17
N TYR B 380 -0.97 -36.12 -22.67
CA TYR B 380 -0.42 -34.96 -23.35
C TYR B 380 -0.99 -33.70 -22.71
N GLY B 381 -0.10 -32.81 -22.29
CA GLY B 381 -0.53 -31.59 -21.62
C GLY B 381 -1.13 -31.79 -20.25
N VAL B 382 -0.89 -32.92 -19.61
CA VAL B 382 -1.42 -33.20 -18.29
C VAL B 382 -0.68 -34.40 -17.72
N SER B 383 -0.54 -34.42 -16.38
CA SER B 383 0.10 -35.53 -15.69
C SER B 383 -0.96 -36.49 -15.18
N PRO B 384 -0.79 -37.79 -15.38
CA PRO B 384 -1.86 -38.74 -14.98
C PRO B 384 -2.09 -38.78 -13.48
N THR B 385 -1.02 -38.88 -12.68
CA THR B 385 -1.18 -38.95 -11.24
C THR B 385 -1.74 -37.64 -10.67
N LYS B 386 -1.43 -36.52 -11.30
CA LYS B 386 -1.88 -35.21 -10.85
C LYS B 386 -3.24 -34.82 -11.43
N LEU B 387 -4.01 -35.80 -11.90
CA LEU B 387 -5.30 -35.51 -12.54
C LEU B 387 -6.45 -35.41 -11.56
N ASN B 388 -6.32 -35.98 -10.36
CA ASN B 388 -7.39 -35.92 -9.37
C ASN B 388 -7.56 -34.54 -8.76
N ASP B 389 -6.64 -33.60 -9.03
CA ASP B 389 -6.69 -32.27 -8.46
C ASP B 389 -7.17 -31.22 -9.45
N LEU B 390 -7.61 -31.62 -10.63
CA LEU B 390 -7.99 -30.70 -11.68
C LEU B 390 -9.48 -30.79 -11.97
N CYS B 391 -10.10 -29.64 -12.16
CA CYS B 391 -11.48 -29.55 -12.64
C CYS B 391 -11.46 -29.16 -14.11
N PHE B 392 -12.36 -29.76 -14.89
CA PHE B 392 -12.53 -29.43 -16.29
C PHE B 392 -14.01 -29.16 -16.56
N THR B 393 -14.27 -28.43 -17.65
CA THR B 393 -15.65 -28.14 -18.01
C THR B 393 -16.34 -29.36 -18.60
N ASN B 394 -15.65 -30.07 -19.50
CA ASN B 394 -16.15 -31.32 -20.05
C ASN B 394 -14.99 -32.28 -20.24
N VAL B 395 -15.30 -33.57 -20.12
CA VAL B 395 -14.37 -34.64 -20.46
C VAL B 395 -15.03 -35.50 -21.53
N TYR B 396 -14.26 -35.85 -22.56
CA TYR B 396 -14.74 -36.70 -23.64
C TYR B 396 -13.98 -38.01 -23.64
N ALA B 397 -14.70 -39.12 -23.75
CA ALA B 397 -14.12 -40.45 -23.82
C ALA B 397 -14.44 -41.05 -25.18
N ASP B 398 -13.45 -41.09 -26.07
CA ASP B 398 -13.60 -41.67 -27.39
C ASP B 398 -13.02 -43.08 -27.39
N SER B 399 -13.75 -44.03 -27.98
CA SER B 399 -13.33 -45.43 -27.94
C SER B 399 -13.58 -46.09 -29.29
N PHE B 400 -12.70 -47.04 -29.62
CA PHE B 400 -12.72 -47.75 -30.90
C PHE B 400 -11.67 -48.87 -30.83
N VAL B 401 -11.58 -49.64 -31.90
CA VAL B 401 -10.63 -50.74 -32.01
C VAL B 401 -9.77 -50.54 -33.26
N ILE B 402 -8.46 -50.76 -33.11
CA ILE B 402 -7.49 -50.70 -34.20
C ILE B 402 -6.46 -51.81 -34.01
N ARG B 403 -5.51 -51.87 -34.92
CA ARG B 403 -4.39 -52.79 -34.81
C ARG B 403 -3.38 -52.29 -33.79
N GLY B 404 -2.64 -53.22 -33.20
CA GLY B 404 -1.53 -52.83 -32.36
C GLY B 404 -0.49 -52.01 -33.12
N ASP B 405 -0.26 -52.36 -34.40
CA ASP B 405 0.61 -51.58 -35.26
C ASP B 405 0.21 -50.11 -35.32
N GLU B 406 -1.05 -49.80 -35.03
CA GLU B 406 -1.61 -48.47 -35.31
C GLU B 406 -1.87 -47.63 -34.06
N VAL B 407 -1.67 -48.18 -32.86
CA VAL B 407 -1.84 -47.39 -31.65
C VAL B 407 -0.91 -46.18 -31.66
N ARG B 408 0.26 -46.32 -32.27
CA ARG B 408 1.22 -45.21 -32.37
C ARG B 408 0.66 -44.04 -33.16
N GLN B 409 -0.39 -44.25 -33.96
CA GLN B 409 -1.00 -43.16 -34.72
C GLN B 409 -2.00 -42.35 -33.92
N ILE B 410 -2.45 -42.84 -32.78
CA ILE B 410 -3.36 -42.10 -31.91
C ILE B 410 -2.52 -41.20 -31.01
N ALA B 411 -1.97 -40.13 -31.59
CA ALA B 411 -1.10 -39.20 -30.90
C ALA B 411 -1.00 -37.93 -31.75
N PRO B 412 -0.64 -36.81 -31.14
CA PRO B 412 -0.51 -35.57 -31.93
C PRO B 412 0.59 -35.71 -32.99
N GLY B 413 0.31 -35.16 -34.17
CA GLY B 413 1.31 -35.06 -35.21
C GLY B 413 1.62 -36.33 -35.97
N GLN B 414 0.75 -37.34 -35.90
CA GLN B 414 1.01 -38.59 -36.60
C GLN B 414 0.29 -38.61 -37.95
N THR B 415 0.82 -39.43 -38.85
CA THR B 415 0.19 -39.71 -40.14
C THR B 415 0.07 -41.22 -40.31
N GLY B 416 -0.73 -41.61 -41.31
CA GLY B 416 -1.05 -43.01 -41.54
C GLY B 416 -2.53 -43.16 -41.82
N LYS B 417 -2.96 -44.36 -42.20
CA LYS B 417 -4.35 -44.57 -42.57
C LYS B 417 -5.30 -44.23 -41.42
N ILE B 418 -4.91 -44.53 -40.19
CA ILE B 418 -5.80 -44.29 -39.05
C ILE B 418 -5.85 -42.80 -38.71
N ALA B 419 -4.68 -42.17 -38.58
CA ALA B 419 -4.64 -40.75 -38.25
C ALA B 419 -5.21 -39.90 -39.38
N ASP B 420 -4.96 -40.29 -40.63
CA ASP B 420 -5.37 -39.44 -41.75
C ASP B 420 -6.86 -39.58 -42.06
N TYR B 421 -7.40 -40.79 -41.94
CA TYR B 421 -8.70 -41.09 -42.49
C TYR B 421 -9.70 -41.65 -41.47
N ASN B 422 -9.32 -41.84 -40.21
CA ASN B 422 -10.25 -42.46 -39.27
C ASN B 422 -10.39 -41.67 -37.96
N TYR B 423 -9.29 -41.41 -37.27
CA TYR B 423 -9.33 -40.69 -36.00
C TYR B 423 -8.09 -39.83 -35.88
N LYS B 424 -8.29 -38.52 -35.75
CA LYS B 424 -7.22 -37.53 -35.81
C LYS B 424 -7.20 -36.70 -34.53
N LEU B 425 -6.05 -36.66 -33.87
CA LEU B 425 -5.85 -35.83 -32.69
C LEU B 425 -5.16 -34.52 -33.08
N PRO B 426 -5.49 -33.42 -32.42
CA PRO B 426 -4.87 -32.14 -32.77
C PRO B 426 -3.44 -32.06 -32.25
N ASP B 427 -2.72 -31.07 -32.78
CA ASP B 427 -1.35 -30.85 -32.31
C ASP B 427 -1.33 -30.44 -30.85
N ASP B 428 -2.26 -29.57 -30.44
CA ASP B 428 -2.35 -29.06 -29.08
C ASP B 428 -3.19 -29.95 -28.18
N PHE B 429 -3.24 -31.26 -28.45
CA PHE B 429 -4.10 -32.17 -27.71
C PHE B 429 -3.82 -32.10 -26.22
N THR B 430 -4.89 -32.05 -25.43
CA THR B 430 -4.80 -32.08 -23.97
C THR B 430 -5.61 -33.28 -23.49
N GLY B 431 -4.94 -34.39 -23.23
CA GLY B 431 -5.66 -35.57 -22.80
C GLY B 431 -4.76 -36.78 -22.68
N CYS B 432 -5.39 -37.95 -22.65
CA CYS B 432 -4.69 -39.21 -22.46
C CYS B 432 -5.17 -40.23 -23.48
N VAL B 433 -4.22 -41.03 -23.99
CA VAL B 433 -4.50 -42.11 -24.93
C VAL B 433 -4.21 -43.43 -24.23
N ILE B 434 -5.23 -44.27 -24.08
CA ILE B 434 -5.15 -45.51 -23.32
C ILE B 434 -5.53 -46.66 -24.24
N ALA B 435 -4.74 -47.73 -24.22
CA ALA B 435 -4.96 -48.87 -25.10
C ALA B 435 -4.58 -50.16 -24.38
N TRP B 436 -5.17 -51.26 -24.83
CA TRP B 436 -4.83 -52.59 -24.31
C TRP B 436 -5.18 -53.64 -25.35
N ASN B 437 -4.48 -54.76 -25.28
CA ASN B 437 -4.69 -55.85 -26.22
C ASN B 437 -6.03 -56.51 -25.94
N SER B 438 -6.82 -56.73 -26.99
CA SER B 438 -8.14 -57.35 -26.88
C SER B 438 -8.29 -58.53 -27.84
N ASN B 439 -7.18 -59.24 -28.10
CA ASN B 439 -7.22 -60.38 -29.00
C ASN B 439 -8.16 -61.46 -28.48
N ASN B 440 -8.34 -61.52 -27.16
CA ASN B 440 -9.22 -62.52 -26.57
C ASN B 440 -10.69 -62.27 -26.89
N LEU B 441 -11.05 -61.01 -27.13
CA LEU B 441 -12.44 -60.62 -27.34
C LEU B 441 -12.79 -60.35 -28.80
N ASP B 442 -11.87 -59.76 -29.56
CA ASP B 442 -12.19 -59.19 -30.86
C ASP B 442 -11.66 -60.02 -32.03
N SER B 443 -11.15 -61.22 -31.78
CA SER B 443 -10.72 -62.12 -32.83
C SER B 443 -11.56 -63.39 -32.78
N LYS B 444 -12.07 -63.81 -33.94
CA LYS B 444 -12.79 -65.05 -34.08
C LYS B 444 -11.95 -66.05 -34.87
N VAL B 445 -12.32 -67.32 -34.77
CA VAL B 445 -11.49 -68.40 -35.33
C VAL B 445 -11.41 -68.27 -36.84
N GLY B 446 -12.56 -68.17 -37.51
CA GLY B 446 -12.56 -67.95 -38.94
C GLY B 446 -12.13 -66.57 -39.37
N GLY B 447 -11.90 -65.67 -38.41
CA GLY B 447 -11.57 -64.30 -38.73
C GLY B 447 -12.71 -63.36 -38.42
N ASN B 448 -12.46 -62.36 -37.57
CA ASN B 448 -13.46 -61.37 -37.23
C ASN B 448 -13.40 -60.23 -38.24
N TYR B 449 -14.55 -59.91 -38.84
CA TYR B 449 -14.62 -58.84 -39.83
C TYR B 449 -15.58 -57.73 -39.44
N ASN B 450 -16.14 -57.76 -38.24
CA ASN B 450 -17.08 -56.72 -37.82
C ASN B 450 -16.39 -55.38 -37.61
N TYR B 451 -15.06 -55.36 -37.51
CA TYR B 451 -14.30 -54.13 -37.30
C TYR B 451 -13.78 -53.61 -38.64
N LEU B 452 -14.07 -52.35 -38.92
CA LEU B 452 -13.70 -51.72 -40.18
C LEU B 452 -12.87 -50.46 -39.92
N TYR B 453 -12.18 -50.03 -40.98
CA TYR B 453 -11.47 -48.75 -40.99
C TYR B 453 -11.63 -48.14 -42.37
N ARG B 454 -11.60 -46.82 -42.44
CA ARG B 454 -11.68 -46.15 -43.72
C ARG B 454 -10.33 -46.22 -44.42
N LEU B 455 -10.35 -46.68 -45.67
CA LEU B 455 -9.14 -46.80 -46.48
C LEU B 455 -9.00 -45.69 -47.51
N PHE B 456 -10.10 -45.19 -48.05
CA PHE B 456 -10.08 -44.20 -49.12
C PHE B 456 -10.76 -42.93 -48.65
N ARG B 457 -10.06 -41.80 -48.79
CA ARG B 457 -10.63 -40.49 -48.54
C ARG B 457 -9.78 -39.46 -49.27
N LYS B 458 -10.45 -38.49 -49.90
CA LYS B 458 -9.74 -37.54 -50.75
C LYS B 458 -8.77 -36.66 -49.95
N SER B 459 -9.10 -36.39 -48.69
CA SER B 459 -8.27 -35.51 -47.87
C SER B 459 -8.29 -35.99 -46.43
N ASN B 460 -7.31 -35.51 -45.66
CA ASN B 460 -7.17 -35.93 -44.27
C ASN B 460 -8.31 -35.41 -43.42
N LEU B 461 -8.62 -36.15 -42.36
CA LEU B 461 -9.58 -35.70 -41.38
C LEU B 461 -9.05 -34.50 -40.62
N LYS B 462 -9.96 -33.64 -40.19
CA LYS B 462 -9.63 -32.63 -39.20
C LYS B 462 -9.64 -33.28 -37.83
N PRO B 463 -9.02 -32.66 -36.83
CA PRO B 463 -9.04 -33.23 -35.48
C PRO B 463 -10.46 -33.48 -35.00
N PHE B 464 -10.67 -34.65 -34.40
CA PHE B 464 -11.96 -35.06 -33.84
C PHE B 464 -13.07 -35.06 -34.89
N GLU B 465 -12.73 -35.29 -36.16
CA GLU B 465 -13.73 -35.44 -37.20
C GLU B 465 -14.12 -36.92 -37.34
N ARG B 466 -15.40 -37.15 -37.58
CA ARG B 466 -15.96 -38.51 -37.66
C ARG B 466 -16.69 -38.64 -38.99
N ASP B 467 -16.14 -39.46 -39.89
CA ASP B 467 -16.68 -39.66 -41.23
C ASP B 467 -17.27 -41.07 -41.30
N ILE B 468 -18.59 -41.14 -41.46
CA ILE B 468 -19.27 -42.43 -41.58
C ILE B 468 -19.87 -42.62 -42.97
N SER B 469 -19.39 -41.86 -43.95
CA SER B 469 -19.89 -42.01 -45.31
C SER B 469 -19.49 -43.37 -45.87
N THR B 470 -20.40 -43.95 -46.67
CA THR B 470 -20.12 -45.19 -47.40
C THR B 470 -20.10 -44.97 -48.90
N GLU B 471 -19.97 -43.72 -49.34
CA GLU B 471 -20.00 -43.39 -50.76
C GLU B 471 -18.86 -44.10 -51.50
N ILE B 472 -19.18 -44.63 -52.67
CA ILE B 472 -18.16 -45.29 -53.48
C ILE B 472 -17.12 -44.27 -53.91
N TYR B 473 -15.84 -44.62 -53.72
CA TYR B 473 -14.74 -43.69 -53.90
C TYR B 473 -14.28 -43.69 -55.34
N GLN B 474 -14.13 -42.50 -55.92
CA GLN B 474 -13.76 -42.34 -57.32
C GLN B 474 -12.24 -42.19 -57.43
N ALA B 475 -11.57 -43.27 -57.78
CA ALA B 475 -10.11 -43.28 -57.89
C ALA B 475 -9.62 -42.88 -59.27
N GLY B 476 -10.53 -42.66 -60.23
CA GLY B 476 -10.17 -42.41 -61.60
C GLY B 476 -10.96 -41.25 -62.18
N SER B 477 -11.02 -41.22 -63.52
CA SER B 477 -11.67 -40.12 -64.23
C SER B 477 -13.19 -40.28 -64.28
N THR B 478 -13.68 -41.50 -64.52
CA THR B 478 -15.10 -41.70 -64.73
C THR B 478 -15.85 -41.70 -63.40
N PRO B 479 -17.04 -41.10 -63.35
CA PRO B 479 -17.81 -41.10 -62.10
C PRO B 479 -18.31 -42.49 -61.76
N CYS B 480 -18.51 -42.73 -60.47
CA CYS B 480 -18.86 -44.06 -59.99
C CYS B 480 -20.36 -44.30 -59.89
N ASN B 481 -21.14 -43.25 -59.64
CA ASN B 481 -22.61 -43.35 -59.53
C ASN B 481 -23.03 -44.43 -58.53
N GLY B 482 -22.24 -44.60 -57.47
CA GLY B 482 -22.59 -45.56 -56.45
C GLY B 482 -22.44 -47.02 -56.83
N VAL B 483 -21.69 -47.32 -57.89
CA VAL B 483 -21.48 -48.70 -58.33
C VAL B 483 -19.99 -49.01 -58.17
N GLU B 484 -19.69 -50.16 -57.57
CA GLU B 484 -18.31 -50.58 -57.43
C GLU B 484 -17.78 -51.11 -58.74
N GLY B 485 -16.46 -51.26 -58.81
CA GLY B 485 -15.79 -51.67 -60.02
C GLY B 485 -14.41 -51.04 -60.09
N PHE B 486 -13.80 -51.13 -61.27
CA PHE B 486 -12.48 -50.56 -61.46
C PHE B 486 -12.50 -49.06 -61.22
N ASN B 487 -11.51 -48.58 -60.48
CA ASN B 487 -11.39 -47.17 -60.09
C ASN B 487 -12.60 -46.67 -59.30
N CYS B 488 -13.38 -47.59 -58.72
CA CYS B 488 -14.59 -47.23 -57.98
C CYS B 488 -14.72 -48.22 -56.82
N TYR B 489 -14.23 -47.80 -55.66
CA TYR B 489 -13.99 -48.69 -54.53
C TYR B 489 -14.86 -48.33 -53.34
N PHE B 490 -15.38 -49.35 -52.68
CA PHE B 490 -16.02 -49.16 -51.39
C PHE B 490 -14.98 -48.60 -50.42
N PRO B 491 -15.31 -47.54 -49.67
CA PRO B 491 -14.26 -46.80 -48.94
C PRO B 491 -13.77 -47.48 -47.67
N LEU B 492 -14.50 -48.44 -47.12
CA LEU B 492 -14.11 -49.08 -45.86
C LEU B 492 -13.46 -50.42 -46.12
N GLN B 493 -12.54 -50.80 -45.24
CA GLN B 493 -11.84 -52.08 -45.32
C GLN B 493 -11.99 -52.79 -43.98
N SER B 494 -11.99 -54.12 -44.03
CA SER B 494 -12.14 -54.93 -42.84
C SER B 494 -10.78 -55.30 -42.25
N TYR B 495 -10.68 -55.25 -40.93
CA TYR B 495 -9.56 -55.90 -40.25
C TYR B 495 -9.77 -57.40 -40.27
N GLY B 496 -8.65 -58.14 -40.38
CA GLY B 496 -8.71 -59.58 -40.31
C GLY B 496 -8.19 -60.09 -38.98
N PHE B 497 -8.98 -59.94 -37.92
CA PHE B 497 -8.55 -60.28 -36.57
C PHE B 497 -8.72 -61.76 -36.32
N GLN B 498 -7.62 -62.50 -36.43
CA GLN B 498 -7.55 -63.91 -36.11
C GLN B 498 -6.57 -64.11 -34.96
N PRO B 499 -6.82 -65.10 -34.09
CA PRO B 499 -5.93 -65.27 -32.92
C PRO B 499 -4.49 -65.54 -33.29
N THR B 500 -4.24 -66.09 -34.49
CA THR B 500 -2.89 -66.46 -34.90
C THR B 500 -2.07 -65.29 -35.40
N ASN B 501 -2.61 -64.07 -35.37
CA ASN B 501 -1.88 -62.90 -35.83
C ASN B 501 -0.77 -62.53 -34.86
N GLY B 502 0.30 -61.96 -35.41
CA GLY B 502 1.30 -61.33 -34.57
C GLY B 502 0.72 -60.16 -33.79
N VAL B 503 1.47 -59.75 -32.76
CA VAL B 503 0.95 -58.75 -31.82
C VAL B 503 0.55 -57.47 -32.56
N GLY B 504 1.38 -57.02 -33.49
CA GLY B 504 1.08 -55.79 -34.23
C GLY B 504 -0.18 -55.86 -35.06
N TYR B 505 -0.68 -57.07 -35.34
CA TYR B 505 -1.87 -57.27 -36.14
C TYR B 505 -3.07 -57.71 -35.31
N GLN B 506 -2.90 -57.84 -33.99
CA GLN B 506 -4.00 -58.21 -33.11
C GLN B 506 -4.83 -56.98 -32.75
N PRO B 507 -6.10 -57.18 -32.39
CA PRO B 507 -6.93 -56.01 -32.06
C PRO B 507 -6.55 -55.39 -30.73
N TYR B 508 -6.64 -54.07 -30.68
CA TYR B 508 -6.43 -53.31 -29.46
C TYR B 508 -7.60 -52.36 -29.25
N ARG B 509 -8.11 -52.30 -28.02
CA ARG B 509 -9.16 -51.35 -27.68
C ARG B 509 -8.51 -50.07 -27.17
N VAL B 510 -9.00 -48.94 -27.65
CA VAL B 510 -8.41 -47.64 -27.38
C VAL B 510 -9.46 -46.75 -26.74
N VAL B 511 -9.07 -46.02 -25.70
CA VAL B 511 -9.90 -44.98 -25.10
C VAL B 511 -9.08 -43.70 -25.06
N VAL B 512 -9.62 -42.64 -25.65
CA VAL B 512 -8.98 -41.34 -25.69
C VAL B 512 -9.77 -40.39 -24.80
N LEU B 513 -9.14 -39.89 -23.75
CA LEU B 513 -9.75 -38.91 -22.86
C LEU B 513 -9.30 -37.52 -23.28
N SER B 514 -10.24 -36.65 -23.60
CA SER B 514 -9.96 -35.26 -23.93
C SER B 514 -10.47 -34.37 -22.81
N PHE B 515 -9.63 -33.44 -22.37
CA PHE B 515 -9.94 -32.55 -21.26
C PHE B 515 -10.12 -31.14 -21.79
N GLU B 516 -11.30 -30.57 -21.55
CA GLU B 516 -11.73 -29.31 -22.15
C GLU B 516 -11.97 -28.29 -21.05
N LEU B 517 -11.32 -27.13 -21.19
CA LEU B 517 -11.39 -26.06 -20.20
C LEU B 517 -11.91 -24.81 -20.89
N LEU B 518 -13.22 -24.59 -20.81
CA LEU B 518 -13.86 -23.45 -21.42
C LEU B 518 -14.20 -22.41 -20.36
N HIS B 519 -14.75 -21.27 -20.81
CA HIS B 519 -15.16 -20.22 -19.90
C HIS B 519 -16.56 -20.48 -19.38
N ALA B 520 -16.80 -21.71 -18.93
CA ALA B 520 -18.07 -22.16 -18.39
C ALA B 520 -17.80 -22.85 -17.07
N PRO B 521 -18.85 -23.15 -16.29
CA PRO B 521 -18.63 -23.88 -15.04
C PRO B 521 -17.96 -25.22 -15.27
N ALA B 522 -16.97 -25.52 -14.43
CA ALA B 522 -16.26 -26.79 -14.49
C ALA B 522 -17.05 -27.85 -13.73
N THR B 523 -17.43 -28.92 -14.44
CA THR B 523 -18.34 -29.92 -13.90
C THR B 523 -17.69 -31.27 -13.62
N VAL B 524 -16.44 -31.48 -14.02
CA VAL B 524 -15.76 -32.76 -13.86
C VAL B 524 -14.50 -32.51 -13.05
N CYS B 525 -14.48 -32.98 -11.81
CA CYS B 525 -13.34 -32.82 -10.92
C CYS B 525 -12.95 -34.17 -10.33
N GLY B 526 -11.82 -33.87 -9.46
CA GLY B 526 -11.26 -35.07 -8.87
C GLY B 526 -11.52 -35.14 -7.38
N PRO B 527 -11.24 -36.31 -6.78
CA PRO B 527 -11.90 -36.70 -5.52
C PRO B 527 -11.78 -35.66 -4.42
N LYS B 528 -10.55 -35.25 -4.11
CA LYS B 528 -10.27 -34.29 -3.06
C LYS B 528 -10.76 -34.79 -1.70
N LYS B 529 -10.16 -35.90 -1.28
CA LYS B 529 -10.53 -36.59 -0.06
C LYS B 529 -10.28 -35.70 1.16
N SER B 530 -10.75 -36.18 2.31
CA SER B 530 -10.59 -35.44 3.57
C SER B 530 -9.90 -36.32 4.62
N THR B 531 -9.81 -35.81 5.85
CA THR B 531 -9.17 -36.53 6.95
C THR B 531 -10.05 -36.42 8.18
N ASN B 532 -9.55 -36.95 9.30
CA ASN B 532 -10.23 -36.87 10.57
C ASN B 532 -10.06 -35.47 11.17
N LEU B 533 -10.96 -35.11 12.08
CA LEU B 533 -10.96 -33.84 12.76
C LEU B 533 -10.69 -34.04 14.25
N VAL B 534 -9.96 -33.10 14.85
CA VAL B 534 -9.61 -33.14 16.26
C VAL B 534 -10.09 -31.87 16.92
N LYS B 535 -10.60 -32.01 18.15
CA LYS B 535 -11.15 -30.90 18.91
C LYS B 535 -10.23 -30.54 20.08
N ASN B 536 -10.47 -29.36 20.65
CA ASN B 536 -9.78 -28.87 21.83
C ASN B 536 -8.27 -28.74 21.63
N LYS B 537 -7.85 -28.58 20.38
CA LYS B 537 -6.45 -28.39 20.03
C LYS B 537 -6.36 -27.37 18.91
N CYS B 538 -5.39 -26.46 19.00
CA CYS B 538 -5.18 -25.46 17.97
C CYS B 538 -4.85 -26.13 16.63
N VAL B 539 -5.70 -25.89 15.62
CA VAL B 539 -5.52 -26.50 14.31
C VAL B 539 -5.66 -25.42 13.25
N ASN B 540 -4.95 -25.62 12.14
CA ASN B 540 -5.19 -24.85 10.91
C ASN B 540 -6.14 -25.66 10.03
N PHE B 541 -7.34 -25.14 9.83
CA PHE B 541 -8.44 -25.88 9.23
C PHE B 541 -8.85 -25.26 7.90
N ASN B 542 -9.40 -26.09 7.03
CA ASN B 542 -9.93 -25.64 5.74
C ASN B 542 -11.25 -26.39 5.51
N PHE B 543 -12.36 -25.75 5.87
CA PHE B 543 -13.68 -26.26 5.56
C PHE B 543 -14.09 -25.82 4.15
N ASN B 544 -15.29 -26.24 3.75
CA ASN B 544 -15.73 -26.38 2.35
C ASN B 544 -15.11 -25.33 1.43
N GLY B 545 -15.23 -24.06 1.81
CA GLY B 545 -14.67 -23.01 0.99
C GLY B 545 -13.83 -22.03 1.80
N LEU B 546 -13.83 -22.17 3.12
CA LEU B 546 -13.15 -21.23 4.00
C LEU B 546 -11.94 -21.88 4.65
N THR B 547 -10.97 -21.06 5.02
CA THR B 547 -9.78 -21.54 5.70
C THR B 547 -9.46 -20.61 6.86
N GLY B 548 -8.81 -21.15 7.88
CA GLY B 548 -8.49 -20.36 9.04
C GLY B 548 -7.64 -21.14 10.03
N THR B 549 -7.43 -20.54 11.19
CA THR B 549 -6.70 -21.16 12.28
C THR B 549 -7.47 -20.95 13.56
N GLY B 550 -7.62 -22.00 14.36
CA GLY B 550 -8.36 -21.90 15.60
C GLY B 550 -8.60 -23.27 16.19
N VAL B 551 -9.35 -23.25 17.29
CA VAL B 551 -9.73 -24.44 18.03
C VAL B 551 -11.20 -24.73 17.76
N LEU B 552 -11.51 -25.94 17.36
CA LEU B 552 -12.89 -26.36 17.08
C LEU B 552 -13.46 -27.01 18.34
N THR B 553 -14.61 -26.53 18.78
CA THR B 553 -15.25 -27.04 19.99
C THR B 553 -16.71 -27.35 19.73
N GLU B 554 -17.24 -28.30 20.52
CA GLU B 554 -18.67 -28.60 20.49
C GLU B 554 -19.48 -27.34 20.77
N SER B 555 -20.46 -27.08 19.92
CA SER B 555 -21.19 -25.82 19.93
C SER B 555 -22.48 -25.95 20.73
N ASN B 556 -23.19 -24.83 20.84
CA ASN B 556 -24.46 -24.75 21.55
C ASN B 556 -25.55 -24.18 20.66
N LYS B 557 -25.23 -23.82 19.42
CA LYS B 557 -26.15 -23.16 18.52
C LYS B 557 -26.97 -24.19 17.75
N LYS B 558 -28.03 -23.71 17.10
CA LYS B 558 -28.92 -24.54 16.30
C LYS B 558 -28.93 -23.98 14.88
N PHE B 559 -27.96 -24.41 14.07
CA PHE B 559 -27.92 -24.02 12.67
C PHE B 559 -29.11 -24.61 11.92
N LEU B 560 -29.57 -23.87 10.91
CA LEU B 560 -30.61 -24.37 10.03
C LEU B 560 -30.05 -25.46 9.13
N PRO B 561 -30.92 -26.30 8.55
CA PRO B 561 -30.41 -27.41 7.71
C PRO B 561 -29.61 -26.96 6.50
N PHE B 562 -29.73 -25.70 6.09
CA PHE B 562 -29.04 -25.20 4.92
C PHE B 562 -27.90 -24.24 5.24
N GLN B 563 -27.67 -23.94 6.52
CA GLN B 563 -26.62 -23.01 6.91
C GLN B 563 -25.31 -23.75 7.11
N GLN B 564 -24.22 -23.15 6.65
CA GLN B 564 -22.91 -23.78 6.72
C GLN B 564 -21.95 -23.03 7.64
N PHE B 565 -21.74 -21.74 7.39
CA PHE B 565 -20.72 -20.96 8.09
C PHE B 565 -21.39 -19.92 8.98
N GLY B 566 -21.00 -19.91 10.26
CA GLY B 566 -21.45 -18.87 11.17
C GLY B 566 -20.77 -17.54 10.90
N ARG B 567 -21.24 -16.52 11.62
CA ARG B 567 -20.68 -15.18 11.49
C ARG B 567 -21.03 -14.36 12.73
N ASP B 568 -20.02 -13.76 13.35
CA ASP B 568 -20.23 -12.88 14.48
C ASP B 568 -20.75 -11.52 14.00
N ILE B 569 -20.97 -10.61 14.95
CA ILE B 569 -21.50 -9.29 14.60
C ILE B 569 -20.50 -8.52 13.73
N ALA B 570 -19.21 -8.64 14.01
CA ALA B 570 -18.20 -7.89 13.26
C ALA B 570 -17.62 -8.73 12.11
N ASP B 571 -18.51 -9.29 11.30
CA ASP B 571 -18.17 -9.98 10.06
C ASP B 571 -16.94 -10.88 10.24
N THR B 572 -17.00 -11.73 11.27
CA THR B 572 -15.95 -12.70 11.55
C THR B 572 -16.56 -14.09 11.67
N THR B 573 -15.92 -15.06 11.03
CA THR B 573 -16.39 -16.44 11.10
C THR B 573 -16.43 -16.90 12.55
N ASP B 574 -17.55 -17.51 12.94
CA ASP B 574 -17.78 -17.92 14.32
C ASP B 574 -18.02 -19.41 14.48
N ALA B 575 -18.80 -20.03 13.60
CA ALA B 575 -19.03 -21.46 13.65
C ALA B 575 -19.17 -22.01 12.25
N VAL B 576 -18.95 -23.31 12.11
CA VAL B 576 -19.03 -24.00 10.83
C VAL B 576 -19.79 -25.30 10.98
N ARG B 577 -20.33 -25.77 9.85
CA ARG B 577 -20.98 -27.07 9.78
C ARG B 577 -20.02 -28.06 9.15
N ASP B 578 -19.68 -29.12 9.88
CA ASP B 578 -18.75 -30.11 9.36
C ASP B 578 -19.37 -30.81 8.15
N PRO B 579 -18.68 -30.86 7.01
CA PRO B 579 -19.30 -31.41 5.79
C PRO B 579 -19.76 -32.86 5.91
N GLN B 580 -19.05 -33.68 6.69
CA GLN B 580 -19.41 -35.09 6.80
C GLN B 580 -20.35 -35.35 7.98
N THR B 581 -19.93 -34.99 9.19
CA THR B 581 -20.75 -35.14 10.38
C THR B 581 -21.65 -33.93 10.55
N LEU B 582 -22.95 -34.17 10.73
CA LEU B 582 -23.91 -33.09 10.88
C LEU B 582 -23.85 -32.51 12.29
N GLU B 583 -22.68 -31.94 12.61
CA GLU B 583 -22.44 -31.30 13.89
C GLU B 583 -21.87 -29.91 13.65
N ILE B 584 -22.26 -28.97 14.50
CA ILE B 584 -21.84 -27.57 14.37
C ILE B 584 -20.67 -27.34 15.31
N LEU B 585 -19.58 -26.79 14.78
CA LEU B 585 -18.34 -26.60 15.53
C LEU B 585 -18.09 -25.11 15.69
N ASP B 586 -17.92 -24.67 16.93
CA ASP B 586 -17.51 -23.30 17.22
C ASP B 586 -16.01 -23.15 17.02
N ILE B 587 -15.62 -22.04 16.41
CA ILE B 587 -14.23 -21.75 16.11
C ILE B 587 -13.76 -20.67 17.08
N THR B 588 -13.01 -21.09 18.10
CA THR B 588 -12.42 -20.17 19.05
C THR B 588 -10.95 -19.96 18.68
N PRO B 589 -10.54 -18.76 18.28
CA PRO B 589 -9.14 -18.57 17.86
C PRO B 589 -8.16 -18.94 18.95
N CYS B 590 -7.02 -19.51 18.56
CA CYS B 590 -6.08 -20.08 19.50
C CYS B 590 -5.55 -19.00 20.44
N SER B 591 -5.24 -19.41 21.67
CA SER B 591 -4.85 -18.46 22.70
C SER B 591 -3.59 -17.71 22.30
N PHE B 592 -3.54 -16.43 22.67
CA PHE B 592 -2.38 -15.59 22.40
C PHE B 592 -2.43 -14.41 23.36
N GLY B 593 -1.31 -13.71 23.47
CA GLY B 593 -1.29 -12.52 24.29
C GLY B 593 0.11 -11.98 24.43
N GLY B 594 0.18 -10.74 24.91
CA GLY B 594 1.47 -10.10 25.08
C GLY B 594 2.31 -10.76 26.17
N VAL B 595 3.62 -10.63 26.01
CA VAL B 595 4.57 -11.15 26.98
C VAL B 595 5.29 -9.96 27.60
N SER B 596 4.80 -9.47 28.74
CA SER B 596 5.42 -8.34 29.39
C SER B 596 6.54 -8.82 30.31
N VAL B 597 7.60 -8.04 30.40
CA VAL B 597 8.76 -8.39 31.19
C VAL B 597 8.85 -7.38 32.33
N ILE B 598 8.48 -7.79 33.53
CA ILE B 598 8.60 -6.94 34.71
C ILE B 598 10.01 -7.03 35.25
N THR B 599 10.68 -5.88 35.40
CA THR B 599 12.06 -5.85 35.84
C THR B 599 12.30 -4.64 36.73
N PRO B 600 13.02 -4.82 37.83
CA PRO B 600 13.69 -3.69 38.47
C PRO B 600 14.81 -3.22 37.56
N GLY B 601 15.21 -1.96 37.74
CA GLY B 601 16.22 -1.39 36.89
C GLY B 601 17.47 -2.24 36.82
N THR B 602 17.97 -2.48 35.60
CA THR B 602 19.17 -3.30 35.43
C THR B 602 20.34 -2.77 36.25
N ASN B 603 20.32 -1.49 36.62
CA ASN B 603 21.34 -0.95 37.51
C ASN B 603 21.41 -1.74 38.82
N THR B 604 20.26 -2.05 39.39
CA THR B 604 20.23 -2.69 40.71
C THR B 604 20.43 -4.20 40.61
N SER B 605 19.77 -4.86 39.66
CA SER B 605 19.85 -6.32 39.55
C SER B 605 19.43 -6.72 38.14
N ASN B 606 19.63 -8.00 37.83
CA ASN B 606 19.26 -8.56 36.54
C ASN B 606 18.16 -9.62 36.62
N GLN B 607 17.52 -9.78 37.79
CA GLN B 607 16.43 -10.74 37.92
C GLN B 607 15.12 -10.14 37.40
N VAL B 608 14.34 -10.95 36.68
CA VAL B 608 13.15 -10.49 36.01
C VAL B 608 12.00 -11.47 36.25
N ALA B 609 10.78 -10.98 36.01
CA ALA B 609 9.58 -11.80 36.01
C ALA B 609 8.86 -11.62 34.67
N VAL B 610 8.08 -12.63 34.29
CA VAL B 610 7.41 -12.62 32.99
C VAL B 610 5.90 -12.75 33.20
N LEU B 611 5.15 -11.82 32.62
CA LEU B 611 3.68 -11.81 32.67
C LEU B 611 3.14 -12.14 31.29
N TYR B 612 2.52 -13.30 31.14
CA TYR B 612 1.80 -13.65 29.93
C TYR B 612 0.37 -13.15 30.09
N GLN B 613 -0.01 -12.19 29.24
CA GLN B 613 -1.26 -11.45 29.45
C GLN B 613 -2.46 -12.26 28.99
N ASP B 614 -3.42 -12.42 29.90
CA ASP B 614 -4.74 -12.99 29.59
C ASP B 614 -4.62 -14.42 29.06
N VAL B 615 -3.94 -15.27 29.83
CA VAL B 615 -3.90 -16.71 29.56
C VAL B 615 -3.82 -17.44 30.90
N ASN B 616 -4.27 -18.69 30.89
CA ASN B 616 -4.05 -19.57 32.03
C ASN B 616 -2.60 -20.03 32.11
N CYS B 617 -2.18 -20.38 33.31
CA CYS B 617 -0.83 -20.84 33.58
C CYS B 617 -0.58 -22.28 33.13
N THR B 618 -1.60 -22.95 32.58
CA THR B 618 -1.43 -24.31 32.08
C THR B 618 -0.91 -24.34 30.65
N GLU B 619 -1.16 -23.30 29.87
CA GLU B 619 -0.82 -23.29 28.45
C GLU B 619 0.56 -22.70 28.16
N VAL B 620 1.30 -22.33 29.20
CA VAL B 620 2.65 -21.79 29.00
C VAL B 620 3.62 -22.93 28.68
N ASN B 641 6.26 -21.42 42.02
CA ASN B 641 6.35 -19.96 42.14
C ASN B 641 5.65 -19.32 40.94
N VAL B 642 4.38 -19.68 40.75
CA VAL B 642 3.57 -19.19 39.64
C VAL B 642 2.29 -18.58 40.19
N PHE B 643 1.93 -17.39 39.72
CA PHE B 643 0.77 -16.65 40.20
C PHE B 643 -0.24 -16.50 39.08
N GLN B 644 -1.48 -16.93 39.32
CA GLN B 644 -2.57 -16.77 38.37
C GLN B 644 -3.38 -15.54 38.79
N THR B 645 -3.24 -14.45 38.05
CA THR B 645 -3.94 -13.20 38.34
C THR B 645 -4.93 -12.90 37.23
N ARG B 646 -5.85 -11.98 37.53
CA ARG B 646 -6.83 -11.57 36.52
C ARG B 646 -6.16 -10.96 35.29
N ALA B 647 -4.91 -10.51 35.41
CA ALA B 647 -4.18 -9.98 34.26
C ALA B 647 -3.51 -11.08 33.44
N GLY B 648 -3.37 -12.28 33.99
CA GLY B 648 -2.73 -13.37 33.27
C GLY B 648 -1.88 -14.27 34.15
N CYS B 649 -0.86 -14.89 33.56
CA CYS B 649 0.03 -15.77 34.29
C CYS B 649 1.34 -15.04 34.58
N LEU B 650 1.71 -14.94 35.85
CA LEU B 650 2.94 -14.30 36.27
C LEU B 650 3.93 -15.36 36.77
N ILE B 651 5.15 -15.33 36.24
CA ILE B 651 6.18 -16.31 36.56
C ILE B 651 7.42 -15.56 37.05
N GLY B 652 8.05 -16.11 38.09
CA GLY B 652 9.19 -15.48 38.74
C GLY B 652 8.86 -14.51 39.85
N ALA B 653 7.59 -14.34 40.20
CA ALA B 653 7.17 -13.40 41.24
C ALA B 653 6.68 -14.19 42.45
N GLU B 654 7.23 -13.86 43.62
CA GLU B 654 6.83 -14.50 44.87
C GLU B 654 5.58 -13.81 45.39
N HIS B 655 4.47 -14.55 45.47
CA HIS B 655 3.20 -13.97 45.89
C HIS B 655 3.15 -13.88 47.40
N VAL B 656 3.05 -12.66 47.92
CA VAL B 656 2.99 -12.40 49.35
C VAL B 656 1.61 -11.91 49.70
N ASN B 657 1.29 -11.96 51.00
CA ASN B 657 0.00 -11.50 51.49
C ASN B 657 0.03 -10.04 51.92
N ASN B 658 1.16 -9.57 52.43
CA ASN B 658 1.26 -8.20 52.91
C ASN B 658 1.12 -7.22 51.74
N SER B 659 0.43 -6.12 51.98
CA SER B 659 0.20 -5.10 50.97
C SER B 659 1.23 -3.99 51.10
N TYR B 660 1.56 -3.39 49.96
CA TYR B 660 2.54 -2.31 49.91
C TYR B 660 2.13 -1.33 48.82
N GLU B 661 2.78 -0.17 48.82
CA GLU B 661 2.55 0.81 47.77
C GLU B 661 3.00 0.27 46.42
N CYS B 662 2.20 0.54 45.39
CA CYS B 662 2.47 0.02 44.06
C CYS B 662 3.76 0.63 43.50
N ASP B 663 4.62 -0.21 42.95
CA ASP B 663 5.87 0.24 42.33
C ASP B 663 5.87 -0.03 40.83
N ILE B 664 5.68 -1.27 40.42
CA ILE B 664 5.55 -1.63 39.02
C ILE B 664 4.15 -2.17 38.81
N PRO B 665 3.25 -1.42 38.18
CA PRO B 665 1.87 -1.89 38.07
C PRO B 665 1.77 -3.07 37.12
N ILE B 666 0.99 -4.07 37.54
CA ILE B 666 0.66 -5.22 36.70
C ILE B 666 -0.78 -5.12 36.20
N GLY B 667 -1.72 -5.04 37.11
CA GLY B 667 -3.11 -4.85 36.75
C GLY B 667 -4.04 -5.55 37.71
N ALA B 668 -5.31 -5.17 37.65
CA ALA B 668 -6.36 -5.75 38.49
C ALA B 668 -5.99 -5.69 39.96
N GLY B 669 -5.39 -4.57 40.37
CA GLY B 669 -5.03 -4.38 41.76
C GLY B 669 -3.74 -5.06 42.17
N ILE B 670 -3.04 -5.73 41.25
CA ILE B 670 -1.81 -6.44 41.54
C ILE B 670 -0.64 -5.62 41.02
N CYS B 671 0.34 -5.37 41.89
CA CYS B 671 1.57 -4.69 41.51
C CYS B 671 2.77 -5.52 41.99
N ALA B 672 3.85 -5.45 41.22
CA ALA B 672 5.07 -6.20 41.54
C ALA B 672 6.20 -5.23 41.84
N SER B 673 7.17 -5.73 42.61
CA SER B 673 8.32 -4.92 42.99
C SER B 673 9.41 -5.84 43.53
N TYR B 674 10.62 -5.29 43.59
CA TYR B 674 11.79 -6.03 44.06
C TYR B 674 12.01 -5.68 45.52
N GLN B 675 11.90 -6.67 46.41
CA GLN B 675 11.99 -6.43 47.84
C GLN B 675 12.66 -7.61 48.52
N THR B 676 13.17 -7.36 49.72
CA THR B 676 13.82 -8.40 50.51
C THR B 676 12.79 -9.37 51.07
N SER B 689 18.49 -13.05 49.29
CA SER B 689 17.64 -12.48 50.32
C SER B 689 16.58 -11.57 49.70
N GLN B 690 16.89 -11.04 48.52
CA GLN B 690 15.98 -10.16 47.79
C GLN B 690 15.41 -10.89 46.58
N SER B 691 14.17 -10.56 46.25
CA SER B 691 13.46 -11.26 45.17
C SER B 691 12.32 -10.38 44.69
N ILE B 692 11.69 -10.80 43.60
CA ILE B 692 10.56 -10.09 43.04
C ILE B 692 9.28 -10.65 43.64
N ILE B 693 8.42 -9.76 44.11
CA ILE B 693 7.16 -10.14 44.74
C ILE B 693 6.01 -9.41 44.06
N ALA B 694 4.85 -10.05 44.04
CA ALA B 694 3.62 -9.47 43.53
C ALA B 694 2.58 -9.46 44.63
N TYR B 695 1.91 -8.32 44.81
CA TYR B 695 1.02 -8.13 45.94
C TYR B 695 -0.14 -7.23 45.54
N THR B 696 -1.25 -7.38 46.26
CA THR B 696 -2.40 -6.49 46.11
C THR B 696 -2.05 -5.15 46.73
N MET B 697 -1.90 -4.12 45.90
CA MET B 697 -1.36 -2.86 46.38
C MET B 697 -2.28 -2.25 47.43
N SER B 698 -1.68 -1.59 48.41
CA SER B 698 -2.42 -0.94 49.47
C SER B 698 -2.76 0.49 49.11
N LEU B 699 -3.92 0.95 49.57
CA LEU B 699 -4.37 2.31 49.33
C LEU B 699 -3.93 3.27 50.44
N GLY B 700 -3.21 2.77 51.45
CA GLY B 700 -2.77 3.56 52.56
C GLY B 700 -3.22 2.97 53.88
N ALA B 701 -2.54 3.33 54.97
CA ALA B 701 -2.91 2.82 56.28
C ALA B 701 -4.30 3.33 56.67
N GLU B 702 -5.16 2.41 57.10
CA GLU B 702 -6.51 2.81 57.48
C GLU B 702 -6.49 3.60 58.78
N ASN B 703 -7.60 4.28 59.04
CA ASN B 703 -7.72 5.11 60.24
C ASN B 703 -9.20 5.28 60.56
N SER B 704 -9.48 5.54 61.84
CA SER B 704 -10.84 5.79 62.29
C SER B 704 -10.88 7.13 63.02
N VAL B 705 -11.83 7.98 62.65
CA VAL B 705 -11.99 9.28 63.25
C VAL B 705 -12.96 9.15 64.42
N ALA B 706 -12.52 9.55 65.61
CA ALA B 706 -13.35 9.41 66.80
C ALA B 706 -14.46 10.44 66.80
N TYR B 707 -15.37 10.33 65.84
CA TYR B 707 -16.44 11.31 65.67
C TYR B 707 -17.55 11.11 66.69
N SER B 708 -17.95 12.21 67.33
CA SER B 708 -19.10 12.19 68.22
C SER B 708 -19.72 13.58 68.18
N ASN B 709 -21.02 13.64 68.54
CA ASN B 709 -21.81 14.85 68.31
C ASN B 709 -21.37 16.04 69.16
N ASN B 710 -20.53 15.84 70.16
CA ASN B 710 -20.07 16.93 71.01
C ASN B 710 -18.57 16.81 71.25
N SER B 711 -17.83 16.58 70.18
CA SER B 711 -16.38 16.47 70.23
C SER B 711 -15.79 17.08 68.98
N ILE B 712 -14.83 17.97 69.16
CA ILE B 712 -14.15 18.66 68.06
C ILE B 712 -12.66 18.60 68.33
N ALA B 713 -11.89 18.35 67.29
CA ALA B 713 -10.44 18.29 67.43
C ALA B 713 -9.88 19.57 66.83
N ILE B 714 -9.10 20.29 67.64
CA ILE B 714 -8.57 21.59 67.20
C ILE B 714 -7.06 21.52 67.23
N PRO B 715 -6.37 22.05 66.23
CA PRO B 715 -4.91 22.05 66.27
C PRO B 715 -4.38 23.03 67.30
N THR B 716 -3.17 22.73 67.78
CA THR B 716 -2.46 23.57 68.73
C THR B 716 -1.13 24.03 68.20
N ASN B 717 -0.58 23.35 67.20
CA ASN B 717 0.69 23.71 66.59
C ASN B 717 0.48 23.73 65.09
N PHE B 718 1.55 23.90 64.31
CA PHE B 718 1.41 23.93 62.86
C PHE B 718 2.78 23.71 62.22
N THR B 719 2.75 23.45 60.90
CA THR B 719 3.95 23.28 60.11
C THR B 719 3.77 23.99 58.77
N ILE B 720 4.81 24.68 58.33
CA ILE B 720 4.82 25.36 57.05
C ILE B 720 5.50 24.43 56.05
N SER B 721 4.72 23.90 55.11
CA SER B 721 5.22 22.92 54.15
C SER B 721 5.38 23.56 52.79
N VAL B 722 6.54 23.35 52.17
CA VAL B 722 6.80 23.81 50.81
C VAL B 722 6.75 22.57 49.93
N THR B 723 5.74 22.48 49.07
CA THR B 723 5.64 21.38 48.13
C THR B 723 6.10 21.83 46.75
N THR B 724 6.30 20.86 45.86
CA THR B 724 6.85 21.12 44.54
C THR B 724 5.92 20.57 43.47
N GLU B 725 5.46 21.44 42.58
CA GLU B 725 4.55 21.06 41.50
C GLU B 725 5.21 21.43 40.17
N ILE B 726 5.40 20.44 39.31
CA ILE B 726 6.16 20.62 38.07
C ILE B 726 5.20 20.56 36.89
N LEU B 727 5.32 21.53 35.97
CA LEU B 727 4.43 21.63 34.83
C LEU B 727 5.20 21.92 33.55
N PRO B 728 5.10 21.06 32.53
CA PRO B 728 5.72 21.40 31.24
C PRO B 728 4.97 22.53 30.56
N VAL B 729 5.73 23.37 29.85
CA VAL B 729 5.20 24.59 29.25
C VAL B 729 5.33 24.58 27.74
N SER B 730 6.47 24.16 27.21
CA SER B 730 6.72 24.24 25.77
C SER B 730 7.55 23.03 25.32
N MET B 731 7.43 22.72 24.04
CA MET B 731 8.17 21.64 23.40
C MET B 731 9.43 22.20 22.73
N THR B 732 10.08 21.36 21.93
CA THR B 732 11.18 21.78 21.08
C THR B 732 10.61 22.15 19.72
N LYS B 733 10.90 23.38 19.27
CA LYS B 733 10.33 23.92 18.04
C LYS B 733 11.00 23.24 16.84
N THR B 734 10.56 22.03 16.55
CA THR B 734 11.09 21.28 15.43
C THR B 734 10.52 21.79 14.12
N SER B 735 11.33 21.71 13.07
CA SER B 735 10.92 22.06 11.72
C SER B 735 11.53 21.08 10.76
N VAL B 736 10.74 20.57 9.83
CA VAL B 736 11.18 19.53 8.91
C VAL B 736 11.07 20.06 7.49
N ASP B 737 12.13 19.89 6.72
CA ASP B 737 12.14 20.30 5.32
C ASP B 737 11.54 19.14 4.55
N CYS B 738 10.30 19.31 4.12
CA CYS B 738 9.55 18.22 3.49
C CYS B 738 10.25 17.72 2.23
N THR B 739 10.60 18.62 1.32
CA THR B 739 11.17 18.21 0.04
C THR B 739 12.56 17.62 0.24
N MET B 740 13.33 18.16 1.19
CA MET B 740 14.67 17.62 1.44
C MET B 740 14.60 16.28 2.14
N TYR B 741 13.64 16.11 3.06
CA TYR B 741 13.49 14.83 3.74
C TYR B 741 13.05 13.74 2.78
N ILE B 742 12.00 14.01 2.00
CA ILE B 742 11.46 13.00 1.10
C ILE B 742 12.40 12.76 -0.08
N CYS B 743 12.93 13.83 -0.66
CA CYS B 743 13.57 13.78 -1.97
C CYS B 743 14.96 14.41 -1.92
N GLY B 744 15.78 13.98 -0.96
CA GLY B 744 17.08 14.59 -0.75
C GLY B 744 17.95 14.69 -1.97
N ASP B 745 18.15 15.92 -2.46
CA ASP B 745 19.05 16.23 -3.57
C ASP B 745 18.79 15.33 -4.79
N SER B 746 17.54 15.30 -5.23
CA SER B 746 17.15 14.58 -6.44
C SER B 746 16.13 15.41 -7.19
N THR B 747 16.53 15.94 -8.36
CA THR B 747 15.61 16.75 -9.16
C THR B 747 14.42 15.93 -9.65
N GLU B 748 14.67 14.70 -10.12
CA GLU B 748 13.58 13.85 -10.58
C GLU B 748 12.62 13.54 -9.44
N CYS B 749 13.15 13.27 -8.24
CA CYS B 749 12.28 13.00 -7.10
C CYS B 749 11.45 14.23 -6.75
N SER B 750 12.04 15.42 -6.84
CA SER B 750 11.27 16.63 -6.58
C SER B 750 10.16 16.82 -7.61
N ASN B 751 10.46 16.56 -8.87
CA ASN B 751 9.44 16.65 -9.92
C ASN B 751 8.30 15.66 -9.65
N LEU B 752 8.64 14.43 -9.26
CA LEU B 752 7.60 13.48 -8.90
C LEU B 752 6.80 13.94 -7.69
N LEU B 753 7.48 14.49 -6.68
CA LEU B 753 6.80 14.93 -5.46
C LEU B 753 5.86 16.09 -5.74
N LEU B 754 6.19 16.92 -6.74
CA LEU B 754 5.30 18.02 -7.10
C LEU B 754 3.92 17.53 -7.55
N GLN B 755 3.84 16.27 -7.99
CA GLN B 755 2.55 15.69 -8.36
C GLN B 755 1.60 15.58 -7.18
N TYR B 756 2.11 15.61 -5.95
CA TYR B 756 1.27 15.45 -4.76
C TYR B 756 0.75 16.79 -4.24
N GLY B 757 0.99 17.88 -4.95
CA GLY B 757 0.40 19.16 -4.60
C GLY B 757 1.00 19.81 -3.36
N SER B 758 0.12 20.19 -2.43
CA SER B 758 0.48 21.08 -1.33
C SER B 758 0.77 20.35 -0.04
N PHE B 759 1.00 19.03 -0.08
CA PHE B 759 1.21 18.27 1.15
C PHE B 759 2.40 18.82 1.92
N CYS B 760 3.51 19.06 1.22
CA CYS B 760 4.70 19.60 1.87
C CYS B 760 4.41 20.96 2.51
N THR B 761 3.64 21.81 1.82
CA THR B 761 3.26 23.09 2.38
C THR B 761 2.39 22.91 3.62
N GLN B 762 1.46 21.96 3.59
CA GLN B 762 0.65 21.67 4.77
C GLN B 762 1.52 21.31 5.95
N LEU B 763 2.45 20.38 5.77
CA LEU B 763 3.28 19.93 6.89
C LEU B 763 4.15 21.07 7.42
N ASN B 764 4.78 21.83 6.52
CA ASN B 764 5.62 22.93 6.96
C ASN B 764 4.81 23.98 7.71
N ARG B 765 3.62 24.30 7.22
CA ARG B 765 2.76 25.28 7.89
C ARG B 765 2.34 24.77 9.26
N ALA B 766 2.02 23.48 9.37
CA ALA B 766 1.65 22.91 10.66
C ALA B 766 2.79 23.02 11.65
N LEU B 767 4.01 22.67 11.22
CA LEU B 767 5.15 22.73 12.12
C LEU B 767 5.45 24.17 12.53
N THR B 768 5.32 25.12 11.59
CA THR B 768 5.51 26.53 11.94
C THR B 768 4.47 26.98 12.95
N GLY B 769 3.22 26.54 12.76
CA GLY B 769 2.17 26.86 13.71
C GLY B 769 2.48 26.31 15.09
N ILE B 770 2.95 25.07 15.16
CA ILE B 770 3.34 24.49 16.45
C ILE B 770 4.44 25.32 17.11
N ALA B 771 5.45 25.70 16.33
CA ALA B 771 6.56 26.47 16.88
C ALA B 771 6.08 27.81 17.44
N VAL B 772 5.20 28.49 16.69
CA VAL B 772 4.66 29.76 17.16
C VAL B 772 3.81 29.54 18.41
N GLU B 773 3.04 28.45 18.43
CA GLU B 773 2.24 28.14 19.61
C GLU B 773 3.12 27.94 20.84
N GLN B 774 4.27 27.30 20.65
CA GLN B 774 5.19 27.09 21.77
C GLN B 774 5.73 28.41 22.28
N ASP B 775 6.13 29.29 21.38
CA ASP B 775 6.63 30.60 21.83
C ASP B 775 5.53 31.39 22.52
N LYS B 776 4.30 31.30 22.01
CA LYS B 776 3.16 31.94 22.67
C LYS B 776 2.94 31.37 24.06
N ASN B 777 3.04 30.03 24.19
CA ASN B 777 2.88 29.39 25.49
C ASN B 777 3.89 29.94 26.48
N THR B 778 5.17 29.94 26.11
CA THR B 778 6.19 30.44 27.02
C THR B 778 5.94 31.91 27.37
N GLN B 779 5.59 32.72 26.36
CA GLN B 779 5.34 34.14 26.60
C GLN B 779 4.20 34.35 27.59
N GLU B 780 3.08 33.63 27.40
CA GLU B 780 1.93 33.83 28.26
C GLU B 780 2.14 33.23 29.64
N VAL B 781 2.93 32.16 29.75
CA VAL B 781 3.19 31.57 31.06
C VAL B 781 4.08 32.48 31.89
N PHE B 782 5.17 32.98 31.29
CA PHE B 782 6.13 33.73 32.09
C PHE B 782 5.87 35.24 32.04
N ALA B 783 5.74 35.80 30.82
CA ALA B 783 5.62 37.24 30.68
C ALA B 783 4.24 37.73 31.09
N GLN B 784 3.95 37.68 32.39
CA GLN B 784 2.69 38.17 32.94
C GLN B 784 2.87 39.38 33.82
N VAL B 785 4.12 39.80 34.06
CA VAL B 785 4.42 40.96 34.88
C VAL B 785 4.82 42.11 33.98
N LYS B 786 4.21 43.27 34.22
CA LYS B 786 4.44 44.44 33.35
C LYS B 786 5.90 44.87 33.41
N GLN B 787 6.42 45.07 34.61
CA GLN B 787 7.78 45.57 34.81
C GLN B 787 8.67 44.44 35.32
N ILE B 788 9.95 44.77 35.52
CA ILE B 788 10.93 43.83 36.05
C ILE B 788 11.36 44.30 37.43
N TYR B 789 10.70 43.79 38.47
CA TYR B 789 11.07 44.19 39.82
C TYR B 789 12.37 43.51 40.25
N LYS B 790 13.03 44.15 41.21
CA LYS B 790 14.28 43.66 41.78
C LYS B 790 14.26 43.86 43.29
N THR B 791 14.69 42.84 44.02
CA THR B 791 14.74 42.93 45.47
C THR B 791 15.76 43.98 45.91
N PRO B 792 15.51 44.66 47.02
CA PRO B 792 16.48 45.64 47.54
C PRO B 792 17.68 44.93 48.14
N PRO B 793 18.81 45.63 48.31
CA PRO B 793 19.95 45.01 48.99
C PRO B 793 19.64 44.54 50.39
N ILE B 794 18.74 45.23 51.11
CA ILE B 794 18.36 44.80 52.45
C ILE B 794 17.55 43.52 52.35
N LYS B 795 17.86 42.55 53.21
CA LYS B 795 17.16 41.28 53.24
C LYS B 795 16.44 41.07 54.57
N ASP B 796 15.82 42.14 55.08
CA ASP B 796 15.06 42.06 56.33
C ASP B 796 13.64 41.61 56.02
N PHE B 797 13.52 40.32 55.70
CA PHE B 797 12.24 39.71 55.35
C PHE B 797 11.58 39.03 56.54
N GLY B 798 11.80 39.54 57.75
CA GLY B 798 11.17 39.01 58.94
C GLY B 798 11.65 37.64 59.36
N GLY B 799 12.81 37.20 58.89
CA GLY B 799 13.35 35.89 59.21
C GLY B 799 13.28 34.88 58.09
N PHE B 800 12.37 35.09 57.13
CA PHE B 800 12.29 34.21 55.97
C PHE B 800 13.56 34.32 55.15
N ASN B 801 14.09 33.17 54.71
CA ASN B 801 15.37 33.09 54.03
C ASN B 801 15.07 32.67 52.59
N PHE B 802 15.12 33.63 51.68
CA PHE B 802 14.88 33.39 50.26
C PHE B 802 16.16 33.24 49.45
N SER B 803 17.33 33.15 50.11
CA SER B 803 18.59 33.08 49.38
C SER B 803 18.68 31.86 48.49
N GLN B 804 17.88 30.83 48.74
CA GLN B 804 17.93 29.61 47.95
C GLN B 804 17.08 29.70 46.69
N ILE B 805 16.13 30.63 46.62
CA ILE B 805 15.28 30.78 45.46
C ILE B 805 15.52 32.08 44.71
N LEU B 806 16.08 33.10 45.36
CA LEU B 806 16.34 34.36 44.70
C LEU B 806 17.59 34.24 43.83
N PRO B 807 17.73 35.09 42.81
CA PRO B 807 18.90 35.00 41.94
C PRO B 807 20.19 35.19 42.72
N ASP B 808 21.21 34.44 42.33
CA ASP B 808 22.55 34.60 42.88
C ASP B 808 23.39 35.39 41.89
N PRO B 809 23.83 36.61 42.22
CA PRO B 809 24.60 37.41 41.26
C PRO B 809 25.90 36.77 40.84
N SER B 810 26.45 35.86 41.66
CA SER B 810 27.68 35.13 41.35
C SER B 810 27.39 33.75 40.77
N LYS B 811 26.39 33.64 39.91
CA LYS B 811 25.90 32.39 39.35
C LYS B 811 25.78 32.59 37.84
N PRO B 812 25.32 31.59 37.04
CA PRO B 812 25.30 31.82 35.59
C PRO B 812 24.31 32.90 35.16
N SER B 813 24.57 34.12 35.63
CA SER B 813 24.07 35.38 35.08
C SER B 813 22.58 35.64 35.31
N LYS B 814 21.81 34.61 35.67
CA LYS B 814 20.46 34.90 36.17
C LYS B 814 19.88 33.85 37.12
N ARG B 815 20.58 32.75 37.40
CA ARG B 815 19.92 31.52 37.85
C ARG B 815 20.14 31.32 39.34
N SER B 816 19.05 31.07 40.07
CA SER B 816 19.13 30.78 41.49
C SER B 816 19.65 29.35 41.70
N PHE B 817 19.80 28.98 42.98
CA PHE B 817 20.33 27.66 43.31
C PHE B 817 19.37 26.56 42.85
N ILE B 818 18.08 26.72 43.15
CA ILE B 818 17.12 25.67 42.84
C ILE B 818 16.94 25.54 41.34
N GLU B 819 16.94 26.67 40.62
CA GLU B 819 16.88 26.60 39.16
C GLU B 819 18.09 25.85 38.61
N ASP B 820 19.28 26.08 39.19
CA ASP B 820 20.46 25.34 38.76
C ASP B 820 20.30 23.85 39.03
N LEU B 821 19.77 23.49 40.20
CA LEU B 821 19.48 22.09 40.50
C LEU B 821 18.55 21.49 39.46
N LEU B 822 17.51 22.25 39.07
CA LEU B 822 16.53 21.73 38.12
C LEU B 822 17.16 21.56 36.74
N PHE B 823 18.00 22.50 36.31
CA PHE B 823 18.60 22.45 34.98
C PHE B 823 19.59 21.31 34.82
N ASN B 824 20.01 20.69 35.93
CA ASN B 824 20.96 19.58 35.88
C ASN B 824 20.32 18.22 36.04
N LYS B 825 18.99 18.16 36.15
CA LYS B 825 18.27 16.90 36.28
C LYS B 825 17.53 16.52 35.00
N VAL B 826 17.75 17.26 33.92
CA VAL B 826 17.12 16.99 32.63
C VAL B 826 18.20 16.97 31.56
N THR B 827 18.22 15.91 30.75
CA THR B 827 19.20 15.77 29.69
C THR B 827 18.73 16.46 28.42
N LEU B 849 20.37 11.92 17.65
CA LEU B 849 21.68 12.52 17.86
C LEU B 849 21.65 14.03 17.65
N ILE B 850 22.72 14.70 18.06
CA ILE B 850 22.75 16.16 18.05
C ILE B 850 22.56 16.70 16.64
N CYS B 851 23.35 16.20 15.69
CA CYS B 851 23.35 16.73 14.33
C CYS B 851 23.24 15.67 13.25
N ALA B 852 23.35 14.38 13.58
CA ALA B 852 23.18 13.33 12.58
C ALA B 852 21.81 13.35 11.93
N GLN B 853 20.80 13.90 12.61
CA GLN B 853 19.49 14.10 12.00
C GLN B 853 19.41 15.40 11.19
N LYS B 854 20.28 16.38 11.49
CA LYS B 854 20.24 17.65 10.80
C LYS B 854 20.42 17.50 9.29
N PHE B 855 21.12 16.45 8.86
CA PHE B 855 21.40 16.26 7.44
C PHE B 855 20.24 15.63 6.69
N ASN B 856 19.10 15.39 7.35
CA ASN B 856 17.91 14.87 6.68
C ASN B 856 16.76 15.88 6.72
N GLY B 857 17.09 17.16 6.82
CA GLY B 857 16.10 18.22 6.82
C GLY B 857 15.42 18.48 8.15
N LEU B 858 15.75 17.72 9.18
CA LEU B 858 15.15 17.90 10.51
C LEU B 858 16.00 18.88 11.30
N THR B 859 15.44 20.06 11.58
CA THR B 859 16.13 21.10 12.33
C THR B 859 15.32 21.44 13.58
N VAL B 860 16.00 22.01 14.57
CA VAL B 860 15.38 22.40 15.84
C VAL B 860 15.55 23.91 15.96
N LEU B 861 14.45 24.64 15.76
CA LEU B 861 14.50 26.09 15.88
C LEU B 861 14.75 26.48 17.34
N PRO B 862 15.49 27.56 17.56
CA PRO B 862 15.73 28.01 18.94
C PRO B 862 14.54 28.78 19.48
N PRO B 863 14.28 28.67 20.78
CA PRO B 863 13.12 29.36 21.36
C PRO B 863 13.30 30.87 21.34
N LEU B 864 12.16 31.57 21.27
CA LEU B 864 12.20 33.03 21.25
C LEU B 864 12.78 33.59 22.54
N LEU B 865 12.40 33.01 23.68
CA LEU B 865 12.85 33.48 25.00
C LEU B 865 13.94 32.56 25.50
N THR B 866 15.17 33.07 25.56
CA THR B 866 16.28 32.30 26.08
C THR B 866 16.13 32.08 27.58
N ASP B 867 16.86 31.08 28.09
CA ASP B 867 16.74 30.70 29.49
C ASP B 867 17.05 31.85 30.43
N GLU B 868 17.98 32.73 30.04
CA GLU B 868 18.31 33.87 30.85
C GLU B 868 17.13 34.83 30.99
N MET B 869 16.40 35.04 29.90
CA MET B 869 15.24 35.93 29.94
C MET B 869 14.11 35.35 30.77
N ILE B 870 13.90 34.04 30.68
CA ILE B 870 12.91 33.38 31.54
C ILE B 870 13.30 33.49 33.01
N ALA B 871 14.60 33.32 33.29
CA ALA B 871 15.08 33.51 34.66
C ALA B 871 14.86 34.94 35.13
N GLN B 872 15.09 35.92 34.26
CA GLN B 872 14.81 37.32 34.60
C GLN B 872 13.34 37.51 34.93
N TYR B 873 12.45 36.93 34.12
CA TYR B 873 11.02 37.08 34.35
C TYR B 873 10.62 36.47 35.69
N THR B 874 11.12 35.27 35.98
CA THR B 874 10.79 34.63 37.25
C THR B 874 11.37 35.41 38.42
N SER B 875 12.56 36.00 38.25
CA SER B 875 13.12 36.85 39.29
C SER B 875 12.25 38.07 39.55
N ALA B 876 11.74 38.68 38.47
CA ALA B 876 10.85 39.84 38.63
C ALA B 876 9.57 39.44 39.36
N LEU B 877 8.99 38.31 38.97
CA LEU B 877 7.79 37.81 39.62
C LEU B 877 8.04 37.54 41.10
N LEU B 878 9.17 36.89 41.40
CA LEU B 878 9.50 36.55 42.78
C LEU B 878 9.72 37.80 43.62
N ALA B 879 10.41 38.81 43.07
CA ALA B 879 10.65 40.04 43.81
C ALA B 879 9.34 40.79 44.05
N GLY B 880 8.47 40.84 43.04
CA GLY B 880 7.17 41.46 43.23
C GLY B 880 6.37 40.77 44.31
N THR B 881 6.32 39.44 44.28
CA THR B 881 5.60 38.69 45.30
C THR B 881 6.17 38.97 46.69
N ILE B 882 7.50 38.96 46.81
CA ILE B 882 8.12 39.11 48.13
C ILE B 882 7.88 40.51 48.68
N THR B 883 8.03 41.54 47.85
CA THR B 883 8.03 42.91 48.34
C THR B 883 6.67 43.59 48.30
N SER B 884 5.69 43.04 47.58
CA SER B 884 4.41 43.71 47.43
C SER B 884 3.21 42.79 47.54
N GLY B 885 3.41 41.48 47.66
CA GLY B 885 2.29 40.57 47.79
C GLY B 885 1.54 40.36 46.50
N TRP B 886 0.24 40.66 46.51
CA TRP B 886 -0.61 40.53 45.34
C TRP B 886 -0.90 41.85 44.64
N THR B 887 -0.53 42.98 45.26
CA THR B 887 -0.86 44.27 44.70
C THR B 887 -0.17 44.50 43.35
N PHE B 888 1.06 44.01 43.21
CA PHE B 888 1.83 44.29 42.00
C PHE B 888 1.16 43.73 40.74
N GLY B 889 0.26 42.77 40.89
CA GLY B 889 -0.49 42.26 39.75
C GLY B 889 -1.71 43.10 39.47
N ALA B 890 -2.41 43.48 40.53
CA ALA B 890 -3.62 44.28 40.37
C ALA B 890 -3.31 45.67 39.82
N GLY B 891 -2.13 46.20 40.12
CA GLY B 891 -1.78 47.53 39.64
C GLY B 891 -0.33 47.86 39.92
N ALA B 892 -0.08 49.08 40.38
CA ALA B 892 1.28 49.47 40.73
C ALA B 892 1.74 48.69 41.95
N ALA B 893 3.05 48.42 42.00
CA ALA B 893 3.62 47.68 43.10
C ALA B 893 3.65 48.54 44.36
N LEU B 894 3.06 48.04 45.43
CA LEU B 894 2.95 48.77 46.69
C LEU B 894 3.69 47.97 47.76
N GLN B 895 4.85 48.46 48.18
CA GLN B 895 5.66 47.72 49.13
C GLN B 895 4.91 47.51 50.43
N ILE B 896 5.37 46.52 51.19
CA ILE B 896 4.77 46.15 52.48
C ILE B 896 5.74 45.22 53.19
N PRO B 897 5.98 45.40 54.48
CA PRO B 897 6.90 44.50 55.19
C PRO B 897 6.43 43.05 55.03
N PHE B 898 7.39 42.14 54.81
CA PHE B 898 7.03 40.77 54.50
C PHE B 898 6.27 40.12 55.65
N ALA B 899 6.68 40.40 56.89
CA ALA B 899 5.97 39.88 58.05
C ALA B 899 4.49 40.24 57.99
N MET B 900 4.18 41.50 57.66
CA MET B 900 2.77 41.90 57.59
C MET B 900 2.07 41.29 56.38
N GLN B 901 2.81 41.04 55.30
CA GLN B 901 2.23 40.33 54.17
C GLN B 901 1.81 38.93 54.58
N MET B 902 2.68 38.22 55.32
CA MET B 902 2.32 36.90 55.82
C MET B 902 1.20 36.99 56.84
N ALA B 903 1.11 38.09 57.58
CA ALA B 903 -0.03 38.29 58.47
C ALA B 903 -1.33 38.37 57.68
N TYR B 904 -1.32 39.09 56.57
CA TYR B 904 -2.48 39.14 55.69
C TYR B 904 -2.79 37.75 55.14
N ARG B 905 -1.76 37.00 54.76
CA ARG B 905 -1.96 35.66 54.21
C ARG B 905 -2.62 34.75 55.24
N PHE B 906 -2.12 34.77 56.48
CA PHE B 906 -2.72 33.99 57.55
C PHE B 906 -4.16 34.44 57.80
N ASN B 907 -4.39 35.76 57.81
CA ASN B 907 -5.73 36.28 58.03
C ASN B 907 -6.70 35.84 56.94
N GLY B 908 -6.19 35.40 55.79
CA GLY B 908 -7.04 34.96 54.71
C GLY B 908 -7.42 33.51 54.75
N ILE B 909 -6.77 32.73 55.61
CA ILE B 909 -7.08 31.31 55.76
C ILE B 909 -7.73 31.02 57.12
N GLY B 910 -8.33 32.04 57.73
CA GLY B 910 -9.05 31.84 58.97
C GLY B 910 -8.21 31.85 60.23
N VAL B 911 -6.97 32.29 60.15
CA VAL B 911 -6.10 32.39 61.33
C VAL B 911 -5.77 33.86 61.54
N THR B 912 -6.08 34.38 62.72
CA THR B 912 -5.87 35.79 63.02
C THR B 912 -4.40 36.17 62.89
N GLN B 913 -4.15 37.48 62.85
CA GLN B 913 -2.79 37.97 62.63
C GLN B 913 -1.86 37.63 63.79
N ASN B 914 -2.34 37.79 65.02
CA ASN B 914 -1.48 37.64 66.19
C ASN B 914 -0.80 36.28 66.25
N VAL B 915 -1.42 35.26 65.64
CA VAL B 915 -0.80 33.94 65.60
C VAL B 915 0.57 34.01 64.94
N LEU B 916 0.68 34.75 63.82
CA LEU B 916 1.96 34.92 63.16
C LEU B 916 2.94 35.66 64.06
N TYR B 917 2.62 36.89 64.45
CA TYR B 917 3.57 37.72 65.16
C TYR B 917 4.06 37.03 66.44
N GLU B 918 3.16 36.40 67.18
CA GLU B 918 3.58 35.70 68.39
C GLU B 918 4.39 34.45 68.08
N ASN B 919 4.41 34.01 66.82
CA ASN B 919 5.16 32.82 66.41
C ASN B 919 5.89 33.08 65.11
N GLN B 920 6.52 34.26 65.00
CA GLN B 920 7.20 34.63 63.76
C GLN B 920 8.45 33.79 63.54
N LYS B 921 9.29 33.67 64.58
CA LYS B 921 10.54 32.93 64.45
C LYS B 921 10.29 31.47 64.12
N LEU B 922 9.29 30.86 64.76
CA LEU B 922 8.96 29.47 64.48
C LEU B 922 8.62 29.28 63.00
N ILE B 923 7.76 30.14 62.46
CA ILE B 923 7.36 30.03 61.06
C ILE B 923 8.54 30.24 60.14
N ALA B 924 9.38 31.23 60.45
CA ALA B 924 10.57 31.48 59.63
C ALA B 924 11.49 30.25 59.61
N ASN B 925 11.72 29.65 60.78
CA ASN B 925 12.58 28.48 60.85
C ASN B 925 11.97 27.31 60.08
N GLN B 926 10.66 27.13 60.21
CA GLN B 926 9.98 26.07 59.45
C GLN B 926 10.14 26.29 57.95
N PHE B 927 9.98 27.53 57.49
CA PHE B 927 10.11 27.81 56.07
C PHE B 927 11.53 27.53 55.58
N ASN B 928 12.53 27.94 56.36
CA ASN B 928 13.91 27.69 55.98
C ASN B 928 14.20 26.18 55.93
N SER B 929 13.75 25.44 56.94
CA SER B 929 13.95 23.99 56.94
C SER B 929 13.24 23.33 55.76
N ALA B 930 12.05 23.81 55.41
CA ALA B 930 11.33 23.26 54.26
C ALA B 930 12.08 23.52 52.97
N ILE B 931 12.64 24.73 52.81
CA ILE B 931 13.43 25.04 51.63
C ILE B 931 14.67 24.14 51.55
N GLY B 932 15.33 23.95 52.70
CA GLY B 932 16.47 23.05 52.72
C GLY B 932 16.10 21.62 52.34
N LYS B 933 14.97 21.13 52.86
CA LYS B 933 14.51 19.80 52.51
C LYS B 933 14.20 19.69 51.03
N ILE B 934 13.60 20.73 50.44
CA ILE B 934 13.33 20.72 49.00
C ILE B 934 14.63 20.64 48.22
N GLN B 935 15.63 21.44 48.61
CA GLN B 935 16.94 21.36 47.97
C GLN B 935 17.52 19.96 48.05
N ASP B 936 17.48 19.36 49.25
CA ASP B 936 18.03 18.02 49.42
C ASP B 936 17.30 17.02 48.53
N SER B 937 15.98 17.09 48.51
CA SER B 937 15.19 16.15 47.70
C SER B 937 15.52 16.29 46.23
N LEU B 938 15.61 17.53 45.74
CA LEU B 938 15.92 17.75 44.32
C LEU B 938 17.34 17.33 43.99
N SER B 939 18.28 17.50 44.92
CA SER B 939 19.67 17.14 44.64
C SER B 939 19.88 15.63 44.70
N SER B 940 19.13 14.93 45.54
CA SER B 940 19.36 13.50 45.72
C SER B 940 18.66 12.67 44.65
N THR B 941 17.43 13.02 44.32
CA THR B 941 16.60 12.24 43.40
C THR B 941 16.51 12.96 42.07
N ALA B 942 16.76 12.24 40.97
CA ALA B 942 16.61 12.80 39.63
C ALA B 942 15.28 12.50 38.98
N SER B 943 14.54 11.48 39.46
CA SER B 943 13.23 11.18 38.91
C SER B 943 12.18 12.23 39.26
N ALA B 944 12.48 13.15 40.18
CA ALA B 944 11.51 14.16 40.59
C ALA B 944 10.98 14.95 39.41
N LEU B 945 11.85 15.29 38.46
CA LEU B 945 11.46 16.05 37.28
C LEU B 945 11.04 15.16 36.12
N GLY B 946 10.58 13.94 36.40
CA GLY B 946 10.18 13.02 35.36
C GLY B 946 9.20 13.64 34.38
N LYS B 947 8.21 14.37 34.90
CA LYS B 947 7.21 14.99 34.03
C LYS B 947 7.86 15.81 32.92
N LEU B 948 8.92 16.55 33.23
CA LEU B 948 9.65 17.25 32.17
C LEU B 948 10.41 16.26 31.30
N GLN B 949 11.18 15.37 31.92
CA GLN B 949 12.02 14.44 31.17
C GLN B 949 11.22 13.66 30.14
N ASP B 950 10.12 13.06 30.59
CA ASP B 950 9.21 12.35 29.70
C ASP B 950 9.01 13.13 28.40
N VAL B 951 8.56 14.38 28.54
CA VAL B 951 8.29 15.22 27.36
C VAL B 951 9.46 15.14 26.40
N VAL B 952 10.64 15.56 26.89
CA VAL B 952 11.86 15.55 26.06
C VAL B 952 11.99 14.20 25.38
N ASN B 953 12.02 13.14 26.19
CA ASN B 953 12.23 11.80 25.65
C ASN B 953 11.28 11.54 24.51
N GLN B 954 9.98 11.80 24.73
CA GLN B 954 8.98 11.50 23.72
C GLN B 954 9.36 12.15 22.41
N ASN B 955 9.62 13.46 22.44
CA ASN B 955 9.97 14.17 21.22
C ASN B 955 11.14 13.47 20.53
N ALA B 956 12.22 13.24 21.30
CA ALA B 956 13.40 12.61 20.73
C ALA B 956 13.01 11.30 20.06
N GLN B 957 12.28 10.46 20.79
CA GLN B 957 11.89 9.16 20.25
C GLN B 957 11.19 9.34 18.91
N ALA B 958 10.20 10.23 18.87
CA ALA B 958 9.50 10.51 17.62
C ALA B 958 10.50 10.75 16.50
N LEU B 959 11.36 11.76 16.69
CA LEU B 959 12.34 12.11 15.66
C LEU B 959 13.13 10.88 15.24
N ASN B 960 13.61 10.11 16.22
CA ASN B 960 14.42 8.94 15.91
C ASN B 960 13.68 8.03 14.94
N THR B 961 12.43 7.70 15.26
CA THR B 961 11.66 6.82 14.38
C THR B 961 11.59 7.43 12.98
N LEU B 962 11.30 8.73 12.90
CA LEU B 962 11.27 9.42 11.62
C LEU B 962 12.56 9.18 10.86
N VAL B 963 13.70 9.40 11.52
CA VAL B 963 14.99 9.18 10.87
C VAL B 963 15.10 7.74 10.41
N LYS B 964 14.72 6.79 11.28
CA LYS B 964 14.84 5.39 10.90
C LYS B 964 13.89 5.03 9.77
N GLN B 965 12.82 5.81 9.57
CA GLN B 965 11.95 5.56 8.43
C GLN B 965 12.66 5.79 7.10
N LEU B 966 13.80 6.47 7.10
CA LEU B 966 14.59 6.62 5.88
C LEU B 966 15.32 5.34 5.50
N SER B 967 15.34 4.33 6.38
CA SER B 967 16.05 3.09 6.13
C SER B 967 15.14 1.99 5.62
N SER B 968 13.89 2.31 5.33
CA SER B 968 12.91 1.32 4.88
C SER B 968 12.67 1.41 3.38
N ASN B 969 12.46 0.26 2.75
CA ASN B 969 12.26 0.21 1.31
C ASN B 969 10.82 0.53 0.92
N PHE B 970 9.87 0.28 1.82
CA PHE B 970 8.44 0.49 1.58
C PHE B 970 7.94 -0.25 0.34
N GLY B 971 8.62 -1.33 -0.05
CA GLY B 971 8.28 -2.08 -1.23
C GLY B 971 9.19 -1.81 -2.43
N ALA B 972 9.97 -0.73 -2.38
CA ALA B 972 10.93 -0.46 -3.43
C ALA B 972 12.06 -1.49 -3.41
N ILE B 973 12.97 -1.38 -4.38
CA ILE B 973 14.09 -2.29 -4.50
C ILE B 973 15.31 -1.83 -3.71
N SER B 974 15.27 -0.65 -3.11
CA SER B 974 16.36 -0.16 -2.27
C SER B 974 15.89 1.08 -1.53
N SER B 975 16.33 1.23 -0.29
CA SER B 975 15.94 2.37 0.53
C SER B 975 16.80 3.60 0.28
N VAL B 976 17.75 3.54 -0.65
CA VAL B 976 18.61 4.67 -0.98
C VAL B 976 18.20 5.19 -2.35
N LEU B 977 17.75 6.44 -2.40
CA LEU B 977 17.28 7.02 -3.65
C LEU B 977 18.38 7.06 -4.71
N ASN B 978 19.61 7.36 -4.29
CA ASN B 978 20.73 7.45 -5.23
C ASN B 978 20.95 6.12 -5.94
N ASP B 979 20.83 5.01 -5.22
CA ASP B 979 21.03 3.70 -5.84
C ASP B 979 19.96 3.42 -6.89
N ILE B 980 18.70 3.73 -6.58
CA ILE B 980 17.62 3.51 -7.54
C ILE B 980 17.83 4.39 -8.78
N LEU B 981 18.29 5.63 -8.58
CA LEU B 981 18.55 6.49 -9.72
C LEU B 981 19.73 5.99 -10.55
N SER B 982 20.73 5.39 -9.90
CA SER B 982 21.91 4.90 -10.60
C SER B 982 21.69 3.53 -11.23
N ARG B 983 20.65 2.80 -10.84
CA ARG B 983 20.45 1.44 -11.29
C ARG B 983 19.32 1.25 -12.28
N LEU B 984 18.38 2.20 -12.37
CA LEU B 984 17.23 2.06 -13.25
C LEU B 984 17.04 3.32 -14.09
N ASP B 985 16.50 3.12 -15.29
CA ASP B 985 16.10 4.21 -16.15
C ASP B 985 14.76 4.77 -15.68
N PRO B 986 14.38 5.96 -16.15
CA PRO B 986 13.15 6.61 -15.63
C PRO B 986 11.91 5.73 -15.71
N PRO B 987 11.69 4.96 -16.78
CA PRO B 987 10.42 4.19 -16.87
C PRO B 987 10.03 3.43 -15.61
N GLU B 988 10.98 2.81 -14.91
CA GLU B 988 10.68 2.10 -13.67
C GLU B 988 11.26 2.77 -12.43
N ALA B 989 12.31 3.57 -12.60
CA ALA B 989 12.77 4.42 -11.50
C ALA B 989 11.65 5.31 -10.99
N GLU B 990 10.74 5.73 -11.88
CA GLU B 990 9.62 6.54 -11.44
C GLU B 990 8.70 5.77 -10.51
N VAL B 991 8.44 4.50 -10.82
CA VAL B 991 7.61 3.67 -9.94
C VAL B 991 8.30 3.48 -8.59
N GLN B 992 9.59 3.16 -8.62
CA GLN B 992 10.32 2.92 -7.38
C GLN B 992 10.32 4.18 -6.50
N ILE B 993 10.63 5.33 -7.10
CA ILE B 993 10.64 6.59 -6.37
C ILE B 993 9.24 6.95 -5.90
N ASP B 994 8.21 6.56 -6.66
CA ASP B 994 6.84 6.81 -6.22
C ASP B 994 6.55 6.04 -4.93
N ARG B 995 6.95 4.77 -4.88
CA ARG B 995 6.77 3.99 -3.66
C ARG B 995 7.51 4.63 -2.50
N LEU B 996 8.77 5.01 -2.72
CA LEU B 996 9.56 5.62 -1.65
C LEU B 996 8.94 6.92 -1.17
N ILE B 997 8.47 7.75 -2.12
CA ILE B 997 7.87 9.03 -1.77
C ILE B 997 6.59 8.82 -0.97
N THR B 998 5.76 7.86 -1.39
CA THR B 998 4.54 7.58 -0.66
C THR B 998 4.85 7.17 0.78
N GLY B 999 5.83 6.28 0.94
CA GLY B 999 6.20 5.84 2.28
C GLY B 999 6.69 6.98 3.15
N ARG B 1000 7.62 7.78 2.61
CA ARG B 1000 8.21 8.86 3.39
C ARG B 1000 7.18 9.95 3.69
N LEU B 1001 6.26 10.22 2.76
CA LEU B 1001 5.20 11.18 3.00
C LEU B 1001 4.26 10.69 4.09
N GLN B 1002 3.94 9.40 4.10
CA GLN B 1002 3.11 8.85 5.16
C GLN B 1002 3.81 8.98 6.51
N SER B 1003 5.11 8.69 6.55
CA SER B 1003 5.86 8.85 7.79
C SER B 1003 5.84 10.30 8.26
N LEU B 1004 6.04 11.25 7.34
CA LEU B 1004 6.03 12.65 7.70
C LEU B 1004 4.66 13.08 8.24
N GLN B 1005 3.59 12.65 7.58
CA GLN B 1005 2.26 12.99 8.06
C GLN B 1005 2.00 12.42 9.44
N THR B 1006 2.40 11.16 9.67
CA THR B 1006 2.24 10.58 10.99
C THR B 1006 2.99 11.38 12.04
N TYR B 1007 4.25 11.75 11.75
CA TYR B 1007 5.04 12.53 12.70
C TYR B 1007 4.38 13.87 12.97
N VAL B 1008 3.85 14.52 11.92
CA VAL B 1008 3.23 15.83 12.09
C VAL B 1008 2.00 15.71 12.97
N THR B 1009 1.18 14.68 12.76
CA THR B 1009 -0.01 14.49 13.59
C THR B 1009 0.37 14.23 15.05
N GLN B 1010 1.38 13.39 15.28
CA GLN B 1010 1.86 13.17 16.64
C GLN B 1010 2.31 14.48 17.28
N GLN B 1011 3.06 15.29 16.53
CA GLN B 1011 3.52 16.58 17.05
C GLN B 1011 2.35 17.48 17.38
N LEU B 1012 1.32 17.49 16.52
CA LEU B 1012 0.15 18.33 16.75
C LEU B 1012 -0.56 17.93 18.03
N ILE B 1013 -0.76 16.63 18.23
CA ILE B 1013 -1.46 16.17 19.43
C ILE B 1013 -0.64 16.47 20.68
N ARG B 1014 0.67 16.22 20.62
CA ARG B 1014 1.52 16.52 21.78
C ARG B 1014 1.57 18.02 22.04
N ALA B 1015 1.51 18.84 20.99
CA ALA B 1015 1.47 20.29 21.17
C ALA B 1015 0.16 20.73 21.80
N ALA B 1016 -0.94 20.08 21.47
CA ALA B 1016 -2.20 20.34 22.17
C ALA B 1016 -2.08 20.00 23.65
N GLU B 1017 -1.45 18.85 23.96
CA GLU B 1017 -1.19 18.49 25.35
C GLU B 1017 -0.40 19.58 26.06
N ILE B 1018 0.72 19.99 25.45
CA ILE B 1018 1.60 20.97 26.07
C ILE B 1018 0.91 22.33 26.18
N ARG B 1019 0.05 22.68 25.22
CA ARG B 1019 -0.72 23.92 25.34
C ARG B 1019 -1.67 23.87 26.52
N ALA B 1020 -2.32 22.72 26.73
CA ALA B 1020 -3.17 22.58 27.90
C ALA B 1020 -2.37 22.73 29.19
N SER B 1021 -1.19 22.09 29.24
CA SER B 1021 -0.34 22.22 30.42
C SER B 1021 0.16 23.66 30.61
N ALA B 1022 0.41 24.36 29.50
CA ALA B 1022 0.87 25.74 29.59
C ALA B 1022 -0.24 26.67 30.07
N ASN B 1023 -1.48 26.42 29.62
CA ASN B 1023 -2.61 27.18 30.15
C ASN B 1023 -2.79 26.93 31.64
N LEU B 1024 -2.63 25.67 32.06
CA LEU B 1024 -2.70 25.38 33.49
C LEU B 1024 -1.60 26.11 34.26
N ALA B 1025 -0.37 26.12 33.72
CA ALA B 1025 0.72 26.80 34.38
C ALA B 1025 0.49 28.31 34.46
N ALA B 1026 -0.04 28.90 33.37
CA ALA B 1026 -0.34 30.33 33.38
C ALA B 1026 -1.42 30.66 34.41
N THR B 1027 -2.46 29.82 34.49
CA THR B 1027 -3.50 30.04 35.48
C THR B 1027 -2.95 29.93 36.90
N LYS B 1028 -2.07 28.95 37.13
CA LYS B 1028 -1.46 28.81 38.44
C LYS B 1028 -0.60 30.02 38.78
N MET B 1029 0.17 30.51 37.80
CA MET B 1029 1.01 31.68 38.05
C MET B 1029 0.16 32.92 38.34
N SER B 1030 -0.95 33.08 37.62
CA SER B 1030 -1.81 34.23 37.85
C SER B 1030 -2.47 34.18 39.21
N GLU B 1031 -3.10 33.05 39.55
CA GLU B 1031 -3.95 32.96 40.74
C GLU B 1031 -3.22 32.42 41.96
N CYS B 1032 -1.93 32.15 41.86
CA CYS B 1032 -1.14 31.51 42.89
C CYS B 1032 0.07 32.32 43.30
N VAL B 1033 0.77 32.92 42.33
CA VAL B 1033 1.91 33.78 42.61
C VAL B 1033 1.48 35.23 42.77
N LEU B 1034 0.76 35.77 41.78
CA LEU B 1034 0.29 37.16 41.81
C LEU B 1034 -0.85 37.38 42.76
N GLY B 1035 -1.22 36.36 43.54
CA GLY B 1035 -2.30 36.49 44.50
C GLY B 1035 -2.24 35.43 45.58
N GLN B 1036 -3.40 34.97 46.02
CA GLN B 1036 -3.50 33.92 47.03
C GLN B 1036 -4.77 33.15 46.74
N SER B 1037 -4.63 31.95 46.21
CA SER B 1037 -5.79 31.14 45.84
C SER B 1037 -6.35 30.42 47.04
N LYS B 1038 -7.67 30.53 47.22
CA LYS B 1038 -8.39 29.74 48.20
C LYS B 1038 -8.94 28.45 47.59
N ARG B 1039 -8.61 28.17 46.35
CA ARG B 1039 -9.01 26.90 45.73
C ARG B 1039 -8.26 25.75 46.40
N VAL B 1040 -9.00 24.77 46.88
CA VAL B 1040 -8.43 23.70 47.69
C VAL B 1040 -7.58 22.79 46.82
N ASP B 1041 -6.36 22.50 47.29
CA ASP B 1041 -5.43 21.57 46.67
C ASP B 1041 -4.98 22.01 45.28
N PHE B 1042 -5.43 23.20 44.83
CA PHE B 1042 -5.00 23.71 43.54
C PHE B 1042 -3.65 24.40 43.63
N CYS B 1043 -3.19 24.74 44.83
CA CYS B 1043 -1.90 25.40 45.04
C CYS B 1043 -1.19 24.75 46.23
N GLY B 1044 -1.11 23.43 46.19
CA GLY B 1044 -0.39 22.67 47.20
C GLY B 1044 -1.29 22.15 48.30
N LYS B 1045 -0.89 21.02 48.89
CA LYS B 1045 -1.65 20.40 49.95
C LYS B 1045 -1.69 21.31 51.18
N GLY B 1046 -2.85 21.35 51.82
CA GLY B 1046 -3.05 22.25 52.95
C GLY B 1046 -3.63 23.58 52.55
N TYR B 1047 -3.62 24.50 53.50
CA TYR B 1047 -4.08 25.86 53.24
C TYR B 1047 -2.96 26.62 52.55
N HIS B 1048 -3.30 27.29 51.45
CA HIS B 1048 -2.28 27.95 50.66
C HIS B 1048 -1.91 29.29 51.28
N LEU B 1049 -0.61 29.52 51.41
CA LEU B 1049 -0.05 30.78 51.84
C LEU B 1049 0.50 31.59 50.68
N MET B 1050 1.38 31.00 49.88
CA MET B 1050 1.92 31.69 48.70
C MET B 1050 2.60 30.66 47.80
N SER B 1051 3.21 31.17 46.74
CA SER B 1051 3.89 30.31 45.77
C SER B 1051 5.12 31.06 45.25
N PHE B 1052 6.12 30.29 44.82
CA PHE B 1052 7.31 30.85 44.19
C PHE B 1052 7.60 30.11 42.89
N PRO B 1053 7.68 30.79 41.74
CA PRO B 1053 7.96 30.10 40.49
C PRO B 1053 9.45 29.96 40.24
N GLN B 1054 9.79 28.89 39.52
CA GLN B 1054 11.16 28.62 39.12
C GLN B 1054 11.17 28.11 37.69
N SER B 1055 12.09 28.60 36.88
CA SER B 1055 12.19 28.10 35.51
C SER B 1055 12.71 26.67 35.53
N ALA B 1056 12.64 26.01 34.37
CA ALA B 1056 13.21 24.69 34.18
C ALA B 1056 13.17 24.38 32.69
N PRO B 1057 14.05 23.53 32.17
CA PRO B 1057 14.08 23.28 30.72
C PRO B 1057 12.72 22.85 30.20
N HIS B 1058 12.08 23.72 29.42
CA HIS B 1058 10.77 23.47 28.83
C HIS B 1058 9.71 23.22 29.90
N GLY B 1059 9.76 23.99 30.98
CA GLY B 1059 8.76 23.84 32.02
C GLY B 1059 8.99 24.78 33.18
N VAL B 1060 8.05 24.76 34.11
CA VAL B 1060 8.08 25.60 35.29
C VAL B 1060 7.88 24.71 36.52
N VAL B 1061 8.39 25.18 37.65
CA VAL B 1061 8.30 24.45 38.92
C VAL B 1061 7.81 25.44 39.98
N PHE B 1062 6.66 25.15 40.57
CA PHE B 1062 6.11 25.98 41.63
C PHE B 1062 6.46 25.39 42.99
N LEU B 1063 7.09 26.21 43.83
CA LEU B 1063 7.25 25.90 45.26
C LEU B 1063 6.07 26.51 45.98
N HIS B 1064 5.12 25.67 46.37
CA HIS B 1064 3.89 26.12 47.02
C HIS B 1064 4.12 26.10 48.53
N VAL B 1065 4.11 27.28 49.14
CA VAL B 1065 4.23 27.40 50.59
C VAL B 1065 2.82 27.39 51.18
N THR B 1066 2.54 26.36 51.99
CA THR B 1066 1.23 26.10 52.54
C THR B 1066 1.33 25.89 54.05
N TYR B 1067 0.21 26.11 54.73
CA TYR B 1067 0.12 25.99 56.18
C TYR B 1067 -0.68 24.73 56.51
N VAL B 1068 -0.12 23.88 57.38
CA VAL B 1068 -0.70 22.59 57.68
C VAL B 1068 -0.75 22.40 59.19
N PRO B 1069 -1.92 22.25 59.80
CA PRO B 1069 -1.97 21.95 61.23
C PRO B 1069 -1.30 20.62 61.55
N ALA B 1070 -0.56 20.60 62.66
CA ALA B 1070 0.30 19.47 63.01
C ALA B 1070 -0.16 18.78 64.29
N GLN B 1071 -0.28 19.50 65.40
CA GLN B 1071 -0.60 18.92 66.70
C GLN B 1071 -2.02 19.31 67.05
N GLU B 1072 -2.82 18.35 67.49
CA GLU B 1072 -4.24 18.54 67.70
C GLU B 1072 -4.66 17.98 69.06
N LYS B 1073 -5.75 18.53 69.59
CA LYS B 1073 -6.29 18.13 70.87
C LYS B 1073 -7.79 17.94 70.75
N ASN B 1074 -8.31 16.95 71.47
CA ASN B 1074 -9.75 16.75 71.59
C ASN B 1074 -10.36 17.81 72.51
N PHE B 1075 -11.61 18.18 72.22
CA PHE B 1075 -12.35 19.06 73.12
C PHE B 1075 -13.82 18.72 73.02
N THR B 1076 -14.54 18.95 74.11
CA THR B 1076 -16.00 18.91 74.08
C THR B 1076 -16.50 20.26 73.62
N THR B 1077 -17.49 20.26 72.73
CA THR B 1077 -17.92 21.50 72.10
C THR B 1077 -19.44 21.61 72.14
N ALA B 1078 -19.91 22.85 72.01
CA ALA B 1078 -21.33 23.17 71.99
C ALA B 1078 -21.58 24.23 70.92
N PRO B 1079 -22.72 24.14 70.22
CA PRO B 1079 -23.00 25.12 69.17
C PRO B 1079 -23.34 26.51 69.68
N ALA B 1080 -23.76 26.64 70.94
CA ALA B 1080 -24.11 27.93 71.53
C ALA B 1080 -24.40 27.72 73.01
N ILE B 1081 -24.49 28.82 73.74
CA ILE B 1081 -24.64 28.79 75.19
C ILE B 1081 -25.70 29.80 75.62
N CYS B 1082 -26.60 29.37 76.51
CA CYS B 1082 -27.51 30.31 77.14
C CYS B 1082 -26.76 31.14 78.17
N HIS B 1083 -27.13 32.41 78.29
CA HIS B 1083 -26.69 33.23 79.42
C HIS B 1083 -27.86 33.78 80.22
N ASP B 1084 -28.83 34.40 79.56
CA ASP B 1084 -30.00 34.97 80.21
C ASP B 1084 -31.26 34.57 79.44
N GLY B 1085 -31.30 33.33 78.97
CA GLY B 1085 -32.39 32.86 78.12
C GLY B 1085 -32.04 33.01 76.66
N LYS B 1086 -31.40 34.12 76.31
CA LYS B 1086 -30.89 34.34 74.97
C LYS B 1086 -29.70 33.45 74.69
N ALA B 1087 -29.50 33.12 73.42
CA ALA B 1087 -28.41 32.27 72.99
C ALA B 1087 -27.32 33.13 72.36
N HIS B 1088 -26.07 32.75 72.59
CA HIS B 1088 -24.91 33.44 72.04
C HIS B 1088 -24.21 32.54 71.03
N PHE B 1089 -23.94 33.09 69.85
CA PHE B 1089 -23.18 32.35 68.86
C PHE B 1089 -21.85 33.04 68.61
N PRO B 1090 -20.78 32.30 68.37
CA PRO B 1090 -19.46 32.93 68.23
C PRO B 1090 -19.30 33.60 66.87
N ARG B 1091 -18.78 34.83 66.90
CA ARG B 1091 -18.55 35.58 65.66
C ARG B 1091 -17.57 34.83 64.77
N GLU B 1092 -16.34 34.64 65.24
CA GLU B 1092 -15.32 33.90 64.51
C GLU B 1092 -14.66 32.92 65.48
N GLY B 1093 -14.80 31.64 65.21
CA GLY B 1093 -14.33 30.59 66.09
C GLY B 1093 -15.47 29.78 66.66
N VAL B 1094 -15.10 28.77 67.45
CA VAL B 1094 -16.03 27.83 68.06
C VAL B 1094 -15.82 27.79 69.57
N PHE B 1095 -16.89 27.42 70.27
CA PHE B 1095 -16.81 27.19 71.70
C PHE B 1095 -16.14 25.85 71.97
N VAL B 1096 -15.29 25.82 73.01
CA VAL B 1096 -14.63 24.60 73.45
C VAL B 1096 -14.66 24.53 74.96
N SER B 1097 -14.41 23.34 75.48
CA SER B 1097 -14.29 23.13 76.92
C SER B 1097 -13.14 22.18 77.20
N ASN B 1098 -12.22 22.60 78.07
CA ASN B 1098 -11.13 21.75 78.51
C ASN B 1098 -11.53 20.78 79.62
N GLY B 1099 -12.83 20.59 79.84
CA GLY B 1099 -13.32 19.70 80.88
C GLY B 1099 -14.19 20.39 81.90
N THR B 1100 -13.81 21.59 82.30
CA THR B 1100 -14.51 22.35 83.34
C THR B 1100 -15.01 23.70 82.88
N HIS B 1101 -14.19 24.46 82.15
CA HIS B 1101 -14.53 25.81 81.73
C HIS B 1101 -14.79 25.85 80.23
N TRP B 1102 -15.44 26.92 79.79
CA TRP B 1102 -15.78 27.11 78.38
C TRP B 1102 -15.08 28.34 77.85
N PHE B 1103 -14.40 28.19 76.72
CA PHE B 1103 -13.75 29.28 76.01
C PHE B 1103 -14.27 29.35 74.59
N VAL B 1104 -13.95 30.45 73.91
CA VAL B 1104 -14.19 30.60 72.48
C VAL B 1104 -12.85 30.77 71.79
N THR B 1105 -12.54 29.87 70.86
CA THR B 1105 -11.24 29.84 70.19
C THR B 1105 -11.46 29.78 68.69
N GLN B 1106 -10.63 30.51 67.94
CA GLN B 1106 -10.65 30.38 66.50
C GLN B 1106 -10.47 28.92 66.10
N ARG B 1107 -11.01 28.57 64.94
CA ARG B 1107 -11.20 27.18 64.56
C ARG B 1107 -10.00 26.56 63.86
N ASN B 1108 -8.97 27.35 63.55
CA ASN B 1108 -7.79 26.84 62.89
C ASN B 1108 -6.56 26.84 63.79
N PHE B 1109 -6.69 27.34 65.02
CA PHE B 1109 -5.57 27.39 65.96
C PHE B 1109 -6.12 27.58 67.36
N TYR B 1110 -5.78 26.68 68.27
CA TYR B 1110 -6.33 26.71 69.63
C TYR B 1110 -5.83 27.96 70.34
N GLU B 1111 -6.70 28.96 70.44
CA GLU B 1111 -6.38 30.24 71.07
C GLU B 1111 -7.54 30.59 71.99
N PRO B 1112 -7.62 29.93 73.15
CA PRO B 1112 -8.80 30.09 74.00
C PRO B 1112 -8.94 31.52 74.52
N GLN B 1113 -10.15 32.05 74.40
CA GLN B 1113 -10.48 33.37 74.90
C GLN B 1113 -11.74 33.27 75.75
N ILE B 1114 -11.80 34.07 76.82
CA ILE B 1114 -13.00 34.11 77.66
C ILE B 1114 -14.19 34.49 76.79
N ILE B 1115 -15.35 33.90 77.09
CA ILE B 1115 -16.56 34.17 76.32
C ILE B 1115 -17.17 35.47 76.83
N THR B 1116 -17.36 36.44 75.92
CA THR B 1116 -17.88 37.75 76.27
C THR B 1116 -18.84 38.20 75.18
N THR B 1117 -19.42 39.39 75.36
CA THR B 1117 -20.40 39.89 74.39
C THR B 1117 -19.76 40.57 73.20
N ASP B 1118 -18.44 40.66 73.13
CA ASP B 1118 -17.77 41.15 71.93
C ASP B 1118 -17.15 40.04 71.10
N ASN B 1119 -17.16 38.80 71.61
CA ASN B 1119 -16.78 37.63 70.84
C ASN B 1119 -17.98 36.90 70.29
N THR B 1120 -19.15 37.09 70.88
CA THR B 1120 -20.37 36.37 70.55
C THR B 1120 -21.50 37.36 70.29
N PHE B 1121 -22.40 36.99 69.41
CA PHE B 1121 -23.57 37.79 69.09
C PHE B 1121 -24.84 37.02 69.46
N VAL B 1122 -25.87 37.76 69.83
CA VAL B 1122 -27.11 37.19 70.32
C VAL B 1122 -28.03 36.96 69.14
N SER B 1123 -28.93 35.99 69.26
CA SER B 1123 -29.97 35.76 68.26
C SER B 1123 -31.07 34.93 68.91
N GLY B 1124 -32.25 35.52 69.06
CA GLY B 1124 -33.38 34.73 69.55
C GLY B 1124 -33.18 34.27 70.98
N ASN B 1125 -33.62 33.05 71.25
CA ASN B 1125 -33.51 32.43 72.55
C ASN B 1125 -33.06 30.99 72.36
N CYS B 1126 -32.58 30.38 73.44
CA CYS B 1126 -31.89 29.10 73.37
C CYS B 1126 -32.79 27.92 73.66
N ASP B 1127 -34.06 28.00 73.26
CA ASP B 1127 -34.96 26.85 73.22
C ASP B 1127 -35.00 26.15 71.87
N VAL B 1128 -34.28 26.63 70.86
CA VAL B 1128 -34.35 26.06 69.53
C VAL B 1128 -33.07 25.33 69.13
N VAL B 1129 -31.90 25.92 69.45
CA VAL B 1129 -30.64 25.30 69.07
C VAL B 1129 -30.50 23.95 69.77
N ILE B 1130 -29.95 22.98 69.05
CA ILE B 1130 -29.73 21.61 69.52
C ILE B 1130 -28.30 21.46 69.98
N GLY B 1131 -28.11 21.00 71.23
CA GLY B 1131 -26.80 20.82 71.82
C GLY B 1131 -26.31 21.95 72.70
N ILE B 1132 -27.15 22.95 72.98
CA ILE B 1132 -26.74 24.07 73.82
C ILE B 1132 -26.31 23.59 75.21
N VAL B 1133 -25.39 24.33 75.82
CA VAL B 1133 -24.88 24.04 77.15
C VAL B 1133 -24.91 25.34 77.94
N ASN B 1134 -25.08 25.23 79.25
CA ASN B 1134 -25.15 26.41 80.09
C ASN B 1134 -23.75 26.94 80.39
N ASN B 1135 -23.68 28.26 80.60
CA ASN B 1135 -22.43 28.95 80.94
C ASN B 1135 -22.78 30.41 81.16
N THR B 1136 -21.80 31.17 81.65
CA THR B 1136 -21.93 32.61 81.85
C THR B 1136 -21.11 33.36 80.81
N VAL B 1137 -21.70 34.43 80.28
CA VAL B 1137 -21.07 35.29 79.29
C VAL B 1137 -20.68 36.58 79.99
N TYR B 1138 -19.41 36.71 80.35
CA TYR B 1138 -18.94 37.92 81.02
C TYR B 1138 -19.17 39.14 80.14
N ASP B 1139 -19.67 40.22 80.75
CA ASP B 1139 -19.98 41.44 80.04
C ASP B 1139 -18.97 42.51 80.42
N PRO B 1140 -18.17 43.01 79.48
CA PRO B 1140 -17.13 43.99 79.85
C PRO B 1140 -17.68 45.27 80.45
N LEU B 1141 -18.90 45.66 80.09
CA LEU B 1141 -19.43 46.95 80.52
C LEU B 1141 -19.87 46.95 81.97
N GLN B 1142 -20.24 45.79 82.51
CA GLN B 1142 -20.73 45.74 83.89
C GLN B 1142 -19.67 46.17 84.91
N PRO B 1143 -18.45 45.63 84.90
CA PRO B 1143 -17.44 46.11 85.87
C PRO B 1143 -17.16 47.61 85.75
N GLU B 1144 -17.11 48.13 84.53
CA GLU B 1144 -16.88 49.56 84.35
C GLU B 1144 -18.02 50.38 84.92
N LEU B 1145 -19.27 49.93 84.70
CA LEU B 1145 -20.42 50.63 85.25
C LEU B 1145 -20.38 50.61 86.78
N ASP B 1146 -20.04 49.45 87.35
CA ASP B 1146 -19.98 49.34 88.81
C ASP B 1146 -18.88 50.23 89.38
N SER B 1147 -17.72 50.27 88.74
CA SER B 1147 -16.60 51.08 89.21
C SER B 1147 -16.83 52.55 88.91
N ALA C 27 -53.31 -7.34 -15.24
CA ALA C 27 -53.61 -6.94 -13.87
C ALA C 27 -52.34 -6.59 -13.11
N TYR C 28 -52.51 -5.94 -11.97
CA TYR C 28 -51.39 -5.52 -11.14
C TYR C 28 -51.77 -5.68 -9.67
N THR C 29 -50.76 -5.79 -8.81
CA THR C 29 -50.98 -5.96 -7.40
C THR C 29 -49.81 -5.35 -6.64
N ASN C 30 -50.03 -5.05 -5.36
CA ASN C 30 -49.03 -4.45 -4.50
C ASN C 30 -48.21 -5.57 -3.85
N SER C 31 -46.88 -5.43 -3.92
CA SER C 31 -45.97 -6.33 -3.22
C SER C 31 -45.53 -5.67 -1.92
N PHE C 32 -46.39 -5.78 -0.90
CA PHE C 32 -46.28 -5.04 0.34
C PHE C 32 -44.87 -5.09 0.95
N THR C 33 -44.46 -6.28 1.41
CA THR C 33 -43.14 -6.48 2.00
C THR C 33 -42.56 -7.84 1.61
N ARG C 34 -42.95 -8.39 0.47
CA ARG C 34 -42.55 -9.73 0.07
C ARG C 34 -41.38 -9.67 -0.91
N GLY C 35 -40.63 -10.77 -0.96
CA GLY C 35 -39.48 -10.88 -1.84
C GLY C 35 -38.14 -10.90 -1.15
N VAL C 36 -38.09 -11.07 0.16
CA VAL C 36 -36.85 -11.13 0.91
C VAL C 36 -36.39 -12.58 1.02
N TYR C 37 -35.16 -12.85 0.56
CA TYR C 37 -34.59 -14.19 0.55
C TYR C 37 -33.19 -14.15 1.15
N TYR C 38 -32.83 -15.22 1.86
CA TYR C 38 -31.50 -15.34 2.46
C TYR C 38 -30.44 -15.17 1.40
N PRO C 39 -29.68 -14.07 1.41
CA PRO C 39 -28.73 -13.82 0.32
C PRO C 39 -27.53 -14.77 0.31
N ASP C 40 -27.40 -15.65 1.30
CA ASP C 40 -26.27 -16.57 1.37
C ASP C 40 -26.62 -17.67 2.37
N LYS C 41 -25.63 -18.51 2.69
CA LYS C 41 -25.77 -19.61 3.64
C LYS C 41 -24.98 -19.32 4.91
N VAL C 42 -25.04 -18.07 5.35
CA VAL C 42 -24.25 -17.59 6.48
C VAL C 42 -25.19 -17.35 7.67
N PHE C 43 -24.80 -17.86 8.83
CA PHE C 43 -25.58 -17.70 10.05
C PHE C 43 -25.24 -16.39 10.76
N ARG C 44 -26.26 -15.71 11.24
CA ARG C 44 -26.13 -14.47 12.00
C ARG C 44 -27.25 -14.43 13.02
N SER C 45 -26.94 -14.02 14.24
CA SER C 45 -27.89 -14.02 15.33
C SER C 45 -28.01 -12.61 15.88
N SER C 46 -29.25 -12.12 15.99
CA SER C 46 -29.55 -10.82 16.60
C SER C 46 -28.68 -9.72 15.99
N VAL C 47 -28.68 -9.65 14.67
CA VAL C 47 -27.81 -8.76 13.93
C VAL C 47 -28.60 -8.04 12.84
N LEU C 48 -28.34 -6.74 12.69
CA LEU C 48 -28.89 -5.94 11.61
C LEU C 48 -27.83 -5.82 10.53
N HIS C 49 -28.03 -6.49 9.40
CA HIS C 49 -27.02 -6.59 8.36
C HIS C 49 -27.46 -5.82 7.12
N SER C 50 -26.55 -5.03 6.56
CA SER C 50 -26.80 -4.28 5.34
C SER C 50 -26.17 -5.00 4.17
N THR C 51 -26.97 -5.33 3.16
CA THR C 51 -26.48 -6.06 1.99
C THR C 51 -27.18 -5.53 0.74
N GLN C 52 -26.42 -5.39 -0.34
CA GLN C 52 -26.96 -4.94 -1.61
C GLN C 52 -26.99 -6.10 -2.60
N ASP C 53 -28.14 -6.29 -3.22
CA ASP C 53 -28.35 -7.37 -4.20
C ASP C 53 -29.68 -7.12 -4.90
N LEU C 54 -30.09 -8.10 -5.71
CA LEU C 54 -31.35 -8.02 -6.46
C LEU C 54 -32.50 -8.40 -5.53
N PHE C 55 -33.37 -7.44 -5.24
CA PHE C 55 -34.54 -7.67 -4.41
C PHE C 55 -35.77 -7.10 -5.08
N LEU C 56 -36.93 -7.53 -4.60
CA LEU C 56 -38.20 -6.95 -5.03
C LEU C 56 -38.51 -5.68 -4.25
N PRO C 57 -38.55 -4.51 -4.90
CA PRO C 57 -38.82 -3.26 -4.17
C PRO C 57 -40.15 -3.32 -3.43
N PHE C 58 -40.18 -2.77 -2.22
CA PHE C 58 -41.39 -2.77 -1.41
C PHE C 58 -42.48 -1.94 -2.07
N PHE C 59 -43.72 -2.40 -1.92
CA PHE C 59 -44.91 -1.71 -2.43
C PHE C 59 -44.79 -1.41 -3.92
N SER C 60 -44.12 -2.29 -4.66
CA SER C 60 -44.03 -2.17 -6.11
C SER C 60 -45.18 -2.92 -6.79
N ASN C 61 -45.21 -2.86 -8.11
CA ASN C 61 -46.21 -3.54 -8.91
C ASN C 61 -45.76 -4.95 -9.28
N VAL C 62 -46.62 -5.93 -9.04
CA VAL C 62 -46.39 -7.31 -9.44
C VAL C 62 -47.53 -7.70 -10.38
N THR C 63 -47.18 -8.31 -11.50
CA THR C 63 -48.18 -8.73 -12.48
C THR C 63 -48.98 -9.93 -11.97
N TRP C 64 -50.30 -9.86 -12.11
CA TRP C 64 -51.22 -10.87 -11.63
C TRP C 64 -51.89 -11.55 -12.82
N PHE C 65 -51.86 -12.87 -12.86
CA PHE C 65 -52.42 -13.63 -13.96
C PHE C 65 -53.43 -14.64 -13.43
N HIS C 66 -54.41 -14.96 -14.26
CA HIS C 66 -55.44 -15.94 -13.91
C HIS C 66 -55.25 -17.23 -14.71
N ASN C 81 -50.85 -19.26 -20.48
CA ASN C 81 -49.42 -19.48 -20.24
C ASN C 81 -48.55 -18.51 -21.03
N PRO C 82 -48.66 -17.21 -20.75
CA PRO C 82 -47.85 -16.23 -21.49
C PRO C 82 -46.37 -16.36 -21.15
N VAL C 83 -45.55 -15.94 -22.10
CA VAL C 83 -44.10 -15.92 -21.94
C VAL C 83 -43.67 -14.52 -21.50
N LEU C 84 -42.79 -14.46 -20.51
CA LEU C 84 -42.39 -13.23 -19.86
C LEU C 84 -40.89 -13.08 -19.90
N PRO C 85 -40.37 -11.85 -19.83
CA PRO C 85 -38.92 -11.67 -19.78
C PRO C 85 -38.36 -12.14 -18.44
N PHE C 86 -37.03 -12.28 -18.41
CA PHE C 86 -36.28 -12.73 -17.24
C PHE C 86 -35.07 -11.83 -17.04
N ASN C 87 -35.32 -10.51 -17.00
CA ASN C 87 -34.29 -9.49 -17.02
C ASN C 87 -33.14 -9.80 -16.06
N ASP C 88 -33.42 -9.80 -14.76
CA ASP C 88 -32.39 -10.05 -13.76
C ASP C 88 -32.93 -10.89 -12.62
N GLY C 89 -33.72 -11.90 -12.93
CA GLY C 89 -34.32 -12.71 -11.90
C GLY C 89 -35.80 -12.41 -11.73
N VAL C 90 -36.54 -13.43 -11.32
CA VAL C 90 -38.00 -13.35 -11.23
C VAL C 90 -38.45 -13.94 -9.90
N TYR C 91 -39.28 -13.20 -9.19
CA TYR C 91 -40.01 -13.73 -8.04
C TYR C 91 -41.38 -14.19 -8.52
N PHE C 92 -41.74 -15.43 -8.19
CA PHE C 92 -42.95 -16.06 -8.66
C PHE C 92 -43.74 -16.53 -7.45
N ALA C 93 -45.07 -16.36 -7.50
CA ALA C 93 -45.89 -16.76 -6.38
C ALA C 93 -47.18 -17.39 -6.91
N SER C 94 -47.70 -18.35 -6.15
CA SER C 94 -48.89 -19.09 -6.56
C SER C 94 -49.76 -19.43 -5.36
N THR C 95 -51.05 -19.22 -5.53
CA THR C 95 -52.07 -19.68 -4.58
C THR C 95 -52.80 -20.86 -5.21
N GLU C 96 -52.87 -21.97 -4.48
CA GLU C 96 -53.31 -23.23 -5.04
C GLU C 96 -54.38 -23.87 -4.15
N LYS C 97 -55.39 -24.45 -4.81
CA LYS C 97 -56.35 -25.31 -4.14
C LYS C 97 -56.54 -26.65 -4.84
N SER C 98 -56.01 -26.82 -6.05
CA SER C 98 -56.11 -28.08 -6.77
C SER C 98 -54.83 -28.46 -7.50
N ASN C 99 -53.71 -27.79 -7.21
CA ASN C 99 -52.42 -28.06 -7.84
C ASN C 99 -52.50 -27.88 -9.36
N ILE C 100 -52.95 -26.69 -9.76
CA ILE C 100 -53.06 -26.40 -11.20
C ILE C 100 -51.67 -26.17 -11.80
N ILE C 101 -50.91 -25.24 -11.22
CA ILE C 101 -49.58 -24.93 -11.73
C ILE C 101 -48.68 -26.14 -11.52
N ARG C 102 -47.92 -26.50 -12.56
CA ARG C 102 -47.10 -27.70 -12.52
C ARG C 102 -45.61 -27.41 -12.66
N GLY C 103 -45.20 -26.60 -13.63
CA GLY C 103 -43.78 -26.44 -13.85
C GLY C 103 -43.42 -25.14 -14.52
N TRP C 104 -42.15 -25.06 -14.93
CA TRP C 104 -41.61 -23.87 -15.58
C TRP C 104 -40.72 -24.26 -16.75
N ILE C 105 -40.65 -23.37 -17.73
CA ILE C 105 -39.67 -23.45 -18.82
C ILE C 105 -38.86 -22.17 -18.82
N PHE C 106 -37.54 -22.31 -18.90
CA PHE C 106 -36.65 -21.16 -19.02
C PHE C 106 -35.76 -21.36 -20.25
N GLY C 107 -35.35 -20.24 -20.86
CA GLY C 107 -34.42 -20.33 -21.97
C GLY C 107 -34.28 -18.99 -22.69
N THR C 108 -33.90 -19.07 -23.96
CA THR C 108 -33.82 -17.90 -24.82
C THR C 108 -34.76 -17.98 -26.01
N THR C 109 -34.79 -19.11 -26.72
CA THR C 109 -35.72 -19.32 -27.82
C THR C 109 -36.76 -20.40 -27.55
N LEU C 110 -36.38 -21.45 -26.83
CA LEU C 110 -37.30 -22.53 -26.46
C LEU C 110 -37.99 -23.14 -27.69
N ASP C 111 -37.22 -23.30 -28.77
CA ASP C 111 -37.74 -23.87 -30.01
C ASP C 111 -36.76 -24.88 -30.58
N SER C 112 -36.15 -25.68 -29.70
CA SER C 112 -35.18 -26.72 -30.06
C SER C 112 -33.96 -26.16 -30.78
N LYS C 113 -33.65 -24.88 -30.58
CA LYS C 113 -32.46 -24.27 -31.17
C LYS C 113 -31.33 -24.12 -30.16
N THR C 114 -31.64 -24.02 -28.87
CA THR C 114 -30.63 -23.93 -27.83
C THR C 114 -31.18 -24.59 -26.58
N GLN C 115 -30.27 -24.99 -25.69
CA GLN C 115 -30.67 -25.63 -24.43
C GLN C 115 -31.64 -24.75 -23.66
N SER C 116 -32.50 -25.40 -22.87
CA SER C 116 -33.56 -24.69 -22.15
C SER C 116 -33.96 -25.51 -20.94
N LEU C 117 -34.03 -24.86 -19.78
CA LEU C 117 -34.42 -25.54 -18.56
C LEU C 117 -35.90 -25.91 -18.60
N LEU C 118 -36.20 -27.16 -18.25
CA LEU C 118 -37.57 -27.63 -18.08
C LEU C 118 -37.70 -28.25 -16.70
N ILE C 119 -38.60 -27.71 -15.89
CA ILE C 119 -38.84 -28.21 -14.53
C ILE C 119 -40.31 -28.59 -14.45
N VAL C 120 -40.58 -29.86 -14.10
CA VAL C 120 -41.95 -30.37 -14.07
C VAL C 120 -42.12 -31.23 -12.83
N ASN C 121 -43.20 -30.98 -12.08
CA ASN C 121 -43.60 -31.80 -10.95
C ASN C 121 -44.78 -32.66 -11.37
N ASN C 122 -44.49 -33.86 -11.88
CA ASN C 122 -45.54 -34.79 -12.27
C ASN C 122 -46.04 -35.53 -11.02
N ALA C 123 -46.81 -34.79 -10.22
CA ALA C 123 -47.84 -35.29 -9.32
C ALA C 123 -47.28 -36.16 -8.20
N THR C 124 -46.07 -36.67 -8.41
CA THR C 124 -45.24 -37.21 -7.35
C THR C 124 -43.75 -36.96 -7.57
N ASN C 125 -43.32 -36.61 -8.78
CA ASN C 125 -41.91 -36.62 -9.14
C ASN C 125 -41.48 -35.25 -9.64
N VAL C 126 -40.46 -34.68 -9.02
CA VAL C 126 -39.85 -33.45 -9.51
C VAL C 126 -38.75 -33.83 -10.50
N VAL C 127 -38.80 -33.27 -11.69
CA VAL C 127 -37.81 -33.57 -12.73
C VAL C 127 -37.31 -32.25 -13.31
N ILE C 128 -35.98 -32.12 -13.41
CA ILE C 128 -35.32 -30.96 -14.00
C ILE C 128 -34.43 -31.46 -15.12
N LYS C 129 -34.60 -30.88 -16.32
CA LYS C 129 -33.79 -31.24 -17.48
C LYS C 129 -33.35 -29.98 -18.19
N VAL C 130 -32.27 -30.09 -18.95
CA VAL C 130 -31.75 -28.95 -19.69
C VAL C 130 -31.53 -29.34 -21.15
N CYS C 131 -32.29 -30.31 -21.64
CA CYS C 131 -32.16 -30.72 -23.03
C CYS C 131 -32.69 -29.64 -23.96
N GLU C 132 -32.26 -29.71 -25.23
CA GLU C 132 -32.75 -28.81 -26.27
C GLU C 132 -34.14 -29.28 -26.72
N PHE C 133 -35.11 -29.15 -25.82
CA PHE C 133 -36.45 -29.65 -26.09
C PHE C 133 -37.11 -28.87 -27.22
N GLN C 134 -37.95 -29.56 -27.98
CA GLN C 134 -38.80 -28.93 -28.99
C GLN C 134 -40.19 -28.76 -28.38
N PHE C 135 -40.55 -27.52 -28.06
CA PHE C 135 -41.77 -27.24 -27.34
C PHE C 135 -42.92 -26.97 -28.29
N CYS C 136 -44.14 -27.22 -27.81
CA CYS C 136 -45.34 -26.89 -28.55
C CYS C 136 -45.63 -25.39 -28.46
N ASN C 137 -46.56 -24.93 -29.30
CA ASN C 137 -46.98 -23.53 -29.23
C ASN C 137 -47.59 -23.21 -27.87
N ASP C 138 -48.42 -24.11 -27.35
CA ASP C 138 -49.00 -23.98 -26.01
C ASP C 138 -48.76 -25.28 -25.25
N PRO C 139 -47.58 -25.44 -24.66
CA PRO C 139 -47.25 -26.71 -23.99
C PRO C 139 -48.04 -26.92 -22.71
N PHE C 140 -49.28 -27.38 -22.81
CA PHE C 140 -50.10 -27.65 -21.65
C PHE C 140 -50.13 -29.15 -21.35
N LEU C 141 -50.41 -29.47 -20.10
CA LEU C 141 -50.55 -30.86 -19.65
C LEU C 141 -52.03 -31.18 -19.43
N GLY C 142 -52.36 -32.45 -19.63
CA GLY C 142 -53.73 -32.92 -19.52
C GLY C 142 -54.38 -32.61 -18.18
N VAL C 143 -55.58 -32.03 -18.22
CA VAL C 143 -56.29 -31.68 -17.00
C VAL C 143 -56.78 -32.93 -16.29
N ASN C 165 -29.66 -33.25 -26.97
CA ASN C 165 -28.50 -32.68 -26.30
C ASN C 165 -28.84 -32.29 -24.86
N CYS C 166 -28.58 -33.19 -23.92
CA CYS C 166 -28.85 -32.96 -22.51
C CYS C 166 -27.53 -32.88 -21.76
N THR C 167 -27.37 -31.84 -20.95
CA THR C 167 -26.16 -31.64 -20.17
C THR C 167 -26.38 -31.81 -18.68
N PHE C 168 -27.61 -32.09 -18.25
CA PHE C 168 -27.95 -32.30 -16.85
C PHE C 168 -29.35 -32.89 -16.77
N GLU C 169 -29.57 -33.71 -15.75
CA GLU C 169 -30.88 -34.33 -15.55
C GLU C 169 -30.98 -34.75 -14.08
N TYR C 170 -31.99 -34.25 -13.38
CA TYR C 170 -32.20 -34.58 -11.98
C TYR C 170 -33.66 -34.99 -11.77
N VAL C 171 -33.86 -35.95 -10.87
CA VAL C 171 -35.20 -36.44 -10.52
C VAL C 171 -35.27 -36.56 -9.00
N SER C 172 -36.36 -36.09 -8.42
CA SER C 172 -36.57 -36.17 -6.98
C SER C 172 -37.51 -37.32 -6.63
N ASN C 188 -53.44 -22.81 -0.37
CA ASN C 188 -52.02 -22.85 -0.05
C ASN C 188 -51.22 -21.87 -0.89
N LEU C 189 -50.13 -21.36 -0.34
CA LEU C 189 -49.30 -20.35 -0.99
C LEU C 189 -47.87 -20.87 -1.13
N ARG C 190 -47.30 -20.67 -2.31
CA ARG C 190 -45.91 -21.04 -2.59
C ARG C 190 -45.21 -19.89 -3.28
N GLU C 191 -44.05 -19.51 -2.76
CA GLU C 191 -43.24 -18.44 -3.33
C GLU C 191 -41.88 -19.00 -3.73
N PHE C 192 -41.40 -18.57 -4.89
CA PHE C 192 -40.10 -18.98 -5.41
C PHE C 192 -39.36 -17.76 -5.94
N VAL C 193 -38.04 -17.82 -5.88
CA VAL C 193 -37.18 -16.79 -6.48
C VAL C 193 -36.17 -17.50 -7.36
N PHE C 194 -36.23 -17.23 -8.67
CA PHE C 194 -35.27 -17.78 -9.63
C PHE C 194 -34.36 -16.65 -10.09
N LYS C 195 -33.05 -16.88 -10.02
CA LYS C 195 -32.12 -15.92 -10.60
C LYS C 195 -30.91 -16.64 -11.15
N ASN C 196 -30.18 -15.95 -12.04
CA ASN C 196 -29.03 -16.53 -12.73
C ASN C 196 -27.86 -15.55 -12.60
N ILE C 197 -26.85 -15.95 -11.83
CA ILE C 197 -25.67 -15.12 -11.57
C ILE C 197 -24.43 -15.97 -11.83
N ASP C 198 -23.57 -15.48 -12.72
CA ASP C 198 -22.26 -16.09 -13.01
C ASP C 198 -22.41 -17.58 -13.33
N GLY C 199 -23.39 -17.88 -14.17
CA GLY C 199 -23.63 -19.23 -14.63
C GLY C 199 -24.32 -20.14 -13.65
N TYR C 200 -24.66 -19.65 -12.46
CA TYR C 200 -25.35 -20.43 -11.44
C TYR C 200 -26.80 -19.99 -11.37
N PHE C 201 -27.71 -20.96 -11.36
CA PHE C 201 -29.15 -20.69 -11.31
C PHE C 201 -29.62 -20.97 -9.90
N LYS C 202 -29.80 -19.92 -9.11
CA LYS C 202 -30.28 -20.03 -7.75
C LYS C 202 -31.81 -20.09 -7.74
N ILE C 203 -32.34 -21.07 -7.02
CA ILE C 203 -33.78 -21.27 -6.83
C ILE C 203 -34.03 -21.32 -5.33
N TYR C 204 -34.66 -20.26 -4.81
CA TYR C 204 -35.11 -20.20 -3.43
C TYR C 204 -36.62 -20.42 -3.38
N SER C 205 -37.11 -20.92 -2.25
CA SER C 205 -38.52 -21.29 -2.18
C SER C 205 -39.02 -21.14 -0.74
N LYS C 206 -40.34 -21.11 -0.62
CA LYS C 206 -41.01 -21.07 0.68
C LYS C 206 -42.47 -21.45 0.49
N HIS C 207 -43.00 -22.22 1.42
CA HIS C 207 -44.40 -22.64 1.40
C HIS C 207 -45.08 -22.17 2.68
N THR C 208 -46.38 -21.86 2.58
CA THR C 208 -47.14 -21.45 3.75
C THR C 208 -48.61 -21.66 3.47
N PRO C 209 -49.42 -21.95 4.49
CA PRO C 209 -50.87 -21.96 4.30
C PRO C 209 -51.42 -20.55 4.18
N ILE C 210 -52.62 -20.45 3.60
CA ILE C 210 -53.26 -19.16 3.38
C ILE C 210 -54.75 -19.40 3.25
N ASN C 211 -55.54 -18.39 3.64
CA ASN C 211 -56.99 -18.37 3.42
C ASN C 211 -57.32 -17.02 2.76
N LEU C 212 -57.15 -16.96 1.45
CA LEU C 212 -57.37 -15.74 0.68
C LEU C 212 -57.31 -16.09 -0.80
N VAL C 213 -58.11 -15.39 -1.60
CA VAL C 213 -58.30 -15.71 -3.01
C VAL C 213 -57.89 -14.56 -3.92
N ARG C 214 -58.33 -13.34 -3.59
CA ARG C 214 -58.30 -12.24 -4.55
C ARG C 214 -56.98 -11.46 -4.57
N ASP C 215 -56.05 -11.73 -3.67
CA ASP C 215 -54.81 -10.95 -3.65
C ASP C 215 -53.78 -11.67 -2.80
N LEU C 216 -52.55 -11.17 -2.85
CA LEU C 216 -51.48 -11.69 -2.03
C LEU C 216 -51.72 -11.33 -0.56
N PRO C 217 -51.26 -12.18 0.36
CA PRO C 217 -51.39 -11.85 1.79
C PRO C 217 -50.35 -10.82 2.20
N GLN C 218 -50.76 -9.95 3.11
CA GLN C 218 -49.84 -8.94 3.65
C GLN C 218 -49.10 -9.51 4.84
N GLY C 219 -47.79 -9.34 4.85
CA GLY C 219 -46.96 -9.93 5.88
C GLY C 219 -45.54 -10.12 5.39
N PHE C 220 -44.70 -10.61 6.30
CA PHE C 220 -43.28 -10.79 6.04
C PHE C 220 -42.90 -12.25 6.23
N SER C 221 -42.06 -12.76 5.33
CA SER C 221 -41.55 -14.12 5.42
C SER C 221 -40.35 -14.24 4.51
N ALA C 222 -39.36 -15.01 4.94
CA ALA C 222 -38.12 -15.18 4.19
C ALA C 222 -38.15 -16.48 3.40
N LEU C 223 -37.39 -16.50 2.30
CA LEU C 223 -37.34 -17.63 1.39
C LEU C 223 -35.97 -18.31 1.49
N GLU C 224 -35.97 -19.59 1.82
CA GLU C 224 -34.72 -20.32 1.95
C GLU C 224 -34.25 -20.82 0.60
N PRO C 225 -32.95 -21.07 0.44
CA PRO C 225 -32.45 -21.68 -0.80
C PRO C 225 -32.74 -23.17 -0.86
N LEU C 226 -33.17 -23.60 -2.04
CA LEU C 226 -33.43 -25.01 -2.32
C LEU C 226 -32.49 -25.60 -3.36
N VAL C 227 -32.26 -24.92 -4.48
CA VAL C 227 -31.44 -25.48 -5.55
C VAL C 227 -30.44 -24.44 -6.03
N ASP C 228 -29.24 -24.90 -6.40
CA ASP C 228 -28.19 -24.07 -6.99
C ASP C 228 -27.66 -24.81 -8.22
N LEU C 229 -28.32 -24.65 -9.36
CA LEU C 229 -27.92 -25.41 -10.54
C LEU C 229 -26.65 -24.84 -11.14
N PRO C 230 -25.64 -25.67 -11.43
CA PRO C 230 -24.44 -25.18 -12.12
C PRO C 230 -24.61 -25.15 -13.63
N ILE C 231 -25.87 -25.18 -14.09
CA ILE C 231 -26.24 -25.33 -15.49
C ILE C 231 -25.35 -24.52 -16.42
N GLY C 232 -25.18 -23.24 -16.13
CA GLY C 232 -24.41 -22.36 -16.97
C GLY C 232 -25.13 -21.82 -18.18
N ILE C 233 -26.38 -22.20 -18.39
CA ILE C 233 -27.17 -21.70 -19.52
C ILE C 233 -27.71 -20.33 -19.16
N ASN C 234 -27.47 -19.35 -20.03
CA ASN C 234 -28.00 -18.02 -19.84
C ASN C 234 -29.45 -17.95 -20.30
N ILE C 235 -30.31 -17.34 -19.48
CA ILE C 235 -31.74 -17.29 -19.73
C ILE C 235 -32.11 -15.84 -20.05
N THR C 236 -33.11 -15.68 -20.92
CA THR C 236 -33.64 -14.37 -21.24
C THR C 236 -35.15 -14.35 -21.03
N ARG C 237 -35.81 -15.48 -21.29
CA ARG C 237 -37.26 -15.57 -21.23
C ARG C 237 -37.66 -16.84 -20.49
N PHE C 238 -38.91 -16.87 -20.04
CA PHE C 238 -39.45 -18.03 -19.33
C PHE C 238 -40.96 -18.04 -19.44
N GLN C 239 -41.55 -19.17 -19.08
CA GLN C 239 -42.98 -19.38 -19.18
C GLN C 239 -43.42 -20.40 -18.14
N THR C 240 -44.68 -20.30 -17.73
CA THR C 240 -45.24 -21.17 -16.72
C THR C 240 -45.95 -22.37 -17.37
N LEU C 241 -46.24 -23.38 -16.54
CA LEU C 241 -46.90 -24.60 -17.00
C LEU C 241 -47.94 -24.98 -15.96
N LEU C 242 -49.21 -24.78 -16.29
CA LEU C 242 -50.31 -25.13 -15.39
C LEU C 242 -51.20 -26.20 -16.02
N ALA C 264 -54.31 -18.73 -10.73
CA ALA C 264 -53.81 -17.37 -10.59
C ALA C 264 -52.42 -17.36 -9.94
N TYR C 265 -51.54 -16.51 -10.47
CA TYR C 265 -50.19 -16.41 -9.94
C TYR C 265 -49.71 -14.96 -10.08
N TYR C 266 -48.52 -14.70 -9.55
CA TYR C 266 -47.96 -13.35 -9.52
C TYR C 266 -46.48 -13.39 -9.88
N VAL C 267 -46.06 -12.42 -10.67
CA VAL C 267 -44.69 -12.32 -11.17
C VAL C 267 -44.13 -10.93 -10.84
N GLY C 268 -42.94 -10.89 -10.24
CA GLY C 268 -42.24 -9.65 -10.02
C GLY C 268 -40.80 -9.75 -10.49
N TYR C 269 -40.20 -8.58 -10.72
CA TYR C 269 -38.85 -8.48 -11.27
C TYR C 269 -37.91 -7.81 -10.26
N LEU C 270 -36.77 -8.44 -10.02
CA LEU C 270 -35.79 -7.95 -9.06
C LEU C 270 -35.08 -6.70 -9.59
N GLN C 271 -34.59 -5.88 -8.66
CA GLN C 271 -33.80 -4.70 -8.97
C GLN C 271 -32.63 -4.65 -7.99
N PRO C 272 -31.52 -4.00 -8.38
CA PRO C 272 -30.33 -3.95 -7.49
C PRO C 272 -30.41 -2.92 -6.37
N ARG C 273 -31.04 -3.31 -5.26
CA ARG C 273 -31.25 -2.42 -4.13
C ARG C 273 -30.46 -2.90 -2.91
N THR C 274 -30.32 -2.00 -1.94
CA THR C 274 -29.69 -2.29 -0.67
C THR C 274 -30.76 -2.49 0.39
N PHE C 275 -30.62 -3.55 1.18
CA PHE C 275 -31.60 -3.90 2.21
C PHE C 275 -30.91 -4.07 3.55
N LEU C 276 -31.66 -3.81 4.62
CA LEU C 276 -31.24 -4.09 5.99
C LEU C 276 -32.09 -5.24 6.52
N LEU C 277 -31.44 -6.34 6.88
CA LEU C 277 -32.10 -7.55 7.33
C LEU C 277 -31.85 -7.77 8.81
N LYS C 278 -32.91 -8.15 9.53
CA LYS C 278 -32.82 -8.37 10.98
C LYS C 278 -32.82 -9.88 11.24
N TYR C 279 -31.70 -10.39 11.72
CA TYR C 279 -31.57 -11.78 12.11
C TYR C 279 -31.81 -11.90 13.62
N ASN C 280 -32.77 -12.73 14.00
CA ASN C 280 -33.07 -12.96 15.41
C ASN C 280 -32.04 -13.92 15.99
N GLU C 281 -32.27 -14.37 17.23
CA GLU C 281 -31.32 -15.28 17.88
C GLU C 281 -31.20 -16.62 17.19
N ASN C 282 -32.19 -17.02 16.40
CA ASN C 282 -32.23 -18.34 15.79
C ASN C 282 -31.77 -18.35 14.34
N GLY C 283 -31.14 -17.28 13.87
CA GLY C 283 -30.57 -17.25 12.55
C GLY C 283 -31.52 -16.96 11.40
N THR C 284 -32.80 -16.73 11.67
CA THR C 284 -33.78 -16.51 10.61
C THR C 284 -34.11 -15.04 10.48
N ILE C 285 -34.42 -14.62 9.26
CA ILE C 285 -34.79 -13.24 8.98
C ILE C 285 -36.21 -13.00 9.47
N THR C 286 -36.38 -12.00 10.33
CA THR C 286 -37.69 -11.66 10.88
C THR C 286 -38.24 -10.33 10.37
N ASP C 287 -37.40 -9.47 9.81
CA ASP C 287 -37.86 -8.20 9.27
C ASP C 287 -36.79 -7.63 8.35
N ALA C 288 -37.23 -6.73 7.47
CA ALA C 288 -36.34 -6.13 6.49
C ALA C 288 -36.75 -4.67 6.27
N VAL C 289 -35.77 -3.87 5.86
CA VAL C 289 -35.98 -2.46 5.56
C VAL C 289 -35.32 -2.15 4.22
N ASP C 290 -36.11 -1.68 3.27
CA ASP C 290 -35.58 -1.28 1.97
C ASP C 290 -34.91 0.09 2.14
N CYS C 291 -33.62 0.16 1.81
CA CYS C 291 -32.83 1.34 2.14
C CYS C 291 -33.09 2.49 1.18
N ALA C 292 -33.98 2.32 0.21
CA ALA C 292 -34.31 3.36 -0.76
C ALA C 292 -35.82 3.53 -0.89
N LEU C 293 -36.59 3.01 0.05
CA LEU C 293 -38.06 3.07 -0.03
C LEU C 293 -38.57 4.45 0.33
N ASP C 294 -38.11 5.01 1.44
CA ASP C 294 -38.67 6.24 1.99
C ASP C 294 -37.62 6.89 2.88
N PRO C 295 -37.77 8.19 3.20
CA PRO C 295 -36.76 8.84 4.04
C PRO C 295 -36.55 8.16 5.38
N LEU C 296 -37.63 7.68 6.02
CA LEU C 296 -37.49 7.00 7.30
C LEU C 296 -36.64 5.75 7.17
N SER C 297 -36.86 4.98 6.09
CA SER C 297 -36.06 3.78 5.87
C SER C 297 -34.61 4.14 5.55
N GLU C 298 -34.40 5.24 4.82
CA GLU C 298 -33.03 5.71 4.57
C GLU C 298 -32.33 6.01 5.89
N THR C 299 -33.02 6.70 6.81
CA THR C 299 -32.44 6.97 8.12
C THR C 299 -32.16 5.66 8.86
N LYS C 300 -33.10 4.72 8.80
CA LYS C 300 -32.93 3.45 9.50
C LYS C 300 -31.70 2.71 9.01
N CYS C 301 -31.50 2.65 7.69
CA CYS C 301 -30.36 1.91 7.16
C CYS C 301 -29.06 2.70 7.22
N THR C 302 -29.12 4.02 7.40
CA THR C 302 -27.89 4.77 7.62
C THR C 302 -27.47 4.76 9.08
N LEU C 303 -28.40 4.55 10.00
CA LEU C 303 -28.09 4.38 11.42
C LEU C 303 -27.90 2.92 11.82
N LYS C 304 -28.41 1.99 11.02
CA LYS C 304 -28.35 0.55 11.31
C LYS C 304 -29.08 0.22 12.61
N SER C 305 -30.34 0.66 12.67
CA SER C 305 -31.21 0.29 13.79
C SER C 305 -32.66 0.43 13.34
N PHE C 306 -33.48 -0.57 13.66
CA PHE C 306 -34.88 -0.57 13.25
C PHE C 306 -35.69 0.50 13.97
N THR C 307 -35.20 1.01 15.08
CA THR C 307 -35.85 2.10 15.80
C THR C 307 -34.81 3.20 16.01
N VAL C 308 -35.17 4.43 15.63
CA VAL C 308 -34.27 5.57 15.76
C VAL C 308 -34.93 6.61 16.65
N GLU C 309 -34.19 7.09 17.63
CA GLU C 309 -34.68 8.10 18.55
C GLU C 309 -34.64 9.47 17.88
N LYS C 310 -35.40 10.42 18.44
CA LYS C 310 -35.60 11.72 17.82
C LYS C 310 -34.27 12.42 17.53
N GLY C 311 -34.27 13.34 16.57
CA GLY C 311 -33.05 14.01 16.17
C GLY C 311 -32.98 14.29 14.68
N ILE C 312 -31.84 14.81 14.22
CA ILE C 312 -31.63 15.12 12.80
C ILE C 312 -30.39 14.38 12.33
N TYR C 313 -30.57 13.54 11.32
CA TYR C 313 -29.50 12.68 10.80
C TYR C 313 -29.24 13.00 9.33
N GLN C 314 -27.98 12.96 8.92
CA GLN C 314 -27.59 13.13 7.53
C GLN C 314 -27.54 11.77 6.83
N THR C 315 -28.35 11.62 5.79
CA THR C 315 -28.52 10.34 5.10
C THR C 315 -27.83 10.27 3.74
N SER C 316 -28.11 11.20 2.84
CA SER C 316 -27.58 11.13 1.48
C SER C 316 -27.42 12.54 0.92
N ASN C 317 -27.12 12.62 -0.37
CA ASN C 317 -26.92 13.89 -1.07
C ASN C 317 -27.85 13.96 -2.27
N PHE C 318 -28.57 15.07 -2.40
CA PHE C 318 -29.45 15.30 -3.54
C PHE C 318 -28.75 16.16 -4.58
N ARG C 319 -28.79 15.72 -5.83
CA ARG C 319 -28.22 16.44 -6.96
C ARG C 319 -29.20 16.41 -8.13
N VAL C 320 -29.34 17.54 -8.81
CA VAL C 320 -30.26 17.60 -9.95
C VAL C 320 -29.72 16.66 -11.04
N GLN C 321 -30.63 16.18 -11.89
CA GLN C 321 -30.20 15.31 -12.98
C GLN C 321 -30.28 16.04 -14.31
N PRO C 322 -29.37 15.74 -15.25
CA PRO C 322 -29.44 16.36 -16.57
C PRO C 322 -30.71 15.95 -17.32
N THR C 323 -31.23 16.89 -18.12
CA THR C 323 -32.43 16.67 -18.90
C THR C 323 -32.15 16.42 -20.37
N GLU C 324 -31.10 17.03 -20.91
CA GLU C 324 -30.70 16.84 -22.29
C GLU C 324 -29.19 16.66 -22.36
N SER C 325 -28.74 16.00 -23.41
CA SER C 325 -27.31 15.76 -23.64
C SER C 325 -26.87 16.60 -24.83
N ILE C 326 -25.87 17.45 -24.62
CA ILE C 326 -25.37 18.36 -25.65
C ILE C 326 -24.03 17.84 -26.13
N VAL C 327 -23.92 17.67 -27.45
CA VAL C 327 -22.67 17.25 -28.10
C VAL C 327 -22.33 18.29 -29.15
N ARG C 328 -21.12 18.85 -29.05
CA ARG C 328 -20.68 19.89 -29.96
C ARG C 328 -19.32 19.51 -30.55
N PHE C 329 -19.17 19.76 -31.84
CA PHE C 329 -17.94 19.47 -32.57
C PHE C 329 -17.89 20.41 -33.77
N PRO C 330 -16.69 20.67 -34.31
CA PRO C 330 -16.61 21.45 -35.54
C PRO C 330 -17.13 20.67 -36.74
N ASN C 331 -17.64 21.41 -37.72
CA ASN C 331 -18.20 20.81 -38.93
C ASN C 331 -17.12 20.69 -40.01
N ILE C 332 -16.57 19.48 -40.12
CA ILE C 332 -15.57 19.14 -41.12
C ILE C 332 -16.05 17.89 -41.86
N THR C 333 -15.87 17.87 -43.18
CA THR C 333 -16.32 16.77 -44.00
C THR C 333 -15.18 15.92 -44.55
N ASN C 334 -14.12 16.54 -45.08
CA ASN C 334 -13.08 15.81 -45.77
C ASN C 334 -12.45 14.75 -44.87
N LEU C 335 -12.30 13.54 -45.41
CA LEU C 335 -11.65 12.46 -44.70
C LEU C 335 -10.14 12.71 -44.60
N CYS C 336 -9.55 12.24 -43.51
CA CYS C 336 -8.10 12.33 -43.34
C CYS C 336 -7.43 11.40 -44.33
N PRO C 337 -6.41 11.86 -45.05
CA PRO C 337 -5.76 11.03 -46.09
C PRO C 337 -4.79 10.01 -45.51
N PHE C 338 -5.31 9.13 -44.64
CA PHE C 338 -4.48 8.06 -44.10
C PHE C 338 -4.02 7.12 -45.21
N GLY C 339 -4.85 6.92 -46.24
CA GLY C 339 -4.48 5.98 -47.29
C GLY C 339 -3.17 6.34 -47.97
N GLU C 340 -2.95 7.64 -48.23
CA GLU C 340 -1.75 8.06 -48.92
C GLU C 340 -0.49 7.78 -48.10
N VAL C 341 -0.64 7.53 -46.81
CA VAL C 341 0.51 7.23 -45.94
C VAL C 341 0.73 5.73 -45.82
N PHE C 342 -0.32 4.98 -45.48
CA PHE C 342 -0.16 3.53 -45.32
C PHE C 342 -0.01 2.83 -46.66
N ASN C 343 -0.70 3.32 -47.69
CA ASN C 343 -0.64 2.72 -49.02
C ASN C 343 0.35 3.42 -49.94
N ALA C 344 1.25 4.22 -49.37
CA ALA C 344 2.29 4.86 -50.17
C ALA C 344 3.17 3.82 -50.84
N THR C 345 3.43 4.01 -52.13
CA THR C 345 4.25 3.06 -52.87
C THR C 345 5.67 2.99 -52.32
N ARG C 346 6.27 4.13 -51.99
CA ARG C 346 7.61 4.19 -51.45
C ARG C 346 7.59 4.80 -50.05
N PHE C 347 8.44 4.26 -49.17
CA PHE C 347 8.62 4.79 -47.84
C PHE C 347 10.04 5.32 -47.67
N ALA C 348 10.18 6.31 -46.78
CA ALA C 348 11.47 6.91 -46.52
C ALA C 348 12.28 6.03 -45.59
N SER C 349 13.60 5.99 -45.81
CA SER C 349 14.48 5.27 -44.91
C SER C 349 14.31 5.78 -43.47
N VAL C 350 14.59 4.89 -42.51
CA VAL C 350 14.37 5.21 -41.10
C VAL C 350 15.17 6.45 -40.69
N TYR C 351 16.41 6.57 -41.15
CA TYR C 351 17.23 7.72 -40.81
C TYR C 351 16.66 9.02 -41.39
N ALA C 352 15.84 8.91 -42.44
CA ALA C 352 15.19 10.06 -43.06
C ALA C 352 13.67 9.93 -43.02
N TRP C 353 13.15 9.45 -41.90
CA TRP C 353 11.72 9.19 -41.77
C TRP C 353 10.89 10.38 -42.21
N ASN C 354 9.87 10.12 -43.02
CA ASN C 354 9.03 11.18 -43.55
C ASN C 354 8.00 11.60 -42.52
N ARG C 355 7.70 12.90 -42.47
CA ARG C 355 6.69 13.43 -41.59
C ARG C 355 5.60 14.14 -42.39
N LYS C 356 4.37 13.72 -42.18
CA LYS C 356 3.20 14.31 -42.81
C LYS C 356 2.31 14.92 -41.74
N ARG C 357 1.79 16.12 -42.00
CA ARG C 357 0.91 16.80 -41.04
C ARG C 357 -0.53 16.50 -41.43
N ILE C 358 -1.29 15.94 -40.48
CA ILE C 358 -2.70 15.65 -40.65
C ILE C 358 -3.48 16.61 -39.78
N SER C 359 -4.40 17.35 -40.40
CA SER C 359 -5.16 18.39 -39.72
C SER C 359 -6.41 18.69 -40.53
N ASN C 360 -7.41 19.23 -39.84
CA ASN C 360 -8.66 19.70 -40.44
C ASN C 360 -9.33 18.60 -41.28
N CYS C 361 -9.56 17.46 -40.64
CA CYS C 361 -10.15 16.32 -41.33
C CYS C 361 -10.75 15.37 -40.31
N VAL C 362 -11.62 14.48 -40.80
CA VAL C 362 -12.23 13.45 -39.97
C VAL C 362 -11.38 12.18 -40.06
N ALA C 363 -11.01 11.64 -38.90
CA ALA C 363 -10.13 10.47 -38.81
C ALA C 363 -10.95 9.27 -38.34
N ASP C 364 -11.35 8.42 -39.28
CA ASP C 364 -12.07 7.18 -38.97
C ASP C 364 -11.05 6.09 -38.66
N TYR C 365 -10.63 6.03 -37.39
CA TYR C 365 -9.58 5.09 -37.00
C TYR C 365 -10.00 3.64 -37.11
N SER C 366 -11.30 3.35 -37.21
CA SER C 366 -11.76 1.97 -37.33
C SER C 366 -11.09 1.27 -38.50
N VAL C 367 -11.08 1.92 -39.67
CA VAL C 367 -10.43 1.39 -40.88
C VAL C 367 -9.04 0.87 -40.55
N LEU C 368 -8.37 1.48 -39.58
CA LEU C 368 -7.03 1.06 -39.19
C LEU C 368 -7.08 -0.12 -38.22
N TYR C 369 -7.86 -0.01 -37.14
CA TYR C 369 -7.82 -1.04 -36.11
C TYR C 369 -8.77 -2.20 -36.37
N ASN C 370 -9.62 -2.11 -37.39
CA ASN C 370 -10.40 -3.26 -37.83
C ASN C 370 -9.75 -4.02 -38.97
N SER C 371 -8.66 -3.51 -39.54
CA SER C 371 -7.96 -4.19 -40.61
C SER C 371 -7.10 -5.31 -40.05
N ALA C 372 -7.01 -6.41 -40.79
CA ALA C 372 -6.10 -7.50 -40.44
C ALA C 372 -4.74 -7.37 -41.11
N SER C 373 -4.48 -6.25 -41.78
CA SER C 373 -3.25 -6.07 -42.54
C SER C 373 -2.06 -5.64 -41.69
N PHE C 374 -2.27 -5.39 -40.40
CA PHE C 374 -1.24 -4.86 -39.52
C PHE C 374 -0.88 -5.91 -38.47
N SER C 375 0.40 -6.22 -38.35
CA SER C 375 0.86 -7.16 -37.33
C SER C 375 1.14 -6.50 -35.99
N THR C 376 1.44 -5.20 -35.97
CA THR C 376 1.61 -4.49 -34.71
C THR C 376 0.76 -3.22 -34.72
N PHE C 377 -0.02 -3.02 -33.66
CA PHE C 377 -0.86 -1.83 -33.52
C PHE C 377 -0.93 -1.52 -32.03
N LYS C 378 -0.09 -0.59 -31.59
CA LYS C 378 0.11 -0.32 -30.17
C LYS C 378 -0.07 1.17 -29.90
N CYS C 379 -1.10 1.53 -29.15
CA CYS C 379 -1.39 2.92 -28.82
C CYS C 379 -1.00 3.16 -27.37
N TYR C 380 -0.05 4.08 -27.16
CA TYR C 380 0.44 4.46 -25.84
C TYR C 380 -0.28 5.72 -25.36
N GLY C 381 -0.84 5.65 -24.16
CA GLY C 381 -1.49 6.76 -23.52
C GLY C 381 -2.92 7.00 -23.93
N VAL C 382 -3.47 6.19 -24.83
CA VAL C 382 -4.85 6.31 -25.30
C VAL C 382 -5.30 4.92 -25.69
N SER C 383 -6.62 4.72 -25.74
CA SER C 383 -7.22 3.50 -26.27
C SER C 383 -7.75 3.75 -27.66
N PRO C 384 -7.36 2.93 -28.64
CA PRO C 384 -7.74 3.22 -30.04
C PRO C 384 -9.24 3.34 -30.25
N THR C 385 -10.05 2.59 -29.52
CA THR C 385 -11.49 2.70 -29.66
C THR C 385 -11.96 4.11 -29.31
N LYS C 386 -11.39 4.69 -28.25
CA LYS C 386 -11.77 6.03 -27.82
C LYS C 386 -11.33 7.12 -28.79
N LEU C 387 -10.42 6.81 -29.72
CA LEU C 387 -9.97 7.81 -30.69
C LEU C 387 -11.11 8.35 -31.54
N ASN C 388 -12.22 7.63 -31.67
CA ASN C 388 -13.35 8.10 -32.44
C ASN C 388 -14.15 9.17 -31.70
N ASP C 389 -13.86 9.43 -30.43
CA ASP C 389 -14.59 10.40 -29.63
C ASP C 389 -13.67 11.49 -29.07
N LEU C 390 -12.56 11.76 -29.74
CA LEU C 390 -11.62 12.77 -29.27
C LEU C 390 -11.26 13.71 -30.41
N CYS C 391 -10.91 14.95 -30.06
CA CYS C 391 -10.38 15.94 -30.97
C CYS C 391 -8.94 16.27 -30.58
N PHE C 392 -8.05 16.27 -31.57
CA PHE C 392 -6.62 16.42 -31.30
C PHE C 392 -6.15 17.80 -31.73
N THR C 393 -5.00 18.21 -31.18
CA THR C 393 -4.40 19.48 -31.56
C THR C 393 -3.97 19.46 -33.02
N ASN C 394 -3.03 18.59 -33.36
CA ASN C 394 -2.45 18.53 -34.70
C ASN C 394 -1.77 17.18 -34.84
N VAL C 395 -2.18 16.38 -35.82
CA VAL C 395 -1.72 15.01 -35.92
C VAL C 395 -0.48 14.99 -36.80
N TYR C 396 0.46 14.09 -36.47
CA TYR C 396 1.67 13.93 -37.25
C TYR C 396 1.87 12.46 -37.54
N ALA C 397 2.18 12.14 -38.80
CA ALA C 397 2.44 10.76 -39.22
C ALA C 397 3.88 10.64 -39.65
N ASP C 398 4.66 9.87 -38.89
CA ASP C 398 6.05 9.60 -39.19
C ASP C 398 6.13 8.21 -39.82
N SER C 399 6.60 8.13 -41.06
CA SER C 399 6.63 6.89 -41.79
C SER C 399 8.08 6.51 -42.11
N PHE C 400 8.37 5.22 -42.02
CA PHE C 400 9.68 4.71 -42.41
C PHE C 400 9.60 3.18 -42.49
N VAL C 401 10.76 2.55 -42.68
CA VAL C 401 10.88 1.10 -42.86
C VAL C 401 12.04 0.61 -42.03
N ILE C 402 11.85 -0.52 -41.35
CA ILE C 402 12.92 -1.15 -40.56
C ILE C 402 12.91 -2.65 -40.79
N ARG C 403 13.73 -3.38 -40.05
CA ARG C 403 13.71 -4.83 -40.04
C ARG C 403 12.97 -5.34 -38.81
N GLY C 404 12.44 -6.56 -38.92
CA GLY C 404 11.53 -7.07 -37.90
C GLY C 404 12.14 -7.07 -36.51
N ASP C 405 13.38 -7.52 -36.38
CA ASP C 405 14.03 -7.61 -35.07
C ASP C 405 14.06 -6.25 -34.37
N GLU C 406 14.07 -5.17 -35.13
CA GLU C 406 14.15 -3.82 -34.59
C GLU C 406 12.79 -3.18 -34.37
N VAL C 407 11.70 -3.88 -34.70
CA VAL C 407 10.36 -3.32 -34.49
C VAL C 407 10.15 -3.01 -33.01
N ARG C 408 10.69 -3.86 -32.13
CA ARG C 408 10.59 -3.62 -30.69
C ARG C 408 11.19 -2.28 -30.30
N GLN C 409 12.20 -1.80 -31.03
CA GLN C 409 12.84 -0.54 -30.69
C GLN C 409 11.93 0.68 -30.89
N ILE C 410 10.84 0.53 -31.64
CA ILE C 410 9.90 1.65 -31.85
C ILE C 410 8.90 1.60 -30.71
N ALA C 411 9.32 2.17 -29.58
CA ALA C 411 8.51 2.22 -28.36
C ALA C 411 9.22 3.08 -27.32
N PRO C 412 8.49 3.71 -26.39
CA PRO C 412 9.15 4.56 -25.40
C PRO C 412 10.12 3.77 -24.54
N GLY C 413 11.25 4.40 -24.20
CA GLY C 413 12.20 3.82 -23.27
C GLY C 413 12.95 2.62 -23.82
N GLN C 414 13.05 2.49 -25.14
CA GLN C 414 13.78 1.41 -25.76
C GLN C 414 15.17 1.86 -26.20
N THR C 415 16.06 0.88 -26.34
CA THR C 415 17.43 1.11 -26.77
C THR C 415 17.73 0.23 -27.98
N GLY C 416 18.90 0.46 -28.57
CA GLY C 416 19.31 -0.24 -29.77
C GLY C 416 19.68 0.72 -30.88
N LYS C 417 20.03 0.13 -32.03
CA LYS C 417 20.48 0.92 -33.17
C LYS C 417 19.42 1.93 -33.59
N ILE C 418 18.20 1.46 -33.83
CA ILE C 418 17.16 2.32 -34.38
C ILE C 418 16.80 3.44 -33.39
N ALA C 419 16.56 3.08 -32.13
CA ALA C 419 16.16 4.09 -31.15
C ALA C 419 17.26 5.12 -30.93
N ASP C 420 18.51 4.66 -30.84
CA ASP C 420 19.59 5.58 -30.51
C ASP C 420 19.98 6.45 -31.69
N TYR C 421 20.03 5.88 -32.90
CA TYR C 421 20.64 6.55 -34.04
C TYR C 421 19.66 6.90 -35.15
N ASN C 422 18.45 6.34 -35.15
CA ASN C 422 17.55 6.49 -36.29
C ASN C 422 16.23 7.15 -35.94
N TYR C 423 15.56 6.70 -34.88
CA TYR C 423 14.23 7.22 -34.55
C TYR C 423 13.93 6.93 -33.10
N LYS C 424 13.71 7.97 -32.30
CA LYS C 424 13.56 7.85 -30.84
C LYS C 424 12.22 8.45 -30.45
N LEU C 425 11.38 7.64 -29.79
CA LEU C 425 10.15 8.13 -29.21
C LEU C 425 10.39 8.72 -27.82
N PRO C 426 9.61 9.71 -27.40
CA PRO C 426 9.73 10.24 -26.05
C PRO C 426 9.23 9.25 -25.01
N ASP C 427 9.77 9.38 -23.79
CA ASP C 427 9.41 8.46 -22.73
C ASP C 427 7.94 8.57 -22.37
N ASP C 428 7.38 9.78 -22.43
CA ASP C 428 5.96 10.01 -22.19
C ASP C 428 5.16 10.09 -23.49
N PHE C 429 5.58 9.36 -24.52
CA PHE C 429 4.95 9.45 -25.83
C PHE C 429 3.47 9.11 -25.75
N THR C 430 2.65 9.91 -26.42
CA THR C 430 1.22 9.64 -26.56
C THR C 430 0.90 9.52 -28.05
N GLY C 431 0.25 8.44 -28.42
CA GLY C 431 -0.09 8.21 -29.81
C GLY C 431 0.06 6.74 -30.15
N CYS C 432 -0.10 6.43 -31.43
CA CYS C 432 -0.17 5.04 -31.86
C CYS C 432 0.98 4.70 -32.80
N VAL C 433 1.42 3.44 -32.74
CA VAL C 433 2.44 2.90 -33.63
C VAL C 433 1.83 1.73 -34.39
N ILE C 434 1.98 1.75 -35.71
CA ILE C 434 1.41 0.71 -36.58
C ILE C 434 2.53 0.18 -37.46
N ALA C 435 2.66 -1.14 -37.51
CA ALA C 435 3.75 -1.76 -38.25
C ALA C 435 3.25 -3.04 -38.89
N TRP C 436 3.70 -3.29 -40.12
CA TRP C 436 3.30 -4.50 -40.82
C TRP C 436 4.40 -4.96 -41.77
N ASN C 437 4.46 -6.26 -41.99
CA ASN C 437 5.47 -6.84 -42.87
C ASN C 437 5.30 -6.34 -44.30
N SER C 438 6.43 -6.17 -44.99
CA SER C 438 6.45 -5.67 -46.36
C SER C 438 7.40 -6.48 -47.22
N ASN C 439 7.55 -7.78 -46.93
CA ASN C 439 8.48 -8.62 -47.67
C ASN C 439 8.11 -8.70 -49.15
N ASN C 440 6.81 -8.82 -49.44
CA ASN C 440 6.35 -8.91 -50.83
C ASN C 440 6.64 -7.66 -51.63
N LEU C 441 6.85 -6.52 -50.97
CA LEU C 441 6.98 -5.23 -51.64
C LEU C 441 8.41 -4.67 -51.64
N ASP C 442 9.14 -4.81 -50.54
CA ASP C 442 10.43 -4.15 -50.39
C ASP C 442 11.62 -5.08 -50.59
N SER C 443 11.40 -6.37 -50.82
CA SER C 443 12.48 -7.33 -50.99
C SER C 443 12.71 -7.61 -52.48
N LYS C 444 13.97 -7.88 -52.82
CA LYS C 444 14.36 -8.22 -54.18
C LYS C 444 15.26 -9.45 -54.16
N VAL C 445 15.16 -10.24 -55.23
CA VAL C 445 15.96 -11.47 -55.33
C VAL C 445 17.45 -11.15 -55.23
N GLY C 446 17.89 -10.08 -55.87
CA GLY C 446 19.26 -9.63 -55.78
C GLY C 446 19.59 -8.78 -54.57
N GLY C 447 18.60 -8.54 -53.71
CA GLY C 447 18.81 -7.72 -52.53
C GLY C 447 18.49 -6.26 -52.75
N ASN C 448 17.51 -5.75 -52.00
CA ASN C 448 17.10 -4.36 -52.10
C ASN C 448 17.87 -3.54 -51.07
N TYR C 449 18.70 -2.60 -51.53
CA TYR C 449 19.52 -1.78 -50.66
C TYR C 449 19.07 -0.33 -50.59
N ASN C 450 17.84 -0.03 -51.05
CA ASN C 450 17.38 1.35 -51.06
C ASN C 450 17.07 1.88 -49.66
N TYR C 451 16.78 1.00 -48.71
CA TYR C 451 16.47 1.40 -47.34
C TYR C 451 17.74 1.40 -46.51
N LEU C 452 17.97 2.49 -45.78
CA LEU C 452 19.22 2.69 -45.05
C LEU C 452 18.94 2.84 -43.57
N TYR C 453 20.00 2.70 -42.78
CA TYR C 453 19.95 2.96 -41.35
C TYR C 453 21.27 3.58 -40.91
N ARG C 454 21.20 4.48 -39.94
CA ARG C 454 22.40 5.11 -39.41
C ARG C 454 23.09 4.16 -38.45
N LEU C 455 24.38 3.92 -38.69
CA LEU C 455 25.13 2.97 -37.87
C LEU C 455 26.00 3.63 -36.81
N PHE C 456 26.39 4.88 -37.01
CA PHE C 456 27.24 5.59 -36.07
C PHE C 456 26.68 6.97 -35.79
N ARG C 457 26.88 7.44 -34.56
CA ARG C 457 26.47 8.78 -34.15
C ARG C 457 27.13 9.11 -32.81
N LYS C 458 27.55 10.36 -32.66
CA LYS C 458 28.24 10.79 -31.45
C LYS C 458 27.36 10.72 -30.22
N SER C 459 26.04 10.76 -30.37
CA SER C 459 25.14 10.73 -29.23
C SER C 459 23.78 10.23 -29.69
N ASN C 460 22.95 9.84 -28.73
CA ASN C 460 21.62 9.34 -29.02
C ASN C 460 20.68 10.48 -29.42
N LEU C 461 19.65 10.13 -30.16
CA LEU C 461 18.68 11.11 -30.64
C LEU C 461 17.71 11.50 -29.53
N LYS C 462 17.34 12.77 -29.51
CA LYS C 462 16.23 13.23 -28.68
C LYS C 462 14.90 12.91 -29.38
N PRO C 463 13.81 12.89 -28.63
CA PRO C 463 12.52 12.44 -29.21
C PRO C 463 12.13 13.22 -30.46
N PHE C 464 11.65 12.49 -31.46
CA PHE C 464 11.19 13.01 -32.75
C PHE C 464 12.28 13.75 -33.53
N GLU C 465 13.54 13.61 -33.15
CA GLU C 465 14.63 14.21 -33.88
C GLU C 465 14.82 13.51 -35.23
N ARG C 466 15.23 14.29 -36.23
CA ARG C 466 15.47 13.77 -37.58
C ARG C 466 16.87 14.18 -37.99
N ASP C 467 17.71 13.19 -38.29
CA ASP C 467 19.10 13.41 -38.69
C ASP C 467 19.31 12.78 -40.05
N ILE C 468 19.55 13.60 -41.06
CA ILE C 468 19.81 13.13 -42.41
C ILE C 468 21.24 13.44 -42.85
N SER C 469 22.11 13.77 -41.91
CA SER C 469 23.49 14.11 -42.24
C SER C 469 24.23 12.90 -42.79
N THR C 470 25.25 13.17 -43.62
CA THR C 470 26.09 12.13 -44.21
C THR C 470 27.55 12.32 -43.83
N GLU C 471 27.82 13.00 -42.72
CA GLU C 471 29.20 13.24 -42.30
C GLU C 471 29.92 11.92 -42.02
N ILE C 472 31.17 11.84 -42.48
CA ILE C 472 31.97 10.64 -42.28
C ILE C 472 32.31 10.50 -40.81
N TYR C 473 32.06 9.31 -40.26
CA TYR C 473 32.31 9.04 -38.85
C TYR C 473 33.72 8.48 -38.69
N GLN C 474 34.51 9.13 -37.84
CA GLN C 474 35.88 8.72 -37.53
C GLN C 474 35.85 7.79 -36.32
N ALA C 475 35.92 6.48 -36.59
CA ALA C 475 35.91 5.49 -35.52
C ALA C 475 37.25 5.31 -34.85
N GLY C 476 38.32 5.89 -35.41
CA GLY C 476 39.64 5.75 -34.84
C GLY C 476 40.30 7.08 -34.52
N SER C 477 41.62 7.07 -34.33
CA SER C 477 42.36 8.30 -34.05
C SER C 477 42.82 9.02 -35.29
N THR C 478 42.71 8.41 -36.47
CA THR C 478 43.16 9.04 -37.71
C THR C 478 42.07 9.95 -38.26
N PRO C 479 42.34 11.24 -38.45
CA PRO C 479 41.36 12.12 -39.09
C PRO C 479 40.97 11.62 -40.47
N CYS C 480 39.69 11.74 -40.80
CA CYS C 480 39.19 11.24 -42.08
C CYS C 480 39.23 12.27 -43.19
N ASN C 481 39.05 13.55 -42.85
CA ASN C 481 39.08 14.64 -43.83
C ASN C 481 38.09 14.39 -44.97
N GLY C 482 36.94 13.82 -44.62
CA GLY C 482 35.91 13.53 -45.61
C GLY C 482 36.19 12.34 -46.49
N VAL C 483 37.21 11.54 -46.19
CA VAL C 483 37.59 10.39 -46.99
C VAL C 483 37.25 9.12 -46.20
N GLU C 484 36.44 8.26 -46.81
CA GLU C 484 36.06 7.00 -46.18
C GLU C 484 37.21 6.01 -46.23
N GLY C 485 37.22 5.09 -45.27
CA GLY C 485 38.27 4.09 -45.20
C GLY C 485 38.28 3.42 -43.85
N PHE C 486 39.43 2.84 -43.50
CA PHE C 486 39.58 2.17 -42.22
C PHE C 486 39.33 3.14 -41.08
N ASN C 487 38.38 2.79 -40.20
CA ASN C 487 37.92 3.64 -39.11
C ASN C 487 37.29 4.94 -39.60
N CYS C 488 36.98 5.03 -40.90
CA CYS C 488 36.33 6.20 -41.49
C CYS C 488 35.13 5.70 -42.29
N TYR C 489 33.95 5.76 -41.69
CA TYR C 489 32.78 5.06 -42.21
C TYR C 489 31.71 6.04 -42.66
N PHE C 490 31.00 5.67 -43.71
CA PHE C 490 29.78 6.37 -44.08
C PHE C 490 28.70 6.06 -43.07
N PRO C 491 28.08 7.06 -42.43
CA PRO C 491 27.19 6.79 -41.29
C PRO C 491 25.99 5.92 -41.64
N LEU C 492 25.64 5.82 -42.91
CA LEU C 492 24.50 5.01 -43.35
C LEU C 492 24.95 3.65 -43.85
N GLN C 493 24.08 2.66 -43.69
CA GLN C 493 24.33 1.33 -44.21
C GLN C 493 23.00 0.75 -44.67
N SER C 494 23.04 -0.01 -45.78
CA SER C 494 21.84 -0.48 -46.41
C SER C 494 21.34 -1.77 -45.76
N TYR C 495 20.01 -1.90 -45.65
CA TYR C 495 19.42 -3.17 -45.28
C TYR C 495 19.53 -4.16 -46.42
N GLY C 496 19.74 -5.44 -46.08
CA GLY C 496 19.67 -6.49 -47.07
C GLY C 496 18.32 -7.18 -47.09
N PHE C 497 17.45 -6.80 -48.02
CA PHE C 497 16.08 -7.31 -48.08
C PHE C 497 15.98 -8.25 -49.28
N GLN C 498 16.02 -9.56 -49.00
CA GLN C 498 15.76 -10.60 -49.98
C GLN C 498 14.54 -11.40 -49.56
N PRO C 499 13.75 -11.90 -50.51
CA PRO C 499 12.53 -12.64 -50.12
C PRO C 499 12.80 -13.89 -49.32
N THR C 500 13.99 -14.47 -49.41
CA THR C 500 14.34 -15.67 -48.67
C THR C 500 14.88 -15.36 -47.27
N ASN C 501 15.04 -14.09 -46.92
CA ASN C 501 15.57 -13.73 -45.61
C ASN C 501 14.59 -14.11 -44.51
N GLY C 502 15.15 -14.38 -43.32
CA GLY C 502 14.32 -14.68 -42.18
C GLY C 502 13.42 -13.51 -41.80
N VAL C 503 12.29 -13.84 -41.17
CA VAL C 503 11.27 -12.84 -40.86
C VAL C 503 11.86 -11.71 -40.02
N GLY C 504 12.84 -12.02 -39.16
CA GLY C 504 13.49 -10.97 -38.38
C GLY C 504 14.21 -9.96 -39.25
N TYR C 505 14.75 -10.39 -40.39
CA TYR C 505 15.44 -9.52 -41.32
C TYR C 505 14.56 -9.06 -42.47
N GLN C 506 13.28 -9.44 -42.48
CA GLN C 506 12.39 -9.00 -43.54
C GLN C 506 11.94 -7.56 -43.30
N PRO C 507 11.59 -6.85 -44.38
CA PRO C 507 11.24 -5.42 -44.23
C PRO C 507 9.85 -5.23 -43.64
N TYR C 508 9.77 -4.30 -42.68
CA TYR C 508 8.53 -3.91 -42.05
C TYR C 508 8.32 -2.41 -42.25
N ARG C 509 7.10 -2.03 -42.63
CA ARG C 509 6.73 -0.63 -42.76
C ARG C 509 6.09 -0.16 -41.47
N VAL C 510 6.50 1.01 -40.99
CA VAL C 510 6.09 1.53 -39.70
C VAL C 510 5.59 2.97 -39.88
N VAL C 511 4.46 3.27 -39.26
CA VAL C 511 3.85 4.59 -39.24
C VAL C 511 3.50 4.93 -37.79
N VAL C 512 3.93 6.10 -37.35
CA VAL C 512 3.71 6.57 -35.98
C VAL C 512 2.82 7.79 -36.03
N LEU C 513 1.63 7.67 -35.45
CA LEU C 513 0.70 8.79 -35.32
C LEU C 513 0.93 9.43 -33.96
N SER C 514 1.26 10.72 -33.96
CA SER C 514 1.48 11.48 -32.74
C SER C 514 0.49 12.63 -32.68
N PHE C 515 -0.20 12.72 -31.55
CA PHE C 515 -1.17 13.78 -31.27
C PHE C 515 -1.09 14.21 -29.82
N GLU C 516 -1.21 15.51 -29.59
CA GLU C 516 -1.26 16.08 -28.26
C GLU C 516 -2.71 16.32 -27.85
N LEU C 517 -3.03 15.99 -26.59
CA LEU C 517 -4.41 15.98 -26.13
C LEU C 517 -4.88 17.41 -25.87
N LEU C 518 -6.08 17.53 -25.27
CA LEU C 518 -6.80 18.80 -25.18
C LEU C 518 -6.06 19.86 -24.38
N HIS C 519 -5.55 20.89 -25.07
CA HIS C 519 -5.15 22.12 -24.42
C HIS C 519 -5.50 23.36 -25.22
N ALA C 520 -6.07 23.22 -26.41
CA ALA C 520 -6.30 24.34 -27.32
C ALA C 520 -7.36 23.91 -28.32
N PRO C 521 -7.83 24.84 -29.20
CA PRO C 521 -8.77 24.42 -30.25
C PRO C 521 -8.23 23.27 -31.08
N ALA C 522 -9.13 22.52 -31.71
CA ALA C 522 -8.76 21.30 -32.40
C ALA C 522 -9.27 21.32 -33.83
N THR C 523 -8.62 20.52 -34.69
CA THR C 523 -8.99 20.40 -36.08
C THR C 523 -9.15 18.96 -36.55
N VAL C 524 -8.69 17.98 -35.78
CA VAL C 524 -8.87 16.57 -36.10
C VAL C 524 -9.81 15.98 -35.07
N CYS C 525 -10.99 15.56 -35.51
CA CYS C 525 -12.03 15.02 -34.64
C CYS C 525 -12.52 13.70 -35.22
N GLY C 526 -13.29 12.97 -34.42
CA GLY C 526 -13.85 11.72 -34.85
C GLY C 526 -15.16 11.91 -35.60
N PRO C 527 -15.84 10.81 -35.92
CA PRO C 527 -17.08 10.90 -36.69
C PRO C 527 -18.30 11.35 -35.91
N LYS C 528 -18.13 11.75 -34.65
CA LYS C 528 -19.28 12.09 -33.81
C LYS C 528 -20.07 13.26 -34.41
N LYS C 529 -21.39 13.14 -34.37
CA LYS C 529 -22.27 14.19 -34.88
C LYS C 529 -22.39 15.31 -33.85
N SER C 530 -23.31 16.24 -34.08
CA SER C 530 -23.52 17.36 -33.19
C SER C 530 -25.00 17.48 -32.86
N THR C 531 -25.33 18.42 -31.98
CA THR C 531 -26.70 18.61 -31.52
C THR C 531 -26.87 20.08 -31.17
N ASN C 532 -28.12 20.53 -31.12
CA ASN C 532 -28.42 21.91 -30.75
C ASN C 532 -27.99 22.18 -29.31
N LEU C 533 -28.08 23.44 -28.92
CA LEU C 533 -27.63 23.90 -27.61
C LEU C 533 -28.81 24.45 -26.82
N VAL C 534 -28.87 24.11 -25.54
CA VAL C 534 -29.92 24.58 -24.65
C VAL C 534 -29.28 25.16 -23.40
N LYS C 535 -29.80 26.30 -22.94
CA LYS C 535 -29.27 27.03 -21.80
C LYS C 535 -30.25 27.01 -20.63
N ASN C 536 -29.74 27.39 -19.46
CA ASN C 536 -30.53 27.57 -18.24
C ASN C 536 -31.14 26.26 -17.74
N LYS C 537 -30.49 25.14 -18.05
CA LYS C 537 -30.95 23.83 -17.60
C LYS C 537 -29.73 22.93 -17.46
N CYS C 538 -29.73 22.12 -16.39
CA CYS C 538 -28.61 21.24 -16.13
C CYS C 538 -28.53 20.17 -17.22
N VAL C 539 -27.40 20.11 -17.93
CA VAL C 539 -27.24 19.22 -19.06
C VAL C 539 -25.85 18.59 -19.04
N ASN C 540 -25.71 17.52 -19.83
CA ASN C 540 -24.43 16.87 -20.07
C ASN C 540 -23.78 17.46 -21.31
N PHE C 541 -22.74 18.25 -21.12
CA PHE C 541 -22.03 18.90 -22.22
C PHE C 541 -20.77 18.12 -22.57
N ASN C 542 -20.42 18.13 -23.87
CA ASN C 542 -19.21 17.50 -24.38
C ASN C 542 -18.66 18.42 -25.46
N PHE C 543 -17.78 19.34 -25.07
CA PHE C 543 -17.17 20.30 -25.98
C PHE C 543 -15.80 19.80 -26.40
N ASN C 544 -15.70 19.33 -27.64
CA ASN C 544 -14.42 18.91 -28.23
C ASN C 544 -13.73 17.84 -27.39
N GLY C 545 -14.53 16.90 -26.85
CA GLY C 545 -14.01 15.84 -26.02
C GLY C 545 -13.89 16.17 -24.56
N LEU C 546 -14.04 17.45 -24.19
CA LEU C 546 -14.08 17.84 -22.78
C LEU C 546 -15.51 17.65 -22.29
N THR C 547 -15.71 16.67 -21.42
CA THR C 547 -17.03 16.26 -20.99
C THR C 547 -17.31 16.75 -19.58
N GLY C 548 -18.59 16.95 -19.28
CA GLY C 548 -18.99 17.35 -17.95
C GLY C 548 -20.48 17.55 -17.88
N THR C 549 -20.93 18.01 -16.71
CA THR C 549 -22.35 18.25 -16.47
C THR C 549 -22.53 19.59 -15.77
N GLY C 550 -23.53 20.34 -16.18
CA GLY C 550 -23.86 21.58 -15.51
C GLY C 550 -24.75 22.44 -16.38
N VAL C 551 -24.89 23.70 -15.96
CA VAL C 551 -25.75 24.68 -16.62
C VAL C 551 -24.89 25.63 -17.44
N LEU C 552 -25.27 25.82 -18.70
CA LEU C 552 -24.54 26.69 -19.61
C LEU C 552 -25.31 28.00 -19.75
N THR C 553 -24.62 29.12 -19.50
CA THR C 553 -25.24 30.43 -19.53
C THR C 553 -24.36 31.37 -20.33
N GLU C 554 -24.95 32.47 -20.81
CA GLU C 554 -24.16 33.50 -21.47
C GLU C 554 -23.16 34.09 -20.48
N SER C 555 -21.92 34.25 -20.94
CA SER C 555 -20.83 34.72 -20.12
C SER C 555 -20.45 36.15 -20.49
N ASN C 556 -19.69 36.78 -19.59
CA ASN C 556 -19.10 38.10 -19.87
C ASN C 556 -17.58 38.02 -19.92
N LYS C 557 -17.03 36.82 -20.05
CA LYS C 557 -15.59 36.64 -20.16
C LYS C 557 -15.14 36.99 -21.57
N LYS C 558 -13.93 37.51 -21.67
CA LYS C 558 -13.35 37.90 -22.95
C LYS C 558 -12.17 36.95 -23.24
N PHE C 559 -12.50 35.81 -23.82
CA PHE C 559 -11.47 34.83 -24.18
C PHE C 559 -10.55 35.39 -25.26
N LEU C 560 -9.29 34.97 -25.21
CA LEU C 560 -8.34 35.26 -26.25
C LEU C 560 -8.52 34.30 -27.43
N PRO C 561 -8.12 34.71 -28.64
CA PRO C 561 -8.40 33.89 -29.83
C PRO C 561 -7.78 32.51 -29.80
N PHE C 562 -6.73 32.30 -29.00
CA PHE C 562 -6.00 31.05 -28.96
C PHE C 562 -6.36 30.18 -27.78
N GLN C 563 -7.35 30.59 -26.97
CA GLN C 563 -7.76 29.84 -25.79
C GLN C 563 -9.14 29.24 -26.03
N GLN C 564 -9.26 27.93 -25.79
CA GLN C 564 -10.53 27.24 -26.00
C GLN C 564 -11.43 27.33 -24.76
N PHE C 565 -10.92 26.91 -23.61
CA PHE C 565 -11.72 26.79 -22.40
C PHE C 565 -10.94 27.37 -21.22
N GLY C 566 -11.68 27.92 -20.26
CA GLY C 566 -11.09 28.43 -19.04
C GLY C 566 -10.96 27.34 -17.99
N ARG C 567 -10.60 27.76 -16.78
CA ARG C 567 -10.44 26.84 -15.68
C ARG C 567 -10.74 27.53 -14.35
N ASP C 568 -11.13 26.72 -13.37
CA ASP C 568 -11.34 27.14 -12.00
C ASP C 568 -10.09 26.85 -11.18
N ILE C 569 -10.04 27.43 -9.97
CA ILE C 569 -8.94 27.18 -9.05
C ILE C 569 -8.72 25.69 -8.83
N ALA C 570 -9.78 24.89 -8.94
CA ALA C 570 -9.71 23.44 -8.76
C ALA C 570 -9.34 22.70 -10.02
N ASP C 571 -8.85 23.40 -11.05
CA ASP C 571 -8.49 22.85 -12.35
C ASP C 571 -9.71 22.24 -13.07
N THR C 572 -10.91 22.53 -12.59
CA THR C 572 -12.13 22.16 -13.29
C THR C 572 -12.55 23.28 -14.22
N THR C 573 -13.09 22.92 -15.38
CA THR C 573 -13.44 23.90 -16.40
C THR C 573 -14.48 24.88 -15.85
N ASP C 574 -14.30 26.16 -16.17
CA ASP C 574 -15.21 27.23 -15.78
C ASP C 574 -16.04 27.75 -16.93
N ALA C 575 -15.47 27.88 -18.12
CA ALA C 575 -16.19 28.33 -19.30
C ALA C 575 -15.55 27.73 -20.53
N VAL C 576 -16.31 27.67 -21.62
CA VAL C 576 -15.86 27.05 -22.85
C VAL C 576 -16.27 27.90 -24.05
N ARG C 577 -15.57 27.70 -25.16
CA ARG C 577 -15.90 28.32 -26.44
C ARG C 577 -16.61 27.28 -27.30
N ASP C 578 -17.83 27.59 -27.70
CA ASP C 578 -18.61 26.69 -28.55
C ASP C 578 -17.89 26.48 -29.88
N PRO C 579 -17.58 25.24 -30.26
CA PRO C 579 -16.79 25.03 -31.50
C PRO C 579 -17.47 25.52 -32.76
N GLN C 580 -18.80 25.62 -32.78
CA GLN C 580 -19.50 26.03 -33.99
C GLN C 580 -19.92 27.50 -33.97
N THR C 581 -20.25 28.06 -32.82
CA THR C 581 -20.59 29.46 -32.68
C THR C 581 -19.54 30.15 -31.82
N LEU C 582 -18.98 31.25 -32.33
CA LEU C 582 -17.94 31.95 -31.59
C LEU C 582 -18.52 32.72 -30.42
N GLU C 583 -18.98 32.00 -29.39
CA GLU C 583 -19.53 32.58 -28.19
C GLU C 583 -18.96 31.85 -26.98
N ILE C 584 -18.78 32.58 -25.89
CA ILE C 584 -18.19 32.03 -24.67
C ILE C 584 -19.32 31.70 -23.71
N LEU C 585 -19.42 30.43 -23.32
CA LEU C 585 -20.46 29.95 -22.43
C LEU C 585 -19.85 29.69 -21.06
N ASP C 586 -20.46 30.26 -20.02
CA ASP C 586 -20.06 30.01 -18.64
C ASP C 586 -20.79 28.78 -18.12
N ILE C 587 -20.05 27.87 -17.49
CA ILE C 587 -20.58 26.62 -16.98
C ILE C 587 -20.65 26.72 -15.46
N THR C 588 -21.83 26.51 -14.91
CA THR C 588 -22.03 26.50 -13.46
C THR C 588 -22.63 25.17 -13.04
N PRO C 589 -21.97 24.42 -12.14
CA PRO C 589 -22.55 23.16 -11.68
C PRO C 589 -23.94 23.36 -11.09
N CYS C 590 -24.86 22.48 -11.43
CA CYS C 590 -26.24 22.68 -11.02
C CYS C 590 -26.46 22.16 -9.60
N SER C 591 -27.55 22.62 -8.99
CA SER C 591 -27.70 22.60 -7.53
C SER C 591 -27.51 21.19 -6.97
N PHE C 592 -26.99 21.14 -5.75
CA PHE C 592 -26.79 19.90 -5.02
C PHE C 592 -26.64 20.24 -3.55
N GLY C 593 -26.69 19.21 -2.71
CA GLY C 593 -26.46 19.42 -1.30
C GLY C 593 -26.95 18.26 -0.47
N GLY C 594 -26.57 18.30 0.81
CA GLY C 594 -26.91 17.23 1.73
C GLY C 594 -28.39 17.16 2.01
N VAL C 595 -28.83 15.98 2.46
CA VAL C 595 -30.20 15.74 2.86
C VAL C 595 -30.22 15.22 4.28
N SER C 596 -30.99 15.88 5.14
CA SER C 596 -31.14 15.48 6.53
C SER C 596 -32.58 15.08 6.80
N VAL C 597 -32.78 14.18 7.74
CA VAL C 597 -34.10 13.62 8.02
C VAL C 597 -34.46 13.98 9.47
N ILE C 598 -35.17 15.09 9.65
CA ILE C 598 -35.67 15.44 10.97
C ILE C 598 -36.80 14.49 11.36
N THR C 599 -36.58 13.71 12.41
CA THR C 599 -37.54 12.70 12.81
C THR C 599 -37.87 12.83 14.29
N PRO C 600 -39.16 12.78 14.67
CA PRO C 600 -39.52 12.78 16.09
C PRO C 600 -39.17 11.47 16.80
N GLY C 601 -38.67 10.47 16.08
CA GLY C 601 -38.44 9.16 16.66
C GLY C 601 -39.58 8.19 16.40
N THR C 602 -39.24 7.01 15.87
CA THR C 602 -40.26 6.02 15.52
C THR C 602 -41.11 5.60 16.72
N ASN C 603 -40.59 5.80 17.93
CA ASN C 603 -41.35 5.45 19.14
C ASN C 603 -42.70 6.14 19.17
N THR C 604 -42.77 7.40 18.73
CA THR C 604 -44.00 8.18 18.81
C THR C 604 -44.74 8.28 17.47
N SER C 605 -44.02 8.25 16.35
CA SER C 605 -44.64 8.34 15.04
C SER C 605 -43.58 8.04 13.98
N ASN C 606 -44.05 7.62 12.81
CA ASN C 606 -43.17 7.35 11.68
C ASN C 606 -43.13 8.47 10.66
N GLN C 607 -43.74 9.61 10.95
CA GLN C 607 -43.74 10.75 10.04
C GLN C 607 -42.48 11.58 10.25
N VAL C 608 -41.81 11.93 9.15
CA VAL C 608 -40.52 12.61 9.20
C VAL C 608 -40.54 13.77 8.20
N ALA C 609 -39.63 14.71 8.40
CA ALA C 609 -39.43 15.82 7.48
C ALA C 609 -38.02 15.75 6.89
N VAL C 610 -37.86 16.31 5.70
CA VAL C 610 -36.61 16.22 4.95
C VAL C 610 -36.10 17.64 4.72
N LEU C 611 -34.83 17.86 5.03
CA LEU C 611 -34.17 19.14 4.79
C LEU C 611 -33.13 18.97 3.69
N TYR C 612 -33.35 19.62 2.56
CA TYR C 612 -32.36 19.73 1.50
C TYR C 612 -31.53 20.99 1.77
N GLN C 613 -30.24 20.82 1.98
CA GLN C 613 -29.38 21.92 2.39
C GLN C 613 -28.95 22.75 1.18
N ASP C 614 -29.06 24.07 1.31
CA ASP C 614 -28.49 25.03 0.35
C ASP C 614 -29.01 24.79 -1.06
N VAL C 615 -30.31 24.51 -1.18
CA VAL C 615 -30.99 24.42 -2.46
C VAL C 615 -32.29 25.20 -2.36
N ASN C 616 -32.83 25.57 -3.52
CA ASN C 616 -34.08 26.31 -3.58
C ASN C 616 -35.26 25.37 -3.71
N CYS C 617 -36.34 25.70 -2.99
CA CYS C 617 -37.52 24.83 -2.96
C CYS C 617 -38.12 24.63 -4.34
N THR C 618 -37.93 25.60 -5.25
CA THR C 618 -38.43 25.47 -6.61
C THR C 618 -37.71 24.39 -7.41
N GLU C 619 -36.60 23.86 -6.89
CA GLU C 619 -35.78 22.92 -7.65
C GLU C 619 -36.00 21.46 -7.24
N VAL C 620 -36.48 21.23 -6.02
CA VAL C 620 -36.72 19.86 -5.54
C VAL C 620 -37.88 19.24 -6.30
N ASN C 641 -46.79 21.57 1.42
CA ASN C 641 -46.21 21.79 2.75
C ASN C 641 -44.70 21.93 2.65
N VAL C 642 -44.24 23.10 2.21
CA VAL C 642 -42.82 23.37 2.00
C VAL C 642 -42.46 24.67 2.69
N PHE C 643 -41.27 24.72 3.29
CA PHE C 643 -40.78 25.90 4.00
C PHE C 643 -39.36 26.25 3.56
N GLN C 644 -39.13 27.52 3.26
CA GLN C 644 -37.81 28.00 2.87
C GLN C 644 -37.14 28.65 4.08
N THR C 645 -35.92 28.21 4.40
CA THR C 645 -35.14 28.77 5.49
C THR C 645 -33.71 28.97 5.01
N ARG C 646 -32.95 29.74 5.79
CA ARG C 646 -31.53 29.94 5.47
C ARG C 646 -30.79 28.62 5.41
N ALA C 647 -31.22 27.63 6.20
CA ALA C 647 -30.59 26.32 6.14
C ALA C 647 -30.83 25.66 4.78
N GLY C 648 -32.00 25.86 4.20
CA GLY C 648 -32.33 25.25 2.93
C GLY C 648 -33.83 25.11 2.70
N CYS C 649 -34.25 23.98 2.16
CA CYS C 649 -35.67 23.71 1.91
C CYS C 649 -36.14 22.57 2.81
N LEU C 650 -37.20 22.81 3.56
CA LEU C 650 -37.76 21.84 4.50
C LEU C 650 -39.09 21.35 3.94
N ILE C 651 -39.25 20.03 3.85
CA ILE C 651 -40.42 19.40 3.28
C ILE C 651 -41.03 18.46 4.31
N GLY C 652 -42.33 18.59 4.53
CA GLY C 652 -43.05 17.80 5.50
C GLY C 652 -43.26 18.42 6.86
N ALA C 653 -42.93 19.71 7.03
CA ALA C 653 -43.10 20.39 8.30
C ALA C 653 -43.88 21.68 8.08
N GLU C 654 -44.82 21.96 8.98
CA GLU C 654 -45.64 23.16 8.89
C GLU C 654 -45.01 24.30 9.68
N HIS C 655 -45.11 25.50 9.13
CA HIS C 655 -44.53 26.69 9.76
C HIS C 655 -45.55 27.33 10.71
N VAL C 656 -45.15 27.49 11.97
CA VAL C 656 -45.99 28.02 13.02
C VAL C 656 -45.39 29.34 13.51
N ASN C 657 -46.22 30.38 13.59
CA ASN C 657 -45.72 31.68 14.02
C ASN C 657 -45.35 31.68 15.51
N ASN C 658 -46.04 30.88 16.32
CA ASN C 658 -45.69 30.79 17.74
C ASN C 658 -44.23 30.36 17.90
N SER C 659 -43.69 30.63 19.08
CA SER C 659 -42.30 30.32 19.39
C SER C 659 -42.23 29.48 20.65
N TYR C 660 -41.36 28.46 20.63
CA TYR C 660 -41.21 27.54 21.75
C TYR C 660 -39.72 27.29 21.96
N GLU C 661 -39.40 26.54 23.02
CA GLU C 661 -38.03 26.10 23.25
C GLU C 661 -37.58 25.12 22.16
N CYS C 662 -36.30 25.21 21.81
CA CYS C 662 -35.77 24.35 20.76
C CYS C 662 -35.71 22.90 21.22
N ASP C 663 -36.19 22.00 20.37
CA ASP C 663 -36.19 20.57 20.66
C ASP C 663 -35.25 19.82 19.72
N ILE C 664 -35.43 19.95 18.41
CA ILE C 664 -34.52 19.38 17.42
C ILE C 664 -33.99 20.54 16.57
N PRO C 665 -32.69 20.87 16.70
CA PRO C 665 -32.16 22.05 16.00
C PRO C 665 -31.99 21.80 14.51
N ILE C 666 -32.56 22.69 13.71
CA ILE C 666 -32.35 22.71 12.27
C ILE C 666 -31.25 23.68 11.88
N GLY C 667 -31.36 24.92 12.36
CA GLY C 667 -30.32 25.91 12.15
C GLY C 667 -30.87 27.29 11.86
N ALA C 668 -30.01 28.31 11.95
CA ALA C 668 -30.39 29.70 11.69
C ALA C 668 -31.60 30.10 12.54
N GLY C 669 -31.60 29.66 13.80
CA GLY C 669 -32.68 29.98 14.71
C GLY C 669 -33.95 29.20 14.48
N ILE C 670 -33.93 28.18 13.64
CA ILE C 670 -35.10 27.37 13.33
C ILE C 670 -34.93 26.00 13.97
N CYS C 671 -35.92 25.58 14.75
CA CYS C 671 -35.96 24.25 15.35
C CYS C 671 -37.30 23.60 15.06
N ALA C 672 -37.30 22.28 14.97
CA ALA C 672 -38.51 21.52 14.65
C ALA C 672 -38.88 20.62 15.82
N SER C 673 -40.20 20.45 15.98
CA SER C 673 -40.76 19.62 17.04
C SER C 673 -41.94 18.86 16.49
N TYR C 674 -42.52 17.97 17.31
CA TYR C 674 -43.71 17.21 16.95
C TYR C 674 -44.81 17.56 17.94
N GLN C 675 -45.88 18.18 17.45
CA GLN C 675 -46.92 18.70 18.33
C GLN C 675 -48.29 18.41 17.73
N THR C 676 -49.31 18.52 18.56
CA THR C 676 -50.69 18.33 18.12
C THR C 676 -51.24 19.58 17.44
N GLN C 690 -51.96 15.39 14.96
CA GLN C 690 -50.61 15.82 15.26
C GLN C 690 -49.81 16.01 13.97
N SER C 691 -48.64 16.63 14.08
CA SER C 691 -47.78 16.87 12.93
C SER C 691 -46.46 17.46 13.41
N ILE C 692 -45.52 17.58 12.47
CA ILE C 692 -44.20 18.13 12.73
C ILE C 692 -44.22 19.60 12.34
N ILE C 693 -43.75 20.46 13.25
CA ILE C 693 -43.77 21.90 13.00
C ILE C 693 -42.35 22.45 13.13
N ALA C 694 -42.09 23.52 12.37
CA ALA C 694 -40.83 24.23 12.40
C ALA C 694 -41.09 25.65 12.87
N TYR C 695 -40.31 26.12 13.83
CA TYR C 695 -40.53 27.43 14.44
C TYR C 695 -39.19 28.12 14.66
N THR C 696 -39.25 29.41 14.94
CA THR C 696 -38.09 30.18 15.34
C THR C 696 -37.98 30.08 16.86
N MET C 697 -36.95 29.38 17.34
CA MET C 697 -36.88 29.02 18.75
C MET C 697 -36.88 30.28 19.63
N SER C 698 -37.57 30.18 20.76
CA SER C 698 -37.59 31.25 21.75
C SER C 698 -36.48 31.00 22.77
N LEU C 699 -35.70 32.05 23.06
CA LEU C 699 -34.59 31.91 23.99
C LEU C 699 -35.07 31.57 25.39
N GLY C 700 -36.16 32.20 25.82
CA GLY C 700 -36.69 31.93 27.14
C GLY C 700 -37.91 32.79 27.41
N ALA C 701 -38.44 32.63 28.61
CA ALA C 701 -39.61 33.39 29.03
C ALA C 701 -39.23 34.82 29.35
N GLU C 702 -39.95 35.78 28.76
CA GLU C 702 -39.70 37.18 29.05
C GLU C 702 -40.00 37.48 30.51
N ASN C 703 -39.11 38.25 31.14
CA ASN C 703 -39.26 38.60 32.55
C ASN C 703 -38.54 39.93 32.77
N SER C 704 -39.31 41.01 32.84
CA SER C 704 -38.75 42.33 33.12
C SER C 704 -38.53 42.51 34.62
N VAL C 705 -37.37 43.04 34.96
CA VAL C 705 -37.00 43.25 36.37
C VAL C 705 -37.46 44.63 36.80
N ALA C 706 -38.15 44.69 37.94
CA ALA C 706 -38.70 45.95 38.44
C ALA C 706 -37.60 46.73 39.17
N TYR C 707 -36.64 47.19 38.38
CA TYR C 707 -35.51 47.93 38.93
C TYR C 707 -35.97 49.32 39.36
N SER C 708 -35.41 49.79 40.48
CA SER C 708 -35.70 51.13 40.97
C SER C 708 -34.62 51.54 41.94
N ASN C 709 -34.33 52.84 41.96
CA ASN C 709 -33.15 53.33 42.66
C ASN C 709 -33.30 53.28 44.18
N ASN C 710 -34.49 53.00 44.69
CA ASN C 710 -34.73 52.88 46.13
C ASN C 710 -35.66 51.71 46.43
N SER C 711 -35.43 50.57 45.77
CA SER C 711 -36.21 49.36 46.03
C SER C 711 -35.30 48.16 45.94
N ILE C 712 -35.24 47.36 47.01
CA ILE C 712 -34.40 46.17 47.05
C ILE C 712 -35.29 44.96 47.31
N ALA C 713 -34.82 43.81 46.84
CA ALA C 713 -35.52 42.54 47.01
C ALA C 713 -34.62 41.59 47.78
N ILE C 714 -35.03 41.21 48.98
CA ILE C 714 -34.23 40.39 49.88
C ILE C 714 -34.94 39.06 50.09
N PRO C 715 -34.25 37.93 49.94
CA PRO C 715 -34.87 36.64 50.25
C PRO C 715 -35.18 36.51 51.74
N THR C 716 -36.26 35.79 52.04
CA THR C 716 -36.64 35.47 53.40
C THR C 716 -36.53 34.00 53.73
N ASN C 717 -36.24 33.16 52.74
CA ASN C 717 -36.20 31.72 52.92
C ASN C 717 -35.29 31.13 51.85
N PHE C 718 -34.96 29.85 52.01
CA PHE C 718 -33.99 29.21 51.14
C PHE C 718 -34.38 27.77 50.88
N THR C 719 -33.60 27.10 50.04
CA THR C 719 -33.70 25.67 49.78
C THR C 719 -32.30 25.09 49.67
N ILE C 720 -32.16 23.85 50.11
CA ILE C 720 -30.91 23.11 50.02
C ILE C 720 -31.08 22.11 48.87
N SER C 721 -30.52 22.45 47.71
CA SER C 721 -30.72 21.68 46.49
C SER C 721 -29.49 20.83 46.21
N VAL C 722 -29.72 19.56 45.87
CA VAL C 722 -28.66 18.64 45.50
C VAL C 722 -28.75 18.38 44.01
N THR C 723 -27.68 18.70 43.29
CA THR C 723 -27.56 18.42 41.87
C THR C 723 -26.58 17.28 41.65
N THR C 724 -26.60 16.73 40.44
CA THR C 724 -25.71 15.63 40.06
C THR C 724 -24.91 16.03 38.84
N GLU C 725 -23.59 15.80 38.89
CA GLU C 725 -22.69 16.16 37.80
C GLU C 725 -21.87 14.93 37.44
N ILE C 726 -21.92 14.52 36.17
CA ILE C 726 -21.31 13.29 35.72
C ILE C 726 -20.09 13.64 34.87
N LEU C 727 -18.96 12.97 35.14
CA LEU C 727 -17.72 13.24 34.42
C LEU C 727 -17.04 11.94 34.02
N PRO C 728 -16.59 11.81 32.78
CA PRO C 728 -15.74 10.67 32.41
C PRO C 728 -14.31 10.87 32.89
N VAL C 729 -13.67 9.75 33.23
CA VAL C 729 -12.35 9.79 33.84
C VAL C 729 -11.36 8.93 33.06
N SER C 730 -11.86 7.92 32.34
CA SER C 730 -10.95 7.04 31.63
C SER C 730 -11.70 6.30 30.53
N MET C 731 -10.92 5.76 29.59
CA MET C 731 -11.40 4.93 28.49
C MET C 731 -11.11 3.47 28.79
N THR C 732 -11.40 2.60 27.83
CA THR C 732 -11.01 1.20 27.87
C THR C 732 -9.59 1.04 27.34
N LYS C 733 -8.72 0.41 28.14
CA LYS C 733 -7.30 0.29 27.81
C LYS C 733 -7.12 -0.75 26.70
N THR C 734 -7.37 -0.31 25.47
CA THR C 734 -7.26 -1.19 24.31
C THR C 734 -5.81 -1.28 23.85
N SER C 735 -5.43 -2.46 23.36
CA SER C 735 -4.10 -2.67 22.79
C SER C 735 -4.23 -3.57 21.56
N VAL C 736 -3.55 -3.20 20.47
CA VAL C 736 -3.65 -3.92 19.21
C VAL C 736 -2.28 -4.43 18.82
N ASP C 737 -2.22 -5.71 18.44
CA ASP C 737 -1.01 -6.35 17.92
C ASP C 737 -1.02 -6.24 16.40
N CYS C 738 -0.20 -5.33 15.87
CA CYS C 738 -0.27 -5.04 14.43
C CYS C 738 0.10 -6.25 13.61
N THR C 739 1.12 -7.00 14.06
CA THR C 739 1.57 -8.15 13.28
C THR C 739 0.48 -9.18 13.10
N MET C 740 -0.27 -9.48 14.18
CA MET C 740 -1.34 -10.45 14.04
C MET C 740 -2.56 -9.88 13.34
N TYR C 741 -2.81 -8.58 13.49
CA TYR C 741 -3.96 -7.98 12.81
C TYR C 741 -3.75 -7.89 11.31
N ILE C 742 -2.60 -7.36 10.89
CA ILE C 742 -2.29 -7.18 9.48
C ILE C 742 -2.01 -8.52 8.81
N CYS C 743 -1.22 -9.37 9.48
CA CYS C 743 -0.63 -10.55 8.88
C CYS C 743 -0.94 -11.80 9.70
N GLY C 744 -2.21 -12.01 10.03
CA GLY C 744 -2.58 -13.15 10.84
C GLY C 744 -2.08 -14.47 10.31
N ASP C 745 -1.13 -15.09 11.02
CA ASP C 745 -0.60 -16.41 10.67
C ASP C 745 -0.20 -16.50 9.20
N SER C 746 0.77 -15.67 8.82
CA SER C 746 1.28 -15.69 7.45
C SER C 746 2.71 -15.16 7.43
N THR C 747 3.66 -16.07 7.20
CA THR C 747 5.07 -15.69 7.20
C THR C 747 5.39 -14.69 6.10
N GLU C 748 4.90 -14.94 4.88
CA GLU C 748 5.20 -14.05 3.75
C GLU C 748 4.67 -12.65 4.01
N CYS C 749 3.47 -12.55 4.57
CA CYS C 749 2.91 -11.23 4.89
C CYS C 749 3.77 -10.51 5.90
N SER C 750 4.26 -11.24 6.91
CA SER C 750 5.14 -10.63 7.90
C SER C 750 6.44 -10.15 7.27
N ASN C 751 7.02 -10.95 6.37
CA ASN C 751 8.23 -10.54 5.67
C ASN C 751 7.99 -9.26 4.87
N LEU C 752 6.86 -9.18 4.16
CA LEU C 752 6.53 -7.96 3.44
C LEU C 752 6.33 -6.79 4.40
N LEU C 753 5.65 -7.02 5.53
CA LEU C 753 5.36 -5.95 6.48
C LEU C 753 6.64 -5.42 7.10
N LEU C 754 7.66 -6.27 7.24
CA LEU C 754 8.91 -5.84 7.86
C LEU C 754 9.61 -4.77 7.05
N GLN C 755 9.19 -4.56 5.80
CA GLN C 755 9.77 -3.52 4.96
C GLN C 755 9.37 -2.14 5.44
N TYR C 756 8.19 -2.01 6.05
CA TYR C 756 7.65 -0.70 6.41
C TYR C 756 8.28 -0.10 7.67
N GLY C 757 9.38 -0.66 8.16
CA GLY C 757 10.10 -0.03 9.26
C GLY C 757 9.50 -0.27 10.63
N SER C 758 9.26 0.82 11.35
CA SER C 758 8.90 0.80 12.76
C SER C 758 7.51 1.34 13.01
N PHE C 759 6.60 1.14 12.06
CA PHE C 759 5.21 1.56 12.24
C PHE C 759 4.61 0.89 13.49
N CYS C 760 4.77 -0.43 13.60
CA CYS C 760 4.22 -1.14 14.75
C CYS C 760 4.80 -0.64 16.06
N THR C 761 6.11 -0.38 16.10
CA THR C 761 6.69 0.07 17.35
C THR C 761 6.02 1.36 17.82
N GLN C 762 5.88 2.33 16.93
CA GLN C 762 5.28 3.60 17.36
C GLN C 762 3.78 3.48 17.63
N LEU C 763 3.06 2.66 16.87
CA LEU C 763 1.64 2.44 17.17
C LEU C 763 1.44 1.78 18.53
N ASN C 764 2.17 0.70 18.79
CA ASN C 764 2.10 0.04 20.09
C ASN C 764 2.52 0.97 21.21
N ARG C 765 3.54 1.79 20.96
CA ARG C 765 3.99 2.76 21.96
C ARG C 765 2.89 3.76 22.26
N ALA C 766 2.21 4.26 21.22
CA ALA C 766 1.13 5.21 21.43
C ALA C 766 0.00 4.58 22.24
N LEU C 767 -0.39 3.34 21.91
CA LEU C 767 -1.47 2.71 22.64
C LEU C 767 -1.07 2.41 24.09
N THR C 768 0.18 2.01 24.31
CA THR C 768 0.67 1.81 25.67
C THR C 768 0.65 3.11 26.45
N GLY C 769 1.09 4.21 25.82
CA GLY C 769 0.99 5.51 26.44
C GLY C 769 -0.44 5.88 26.78
N ILE C 770 -1.38 5.57 25.88
CA ILE C 770 -2.79 5.83 26.15
C ILE C 770 -3.23 5.09 27.41
N ALA C 771 -2.90 3.80 27.49
CA ALA C 771 -3.30 3.00 28.65
C ALA C 771 -2.70 3.56 29.93
N VAL C 772 -1.40 3.89 29.89
CA VAL C 772 -0.73 4.48 31.04
C VAL C 772 -1.41 5.78 31.43
N GLU C 773 -1.77 6.59 30.45
CA GLU C 773 -2.44 7.86 30.72
C GLU C 773 -3.79 7.65 31.38
N GLN C 774 -4.53 6.62 30.96
CA GLN C 774 -5.81 6.32 31.61
C GLN C 774 -5.60 5.91 33.06
N ASP C 775 -4.60 5.05 33.31
CA ASP C 775 -4.28 4.69 34.69
C ASP C 775 -3.94 5.93 35.52
N LYS C 776 -3.13 6.83 34.95
CA LYS C 776 -2.76 8.05 35.65
C LYS C 776 -3.99 8.92 35.92
N ASN C 777 -4.89 9.02 34.93
CA ASN C 777 -6.10 9.81 35.11
C ASN C 777 -6.91 9.30 36.29
N THR C 778 -7.18 7.98 36.31
CA THR C 778 -7.95 7.44 37.42
C THR C 778 -7.23 7.65 38.74
N GLN C 779 -5.91 7.42 38.76
CA GLN C 779 -5.14 7.57 39.99
C GLN C 779 -5.25 8.99 40.53
N GLU C 780 -5.09 9.99 39.66
CA GLU C 780 -5.12 11.37 40.13
C GLU C 780 -6.52 11.85 40.46
N VAL C 781 -7.54 11.34 39.76
CA VAL C 781 -8.91 11.73 40.07
C VAL C 781 -9.33 11.21 41.43
N PHE C 782 -9.06 9.94 41.71
CA PHE C 782 -9.58 9.33 42.93
C PHE C 782 -8.57 9.31 44.08
N ALA C 783 -7.33 8.91 43.83
CA ALA C 783 -6.34 8.70 44.89
C ALA C 783 -5.82 10.04 45.39
N GLN C 784 -6.69 10.77 46.07
CA GLN C 784 -6.35 12.07 46.63
C GLN C 784 -6.38 12.11 48.15
N VAL C 785 -6.61 10.98 48.82
CA VAL C 785 -6.63 10.92 50.27
C VAL C 785 -5.48 10.04 50.74
N LYS C 786 -4.70 10.55 51.69
CA LYS C 786 -3.50 9.85 52.16
C LYS C 786 -3.83 8.56 52.90
N GLN C 787 -4.96 8.52 53.59
CA GLN C 787 -5.35 7.37 54.41
C GLN C 787 -6.72 6.88 53.97
N ILE C 788 -7.19 5.82 54.62
CA ILE C 788 -8.52 5.26 54.35
C ILE C 788 -9.33 5.42 55.64
N TYR C 789 -10.05 6.54 55.76
CA TYR C 789 -10.94 6.74 56.89
C TYR C 789 -12.20 5.89 56.72
N LYS C 790 -12.83 5.57 57.84
CA LYS C 790 -14.09 4.84 57.82
C LYS C 790 -15.04 5.42 58.86
N THR C 791 -16.31 5.53 58.48
CA THR C 791 -17.30 6.14 59.35
C THR C 791 -17.50 5.30 60.60
N PRO C 792 -17.70 5.91 61.76
CA PRO C 792 -18.02 5.14 62.97
C PRO C 792 -19.42 4.57 62.88
N PRO C 793 -19.72 3.54 63.68
CA PRO C 793 -21.08 2.96 63.63
C PRO C 793 -22.19 3.95 63.96
N ILE C 794 -21.95 4.90 64.88
CA ILE C 794 -22.97 5.88 65.20
C ILE C 794 -23.16 6.82 64.02
N LYS C 795 -24.42 7.12 63.68
CA LYS C 795 -24.75 8.01 62.59
C LYS C 795 -25.38 9.30 63.09
N ASP C 796 -24.89 9.83 64.21
CA ASP C 796 -25.42 11.05 64.81
C ASP C 796 -24.86 12.25 64.06
N PHE C 797 -25.26 12.36 62.80
CA PHE C 797 -24.80 13.45 61.92
C PHE C 797 -25.82 14.59 61.91
N GLY C 798 -26.09 15.12 63.11
CA GLY C 798 -26.94 16.29 63.23
C GLY C 798 -28.29 16.15 62.55
N GLY C 799 -28.70 14.92 62.28
CA GLY C 799 -29.92 14.63 61.56
C GLY C 799 -29.71 14.29 60.10
N PHE C 800 -28.55 14.62 59.53
CA PHE C 800 -28.26 14.26 58.16
C PHE C 800 -28.13 12.74 58.03
N ASN C 801 -28.58 12.21 56.90
CA ASN C 801 -28.66 10.78 56.65
C ASN C 801 -27.84 10.46 55.42
N PHE C 802 -26.66 9.84 55.62
CA PHE C 802 -25.77 9.51 54.51
C PHE C 802 -25.87 8.06 54.08
N SER C 803 -26.81 7.29 54.63
CA SER C 803 -26.87 5.86 54.39
C SER C 803 -27.01 5.51 52.91
N GLN C 804 -27.32 6.49 52.05
CA GLN C 804 -27.44 6.28 50.62
C GLN C 804 -26.15 6.55 49.87
N ILE C 805 -25.10 6.98 50.56
CA ILE C 805 -23.80 7.18 49.93
C ILE C 805 -22.68 6.47 50.65
N LEU C 806 -22.82 6.15 51.93
CA LEU C 806 -21.80 5.38 52.64
C LEU C 806 -21.85 3.93 52.16
N PRO C 807 -20.74 3.21 52.22
CA PRO C 807 -20.74 1.80 51.77
C PRO C 807 -21.73 0.97 52.56
N ASP C 808 -22.36 0.01 51.88
CA ASP C 808 -23.27 -0.92 52.51
C ASP C 808 -22.48 -2.16 52.93
N PRO C 809 -22.39 -2.47 54.22
CA PRO C 809 -21.62 -3.66 54.63
C PRO C 809 -22.18 -4.95 54.08
N SER C 810 -23.45 -4.99 53.70
CA SER C 810 -24.06 -6.15 53.04
C SER C 810 -24.40 -5.72 51.61
N LYS C 811 -23.43 -5.87 50.72
CA LYS C 811 -23.57 -5.39 49.35
C LYS C 811 -22.64 -6.23 48.47
N PRO C 812 -22.83 -6.18 47.15
CA PRO C 812 -21.96 -7.01 46.28
C PRO C 812 -20.47 -6.71 46.43
N SER C 813 -20.09 -5.43 46.29
CA SER C 813 -18.68 -5.05 46.38
C SER C 813 -18.52 -3.80 47.23
N LYS C 814 -19.24 -3.74 48.35
CA LYS C 814 -19.17 -2.62 49.30
C LYS C 814 -19.41 -1.29 48.59
N ARG C 815 -20.36 -1.27 47.67
CA ARG C 815 -20.74 -0.06 46.97
C ARG C 815 -22.02 0.53 47.56
N SER C 816 -22.14 1.84 47.47
CA SER C 816 -23.31 2.52 48.00
C SER C 816 -24.48 2.42 47.01
N PHE C 817 -25.66 2.77 47.50
CA PHE C 817 -26.88 2.67 46.68
C PHE C 817 -26.73 3.42 45.37
N ILE C 818 -26.32 4.70 45.44
CA ILE C 818 -26.19 5.50 44.23
C ILE C 818 -25.08 4.94 43.34
N GLU C 819 -23.99 4.46 43.96
CA GLU C 819 -22.93 3.82 43.19
C GLU C 819 -23.44 2.59 42.44
N ASP C 820 -24.25 1.76 43.10
CA ASP C 820 -24.78 0.58 42.44
C ASP C 820 -25.73 0.96 41.31
N LEU C 821 -26.55 1.99 41.52
CA LEU C 821 -27.40 2.49 40.45
C LEU C 821 -26.57 2.93 39.24
N LEU C 822 -25.50 3.71 39.50
CA LEU C 822 -24.66 4.18 38.40
C LEU C 822 -24.01 3.01 37.67
N PHE C 823 -23.56 2.00 38.42
CA PHE C 823 -22.94 0.83 37.78
C PHE C 823 -23.96 0.05 36.96
N ASN C 824 -25.23 0.00 37.41
CA ASN C 824 -26.27 -0.74 36.71
C ASN C 824 -26.92 0.04 35.59
N LYS C 825 -26.65 1.34 35.46
CA LYS C 825 -27.23 2.15 34.39
C LYS C 825 -26.29 2.36 33.21
N VAL C 826 -25.17 1.63 33.17
CA VAL C 826 -24.19 1.74 32.09
C VAL C 826 -23.93 0.34 31.55
N THR C 827 -23.94 0.21 30.22
CA THR C 827 -23.65 -1.06 29.56
C THR C 827 -22.81 -0.83 28.31
N LYS C 854 -12.82 -10.14 18.86
CA LYS C 854 -12.17 -10.48 20.12
C LYS C 854 -10.72 -10.90 19.90
N PHE C 855 -10.54 -12.14 19.44
CA PHE C 855 -9.21 -12.72 19.30
C PHE C 855 -8.71 -12.51 17.86
N ASN C 856 -8.51 -11.24 17.53
CA ASN C 856 -8.01 -10.84 16.22
C ASN C 856 -6.92 -9.79 16.38
N GLY C 857 -6.11 -9.94 17.43
CA GLY C 857 -5.08 -8.99 17.77
C GLY C 857 -5.52 -7.85 18.66
N LEU C 858 -6.80 -7.77 19.01
CA LEU C 858 -7.33 -6.70 19.85
C LEU C 858 -7.54 -7.24 21.26
N THR C 859 -6.99 -6.55 22.25
CA THR C 859 -7.12 -6.94 23.65
C THR C 859 -7.51 -5.72 24.46
N VAL C 860 -8.11 -5.98 25.62
CA VAL C 860 -8.53 -4.91 26.54
C VAL C 860 -7.77 -5.16 27.84
N LEU C 861 -6.74 -4.35 28.08
CA LEU C 861 -6.00 -4.45 29.32
C LEU C 861 -6.89 -4.06 30.49
N PRO C 862 -6.71 -4.68 31.65
CA PRO C 862 -7.53 -4.35 32.81
C PRO C 862 -7.04 -3.08 33.47
N PRO C 863 -7.94 -2.30 34.07
CA PRO C 863 -7.49 -1.11 34.80
C PRO C 863 -6.69 -1.49 36.03
N LEU C 864 -5.76 -0.60 36.41
CA LEU C 864 -4.89 -0.90 37.54
C LEU C 864 -5.69 -0.95 38.84
N LEU C 865 -6.62 -0.02 39.01
CA LEU C 865 -7.45 0.07 40.21
C LEU C 865 -8.80 -0.58 39.90
N THR C 866 -9.07 -1.72 40.55
CA THR C 866 -10.34 -2.40 40.39
C THR C 866 -11.46 -1.57 41.03
N ASP C 867 -12.69 -1.83 40.56
CA ASP C 867 -13.83 -1.06 41.04
C ASP C 867 -13.96 -1.10 42.56
N GLU C 868 -13.54 -2.20 43.18
CA GLU C 868 -13.54 -2.26 44.64
C GLU C 868 -12.60 -1.22 45.23
N MET C 869 -11.41 -1.07 44.64
CA MET C 869 -10.45 -0.07 45.12
C MET C 869 -10.98 1.34 44.92
N ILE C 870 -11.63 1.61 43.78
CA ILE C 870 -12.21 2.93 43.56
C ILE C 870 -13.32 3.20 44.57
N ALA C 871 -14.11 2.16 44.88
CA ALA C 871 -15.14 2.30 45.89
C ALA C 871 -14.52 2.60 47.25
N GLN C 872 -13.42 1.94 47.59
CA GLN C 872 -12.73 2.22 48.84
C GLN C 872 -12.21 3.65 48.88
N TYR C 873 -11.70 4.15 47.75
CA TYR C 873 -11.20 5.53 47.71
C TYR C 873 -12.32 6.53 47.90
N THR C 874 -13.45 6.32 47.21
CA THR C 874 -14.59 7.20 47.40
C THR C 874 -15.12 7.12 48.82
N SER C 875 -15.10 5.93 49.42
CA SER C 875 -15.51 5.78 50.81
C SER C 875 -14.59 6.55 51.75
N ALA C 876 -13.28 6.49 51.52
CA ALA C 876 -12.35 7.23 52.36
C ALA C 876 -12.57 8.73 52.24
N LEU C 877 -12.72 9.22 51.01
CA LEU C 877 -12.96 10.65 50.80
C LEU C 877 -14.27 11.08 51.46
N LEU C 878 -15.32 10.27 51.29
CA LEU C 878 -16.63 10.60 51.83
C LEU C 878 -16.61 10.60 53.35
N ALA C 879 -15.96 9.60 53.95
CA ALA C 879 -15.87 9.54 55.41
C ALA C 879 -15.06 10.71 55.95
N GLY C 880 -13.97 11.08 55.27
CA GLY C 880 -13.23 12.25 55.70
C GLY C 880 -14.07 13.50 55.64
N THR C 881 -14.81 13.69 54.54
CA THR C 881 -15.66 14.86 54.40
C THR C 881 -16.72 14.90 55.49
N ILE C 882 -17.34 13.75 55.77
CA ILE C 882 -18.43 13.70 56.75
C ILE C 882 -17.90 13.97 58.16
N THR C 883 -16.84 13.27 58.58
CA THR C 883 -16.44 13.26 59.97
C THR C 883 -15.41 14.34 60.30
N SER C 884 -14.84 15.01 59.30
CA SER C 884 -13.80 16.00 59.53
C SER C 884 -13.98 17.28 58.73
N GLY C 885 -14.89 17.31 57.76
CA GLY C 885 -15.10 18.52 56.99
C GLY C 885 -14.09 18.67 55.87
N TRP C 886 -13.36 19.78 55.87
CA TRP C 886 -12.30 20.00 54.90
C TRP C 886 -10.91 19.81 55.49
N THR C 887 -10.80 19.71 56.82
CA THR C 887 -9.49 19.62 57.45
C THR C 887 -8.71 18.39 56.99
N PHE C 888 -9.41 17.29 56.70
CA PHE C 888 -8.73 16.06 56.31
C PHE C 888 -7.98 16.21 55.00
N GLY C 889 -8.33 17.19 54.19
CA GLY C 889 -7.61 17.48 52.96
C GLY C 889 -6.36 18.29 53.22
N ALA C 890 -6.48 19.29 54.10
CA ALA C 890 -5.34 20.14 54.41
C ALA C 890 -4.27 19.40 55.19
N GLY C 891 -4.68 18.63 56.20
CA GLY C 891 -3.74 17.91 57.02
C GLY C 891 -4.38 16.74 57.75
N ALA C 892 -4.00 16.53 59.00
CA ALA C 892 -4.59 15.45 59.78
C ALA C 892 -6.08 15.69 59.95
N ALA C 893 -6.85 14.62 59.90
CA ALA C 893 -8.30 14.73 60.02
C ALA C 893 -8.67 15.17 61.43
N LEU C 894 -9.46 16.23 61.52
CA LEU C 894 -9.91 16.80 62.79
C LEU C 894 -11.42 16.62 62.87
N GLN C 895 -11.87 15.78 63.81
CA GLN C 895 -13.30 15.53 63.92
C GLN C 895 -14.05 16.82 64.25
N ILE C 896 -15.34 16.82 63.96
CA ILE C 896 -16.21 17.97 64.22
C ILE C 896 -17.66 17.53 64.07
N PRO C 897 -18.56 17.97 64.95
CA PRO C 897 -19.98 17.67 64.73
C PRO C 897 -20.45 18.24 63.41
N PHE C 898 -21.31 17.49 62.72
CA PHE C 898 -21.70 17.87 61.37
C PHE C 898 -22.45 19.20 61.37
N ALA C 899 -23.27 19.44 62.40
CA ALA C 899 -23.97 20.71 62.50
C ALA C 899 -23.00 21.89 62.50
N MET C 900 -21.89 21.76 63.23
CA MET C 900 -20.92 22.85 63.27
C MET C 900 -20.21 22.99 61.93
N GLN C 901 -19.99 21.88 61.23
CA GLN C 901 -19.42 21.97 59.88
C GLN C 901 -20.35 22.73 58.94
N MET C 902 -21.65 22.43 58.99
CA MET C 902 -22.59 23.18 58.17
C MET C 902 -22.68 24.64 58.60
N ALA C 903 -22.47 24.92 59.88
CA ALA C 903 -22.39 26.31 60.34
C ALA C 903 -21.19 27.01 59.70
N TYR C 904 -20.05 26.32 59.63
CA TYR C 904 -18.90 26.85 58.93
C TYR C 904 -19.25 27.16 57.48
N ARG C 905 -19.93 26.22 56.81
CA ARG C 905 -20.26 26.40 55.41
C ARG C 905 -21.20 27.59 55.19
N PHE C 906 -22.20 27.72 56.07
CA PHE C 906 -23.11 28.87 55.98
C PHE C 906 -22.36 30.17 56.19
N ASN C 907 -21.47 30.22 57.19
CA ASN C 907 -20.60 31.40 57.32
C ASN C 907 -19.79 31.62 56.05
N GLY C 908 -19.45 30.52 55.36
CA GLY C 908 -18.71 30.58 54.12
C GLY C 908 -19.49 31.13 52.96
N ILE C 909 -20.82 31.14 53.04
CA ILE C 909 -21.64 31.67 51.96
C ILE C 909 -22.35 32.97 52.37
N GLY C 910 -21.84 33.63 53.40
CA GLY C 910 -22.35 34.93 53.78
C GLY C 910 -23.69 34.90 54.47
N VAL C 911 -24.08 33.75 55.01
CA VAL C 911 -25.28 33.61 55.82
C VAL C 911 -24.83 33.28 57.25
N THR C 912 -25.17 34.16 58.18
CA THR C 912 -24.75 33.97 59.56
C THR C 912 -25.20 32.61 60.09
N GLN C 913 -24.43 32.07 61.03
CA GLN C 913 -24.61 30.67 61.43
C GLN C 913 -25.93 30.43 62.14
N ASN C 914 -26.45 31.42 62.88
CA ASN C 914 -27.69 31.23 63.62
C ASN C 914 -28.82 30.77 62.70
N VAL C 915 -28.78 31.14 61.42
CA VAL C 915 -29.77 30.67 60.45
C VAL C 915 -29.82 29.15 60.45
N LEU C 916 -28.65 28.51 60.44
CA LEU C 916 -28.60 27.05 60.48
C LEU C 916 -29.23 26.51 61.76
N TYR C 917 -28.67 26.89 62.90
CA TYR C 917 -29.10 26.31 64.18
C TYR C 917 -30.58 26.54 64.44
N GLU C 918 -31.13 27.65 63.97
CA GLU C 918 -32.56 27.88 64.13
C GLU C 918 -33.39 27.11 63.12
N ASN C 919 -32.79 26.64 62.03
CA ASN C 919 -33.47 25.88 61.00
C ASN C 919 -32.74 24.57 60.70
N GLN C 920 -32.24 23.89 61.75
CA GLN C 920 -31.45 22.69 61.51
C GLN C 920 -32.31 21.55 60.99
N LYS C 921 -33.46 21.32 61.62
CA LYS C 921 -34.31 20.20 61.22
C LYS C 921 -34.82 20.39 59.80
N LEU C 922 -35.24 21.62 59.45
CA LEU C 922 -35.71 21.90 58.11
C LEU C 922 -34.63 21.65 57.07
N ILE C 923 -33.40 22.10 57.34
CA ILE C 923 -32.31 21.89 56.39
C ILE C 923 -32.01 20.39 56.24
N ALA C 924 -31.99 19.66 57.35
CA ALA C 924 -31.74 18.22 57.27
C ALA C 924 -32.82 17.53 56.44
N ASN C 925 -34.09 17.87 56.69
CA ASN C 925 -35.19 17.27 55.94
C ASN C 925 -35.09 17.63 54.46
N GLN C 926 -34.75 18.87 54.15
CA GLN C 926 -34.62 19.28 52.75
C GLN C 926 -33.50 18.53 52.06
N PHE C 927 -32.36 18.35 52.75
CA PHE C 927 -31.26 17.60 52.19
C PHE C 927 -31.65 16.15 51.93
N ASN C 928 -32.35 15.53 52.89
CA ASN C 928 -32.81 14.16 52.71
C ASN C 928 -33.77 14.06 51.52
N SER C 929 -34.69 15.00 51.40
CA SER C 929 -35.62 15.01 50.27
C SER C 929 -34.87 15.16 48.95
N ALA C 930 -33.85 16.02 48.92
CA ALA C 930 -33.07 16.20 47.70
C ALA C 930 -32.35 14.92 47.32
N ILE C 931 -31.76 14.24 48.31
CA ILE C 931 -31.07 12.98 48.03
C ILE C 931 -32.06 11.94 47.53
N GLY C 932 -33.25 11.88 48.12
CA GLY C 932 -34.27 10.98 47.63
C GLY C 932 -34.67 11.28 46.19
N LYS C 933 -34.84 12.57 45.87
CA LYS C 933 -35.17 12.96 44.50
C LYS C 933 -34.08 12.55 43.53
N ILE C 934 -32.81 12.71 43.94
CA ILE C 934 -31.70 12.28 43.09
C ILE C 934 -31.75 10.76 42.88
N GLN C 935 -32.02 10.02 43.95
CA GLN C 935 -32.19 8.57 43.86
C GLN C 935 -33.25 8.22 42.82
N ASP C 936 -34.43 8.84 42.93
CA ASP C 936 -35.52 8.53 42.02
C ASP C 936 -35.15 8.88 40.59
N SER C 937 -34.52 10.04 40.38
CA SER C 937 -34.14 10.47 39.04
C SER C 937 -33.17 9.48 38.42
N LEU C 938 -32.15 9.06 39.18
CA LEU C 938 -31.18 8.10 38.65
C LEU C 938 -31.82 6.75 38.37
N SER C 939 -32.72 6.30 39.25
CA SER C 939 -33.37 5.00 39.06
C SER C 939 -34.33 5.01 37.88
N SER C 940 -34.94 6.16 37.58
CA SER C 940 -35.97 6.24 36.54
C SER C 940 -35.36 6.49 35.17
N THR C 941 -34.49 7.48 35.04
CA THR C 941 -33.95 7.91 33.75
C THR C 941 -32.56 7.29 33.59
N ALA C 942 -32.42 6.39 32.61
CA ALA C 942 -31.13 5.79 32.30
C ALA C 942 -30.21 6.74 31.52
N SER C 943 -30.79 7.64 30.72
CA SER C 943 -29.98 8.54 29.90
C SER C 943 -29.20 9.56 30.71
N ALA C 944 -29.48 9.68 32.01
CA ALA C 944 -28.79 10.65 32.86
C ALA C 944 -27.28 10.47 32.79
N LEU C 945 -26.81 9.22 32.75
CA LEU C 945 -25.38 8.94 32.70
C LEU C 945 -24.83 8.94 31.28
N GLY C 946 -25.55 9.57 30.34
CA GLY C 946 -25.25 9.56 28.93
C GLY C 946 -23.78 9.67 28.61
N LYS C 947 -23.15 10.72 29.13
CA LYS C 947 -21.74 10.98 28.89
C LYS C 947 -20.92 9.70 29.01
N LEU C 948 -20.95 9.06 30.18
CA LEU C 948 -20.16 7.85 30.37
C LEU C 948 -20.48 6.83 29.29
N GLN C 949 -21.77 6.51 29.14
CA GLN C 949 -22.19 5.56 28.12
C GLN C 949 -21.64 5.98 26.76
N ASP C 950 -21.81 7.26 26.42
CA ASP C 950 -21.34 7.75 25.12
C ASP C 950 -19.89 7.36 24.91
N VAL C 951 -19.03 7.67 25.89
CA VAL C 951 -17.62 7.33 25.78
C VAL C 951 -17.48 5.89 25.34
N VAL C 952 -18.04 4.97 26.15
CA VAL C 952 -17.97 3.54 25.84
C VAL C 952 -18.37 3.32 24.38
N ASN C 953 -19.58 3.78 24.03
CA ASN C 953 -20.10 3.57 22.68
C ASN C 953 -19.05 3.92 21.65
N GLN C 954 -18.50 5.14 21.74
CA GLN C 954 -17.57 5.60 20.72
C GLN C 954 -16.46 4.59 20.54
N ASN C 955 -15.81 4.21 21.65
CA ASN C 955 -14.69 3.28 21.57
C ASN C 955 -15.10 2.02 20.83
N ALA C 956 -16.22 1.42 21.25
CA ALA C 956 -16.68 0.20 20.60
C ALA C 956 -16.75 0.39 19.10
N GLN C 957 -17.42 1.47 18.66
CA GLN C 957 -17.57 1.72 17.24
C GLN C 957 -16.21 1.71 16.57
N ALA C 958 -15.27 2.46 17.13
CA ALA C 958 -13.91 2.48 16.61
C ALA C 958 -13.42 1.07 16.35
N LEU C 959 -13.39 0.26 17.41
CA LEU C 959 -12.90 -1.12 17.28
C LEU C 959 -13.66 -1.82 16.16
N ASN C 960 -14.99 -1.74 16.18
CA ASN C 960 -15.79 -2.40 15.15
C ASN C 960 -15.33 -1.95 13.77
N THR C 961 -15.23 -0.64 13.56
CA THR C 961 -14.78 -0.13 12.27
C THR C 961 -13.43 -0.75 11.91
N LEU C 962 -12.48 -0.72 12.86
CA LEU C 962 -11.17 -1.31 12.62
C LEU C 962 -11.32 -2.74 12.13
N VAL C 963 -12.12 -3.53 12.85
CA VAL C 963 -12.30 -4.94 12.48
C VAL C 963 -12.92 -5.04 11.10
N LYS C 964 -13.91 -4.19 10.82
CA LYS C 964 -14.56 -4.23 9.52
C LYS C 964 -13.58 -3.90 8.41
N GLN C 965 -12.53 -3.14 8.71
CA GLN C 965 -11.54 -2.85 7.67
C GLN C 965 -10.84 -4.10 7.17
N LEU C 966 -10.84 -5.18 7.97
CA LEU C 966 -10.28 -6.44 7.51
C LEU C 966 -11.09 -7.06 6.36
N SER C 967 -12.32 -6.60 6.15
CA SER C 967 -13.17 -7.12 5.09
C SER C 967 -13.10 -6.32 3.80
N SER C 968 -12.24 -5.31 3.73
CA SER C 968 -12.10 -4.48 2.54
C SER C 968 -10.91 -4.94 1.71
N ASN C 969 -11.09 -4.92 0.39
CA ASN C 969 -10.07 -5.42 -0.51
C ASN C 969 -8.97 -4.40 -0.79
N PHE C 970 -9.22 -3.12 -0.52
CA PHE C 970 -8.25 -2.04 -0.72
C PHE C 970 -7.67 -2.05 -2.13
N GLY C 971 -8.42 -2.58 -3.08
CA GLY C 971 -7.98 -2.73 -4.46
C GLY C 971 -7.46 -4.11 -4.81
N ALA C 972 -7.21 -4.96 -3.82
CA ALA C 972 -6.79 -6.33 -4.11
C ALA C 972 -7.95 -7.13 -4.70
N ILE C 973 -7.69 -8.40 -4.98
CA ILE C 973 -8.70 -9.27 -5.56
C ILE C 973 -9.60 -9.92 -4.52
N SER C 974 -9.13 -10.01 -3.27
CA SER C 974 -9.92 -10.61 -2.19
C SER C 974 -9.40 -10.10 -0.86
N SER C 975 -10.33 -9.85 0.06
CA SER C 975 -9.98 -9.39 1.40
C SER C 975 -9.31 -10.46 2.26
N VAL C 976 -9.28 -11.71 1.79
CA VAL C 976 -8.70 -12.81 2.55
C VAL C 976 -7.27 -13.03 2.08
N LEU C 977 -6.32 -12.86 3.00
CA LEU C 977 -4.91 -13.05 2.70
C LEU C 977 -4.60 -14.47 2.26
N ASN C 978 -5.18 -15.46 2.93
CA ASN C 978 -4.88 -16.86 2.63
C ASN C 978 -5.30 -17.21 1.20
N ASP C 979 -6.45 -16.72 0.75
CA ASP C 979 -6.88 -17.00 -0.62
C ASP C 979 -5.90 -16.42 -1.63
N ILE C 980 -5.44 -15.20 -1.41
CA ILE C 980 -4.45 -14.61 -2.31
C ILE C 980 -3.17 -15.44 -2.33
N LEU C 981 -2.69 -15.85 -1.15
CA LEU C 981 -1.48 -16.66 -1.10
C LEU C 981 -1.64 -17.97 -1.84
N SER C 982 -2.78 -18.64 -1.66
CA SER C 982 -2.97 -19.96 -2.24
C SER C 982 -3.31 -19.91 -3.72
N ARG C 983 -3.88 -18.81 -4.20
CA ARG C 983 -4.42 -18.73 -5.56
C ARG C 983 -3.43 -18.16 -6.56
N LEU C 984 -2.78 -17.05 -6.25
CA LEU C 984 -1.91 -16.40 -7.20
C LEU C 984 -0.46 -16.83 -7.05
N ASP C 985 0.30 -16.62 -8.11
CA ASP C 985 1.74 -16.84 -8.07
C ASP C 985 2.42 -15.76 -7.22
N PRO C 986 3.58 -16.06 -6.65
CA PRO C 986 4.26 -15.10 -5.76
C PRO C 986 4.48 -13.74 -6.39
N PRO C 987 4.87 -13.65 -7.69
CA PRO C 987 5.15 -12.30 -8.24
C PRO C 987 3.99 -11.32 -8.12
N GLU C 988 2.75 -11.79 -8.30
CA GLU C 988 1.59 -10.92 -8.19
C GLU C 988 0.94 -10.96 -6.81
N ALA C 989 0.99 -12.12 -6.13
CA ALA C 989 0.57 -12.18 -4.74
C ALA C 989 1.36 -11.20 -3.88
N GLU C 990 2.62 -10.92 -4.24
CA GLU C 990 3.39 -9.95 -3.47
C GLU C 990 2.82 -8.55 -3.60
N VAL C 991 2.42 -8.17 -4.81
CA VAL C 991 1.79 -6.85 -5.01
C VAL C 991 0.45 -6.79 -4.30
N GLN C 992 -0.35 -7.86 -4.39
CA GLN C 992 -1.64 -7.89 -3.71
C GLN C 992 -1.48 -7.76 -2.20
N ILE C 993 -0.51 -8.46 -1.61
CA ILE C 993 -0.29 -8.36 -0.17
C ILE C 993 0.30 -7.01 0.20
N ASP C 994 1.05 -6.37 -0.71
CA ASP C 994 1.50 -5.01 -0.49
C ASP C 994 0.29 -4.07 -0.38
N ARG C 995 -0.67 -4.23 -1.30
CA ARG C 995 -1.90 -3.44 -1.25
C ARG C 995 -2.62 -3.66 0.08
N LEU C 996 -2.79 -4.93 0.47
CA LEU C 996 -3.51 -5.24 1.70
C LEU C 996 -2.80 -4.65 2.91
N ILE C 997 -1.46 -4.74 2.94
CA ILE C 997 -0.71 -4.23 4.08
C ILE C 997 -0.83 -2.72 4.15
N THR C 998 -0.73 -2.02 3.01
CA THR C 998 -0.93 -0.58 3.01
C THR C 998 -2.30 -0.22 3.54
N GLY C 999 -3.33 -0.91 3.06
CA GLY C 999 -4.69 -0.61 3.51
C GLY C 999 -4.87 -0.82 5.01
N ARG C 1000 -4.41 -1.97 5.51
CA ARG C 1000 -4.60 -2.28 6.92
C ARG C 1000 -3.79 -1.34 7.79
N LEU C 1001 -2.58 -0.98 7.35
CA LEU C 1001 -1.78 -0.01 8.08
C LEU C 1001 -2.45 1.36 8.14
N GLN C 1002 -3.05 1.79 7.03
CA GLN C 1002 -3.78 3.05 7.03
C GLN C 1002 -4.97 3.01 7.97
N SER C 1003 -5.70 1.89 7.97
CA SER C 1003 -6.84 1.75 8.89
C SER C 1003 -6.37 1.81 10.34
N LEU C 1004 -5.28 1.11 10.66
CA LEU C 1004 -4.74 1.12 12.02
C LEU C 1004 -4.29 2.53 12.41
N GLN C 1005 -3.64 3.25 11.50
CA GLN C 1005 -3.19 4.60 11.78
C GLN C 1005 -4.39 5.53 12.05
N THR C 1006 -5.44 5.41 11.25
CA THR C 1006 -6.65 6.21 11.48
C THR C 1006 -7.24 5.91 12.84
N TYR C 1007 -7.32 4.62 13.20
CA TYR C 1007 -7.87 4.25 14.50
C TYR C 1007 -7.02 4.81 15.63
N VAL C 1008 -5.69 4.72 15.50
CA VAL C 1008 -4.80 5.18 16.55
C VAL C 1008 -4.90 6.69 16.72
N THR C 1009 -4.98 7.43 15.60
CA THR C 1009 -5.13 8.88 15.70
C THR C 1009 -6.45 9.26 16.36
N GLN C 1010 -7.54 8.59 15.98
CA GLN C 1010 -8.83 8.85 16.63
C GLN C 1010 -8.76 8.56 18.12
N GLN C 1011 -8.11 7.45 18.49
CA GLN C 1011 -7.95 7.11 19.90
C GLN C 1011 -7.15 8.17 20.63
N LEU C 1012 -6.08 8.67 20.00
CA LEU C 1012 -5.27 9.72 20.62
C LEU C 1012 -6.10 10.98 20.87
N ILE C 1013 -6.90 11.38 19.89
CA ILE C 1013 -7.70 12.60 20.06
C ILE C 1013 -8.75 12.41 21.15
N ARG C 1014 -9.44 11.26 21.12
CA ARG C 1014 -10.47 11.01 22.14
C ARG C 1014 -9.84 10.89 23.52
N ALA C 1015 -8.63 10.34 23.61
CA ALA C 1015 -7.93 10.26 24.88
C ALA C 1015 -7.49 11.63 25.38
N ALA C 1016 -7.11 12.54 24.48
CA ALA C 1016 -6.85 13.91 24.88
C ALA C 1016 -8.11 14.54 25.47
N GLU C 1017 -9.25 14.33 24.81
CA GLU C 1017 -10.52 14.80 25.33
C GLU C 1017 -10.78 14.24 26.74
N ILE C 1018 -10.58 12.93 26.90
CA ILE C 1018 -10.85 12.28 28.18
C ILE C 1018 -9.85 12.75 29.25
N ARG C 1019 -8.62 13.05 28.86
CA ARG C 1019 -7.65 13.59 29.80
C ARG C 1019 -8.06 14.97 30.26
N ALA C 1020 -8.59 15.80 29.36
CA ALA C 1020 -9.12 17.09 29.77
C ALA C 1020 -10.28 16.92 30.75
N SER C 1021 -11.18 15.98 30.44
CA SER C 1021 -12.29 15.70 31.33
C SER C 1021 -11.81 15.22 32.70
N ALA C 1022 -10.78 14.37 32.72
CA ALA C 1022 -10.26 13.85 33.98
C ALA C 1022 -9.57 14.93 34.79
N ASN C 1023 -8.85 15.83 34.13
CA ASN C 1023 -8.27 16.99 34.83
C ASN C 1023 -9.37 17.86 35.43
N LEU C 1024 -10.44 18.08 34.68
CA LEU C 1024 -11.56 18.85 35.22
C LEU C 1024 -12.18 18.15 36.42
N ALA C 1025 -12.33 16.83 36.33
CA ALA C 1025 -12.90 16.06 37.45
C ALA C 1025 -12.01 16.12 38.67
N ALA C 1026 -10.68 16.02 38.48
CA ALA C 1026 -9.76 16.13 39.60
C ALA C 1026 -9.83 17.50 40.25
N THR C 1027 -9.88 18.56 39.43
CA THR C 1027 -9.99 19.90 39.97
C THR C 1027 -11.30 20.07 40.75
N LYS C 1028 -12.40 19.54 40.20
CA LYS C 1028 -13.68 19.61 40.90
C LYS C 1028 -13.62 18.87 42.22
N MET C 1029 -13.01 17.68 42.24
CA MET C 1029 -12.93 16.92 43.49
C MET C 1029 -12.07 17.65 44.51
N SER C 1030 -10.99 18.30 44.06
CA SER C 1030 -10.11 19.01 44.99
C SER C 1030 -10.79 20.24 45.58
N GLU C 1031 -11.40 21.06 44.73
CA GLU C 1031 -11.92 22.35 45.17
C GLU C 1031 -13.37 22.29 45.64
N CYS C 1032 -14.07 21.20 45.38
CA CYS C 1032 -15.50 21.05 45.63
C CYS C 1032 -15.82 20.12 46.77
N VAL C 1033 -15.12 18.98 46.84
CA VAL C 1033 -15.35 17.97 47.87
C VAL C 1033 -14.44 18.25 49.05
N LEU C 1034 -13.13 18.32 48.80
CA LEU C 1034 -12.17 18.54 49.87
C LEU C 1034 -12.30 19.93 50.49
N GLY C 1035 -13.03 20.84 49.85
CA GLY C 1035 -13.21 22.17 50.38
C GLY C 1035 -14.58 22.73 50.07
N GLN C 1036 -14.68 24.05 49.96
CA GLN C 1036 -15.94 24.70 49.59
C GLN C 1036 -15.61 25.77 48.56
N SER C 1037 -16.07 25.57 47.33
CA SER C 1037 -15.78 26.50 46.25
C SER C 1037 -16.62 27.77 46.36
N LYS C 1038 -16.01 28.90 45.99
CA LYS C 1038 -16.71 30.17 45.82
C LYS C 1038 -16.77 30.57 44.36
N ARG C 1039 -16.46 29.66 43.45
CA ARG C 1039 -16.56 29.92 42.02
C ARG C 1039 -18.00 29.68 41.56
N VAL C 1040 -18.61 30.68 40.95
CA VAL C 1040 -20.01 30.59 40.57
C VAL C 1040 -20.17 29.57 39.45
N ASP C 1041 -21.24 28.76 39.55
CA ASP C 1041 -21.61 27.75 38.57
C ASP C 1041 -20.48 26.77 38.27
N PHE C 1042 -19.45 26.70 39.11
CA PHE C 1042 -18.45 25.66 39.00
C PHE C 1042 -18.81 24.41 39.79
N CYS C 1043 -19.70 24.53 40.77
CA CYS C 1043 -20.13 23.43 41.62
C CYS C 1043 -21.64 23.49 41.82
N GLY C 1044 -22.37 23.59 40.72
CA GLY C 1044 -23.82 23.59 40.77
C GLY C 1044 -24.40 24.97 40.89
N LYS C 1045 -25.60 25.13 40.32
CA LYS C 1045 -26.29 26.41 40.35
C LYS C 1045 -26.60 26.82 41.79
N GLY C 1046 -26.31 28.07 42.12
CA GLY C 1046 -26.50 28.57 43.46
C GLY C 1046 -25.19 28.63 44.24
N TYR C 1047 -25.31 29.03 45.50
CA TYR C 1047 -24.16 29.07 46.39
C TYR C 1047 -23.80 27.64 46.81
N HIS C 1048 -22.53 27.31 46.71
CA HIS C 1048 -22.07 25.95 46.99
C HIS C 1048 -21.87 25.73 48.48
N LEU C 1049 -22.40 24.61 48.97
CA LEU C 1049 -22.16 24.17 50.35
C LEU C 1049 -21.14 23.05 50.45
N MET C 1050 -21.35 21.95 49.71
CA MET C 1050 -20.41 20.83 49.77
C MET C 1050 -20.66 19.91 48.58
N SER C 1051 -19.88 18.84 48.51
CA SER C 1051 -20.04 17.85 47.45
C SER C 1051 -19.70 16.47 48.01
N PHE C 1052 -20.27 15.45 47.37
CA PHE C 1052 -19.99 14.06 47.72
C PHE C 1052 -19.62 13.32 46.45
N PRO C 1053 -18.44 12.69 46.38
CA PRO C 1053 -18.10 11.89 45.21
C PRO C 1053 -18.77 10.53 45.23
N GLN C 1054 -18.91 9.96 44.04
CA GLN C 1054 -19.44 8.61 43.85
C GLN C 1054 -18.76 8.00 42.64
N SER C 1055 -18.31 6.76 42.79
CA SER C 1055 -17.67 6.08 41.67
C SER C 1055 -18.68 5.87 40.54
N ALA C 1056 -18.15 5.48 39.38
CA ALA C 1056 -18.97 5.04 38.26
C ALA C 1056 -18.04 4.39 37.24
N PRO C 1057 -18.57 3.54 36.35
CA PRO C 1057 -17.67 2.81 35.43
C PRO C 1057 -16.89 3.78 34.57
N HIS C 1058 -15.59 3.85 34.82
CA HIS C 1058 -14.70 4.78 34.11
C HIS C 1058 -15.17 6.22 34.26
N GLY C 1059 -15.60 6.60 35.45
CA GLY C 1059 -16.05 7.97 35.65
C GLY C 1059 -16.39 8.26 37.10
N VAL C 1060 -16.66 9.54 37.35
CA VAL C 1060 -17.02 10.02 38.68
C VAL C 1060 -18.32 10.80 38.60
N VAL C 1061 -19.05 10.82 39.72
CA VAL C 1061 -20.34 11.50 39.82
C VAL C 1061 -20.34 12.32 41.10
N PHE C 1062 -20.42 13.64 40.97
CA PHE C 1062 -20.47 14.53 42.11
C PHE C 1062 -21.91 14.87 42.47
N LEU C 1063 -22.24 14.70 43.75
CA LEU C 1063 -23.50 15.18 44.33
C LEU C 1063 -23.20 16.53 44.95
N HIS C 1064 -23.63 17.61 44.28
CA HIS C 1064 -23.36 18.97 44.73
C HIS C 1064 -24.50 19.43 45.63
N VAL C 1065 -24.21 19.67 46.90
CA VAL C 1065 -25.16 20.23 47.85
C VAL C 1065 -24.96 21.73 47.87
N THR C 1066 -26.00 22.48 47.46
CA THR C 1066 -25.90 23.92 47.28
C THR C 1066 -27.08 24.61 47.94
N TYR C 1067 -26.93 25.91 48.14
CA TYR C 1067 -27.87 26.73 48.91
C TYR C 1067 -28.46 27.77 47.96
N VAL C 1068 -29.78 27.83 47.89
CA VAL C 1068 -30.46 28.67 46.90
C VAL C 1068 -31.57 29.48 47.56
N PRO C 1069 -31.48 30.81 47.62
CA PRO C 1069 -32.56 31.59 48.20
C PRO C 1069 -33.83 31.46 47.37
N ALA C 1070 -34.97 31.32 48.04
CA ALA C 1070 -36.22 30.97 47.38
C ALA C 1070 -37.28 32.07 47.47
N GLN C 1071 -37.64 32.51 48.67
CA GLN C 1071 -38.76 33.41 48.87
C GLN C 1071 -38.25 34.82 49.10
N GLU C 1072 -38.60 35.73 48.19
CA GLU C 1072 -38.06 37.09 48.17
C GLU C 1072 -39.16 38.10 48.48
N LYS C 1073 -38.79 39.15 49.21
CA LYS C 1073 -39.70 40.22 49.57
C LYS C 1073 -39.16 41.56 49.09
N ASN C 1074 -40.06 42.47 48.75
CA ASN C 1074 -39.72 43.84 48.39
C ASN C 1074 -39.64 44.70 49.64
N PHE C 1075 -38.50 45.38 49.81
CA PHE C 1075 -38.32 46.35 50.87
C PHE C 1075 -37.79 47.65 50.28
N THR C 1076 -38.21 48.77 50.86
CA THR C 1076 -37.60 50.04 50.49
C THR C 1076 -36.17 50.05 51.02
N THR C 1077 -35.28 50.77 50.34
CA THR C 1077 -33.87 50.70 50.72
C THR C 1077 -33.28 52.10 50.73
N ALA C 1078 -32.12 52.21 51.37
CA ALA C 1078 -31.35 53.43 51.42
C ALA C 1078 -29.88 53.07 51.44
N PRO C 1079 -29.01 53.93 50.90
CA PRO C 1079 -27.57 53.66 51.00
C PRO C 1079 -26.96 54.05 52.32
N ALA C 1080 -27.64 54.91 53.08
CA ALA C 1080 -27.20 55.35 54.40
C ALA C 1080 -28.35 56.09 55.05
N ILE C 1081 -28.25 56.32 56.35
CA ILE C 1081 -29.27 57.01 57.11
C ILE C 1081 -28.60 58.14 57.90
N CYS C 1082 -29.27 59.28 57.96
CA CYS C 1082 -28.72 60.48 58.57
C CYS C 1082 -29.33 60.65 59.96
N HIS C 1083 -28.48 60.62 60.99
CA HIS C 1083 -28.95 60.72 62.37
C HIS C 1083 -28.73 62.11 62.95
N ASP C 1084 -27.48 62.55 63.03
CA ASP C 1084 -27.10 63.83 63.61
C ASP C 1084 -26.15 64.58 62.68
N GLY C 1085 -26.45 64.57 61.38
CA GLY C 1085 -25.54 65.09 60.39
C GLY C 1085 -24.52 64.09 59.88
N LYS C 1086 -24.29 63.00 60.60
CA LYS C 1086 -23.39 61.94 60.16
C LYS C 1086 -24.16 60.93 59.30
N ALA C 1087 -23.42 60.26 58.42
CA ALA C 1087 -23.97 59.22 57.56
C ALA C 1087 -23.52 57.86 58.08
N HIS C 1088 -24.48 56.96 58.29
CA HIS C 1088 -24.23 55.63 58.83
C HIS C 1088 -24.44 54.59 57.75
N PHE C 1089 -23.42 53.77 57.50
CA PHE C 1089 -23.49 52.70 56.53
C PHE C 1089 -23.42 51.34 57.24
N PRO C 1090 -24.04 50.30 56.70
CA PRO C 1090 -24.02 49.00 57.41
C PRO C 1090 -22.65 48.34 57.34
N ARG C 1091 -22.23 47.79 58.48
CA ARG C 1091 -20.96 47.06 58.52
C ARG C 1091 -21.03 45.83 57.63
N GLU C 1092 -22.07 45.01 57.81
CA GLU C 1092 -22.26 43.83 56.99
C GLU C 1092 -23.77 43.64 56.87
N GLY C 1093 -24.33 44.15 55.78
CA GLY C 1093 -25.76 44.09 55.55
C GLY C 1093 -26.21 45.28 54.74
N VAL C 1094 -27.52 45.50 54.76
CA VAL C 1094 -28.15 46.57 53.99
C VAL C 1094 -29.34 47.09 54.78
N PHE C 1095 -29.57 48.40 54.68
CA PHE C 1095 -30.74 49.00 55.29
C PHE C 1095 -31.98 48.64 54.48
N VAL C 1096 -33.09 48.42 55.20
CA VAL C 1096 -34.38 48.14 54.58
C VAL C 1096 -35.46 48.88 55.35
N SER C 1097 -36.63 48.97 54.73
CA SER C 1097 -37.77 49.65 55.32
C SER C 1097 -39.04 48.96 54.85
N ASN C 1098 -39.88 48.56 55.80
CA ASN C 1098 -41.20 48.01 55.54
C ASN C 1098 -42.26 49.08 55.42
N GLY C 1099 -41.87 50.33 55.16
CA GLY C 1099 -42.80 51.42 55.01
C GLY C 1099 -42.71 52.46 56.12
N THR C 1100 -42.47 51.99 57.35
CA THR C 1100 -42.46 52.87 58.50
C THR C 1100 -41.11 52.94 59.19
N HIS C 1101 -40.50 51.80 59.51
CA HIS C 1101 -39.25 51.77 60.25
C HIS C 1101 -38.10 51.30 59.36
N TRP C 1102 -36.89 51.65 59.77
CA TRP C 1102 -35.66 51.31 59.05
C TRP C 1102 -34.88 50.29 59.88
N PHE C 1103 -34.58 49.15 59.26
CA PHE C 1103 -33.79 48.09 59.87
C PHE C 1103 -32.54 47.83 59.04
N VAL C 1104 -31.66 46.98 59.56
CA VAL C 1104 -30.47 46.53 58.84
C VAL C 1104 -30.43 45.02 58.86
N THR C 1105 -30.37 44.41 57.67
CA THR C 1105 -30.41 42.96 57.54
C THR C 1105 -29.19 42.46 56.77
N GLN C 1106 -28.76 41.24 57.09
CA GLN C 1106 -27.79 40.57 56.25
C GLN C 1106 -28.33 40.41 54.83
N ARG C 1107 -27.41 40.37 53.87
CA ARG C 1107 -27.80 40.54 52.47
C ARG C 1107 -28.52 39.32 51.92
N ASN C 1108 -28.14 38.12 52.35
CA ASN C 1108 -28.62 36.88 51.75
C ASN C 1108 -29.74 36.22 52.54
N PHE C 1109 -30.24 36.88 53.59
CA PHE C 1109 -31.34 36.31 54.37
C PHE C 1109 -31.97 37.43 55.19
N TYR C 1110 -33.27 37.63 55.02
CA TYR C 1110 -33.96 38.73 55.70
C TYR C 1110 -34.00 38.43 57.20
N GLU C 1111 -33.19 39.15 57.96
CA GLU C 1111 -33.17 39.03 59.43
C GLU C 1111 -33.04 40.42 60.00
N PRO C 1112 -34.15 41.16 60.08
CA PRO C 1112 -34.07 42.57 60.46
C PRO C 1112 -33.57 42.75 61.89
N GLN C 1113 -32.75 43.76 62.08
CA GLN C 1113 -32.27 44.15 63.40
C GLN C 1113 -32.32 45.66 63.53
N ILE C 1114 -32.73 46.14 64.70
CA ILE C 1114 -32.82 47.56 64.98
C ILE C 1114 -31.46 48.16 64.67
N ILE C 1115 -31.42 49.40 64.18
CA ILE C 1115 -30.16 50.02 63.80
C ILE C 1115 -29.48 50.57 65.04
N THR C 1116 -28.26 50.10 65.30
CA THR C 1116 -27.48 50.51 66.45
C THR C 1116 -26.06 50.83 65.98
N THR C 1117 -25.35 51.60 66.80
CA THR C 1117 -23.98 51.99 66.47
C THR C 1117 -23.03 50.80 66.38
N ASP C 1118 -23.52 49.59 66.70
CA ASP C 1118 -22.73 48.39 66.49
C ASP C 1118 -23.09 47.67 65.19
N ASN C 1119 -24.21 48.01 64.56
CA ASN C 1119 -24.53 47.51 63.24
C ASN C 1119 -23.98 48.38 62.13
N THR C 1120 -23.79 49.68 62.40
CA THR C 1120 -23.45 50.67 61.39
C THR C 1120 -22.20 51.44 61.79
N PHE C 1121 -21.45 51.85 60.77
CA PHE C 1121 -20.25 52.65 60.94
C PHE C 1121 -20.43 54.01 60.29
N VAL C 1122 -19.79 55.02 60.86
CA VAL C 1122 -20.01 56.41 60.49
C VAL C 1122 -19.00 56.78 59.40
N SER C 1123 -19.39 57.72 58.53
CA SER C 1123 -18.49 58.27 57.53
C SER C 1123 -19.07 59.54 56.92
N GLY C 1124 -18.30 60.63 56.95
CA GLY C 1124 -18.67 61.84 56.24
C GLY C 1124 -19.89 62.51 56.86
N ASN C 1125 -20.68 63.15 55.99
CA ASN C 1125 -21.89 63.85 56.41
C ASN C 1125 -22.98 63.61 55.37
N CYS C 1126 -24.15 64.17 55.62
CA CYS C 1126 -25.34 63.83 54.84
C CYS C 1126 -25.54 64.70 53.61
N ASP C 1127 -24.54 65.51 53.25
CA ASP C 1127 -24.62 66.38 52.09
C ASP C 1127 -23.95 65.79 50.86
N VAL C 1128 -23.46 64.55 50.95
CA VAL C 1128 -22.66 63.94 49.89
C VAL C 1128 -23.37 62.74 49.28
N VAL C 1129 -23.81 61.80 50.12
CA VAL C 1129 -24.39 60.55 49.64
C VAL C 1129 -25.69 60.85 48.91
N ILE C 1130 -25.87 60.26 47.74
CA ILE C 1130 -27.03 60.52 46.90
C ILE C 1130 -28.11 59.52 47.28
N GLY C 1131 -29.14 59.99 47.99
CA GLY C 1131 -30.23 59.15 48.42
C GLY C 1131 -30.33 58.90 49.91
N ILE C 1132 -29.51 59.57 50.72
CA ILE C 1132 -29.54 59.34 52.16
C ILE C 1132 -30.91 59.67 52.73
N VAL C 1133 -31.34 58.87 53.71
CA VAL C 1133 -32.64 59.03 54.35
C VAL C 1133 -32.42 59.40 55.81
N ASN C 1134 -33.51 59.79 56.47
CA ASN C 1134 -33.48 60.21 57.86
C ASN C 1134 -33.99 59.09 58.76
N ASN C 1135 -33.37 58.96 59.93
CA ASN C 1135 -33.77 57.96 60.92
C ASN C 1135 -32.99 58.27 62.20
N THR C 1136 -33.23 57.45 63.23
CA THR C 1136 -32.54 57.54 64.50
C THR C 1136 -31.75 56.27 64.76
N VAL C 1137 -30.46 56.41 65.03
CA VAL C 1137 -29.59 55.27 65.31
C VAL C 1137 -29.58 55.06 66.83
N TYR C 1138 -30.24 54.00 67.28
CA TYR C 1138 -30.30 53.70 68.70
C TYR C 1138 -28.92 53.39 69.26
N ASP C 1139 -28.60 53.95 70.43
CA ASP C 1139 -27.31 53.72 71.06
C ASP C 1139 -27.51 52.77 72.25
N PRO C 1140 -26.93 51.58 72.21
CA PRO C 1140 -27.10 50.66 73.36
C PRO C 1140 -26.54 51.18 74.67
N LEU C 1141 -25.55 52.07 74.63
CA LEU C 1141 -24.88 52.51 75.84
C LEU C 1141 -25.76 53.45 76.67
N GLN C 1142 -26.62 54.23 76.03
CA GLN C 1142 -27.37 55.25 76.75
C GLN C 1142 -28.34 54.69 77.79
N PRO C 1143 -29.19 53.69 77.49
CA PRO C 1143 -30.06 53.16 78.55
C PRO C 1143 -29.29 52.60 79.74
N GLU C 1144 -28.16 51.93 79.50
CA GLU C 1144 -27.36 51.42 80.60
C GLU C 1144 -26.75 52.56 81.41
N LEU C 1145 -26.28 53.62 80.74
CA LEU C 1145 -25.71 54.76 81.44
C LEU C 1145 -26.76 55.46 82.30
N ASP C 1146 -27.99 55.60 81.78
CA ASP C 1146 -29.04 56.24 82.54
C ASP C 1146 -29.39 55.42 83.79
N SER C 1147 -29.44 54.10 83.66
CA SER C 1147 -29.74 53.23 84.78
C SER C 1147 -28.66 53.30 85.85
N GLU D 1 -5.94 -45.91 -72.91
CA GLU D 1 -6.33 -46.78 -71.81
C GLU D 1 -5.58 -46.40 -70.53
N VAL D 2 -5.48 -47.35 -69.60
CA VAL D 2 -4.80 -47.13 -68.33
C VAL D 2 -3.33 -47.47 -68.52
N GLN D 3 -2.46 -46.49 -68.27
CA GLN D 3 -1.03 -46.70 -68.41
C GLN D 3 -0.28 -45.72 -67.52
N LEU D 4 0.87 -46.16 -67.04
CA LEU D 4 1.82 -45.32 -66.32
C LEU D 4 3.10 -45.27 -67.14
N LEU D 5 3.52 -44.07 -67.52
CA LEU D 5 4.67 -43.87 -68.41
C LEU D 5 5.74 -43.11 -67.62
N GLU D 6 6.77 -43.82 -67.18
CA GLU D 6 7.83 -43.19 -66.41
C GLU D 6 9.05 -42.90 -67.27
N SER D 7 9.84 -41.92 -66.82
CA SER D 7 11.00 -41.45 -67.55
C SER D 7 11.96 -40.79 -66.57
N GLY D 8 13.15 -40.46 -67.06
CA GLY D 8 14.13 -39.75 -66.27
C GLY D 8 15.33 -40.57 -65.82
N GLY D 9 15.28 -41.90 -65.99
CA GLY D 9 16.41 -42.71 -65.60
C GLY D 9 17.63 -42.41 -66.44
N ASP D 10 18.81 -42.57 -65.83
CA ASP D 10 20.05 -42.17 -66.49
C ASP D 10 21.24 -42.76 -65.74
N LEU D 11 22.42 -42.62 -66.35
CA LEU D 11 23.68 -42.94 -65.72
C LEU D 11 24.14 -41.71 -64.92
N ILE D 12 24.51 -41.91 -63.66
CA ILE D 12 24.89 -40.80 -62.79
C ILE D 12 25.92 -41.28 -61.78
N GLN D 13 26.81 -40.38 -61.37
CA GLN D 13 27.85 -40.67 -60.41
C GLN D 13 27.30 -40.74 -58.98
N PRO D 14 27.94 -41.49 -58.09
CA PRO D 14 27.53 -41.49 -56.68
C PRO D 14 27.56 -40.08 -56.11
N GLY D 15 26.58 -39.79 -55.25
CA GLY D 15 26.39 -38.46 -54.73
C GLY D 15 25.57 -37.55 -55.62
N GLY D 16 25.21 -38.00 -56.82
CA GLY D 16 24.44 -37.19 -57.73
C GLY D 16 22.96 -37.16 -57.38
N SER D 17 22.20 -36.48 -58.22
CA SER D 17 20.77 -36.31 -58.03
C SER D 17 20.03 -36.61 -59.33
N LEU D 18 18.80 -37.06 -59.20
CA LEU D 18 18.00 -37.44 -60.36
C LEU D 18 16.52 -37.39 -59.99
N ARG D 19 15.70 -36.89 -60.89
CA ARG D 19 14.25 -36.89 -60.72
C ARG D 19 13.62 -37.82 -61.74
N LEU D 20 12.80 -38.74 -61.25
CA LEU D 20 12.02 -39.62 -62.09
C LEU D 20 10.59 -39.09 -62.16
N SER D 21 9.98 -39.19 -63.34
CA SER D 21 8.62 -38.75 -63.55
C SER D 21 7.77 -39.94 -63.95
N CYS D 22 6.48 -39.89 -63.62
CA CYS D 22 5.54 -40.96 -63.95
C CYS D 22 4.22 -40.31 -64.33
N ALA D 23 3.98 -40.16 -65.63
CA ALA D 23 2.75 -39.58 -66.15
C ALA D 23 1.67 -40.66 -66.25
N ALA D 24 0.50 -40.36 -65.71
CA ALA D 24 -0.58 -41.35 -65.61
C ALA D 24 -1.71 -41.01 -66.55
N SER D 25 -2.38 -42.06 -67.04
CA SER D 25 -3.62 -41.94 -67.80
C SER D 25 -4.55 -43.07 -67.39
N GLY D 26 -5.84 -42.77 -67.27
CA GLY D 26 -6.81 -43.72 -66.78
C GLY D 26 -6.89 -43.83 -65.27
N VAL D 27 -5.94 -43.24 -64.55
CA VAL D 27 -5.93 -43.22 -63.10
C VAL D 27 -5.56 -41.81 -62.65
N THR D 28 -6.23 -41.32 -61.61
CA THR D 28 -5.96 -39.99 -61.05
C THR D 28 -4.95 -40.15 -59.92
N VAL D 29 -3.73 -39.62 -60.13
CA VAL D 29 -2.65 -39.82 -59.16
C VAL D 29 -3.01 -39.24 -57.80
N SER D 30 -3.63 -38.06 -57.78
CA SER D 30 -3.94 -37.40 -56.51
C SER D 30 -5.01 -38.12 -55.71
N SER D 31 -5.79 -39.01 -56.35
CA SER D 31 -6.85 -39.72 -55.67
C SER D 31 -6.45 -41.13 -55.24
N ASN D 32 -5.19 -41.52 -55.47
CA ASN D 32 -4.77 -42.90 -55.29
C ASN D 32 -3.57 -42.99 -54.36
N TYR D 33 -3.40 -44.19 -53.80
CA TYR D 33 -2.12 -44.59 -53.26
C TYR D 33 -1.18 -44.88 -54.41
N MET D 34 -0.11 -44.10 -54.53
CA MET D 34 0.85 -44.23 -55.62
C MET D 34 2.23 -44.52 -55.04
N SER D 35 2.90 -45.52 -55.61
CA SER D 35 4.18 -45.98 -55.08
C SER D 35 5.24 -46.02 -56.17
N TRP D 36 6.49 -45.96 -55.72
CA TRP D 36 7.64 -46.33 -56.53
C TRP D 36 8.19 -47.64 -56.01
N VAL D 37 8.50 -48.56 -56.93
CA VAL D 37 9.11 -49.83 -56.61
C VAL D 37 10.28 -50.04 -57.56
N ARG D 38 11.38 -50.57 -57.04
CA ARG D 38 12.59 -50.74 -57.84
C ARG D 38 13.05 -52.19 -57.82
N GLN D 39 13.91 -52.52 -58.78
CA GLN D 39 14.41 -53.87 -58.97
C GLN D 39 15.86 -53.78 -59.44
N ALA D 40 16.80 -54.09 -58.56
CA ALA D 40 18.21 -54.13 -58.92
C ALA D 40 18.46 -55.26 -59.91
N PRO D 41 19.52 -55.13 -60.73
CA PRO D 41 19.80 -56.18 -61.73
C PRO D 41 19.93 -57.57 -61.14
N GLY D 42 19.05 -58.47 -61.56
CA GLY D 42 19.08 -59.85 -61.11
C GLY D 42 18.53 -60.09 -59.72
N LYS D 43 17.88 -59.10 -59.10
CA LYS D 43 17.33 -59.25 -57.77
C LYS D 43 15.81 -59.17 -57.80
N GLY D 44 15.19 -59.12 -56.62
CA GLY D 44 13.76 -59.07 -56.50
C GLY D 44 13.23 -57.65 -56.39
N LEU D 45 11.94 -57.55 -56.06
CA LEU D 45 11.28 -56.26 -55.97
C LEU D 45 11.54 -55.63 -54.60
N GLU D 46 11.71 -54.31 -54.60
CA GLU D 46 11.87 -53.55 -53.36
C GLU D 46 11.00 -52.31 -53.42
N TRP D 47 10.03 -52.21 -52.52
CA TRP D 47 9.22 -51.01 -52.41
C TRP D 47 10.08 -49.85 -51.93
N VAL D 48 9.85 -48.68 -52.51
CA VAL D 48 10.68 -47.50 -52.28
C VAL D 48 9.91 -46.44 -51.48
N SER D 49 8.77 -46.00 -51.98
CA SER D 49 8.09 -44.84 -51.43
C SER D 49 6.63 -44.87 -51.86
N ILE D 50 5.79 -44.19 -51.07
CA ILE D 50 4.35 -44.12 -51.32
C ILE D 50 3.85 -42.76 -50.90
N ILE D 51 2.86 -42.26 -51.65
CA ILE D 51 2.14 -41.05 -51.27
C ILE D 51 0.65 -41.37 -51.23
N TYR D 52 0.03 -41.09 -50.08
CA TYR D 52 -1.38 -41.38 -49.89
C TYR D 52 -2.24 -40.39 -50.67
N PRO D 53 -3.50 -40.74 -50.96
CA PRO D 53 -4.40 -39.75 -51.58
C PRO D 53 -4.53 -38.46 -50.79
N GLY D 54 -4.49 -38.55 -49.46
CA GLY D 54 -4.54 -37.37 -48.62
C GLY D 54 -3.24 -36.60 -48.52
N GLY D 55 -2.15 -37.15 -49.05
CA GLY D 55 -0.89 -36.44 -49.15
C GLY D 55 0.22 -36.97 -48.27
N SER D 56 -0.08 -37.86 -47.32
CA SER D 56 0.97 -38.41 -46.47
C SER D 56 1.95 -39.23 -47.31
N THR D 57 3.21 -39.18 -46.93
CA THR D 57 4.26 -39.89 -47.63
C THR D 57 5.04 -40.77 -46.68
N PHE D 58 5.53 -41.90 -47.20
CA PHE D 58 6.30 -42.83 -46.40
C PHE D 58 7.40 -43.42 -47.27
N TYR D 59 8.45 -43.91 -46.62
CA TYR D 59 9.67 -44.29 -47.33
C TYR D 59 10.25 -45.56 -46.72
N ALA D 60 10.87 -46.38 -47.58
CA ALA D 60 11.67 -47.49 -47.11
C ALA D 60 12.90 -46.95 -46.37
N ASP D 61 13.40 -47.73 -45.41
CA ASP D 61 14.52 -47.28 -44.60
C ASP D 61 15.76 -47.04 -45.44
N SER D 62 15.92 -47.80 -46.55
CA SER D 62 17.13 -47.70 -47.36
C SER D 62 17.22 -46.40 -48.15
N VAL D 63 16.13 -45.65 -48.27
CA VAL D 63 16.13 -44.40 -49.02
C VAL D 63 15.72 -43.21 -48.17
N LYS D 64 15.39 -43.42 -46.89
CA LYS D 64 14.89 -42.34 -46.06
C LYS D 64 15.94 -41.23 -45.94
N GLY D 65 15.47 -39.98 -46.03
CA GLY D 65 16.34 -38.82 -45.99
C GLY D 65 17.04 -38.51 -47.29
N ARG D 66 16.90 -39.34 -48.31
CA ARG D 66 17.54 -39.11 -49.60
C ARG D 66 16.55 -38.97 -50.75
N PHE D 67 15.44 -39.70 -50.72
CA PHE D 67 14.43 -39.65 -51.78
C PHE D 67 13.22 -38.88 -51.28
N THR D 68 12.54 -38.22 -52.23
CA THR D 68 11.29 -37.53 -51.94
C THR D 68 10.28 -37.83 -53.04
N ILE D 69 9.12 -38.31 -52.65
CA ILE D 69 8.01 -38.57 -53.58
C ILE D 69 7.07 -37.37 -53.55
N SER D 70 6.60 -36.98 -54.74
CA SER D 70 5.65 -35.88 -54.86
C SER D 70 4.81 -36.12 -56.10
N ARG D 71 3.87 -35.20 -56.34
CA ARG D 71 2.97 -35.33 -57.48
C ARG D 71 2.51 -33.95 -57.92
N ASP D 72 2.04 -33.88 -59.16
CA ASP D 72 1.49 -32.67 -59.76
C ASP D 72 0.09 -33.00 -60.26
N ASN D 73 -0.92 -32.41 -59.63
CA ASN D 73 -2.30 -32.71 -59.98
C ASN D 73 -2.62 -32.28 -61.41
N SER D 74 -2.22 -31.05 -61.78
CA SER D 74 -2.55 -30.54 -63.11
C SER D 74 -1.92 -31.37 -64.22
N LYS D 75 -0.78 -31.99 -63.95
CA LYS D 75 -0.11 -32.84 -64.92
C LYS D 75 -0.41 -34.31 -64.73
N ASN D 76 -1.20 -34.66 -63.71
CA ASN D 76 -1.49 -36.04 -63.34
C ASN D 76 -0.23 -36.90 -63.39
N THR D 77 0.76 -36.46 -62.61
CA THR D 77 2.11 -37.00 -62.72
C THR D 77 2.70 -37.22 -61.34
N LEU D 78 3.33 -38.37 -61.16
CA LEU D 78 4.06 -38.72 -59.95
C LEU D 78 5.56 -38.50 -60.16
N TYR D 79 6.25 -38.14 -59.08
CA TYR D 79 7.67 -37.85 -59.15
C TYR D 79 8.43 -38.59 -58.06
N LEU D 80 9.70 -38.88 -58.34
CA LEU D 80 10.64 -39.38 -57.34
C LEU D 80 11.92 -38.56 -57.47
N GLN D 81 12.16 -37.68 -56.50
CA GLN D 81 13.38 -36.89 -56.47
C GLN D 81 14.42 -37.63 -55.64
N MET D 82 15.55 -37.95 -56.25
CA MET D 82 16.61 -38.73 -55.61
C MET D 82 17.83 -37.83 -55.40
N HIS D 83 18.34 -37.84 -54.17
CA HIS D 83 19.57 -37.12 -53.83
C HIS D 83 20.54 -38.10 -53.18
N SER D 84 21.83 -37.73 -53.22
CA SER D 84 22.90 -38.52 -52.59
C SER D 84 22.85 -39.97 -53.04
N LEU D 85 22.78 -40.16 -54.36
CA LEU D 85 22.62 -41.49 -54.92
C LEU D 85 23.85 -42.36 -54.63
N ARG D 86 23.60 -43.65 -54.45
CA ARG D 86 24.63 -44.63 -54.17
C ARG D 86 24.58 -45.74 -55.21
N ALA D 87 25.67 -46.50 -55.28
CA ALA D 87 25.75 -47.60 -56.24
C ALA D 87 24.60 -48.58 -56.07
N GLU D 88 24.19 -48.84 -54.83
CA GLU D 88 23.11 -49.79 -54.59
C GLU D 88 21.74 -49.25 -54.95
N ASP D 89 21.64 -47.99 -55.36
CA ASP D 89 20.38 -47.48 -55.90
C ASP D 89 20.18 -47.87 -57.35
N THR D 90 21.17 -48.48 -57.99
CA THR D 90 21.05 -48.93 -59.37
C THR D 90 19.93 -49.94 -59.50
N ALA D 91 18.96 -49.64 -60.35
CA ALA D 91 17.78 -50.49 -60.50
C ALA D 91 16.91 -49.96 -61.62
N VAL D 92 15.97 -50.80 -62.04
CA VAL D 92 14.80 -50.35 -62.78
C VAL D 92 13.77 -49.84 -61.78
N TYR D 93 13.24 -48.65 -62.02
CA TYR D 93 12.28 -48.03 -61.12
C TYR D 93 10.91 -48.03 -61.77
N TYR D 94 9.95 -48.66 -61.10
CA TYR D 94 8.55 -48.68 -61.54
C TYR D 94 7.73 -47.76 -60.66
N CYS D 95 6.76 -47.08 -61.27
CA CYS D 95 5.67 -46.47 -60.53
C CYS D 95 4.45 -47.39 -60.63
N ALA D 96 3.70 -47.48 -59.53
CA ALA D 96 2.57 -48.39 -59.48
C ALA D 96 1.44 -47.76 -58.70
N ARG D 97 0.21 -48.11 -59.06
CA ARG D 97 -0.97 -47.72 -58.30
C ARG D 97 -1.26 -48.79 -57.26
N ASP D 98 -1.41 -48.35 -56.02
CA ASP D 98 -1.66 -49.23 -54.89
C ASP D 98 -3.16 -49.25 -54.61
N LEU D 99 -3.76 -50.44 -54.66
CA LEU D 99 -5.20 -50.55 -54.42
C LEU D 99 -5.58 -50.25 -52.97
N GLY D 100 -4.62 -50.01 -52.09
CA GLY D 100 -4.93 -49.62 -50.73
C GLY D 100 -4.17 -50.38 -49.67
N SER D 101 -4.04 -51.69 -49.84
CA SER D 101 -3.40 -52.56 -48.86
C SER D 101 -1.96 -52.90 -49.23
N GLY D 102 -1.45 -52.36 -50.33
CA GLY D 102 -0.15 -52.75 -50.85
C GLY D 102 -0.21 -53.56 -52.13
N ASP D 103 -1.39 -54.06 -52.50
CA ASP D 103 -1.55 -54.84 -53.72
C ASP D 103 -1.62 -53.89 -54.91
N MET D 104 -0.60 -53.91 -55.75
CA MET D 104 -0.44 -52.96 -56.84
C MET D 104 -0.87 -53.62 -58.15
N ASP D 105 -1.85 -53.01 -58.81
CA ASP D 105 -2.44 -53.60 -60.01
C ASP D 105 -2.00 -52.91 -61.31
N VAL D 106 -1.66 -51.62 -61.26
CA VAL D 106 -1.24 -50.88 -62.43
C VAL D 106 0.23 -50.54 -62.28
N TRP D 107 1.04 -51.01 -63.23
CA TRP D 107 2.48 -50.74 -63.23
C TRP D 107 2.88 -50.05 -64.53
N GLY D 108 3.91 -49.22 -64.43
CA GLY D 108 4.56 -48.70 -65.62
C GLY D 108 5.59 -49.67 -66.15
N LYS D 109 6.17 -49.29 -67.30
CA LYS D 109 7.20 -50.12 -67.91
C LYS D 109 8.55 -49.99 -67.23
N GLY D 110 8.75 -48.97 -66.42
CA GLY D 110 9.99 -48.81 -65.68
C GLY D 110 11.00 -47.95 -66.42
N THR D 111 11.86 -47.29 -65.65
CA THR D 111 12.98 -46.53 -66.17
C THR D 111 14.23 -46.94 -65.41
N THR D 112 15.37 -46.96 -66.11
CA THR D 112 16.59 -47.57 -65.60
C THR D 112 17.52 -46.51 -65.04
N VAL D 113 17.93 -46.68 -63.78
CA VAL D 113 18.90 -45.82 -63.12
C VAL D 113 20.17 -46.62 -62.90
N THR D 114 21.30 -46.05 -63.29
CA THR D 114 22.62 -46.63 -63.02
C THR D 114 23.46 -45.62 -62.28
N VAL D 115 23.93 -45.99 -61.09
CA VAL D 115 24.78 -45.14 -60.27
C VAL D 115 26.15 -45.81 -60.18
N SER D 116 27.17 -45.14 -60.69
CA SER D 116 28.50 -45.76 -60.73
C SER D 116 29.59 -44.72 -60.89
N SER D 117 30.74 -44.98 -60.26
CA SER D 117 31.92 -44.15 -60.42
C SER D 117 32.73 -44.53 -61.65
N ALA D 118 32.37 -45.62 -62.33
CA ALA D 118 33.20 -46.16 -63.39
C ALA D 118 33.22 -45.24 -64.61
N SER D 119 34.40 -45.12 -65.22
CA SER D 119 34.52 -44.41 -66.49
C SER D 119 34.05 -45.30 -67.64
N THR D 120 33.39 -44.68 -68.61
CA THR D 120 33.02 -45.39 -69.83
C THR D 120 34.27 -45.93 -70.50
N LYS D 121 34.26 -47.21 -70.86
CA LYS D 121 35.45 -47.84 -71.43
C LYS D 121 35.02 -48.99 -72.33
N GLY D 122 35.72 -49.14 -73.46
CA GLY D 122 35.49 -50.22 -74.37
C GLY D 122 36.22 -51.49 -73.94
N PRO D 123 35.67 -52.64 -74.29
CA PRO D 123 36.23 -53.90 -73.79
C PRO D 123 37.52 -54.27 -74.49
N SER D 124 38.38 -54.96 -73.75
CA SER D 124 39.37 -55.82 -74.38
C SER D 124 38.70 -57.13 -74.75
N VAL D 125 39.09 -57.70 -75.89
CA VAL D 125 38.55 -58.95 -76.37
C VAL D 125 39.69 -59.96 -76.47
N PHE D 126 39.63 -60.99 -75.64
CA PHE D 126 40.66 -62.01 -75.60
C PHE D 126 40.09 -63.34 -76.08
N PRO D 127 40.91 -64.15 -76.77
CA PRO D 127 40.40 -65.42 -77.30
C PRO D 127 40.34 -66.49 -76.24
N LEU D 128 39.32 -67.32 -76.35
CA LEU D 128 39.21 -68.58 -75.60
C LEU D 128 39.48 -69.68 -76.63
N ALA D 129 40.75 -70.08 -76.73
CA ALA D 129 41.22 -70.92 -77.83
C ALA D 129 40.74 -72.36 -77.65
N PRO D 130 40.40 -73.04 -78.75
CA PRO D 130 40.00 -74.45 -78.64
C PRO D 130 41.17 -75.32 -78.18
N SER D 131 40.87 -76.20 -77.22
CA SER D 131 41.90 -77.05 -76.63
C SER D 131 42.58 -77.90 -77.69
N SER D 132 43.87 -78.15 -77.49
CA SER D 132 44.61 -79.03 -78.40
C SER D 132 44.09 -80.45 -78.33
N LYS D 133 43.69 -80.89 -77.14
CA LYS D 133 43.06 -82.21 -76.95
C LYS D 133 41.56 -82.05 -77.15
N SER D 134 41.08 -82.48 -78.32
CA SER D 134 39.66 -82.54 -78.59
C SER D 134 39.32 -83.90 -79.18
N THR D 135 38.12 -84.38 -78.87
CA THR D 135 37.69 -85.66 -79.43
C THR D 135 37.76 -85.63 -80.96
N SER D 136 38.36 -86.68 -81.54
CA SER D 136 38.58 -86.70 -82.98
C SER D 136 37.27 -86.65 -83.75
N GLY D 137 36.24 -87.33 -83.25
CA GLY D 137 34.95 -87.35 -83.92
C GLY D 137 33.90 -86.57 -83.17
N GLY D 138 34.33 -85.67 -82.29
CA GLY D 138 33.42 -84.95 -81.43
C GLY D 138 33.40 -83.45 -81.61
N THR D 139 33.10 -82.74 -80.54
CA THR D 139 32.85 -81.30 -80.57
C THR D 139 33.95 -80.56 -79.82
N ALA D 140 34.30 -79.38 -80.33
CA ALA D 140 35.27 -78.50 -79.68
C ALA D 140 34.59 -77.19 -79.30
N ALA D 141 35.04 -76.60 -78.19
CA ALA D 141 34.52 -75.33 -77.72
C ALA D 141 35.58 -74.24 -77.89
N LEU D 142 35.13 -73.07 -78.30
CA LEU D 142 35.99 -71.89 -78.41
C LEU D 142 35.12 -70.68 -78.12
N GLY D 143 35.75 -69.53 -77.95
CA GLY D 143 34.96 -68.36 -77.65
C GLY D 143 35.81 -67.11 -77.50
N CYS D 144 35.18 -66.08 -76.94
CA CYS D 144 35.79 -64.77 -76.76
C CYS D 144 35.49 -64.26 -75.35
N LEU D 145 36.51 -63.74 -74.69
CA LEU D 145 36.37 -63.11 -73.39
C LEU D 145 36.32 -61.60 -73.58
N VAL D 146 35.20 -60.98 -73.23
CA VAL D 146 34.95 -59.56 -73.44
C VAL D 146 35.04 -58.89 -72.08
N LYS D 147 36.21 -58.30 -71.78
CA LYS D 147 36.55 -57.96 -70.41
C LYS D 147 36.73 -56.45 -70.21
N ASP D 148 36.26 -55.96 -69.07
CA ASP D 148 36.50 -54.61 -68.57
C ASP D 148 35.89 -53.54 -69.46
N TYR D 149 34.56 -53.51 -69.56
CA TYR D 149 33.87 -52.46 -70.28
C TYR D 149 32.82 -51.82 -69.38
N PHE D 150 32.39 -50.63 -69.77
CA PHE D 150 31.33 -49.91 -69.05
C PHE D 150 30.80 -48.77 -69.93
N PRO D 151 29.48 -48.53 -69.93
CA PRO D 151 28.48 -49.33 -69.22
C PRO D 151 27.97 -50.47 -70.08
N GLU D 152 26.93 -51.15 -69.62
CA GLU D 152 26.22 -52.10 -70.46
C GLU D 152 25.53 -51.35 -71.59
N PRO D 153 25.26 -52.01 -72.73
CA PRO D 153 25.58 -53.40 -73.06
C PRO D 153 26.65 -53.54 -74.13
N VAL D 154 27.06 -54.79 -74.38
CA VAL D 154 27.80 -55.15 -75.58
C VAL D 154 26.97 -56.14 -76.36
N THR D 155 27.18 -56.17 -77.67
CA THR D 155 26.66 -57.22 -78.53
C THR D 155 27.82 -58.04 -79.07
N VAL D 156 27.58 -59.33 -79.27
CA VAL D 156 28.58 -60.23 -79.82
C VAL D 156 27.93 -61.07 -80.91
N SER D 157 28.59 -61.16 -82.05
CA SER D 157 28.22 -62.09 -83.12
C SER D 157 29.44 -62.91 -83.50
N TRP D 158 29.22 -63.93 -84.31
CA TRP D 158 30.29 -64.82 -84.75
C TRP D 158 30.29 -64.92 -86.26
N ASN D 159 31.47 -64.71 -86.86
CA ASN D 159 31.63 -64.72 -88.32
C ASN D 159 30.61 -63.80 -88.99
N SER D 160 30.39 -62.63 -88.39
CA SER D 160 29.50 -61.61 -88.92
C SER D 160 28.07 -62.12 -89.11
N GLY D 161 27.62 -62.96 -88.17
CA GLY D 161 26.29 -63.51 -88.21
C GLY D 161 26.15 -64.85 -88.91
N ALA D 162 27.17 -65.28 -89.65
CA ALA D 162 27.10 -66.55 -90.36
C ALA D 162 27.17 -67.75 -89.44
N LEU D 163 27.50 -67.56 -88.16
CA LEU D 163 27.57 -68.64 -87.18
C LEU D 163 26.63 -68.31 -86.03
N THR D 164 25.52 -69.03 -85.93
CA THR D 164 24.54 -68.82 -84.87
C THR D 164 24.25 -70.08 -84.07
N SER D 165 24.23 -71.24 -84.73
CA SER D 165 24.01 -72.49 -84.02
C SER D 165 25.12 -72.75 -83.01
N GLY D 166 24.73 -73.08 -81.78
CA GLY D 166 25.67 -73.44 -80.75
C GLY D 166 26.31 -72.27 -80.02
N VAL D 167 25.89 -71.05 -80.30
CA VAL D 167 26.47 -69.87 -79.65
C VAL D 167 25.79 -69.66 -78.30
N HIS D 168 26.59 -69.43 -77.27
CA HIS D 168 26.10 -69.01 -75.95
C HIS D 168 26.87 -67.76 -75.56
N THR D 169 26.17 -66.63 -75.51
CA THR D 169 26.72 -65.39 -74.99
C THR D 169 26.14 -65.17 -73.59
N PHE D 170 27.00 -65.17 -72.59
CA PHE D 170 26.56 -65.21 -71.21
C PHE D 170 26.20 -63.83 -70.68
N PRO D 171 25.36 -63.77 -69.65
CA PRO D 171 25.13 -62.49 -68.95
C PRO D 171 26.44 -61.95 -68.39
N ALA D 172 26.62 -60.64 -68.53
CA ALA D 172 27.82 -60.02 -67.98
C ALA D 172 27.77 -60.05 -66.46
N VAL D 173 28.95 -60.08 -65.85
CA VAL D 173 29.08 -59.94 -64.41
C VAL D 173 29.76 -58.60 -64.12
N LEU D 174 29.37 -58.00 -63.01
CA LEU D 174 29.96 -56.75 -62.55
C LEU D 174 31.14 -57.08 -61.64
N GLN D 175 32.34 -56.78 -62.09
CA GLN D 175 33.53 -57.01 -61.29
C GLN D 175 33.66 -55.96 -60.19
N SER D 176 34.51 -56.26 -59.21
CA SER D 176 34.70 -55.34 -58.10
C SER D 176 35.33 -54.02 -58.55
N SER D 177 35.92 -53.99 -59.74
CA SER D 177 36.42 -52.75 -60.32
C SER D 177 35.30 -51.81 -60.76
N GLY D 178 34.06 -52.30 -60.81
CA GLY D 178 32.97 -51.54 -61.38
C GLY D 178 32.80 -51.69 -62.87
N LEU D 179 33.63 -52.51 -63.52
CA LEU D 179 33.55 -52.75 -64.95
C LEU D 179 32.97 -54.12 -65.22
N TYR D 180 32.23 -54.24 -66.32
CA TYR D 180 31.58 -55.48 -66.69
C TYR D 180 32.54 -56.40 -67.45
N SER D 181 32.22 -57.69 -67.41
CA SER D 181 32.97 -58.70 -68.13
C SER D 181 32.03 -59.84 -68.50
N LEU D 182 32.27 -60.43 -69.66
CA LEU D 182 31.34 -61.38 -70.25
C LEU D 182 32.12 -62.28 -71.20
N SER D 183 31.57 -63.46 -71.47
CA SER D 183 32.17 -64.39 -72.41
C SER D 183 31.10 -64.86 -73.39
N SER D 184 31.53 -65.11 -74.62
CA SER D 184 30.68 -65.69 -75.65
C SER D 184 31.40 -66.91 -76.19
N VAL D 185 30.70 -68.04 -76.23
CA VAL D 185 31.30 -69.30 -76.64
C VAL D 185 30.46 -69.94 -77.73
N VAL D 186 31.09 -70.83 -78.49
CA VAL D 186 30.41 -71.62 -79.51
C VAL D 186 31.04 -72.99 -79.55
N THR D 187 30.23 -74.01 -79.76
CA THR D 187 30.72 -75.37 -79.98
C THR D 187 30.68 -75.67 -81.48
N VAL D 188 31.80 -76.17 -81.99
CA VAL D 188 31.93 -76.48 -83.42
C VAL D 188 32.49 -77.88 -83.55
N PRO D 189 32.34 -78.52 -84.71
CA PRO D 189 32.97 -79.82 -84.92
C PRO D 189 34.48 -79.69 -84.92
N SER D 190 35.14 -80.57 -84.15
CA SER D 190 36.59 -80.50 -84.01
C SER D 190 37.30 -80.56 -85.37
N SER D 191 36.67 -81.22 -86.36
CA SER D 191 37.28 -81.34 -87.67
C SER D 191 37.44 -79.99 -88.35
N SER D 192 36.58 -79.02 -88.03
CA SER D 192 36.57 -77.72 -88.70
C SER D 192 37.65 -76.77 -88.18
N LEU D 193 38.40 -77.17 -87.15
CA LEU D 193 39.34 -76.24 -86.52
C LEU D 193 40.46 -75.82 -87.45
N GLY D 194 40.86 -76.68 -88.37
CA GLY D 194 41.99 -76.37 -89.23
C GLY D 194 41.65 -75.61 -90.50
N THR D 195 40.37 -75.60 -90.87
CA THR D 195 39.94 -75.07 -92.16
C THR D 195 38.91 -73.96 -92.09
N GLN D 196 38.15 -73.84 -91.01
CA GLN D 196 37.12 -72.82 -90.86
C GLN D 196 37.60 -71.75 -89.89
N THR D 197 37.55 -70.49 -90.32
CA THR D 197 37.94 -69.37 -89.48
C THR D 197 36.78 -68.92 -88.61
N TYR D 198 37.07 -68.68 -87.33
CA TYR D 198 36.08 -68.25 -86.36
C TYR D 198 36.50 -66.91 -85.80
N ILE D 199 35.63 -65.91 -85.97
CA ILE D 199 35.89 -64.55 -85.55
C ILE D 199 34.68 -64.06 -84.78
N CYS D 200 34.90 -63.61 -83.55
CA CYS D 200 33.83 -62.99 -82.77
C CYS D 200 33.86 -61.48 -83.02
N ASN D 201 32.67 -60.91 -83.25
CA ASN D 201 32.53 -59.48 -83.54
C ASN D 201 31.86 -58.82 -82.34
N VAL D 202 32.57 -57.87 -81.73
CA VAL D 202 32.14 -57.26 -80.48
C VAL D 202 31.84 -55.78 -80.75
N ASN D 203 30.66 -55.34 -80.33
CA ASN D 203 30.23 -53.96 -80.49
C ASN D 203 29.88 -53.38 -79.13
N HIS D 204 30.46 -52.22 -78.81
CA HIS D 204 30.16 -51.49 -77.58
C HIS D 204 29.89 -50.05 -77.97
N LYS D 205 28.61 -49.74 -78.22
CA LYS D 205 28.22 -48.41 -78.69
C LYS D 205 28.67 -47.27 -77.77
N PRO D 206 28.56 -47.35 -76.43
CA PRO D 206 28.91 -46.19 -75.61
C PRO D 206 30.35 -45.71 -75.78
N SER D 207 31.27 -46.59 -76.17
CA SER D 207 32.65 -46.20 -76.43
C SER D 207 32.97 -46.17 -77.92
N ASN D 208 31.96 -46.32 -78.78
CA ASN D 208 32.17 -46.41 -80.23
C ASN D 208 33.21 -47.47 -80.58
N THR D 209 33.17 -48.60 -79.87
CA THR D 209 34.16 -49.64 -80.02
C THR D 209 33.59 -50.80 -80.83
N LYS D 210 34.30 -51.17 -81.90
CA LYS D 210 33.99 -52.34 -82.70
C LYS D 210 35.27 -53.16 -82.84
N VAL D 211 35.22 -54.42 -82.45
CA VAL D 211 36.39 -55.28 -82.41
C VAL D 211 36.06 -56.63 -83.02
N ASP D 212 36.92 -57.10 -83.93
CA ASP D 212 36.85 -58.44 -84.49
C ASP D 212 38.06 -59.22 -84.00
N LYS D 213 37.82 -60.34 -83.31
CA LYS D 213 38.89 -61.15 -82.74
C LYS D 213 38.86 -62.53 -83.39
N LYS D 214 39.89 -62.84 -84.18
CA LYS D 214 40.07 -64.17 -84.71
C LYS D 214 40.47 -65.11 -83.57
N VAL D 215 39.77 -66.24 -83.46
CA VAL D 215 40.02 -67.24 -82.43
C VAL D 215 40.56 -68.49 -83.11
N GLU D 216 41.81 -68.81 -82.84
CA GLU D 216 42.53 -69.89 -83.50
C GLU D 216 43.06 -70.89 -82.49
N PRO D 217 43.36 -72.11 -82.92
CA PRO D 217 44.05 -73.05 -82.04
C PRO D 217 45.44 -72.54 -81.71
N LYS D 218 45.85 -72.72 -80.45
CA LYS D 218 47.16 -72.24 -80.03
C LYS D 218 48.24 -73.23 -80.43
N SER D 219 49.34 -72.70 -80.95
CA SER D 219 50.49 -73.50 -81.37
C SER D 219 51.52 -73.55 -80.25
N CYS D 220 52.22 -74.68 -80.17
CA CYS D 220 53.30 -74.84 -79.19
C CYS D 220 54.44 -73.88 -79.51
N ASP E 1 10.67 -57.72 -36.80
CA ASP E 1 9.70 -57.56 -37.87
C ASP E 1 9.38 -58.89 -38.54
N ILE E 2 8.48 -58.85 -39.52
CA ILE E 2 7.95 -60.05 -40.15
C ILE E 2 8.75 -60.35 -41.41
N VAL E 3 9.33 -61.54 -41.47
CA VAL E 3 10.19 -61.96 -42.57
C VAL E 3 9.42 -62.93 -43.46
N MET E 4 9.38 -62.64 -44.75
CA MET E 4 8.71 -63.50 -45.72
C MET E 4 9.74 -64.42 -46.36
N THR E 5 9.60 -65.72 -46.14
CA THR E 5 10.46 -66.74 -46.73
C THR E 5 9.66 -67.43 -47.83
N GLN E 6 10.10 -67.26 -49.07
CA GLN E 6 9.44 -67.86 -50.23
C GLN E 6 10.25 -69.04 -50.73
N SER E 7 9.59 -70.17 -50.90
CA SER E 7 10.23 -71.41 -51.33
C SER E 7 9.34 -72.09 -52.37
N PRO E 8 9.94 -72.78 -53.35
CA PRO E 8 11.40 -72.85 -53.57
C PRO E 8 11.90 -71.70 -54.43
N SER E 9 13.23 -71.50 -54.46
CA SER E 9 13.78 -70.46 -55.32
C SER E 9 13.56 -70.77 -56.79
N PHE E 10 13.78 -72.02 -57.19
CA PHE E 10 13.54 -72.47 -58.55
C PHE E 10 12.68 -73.73 -58.49
N LEU E 11 11.72 -73.84 -59.41
CA LEU E 11 10.96 -75.07 -59.56
C LEU E 11 10.74 -75.34 -61.04
N SER E 12 10.93 -76.59 -61.44
CA SER E 12 10.74 -77.02 -62.82
C SER E 12 9.41 -77.74 -62.93
N ALA E 13 8.62 -77.35 -63.93
CA ALA E 13 7.32 -77.96 -64.19
C ALA E 13 7.13 -78.10 -65.68
N SER E 14 6.13 -78.90 -66.06
CA SER E 14 5.78 -79.13 -67.45
C SER E 14 4.43 -78.50 -67.76
N VAL E 15 4.21 -78.27 -69.05
CA VAL E 15 2.97 -77.64 -69.51
C VAL E 15 1.80 -78.54 -69.14
N GLY E 16 0.85 -77.99 -68.39
CA GLY E 16 -0.29 -78.74 -67.90
C GLY E 16 -0.15 -79.24 -66.47
N ASP E 17 1.00 -79.02 -65.83
CA ASP E 17 1.20 -79.48 -64.48
C ASP E 17 0.47 -78.60 -63.47
N ARG E 18 0.35 -79.12 -62.25
CA ARG E 18 -0.21 -78.38 -61.12
C ARG E 18 0.95 -77.91 -60.25
N VAL E 19 1.11 -76.60 -60.11
CA VAL E 19 2.28 -76.01 -59.48
C VAL E 19 1.87 -75.39 -58.14
N THR E 20 2.72 -75.57 -57.13
CA THR E 20 2.46 -75.06 -55.79
C THR E 20 3.67 -74.28 -55.30
N ILE E 21 3.48 -72.98 -55.10
CA ILE E 21 4.52 -72.10 -54.55
C ILE E 21 4.13 -71.72 -53.13
N THR E 22 5.10 -71.71 -52.22
CA THR E 22 4.86 -71.50 -50.81
C THR E 22 5.54 -70.22 -50.34
N CYS E 23 4.80 -69.43 -49.56
CA CYS E 23 5.31 -68.21 -48.94
C CYS E 23 5.02 -68.29 -47.45
N ARG E 24 6.06 -68.26 -46.62
CA ARG E 24 5.93 -68.41 -45.17
C ARG E 24 6.31 -67.10 -44.49
N ALA E 25 5.39 -66.56 -43.69
CA ALA E 25 5.66 -65.38 -42.89
C ALA E 25 6.15 -65.79 -41.50
N SER E 26 7.02 -64.98 -40.93
CA SER E 26 7.59 -65.30 -39.62
C SER E 26 6.57 -65.21 -38.49
N GLN E 27 5.38 -64.66 -38.75
CA GLN E 27 4.28 -64.71 -37.80
C GLN E 27 3.00 -64.31 -38.54
N GLY E 28 1.88 -64.47 -37.84
CA GLY E 28 0.55 -64.39 -38.44
C GLY E 28 0.18 -63.08 -39.11
N ILE E 29 -0.20 -63.15 -40.39
CA ILE E 29 -0.55 -61.96 -41.17
C ILE E 29 -1.97 -62.13 -41.71
N SER E 30 -2.81 -62.88 -40.99
CA SER E 30 -4.19 -63.11 -41.38
C SER E 30 -4.27 -63.59 -42.82
N SER E 31 -4.90 -62.79 -43.69
CA SER E 31 -4.95 -63.07 -45.12
C SER E 31 -4.26 -61.98 -45.93
N TYR E 32 -3.44 -61.15 -45.28
CA TYR E 32 -2.81 -59.99 -45.92
C TYR E 32 -1.63 -60.47 -46.77
N LEU E 33 -1.95 -61.00 -47.95
CA LEU E 33 -0.90 -61.44 -48.86
C LEU E 33 -1.33 -61.26 -50.31
N ALA E 34 -0.38 -60.85 -51.14
CA ALA E 34 -0.58 -60.70 -52.58
C ALA E 34 0.45 -61.54 -53.32
N TRP E 35 0.12 -61.89 -54.57
CA TRP E 35 0.99 -62.65 -55.44
C TRP E 35 1.18 -61.90 -56.75
N TYR E 36 2.42 -61.86 -57.25
CA TYR E 36 2.74 -61.22 -58.51
C TYR E 36 3.42 -62.21 -59.45
N GLN E 37 3.26 -61.96 -60.75
CA GLN E 37 3.94 -62.69 -61.80
C GLN E 37 4.79 -61.72 -62.62
N GLN E 38 6.04 -62.08 -62.88
CA GLN E 38 6.90 -61.22 -63.67
C GLN E 38 7.70 -62.06 -64.66
N LYS E 39 7.67 -61.66 -65.91
CA LYS E 39 8.43 -62.25 -66.98
C LYS E 39 9.64 -61.38 -67.31
N PRO E 40 10.70 -61.96 -67.85
CA PRO E 40 11.93 -61.19 -68.09
C PRO E 40 11.69 -59.92 -68.91
N GLY E 41 12.15 -58.80 -68.37
CA GLY E 41 12.04 -57.51 -69.02
C GLY E 41 10.71 -56.81 -68.89
N LYS E 42 9.75 -57.41 -68.19
CA LYS E 42 8.41 -56.86 -68.07
C LYS E 42 8.13 -56.47 -66.63
N ALA E 43 7.15 -55.57 -66.47
CA ALA E 43 6.73 -55.18 -65.14
C ALA E 43 5.96 -56.32 -64.47
N PRO E 44 5.95 -56.37 -63.14
CA PRO E 44 5.16 -57.40 -62.45
C PRO E 44 3.67 -57.24 -62.74
N LYS E 45 2.95 -58.35 -62.61
CA LYS E 45 1.51 -58.39 -62.85
C LYS E 45 0.82 -58.95 -61.62
N LEU E 46 -0.19 -58.24 -61.13
CA LEU E 46 -0.90 -58.66 -59.93
C LEU E 46 -1.85 -59.81 -60.26
N LEU E 47 -1.67 -60.93 -59.56
CA LEU E 47 -2.48 -62.12 -59.78
C LEU E 47 -3.60 -62.24 -58.75
N ILE E 48 -3.24 -62.28 -57.47
CA ILE E 48 -4.19 -62.49 -56.39
C ILE E 48 -3.89 -61.51 -55.26
N GLN E 49 -4.94 -60.94 -54.67
CA GLN E 49 -4.83 -60.10 -53.50
C GLN E 49 -5.65 -60.71 -52.37
N ALA E 50 -5.29 -60.36 -51.13
CA ALA E 50 -5.96 -60.85 -49.94
C ALA E 50 -5.96 -62.38 -49.87
N ALA E 51 -4.88 -62.99 -50.38
CA ALA E 51 -4.59 -64.41 -50.21
C ALA E 51 -5.54 -65.34 -50.97
N SER E 52 -6.72 -64.88 -51.34
CA SER E 52 -7.68 -65.76 -52.02
C SER E 52 -8.68 -65.00 -52.87
N THR E 53 -8.23 -63.94 -53.53
CA THR E 53 -9.07 -63.18 -54.46
C THR E 53 -8.30 -63.00 -55.76
N LEU E 54 -8.58 -63.86 -56.74
CA LEU E 54 -7.95 -63.77 -58.04
C LEU E 54 -8.31 -62.44 -58.71
N GLN E 55 -7.29 -61.67 -59.08
CA GLN E 55 -7.53 -60.38 -59.73
C GLN E 55 -8.29 -60.58 -61.03
N SER E 56 -9.12 -59.59 -61.36
CA SER E 56 -9.98 -59.69 -62.53
C SER E 56 -9.16 -59.87 -63.80
N GLY E 57 -9.57 -60.83 -64.63
CA GLY E 57 -8.91 -61.12 -65.88
C GLY E 57 -7.83 -62.18 -65.81
N VAL E 58 -7.28 -62.44 -64.63
CA VAL E 58 -6.28 -63.50 -64.50
C VAL E 58 -6.95 -64.85 -64.72
N PRO E 59 -6.38 -65.74 -65.53
CA PRO E 59 -7.05 -67.01 -65.84
C PRO E 59 -7.32 -67.84 -64.60
N SER E 60 -8.32 -68.72 -64.72
CA SER E 60 -8.79 -69.51 -63.58
C SER E 60 -7.72 -70.44 -63.03
N ARG E 61 -6.65 -70.70 -63.80
CA ARG E 61 -5.57 -71.56 -63.35
C ARG E 61 -5.03 -71.10 -62.00
N PHE E 62 -4.61 -69.84 -61.93
CA PHE E 62 -3.99 -69.30 -60.72
C PHE E 62 -4.98 -69.34 -59.56
N SER E 63 -4.60 -70.06 -58.50
CA SER E 63 -5.41 -70.19 -57.30
C SER E 63 -4.56 -69.82 -56.09
N GLY E 64 -5.07 -68.93 -55.26
CA GLY E 64 -4.39 -68.52 -54.04
C GLY E 64 -5.19 -68.94 -52.83
N SER E 65 -4.49 -69.39 -51.79
CA SER E 65 -5.13 -69.83 -50.56
C SER E 65 -4.10 -69.78 -49.45
N GLY E 66 -4.54 -70.13 -48.25
CA GLY E 66 -3.67 -70.10 -47.09
C GLY E 66 -4.09 -69.02 -46.11
N SER E 67 -3.78 -69.26 -44.84
CA SER E 67 -4.15 -68.33 -43.79
C SER E 67 -3.16 -68.46 -42.63
N GLY E 68 -2.96 -67.36 -41.92
CA GLY E 68 -2.10 -67.35 -40.75
C GLY E 68 -0.63 -67.14 -41.06
N THR E 69 0.12 -68.25 -41.18
CA THR E 69 1.56 -68.17 -41.36
C THR E 69 2.07 -68.92 -42.59
N GLU E 70 1.22 -69.67 -43.28
CA GLU E 70 1.63 -70.42 -44.47
C GLU E 70 0.65 -70.13 -45.59
N PHE E 71 1.17 -69.64 -46.72
CA PHE E 71 0.34 -69.26 -47.85
C PHE E 71 0.87 -69.95 -49.10
N THR E 72 -0.04 -70.20 -50.05
CA THR E 72 0.32 -70.91 -51.27
C THR E 72 -0.32 -70.24 -52.48
N LEU E 73 0.42 -70.25 -53.60
CA LEU E 73 -0.12 -69.94 -54.91
C LEU E 73 -0.18 -71.25 -55.70
N THR E 74 -1.36 -71.55 -56.24
CA THR E 74 -1.58 -72.80 -56.97
C THR E 74 -1.96 -72.47 -58.40
N ILE E 75 -1.17 -72.97 -59.35
CA ILE E 75 -1.50 -72.88 -60.77
C ILE E 75 -2.03 -74.24 -61.18
N SER E 76 -3.34 -74.33 -61.38
CA SER E 76 -3.99 -75.63 -61.54
C SER E 76 -3.54 -76.33 -62.82
N SER E 77 -3.35 -75.58 -63.90
CA SER E 77 -2.94 -76.15 -65.18
C SER E 77 -1.98 -75.16 -65.84
N LEU E 78 -0.68 -75.42 -65.71
CA LEU E 78 0.33 -74.52 -66.24
C LEU E 78 0.26 -74.46 -67.76
N GLN E 79 0.24 -73.24 -68.29
CA GLN E 79 0.26 -72.99 -69.72
C GLN E 79 1.60 -72.40 -70.14
N PRO E 80 1.92 -72.41 -71.44
CA PRO E 80 3.25 -71.92 -71.88
C PRO E 80 3.60 -70.54 -71.36
N GLU E 81 2.62 -69.64 -71.21
CA GLU E 81 2.88 -68.28 -70.78
C GLU E 81 3.02 -68.15 -69.26
N ASP E 82 3.05 -69.25 -68.53
CA ASP E 82 3.15 -69.19 -67.07
C ASP E 82 4.57 -69.40 -66.55
N PHE E 83 5.50 -69.80 -67.40
CA PHE E 83 6.90 -69.88 -66.99
C PHE E 83 7.41 -68.47 -66.76
N ALA E 84 7.68 -68.14 -65.50
CA ALA E 84 7.96 -66.79 -65.07
C ALA E 84 8.46 -66.84 -63.63
N THR E 85 8.72 -65.67 -63.07
CA THR E 85 9.06 -65.53 -61.67
C THR E 85 7.86 -64.98 -60.90
N TYR E 86 7.62 -65.55 -59.72
CA TYR E 86 6.46 -65.21 -58.91
C TYR E 86 6.92 -64.68 -57.56
N TYR E 87 6.23 -63.63 -57.08
CA TYR E 87 6.59 -62.94 -55.86
C TYR E 87 5.38 -62.85 -54.94
N CYS E 88 5.59 -63.12 -53.65
CA CYS E 88 4.59 -62.81 -52.64
C CYS E 88 4.93 -61.48 -51.98
N GLN E 89 3.90 -60.83 -51.44
CA GLN E 89 4.09 -59.55 -50.78
C GLN E 89 3.16 -59.47 -49.56
N GLN E 90 3.75 -59.18 -48.41
CA GLN E 90 2.94 -58.93 -47.22
C GLN E 90 2.13 -57.65 -47.42
N LEU E 91 0.82 -57.74 -47.17
CA LEU E 91 -0.08 -56.61 -47.30
C LEU E 91 -0.35 -55.99 -45.94
N ASN E 92 -0.79 -54.73 -45.98
CA ASN E 92 -1.13 -53.96 -44.78
C ASN E 92 0.02 -53.97 -43.78
N SER E 93 1.21 -53.61 -44.26
CA SER E 93 2.40 -53.56 -43.43
C SER E 93 3.14 -52.26 -43.69
N TYR E 94 3.78 -51.74 -42.63
CA TYR E 94 4.61 -50.55 -42.77
C TYR E 94 5.80 -50.77 -43.71
N ARG E 95 6.21 -52.03 -43.90
CA ARG E 95 7.44 -52.34 -44.61
C ARG E 95 7.25 -52.72 -46.07
N TYR E 96 6.05 -53.14 -46.47
CA TYR E 96 5.76 -53.55 -47.85
C TYR E 96 6.71 -54.66 -48.28
N THR E 97 6.87 -55.66 -47.41
CA THR E 97 7.90 -56.67 -47.60
C THR E 97 7.52 -57.63 -48.73
N PHE E 98 8.50 -57.93 -49.59
CA PHE E 98 8.35 -58.87 -50.67
C PHE E 98 9.07 -60.17 -50.34
N GLY E 99 8.61 -61.26 -50.96
CA GLY E 99 9.33 -62.51 -50.92
C GLY E 99 10.49 -62.53 -51.90
N GLN E 100 11.34 -63.54 -51.76
CA GLN E 100 12.53 -63.63 -52.60
C GLN E 100 12.20 -64.00 -54.04
N GLY E 101 11.03 -64.57 -54.30
CA GLY E 101 10.65 -64.90 -55.64
C GLY E 101 10.88 -66.36 -55.97
N THR E 102 10.01 -66.91 -56.82
CA THR E 102 10.12 -68.28 -57.31
C THR E 102 10.10 -68.27 -58.82
N LYS E 103 11.12 -68.88 -59.43
CA LYS E 103 11.22 -68.97 -60.88
C LYS E 103 10.73 -70.35 -61.32
N VAL E 104 9.67 -70.36 -62.13
CA VAL E 104 9.09 -71.60 -62.65
C VAL E 104 9.64 -71.80 -64.06
N GLU E 105 10.31 -72.93 -64.27
CA GLU E 105 11.04 -73.18 -65.50
C GLU E 105 10.56 -74.45 -66.18
N ILE E 106 11.01 -74.64 -67.41
CA ILE E 106 10.53 -75.73 -68.26
C ILE E 106 11.21 -77.02 -67.87
N LYS E 107 10.41 -78.02 -67.50
CA LYS E 107 10.94 -79.32 -67.12
C LYS E 107 11.39 -80.10 -68.34
N ARG E 108 12.51 -80.81 -68.21
CA ARG E 108 12.99 -81.71 -69.24
C ARG E 108 13.79 -82.81 -68.56
N THR E 109 14.39 -83.70 -69.36
CA THR E 109 15.17 -84.78 -68.81
C THR E 109 16.57 -84.30 -68.45
N VAL E 110 17.25 -85.10 -67.62
CA VAL E 110 18.58 -84.75 -67.14
C VAL E 110 19.57 -84.80 -68.30
N ALA E 111 20.52 -83.87 -68.32
CA ALA E 111 21.56 -83.82 -69.34
C ALA E 111 22.85 -83.36 -68.68
N ALA E 112 23.91 -84.17 -68.82
CA ALA E 112 25.18 -83.82 -68.21
C ALA E 112 25.85 -82.70 -69.01
N PRO E 113 26.61 -81.84 -68.35
CA PRO E 113 27.31 -80.77 -69.06
C PRO E 113 28.58 -81.27 -69.74
N SER E 114 28.87 -80.72 -70.91
CA SER E 114 30.19 -80.83 -71.49
C SER E 114 31.07 -79.76 -70.86
N VAL E 115 32.21 -80.16 -70.33
CA VAL E 115 33.07 -79.26 -69.57
C VAL E 115 34.30 -78.92 -70.39
N PHE E 116 34.65 -77.63 -70.41
CA PHE E 116 35.82 -77.13 -71.11
C PHE E 116 36.50 -76.09 -70.23
N ILE E 117 37.83 -76.11 -70.21
CA ILE E 117 38.62 -75.12 -69.48
C ILE E 117 39.53 -74.40 -70.47
N PHE E 118 39.70 -73.09 -70.25
CA PHE E 118 40.46 -72.24 -71.15
C PHE E 118 41.53 -71.50 -70.36
N PRO E 119 42.80 -71.59 -70.74
CA PRO E 119 43.84 -70.81 -70.06
C PRO E 119 43.73 -69.34 -70.45
N PRO E 120 44.38 -68.46 -69.69
CA PRO E 120 44.46 -67.06 -70.14
C PRO E 120 45.30 -66.95 -71.40
N SER E 121 44.85 -66.08 -72.30
CA SER E 121 45.60 -65.84 -73.53
C SER E 121 46.91 -65.13 -73.22
N ASP E 122 47.87 -65.24 -74.13
CA ASP E 122 49.12 -64.52 -73.96
C ASP E 122 48.91 -63.01 -74.06
N GLU E 123 47.91 -62.57 -74.84
CA GLU E 123 47.64 -61.14 -74.95
C GLU E 123 47.17 -60.57 -73.63
N GLN E 124 46.33 -61.29 -72.90
CA GLN E 124 45.87 -60.79 -71.61
C GLN E 124 47.00 -60.77 -70.59
N LEU E 125 47.86 -61.79 -70.63
CA LEU E 125 48.95 -61.88 -69.64
C LEU E 125 49.89 -60.70 -69.74
N LYS E 126 50.10 -60.18 -70.96
CA LYS E 126 50.92 -58.98 -71.14
C LYS E 126 50.36 -57.79 -70.38
N SER E 127 49.06 -57.77 -70.09
CA SER E 127 48.41 -56.68 -69.39
C SER E 127 48.44 -56.84 -67.87
N GLY E 128 48.98 -57.96 -67.37
CA GLY E 128 49.16 -58.16 -65.95
C GLY E 128 48.06 -58.93 -65.24
N THR E 129 47.05 -59.42 -65.96
CA THR E 129 45.94 -60.15 -65.37
C THR E 129 45.74 -61.46 -66.12
N ALA E 130 45.30 -62.49 -65.39
CA ALA E 130 45.03 -63.80 -65.96
C ALA E 130 43.61 -64.21 -65.62
N SER E 131 42.77 -64.38 -66.64
CA SER E 131 41.43 -64.91 -66.48
C SER E 131 41.41 -66.35 -66.98
N VAL E 132 41.03 -67.27 -66.10
CA VAL E 132 40.86 -68.69 -66.43
C VAL E 132 39.36 -68.97 -66.46
N VAL E 133 38.89 -69.56 -67.56
CA VAL E 133 37.47 -69.72 -67.82
C VAL E 133 37.12 -71.20 -67.86
N CYS E 134 36.08 -71.58 -67.14
CA CYS E 134 35.52 -72.93 -67.16
C CYS E 134 34.11 -72.85 -67.71
N LEU E 135 33.81 -73.68 -68.71
CA LEU E 135 32.53 -73.66 -69.40
C LEU E 135 31.79 -74.96 -69.17
N LEU E 136 30.52 -74.86 -68.79
CA LEU E 136 29.61 -75.99 -68.62
C LEU E 136 28.49 -75.82 -69.65
N ASN E 137 28.43 -76.71 -70.63
CA ASN E 137 27.62 -76.50 -71.81
C ASN E 137 26.42 -77.44 -71.84
N ASN E 138 25.23 -76.87 -72.05
CA ASN E 138 24.00 -77.60 -72.34
C ASN E 138 23.74 -78.70 -71.30
N PHE E 139 23.38 -78.26 -70.10
CA PHE E 139 23.06 -79.19 -69.02
C PHE E 139 21.66 -78.92 -68.46
N TYR E 140 21.15 -79.90 -67.71
CA TYR E 140 19.88 -79.79 -67.01
C TYR E 140 19.87 -80.83 -65.89
N PRO E 141 19.38 -80.48 -64.68
CA PRO E 141 18.80 -79.20 -64.31
C PRO E 141 19.86 -78.13 -64.01
N ARG E 142 19.43 -76.95 -63.55
CA ARG E 142 20.36 -75.83 -63.44
C ARG E 142 21.36 -76.01 -62.31
N GLU E 143 21.01 -76.77 -61.28
CA GLU E 143 21.90 -76.95 -60.14
C GLU E 143 23.22 -77.58 -60.55
N ALA E 144 24.31 -76.81 -60.46
CA ALA E 144 25.63 -77.31 -60.82
C ALA E 144 26.66 -76.61 -59.94
N LYS E 145 27.72 -77.34 -59.62
CA LYS E 145 28.75 -76.88 -58.70
C LYS E 145 30.10 -76.88 -59.42
N VAL E 146 30.77 -75.73 -59.43
CA VAL E 146 32.08 -75.57 -60.05
C VAL E 146 33.09 -75.27 -58.96
N GLN E 147 34.09 -76.13 -58.81
CA GLN E 147 35.14 -75.96 -57.81
C GLN E 147 36.46 -75.73 -58.54
N TRP E 148 37.00 -74.52 -58.42
CA TRP E 148 38.32 -74.22 -58.95
C TRP E 148 39.41 -74.80 -58.05
N LYS E 149 40.47 -75.31 -58.67
CA LYS E 149 41.61 -75.82 -57.94
C LYS E 149 42.89 -75.31 -58.58
N VAL E 150 43.82 -74.85 -57.77
CA VAL E 150 45.11 -74.34 -58.23
C VAL E 150 46.19 -75.07 -57.43
N ASP E 151 46.93 -75.94 -58.10
CA ASP E 151 47.88 -76.85 -57.45
C ASP E 151 47.19 -77.62 -56.32
N ASN E 152 45.94 -78.01 -56.58
CA ASN E 152 45.10 -78.84 -55.73
C ASN E 152 44.52 -78.10 -54.54
N ALA E 153 44.71 -76.79 -54.44
CA ALA E 153 44.08 -75.99 -53.40
C ALA E 153 42.75 -75.45 -53.89
N LEU E 154 41.70 -75.70 -53.11
CA LEU E 154 40.35 -75.26 -53.50
C LEU E 154 40.26 -73.74 -53.42
N GLN E 155 39.92 -73.11 -54.54
CA GLN E 155 39.84 -71.66 -54.61
C GLN E 155 38.42 -71.19 -54.31
N SER E 156 38.31 -70.17 -53.47
CA SER E 156 37.04 -69.49 -53.23
C SER E 156 37.32 -68.02 -53.00
N GLY E 157 36.44 -67.17 -53.54
CA GLY E 157 36.55 -65.74 -53.38
C GLY E 157 37.12 -64.99 -54.57
N ASN E 158 37.70 -65.71 -55.54
CA ASN E 158 38.31 -65.07 -56.71
C ASN E 158 37.70 -65.57 -58.02
N SER E 159 36.43 -65.94 -57.99
CA SER E 159 35.75 -66.40 -59.20
C SER E 159 34.34 -65.83 -59.23
N GLN E 160 33.84 -65.59 -60.45
CA GLN E 160 32.47 -65.18 -60.69
C GLN E 160 31.89 -66.07 -61.77
N GLU E 161 30.57 -66.26 -61.75
CA GLU E 161 29.94 -67.14 -62.73
C GLU E 161 28.63 -66.55 -63.20
N SER E 162 28.17 -67.08 -64.34
CA SER E 162 27.03 -66.55 -65.06
C SER E 162 26.34 -67.70 -65.77
N VAL E 163 25.01 -67.73 -65.71
CA VAL E 163 24.21 -68.80 -66.30
CA VAL E 163 24.21 -68.80 -66.30
C VAL E 163 23.27 -68.20 -67.33
N THR E 164 23.14 -68.87 -68.46
CA THR E 164 22.20 -68.43 -69.49
C THR E 164 20.77 -68.77 -69.07
N GLU E 165 19.82 -68.20 -69.79
CA GLU E 165 18.45 -68.65 -69.66
C GLU E 165 18.27 -69.96 -70.41
N GLN E 166 17.18 -70.66 -70.09
CA GLN E 166 16.90 -71.94 -70.71
C GLN E 166 16.85 -71.79 -72.23
N ASP E 167 17.64 -72.61 -72.92
CA ASP E 167 17.69 -72.56 -74.37
C ASP E 167 16.29 -72.75 -74.96
N SER E 168 15.96 -71.92 -75.94
CA SER E 168 14.63 -71.97 -76.54
C SER E 168 14.36 -73.29 -77.24
N LYS E 169 15.41 -74.04 -77.61
CA LYS E 169 15.25 -75.27 -78.36
C LYS E 169 15.26 -76.52 -77.49
N ASP E 170 16.28 -76.69 -76.64
CA ASP E 170 16.43 -77.91 -75.85
C ASP E 170 16.28 -77.68 -74.35
N SER E 171 15.95 -76.46 -73.92
CA SER E 171 15.64 -76.14 -72.52
C SER E 171 16.79 -76.43 -71.57
N THR E 172 18.03 -76.49 -72.06
CA THR E 172 19.18 -76.66 -71.21
C THR E 172 19.75 -75.32 -70.79
N TYR E 173 20.60 -75.34 -69.77
CA TYR E 173 21.35 -74.18 -69.36
C TYR E 173 22.81 -74.35 -69.77
N SER E 174 23.54 -73.24 -69.78
CA SER E 174 24.99 -73.25 -69.88
C SER E 174 25.53 -72.31 -68.81
N LEU E 175 26.73 -72.62 -68.32
CA LEU E 175 27.35 -71.84 -67.26
C LEU E 175 28.78 -71.50 -67.64
N SER E 176 29.21 -70.30 -67.27
CA SER E 176 30.58 -69.86 -67.45
C SER E 176 31.13 -69.39 -66.11
N SER E 177 32.31 -69.86 -65.74
CA SER E 177 32.97 -69.47 -64.51
C SER E 177 34.35 -68.93 -64.82
N THR E 178 34.67 -67.77 -64.27
CA THR E 178 35.93 -67.09 -64.54
C THR E 178 36.72 -66.95 -63.25
N LEU E 179 37.92 -67.53 -63.23
CA LEU E 179 38.87 -67.36 -62.14
C LEU E 179 39.85 -66.26 -62.53
N THR E 180 39.96 -65.24 -61.69
CA THR E 180 40.79 -64.07 -61.98
C THR E 180 41.96 -64.01 -61.00
N LEU E 181 43.17 -64.00 -61.52
CA LEU E 181 44.38 -63.83 -60.74
C LEU E 181 45.23 -62.74 -61.39
N SER E 182 46.13 -62.16 -60.60
CA SER E 182 47.17 -61.34 -61.16
C SER E 182 48.15 -62.24 -61.91
N LYS E 183 48.87 -61.64 -62.87
CA LYS E 183 49.88 -62.40 -63.61
C LYS E 183 50.92 -62.99 -62.66
N ALA E 184 51.28 -62.23 -61.62
CA ALA E 184 52.26 -62.71 -60.65
C ALA E 184 51.78 -63.97 -59.94
N ASP E 185 50.54 -63.95 -59.42
CA ASP E 185 50.00 -65.12 -58.76
C ASP E 185 49.86 -66.29 -59.73
N TYR E 186 49.35 -66.02 -60.94
CA TYR E 186 49.16 -67.06 -61.94
C TYR E 186 50.45 -67.82 -62.21
N GLU E 187 51.58 -67.13 -62.20
CA GLU E 187 52.87 -67.73 -62.51
C GLU E 187 53.54 -68.39 -61.32
N LYS E 188 52.89 -68.43 -60.15
CA LYS E 188 53.42 -69.16 -59.02
C LYS E 188 52.90 -70.58 -58.93
N HIS E 189 52.01 -70.99 -59.82
CA HIS E 189 51.36 -72.28 -59.73
C HIS E 189 51.31 -72.92 -61.11
N LYS E 190 51.18 -74.25 -61.12
CA LYS E 190 51.26 -75.04 -62.35
C LYS E 190 49.90 -75.55 -62.80
N VAL E 191 49.20 -76.29 -61.95
CA VAL E 191 48.00 -77.03 -62.34
C VAL E 191 46.77 -76.18 -62.05
N TYR E 192 45.99 -75.93 -63.09
CA TYR E 192 44.74 -75.20 -63.00
C TYR E 192 43.61 -76.09 -63.46
N ALA E 193 42.57 -76.22 -62.62
CA ALA E 193 41.51 -77.19 -62.87
C ALA E 193 40.19 -76.67 -62.32
N CYS E 194 39.11 -77.02 -63.01
CA CYS E 194 37.76 -76.83 -62.50
CA CYS E 194 37.76 -76.83 -62.50
C CYS E 194 37.06 -78.19 -62.43
N GLU E 195 36.53 -78.51 -61.25
CA GLU E 195 35.87 -79.78 -60.98
C GLU E 195 34.37 -79.52 -60.96
N VAL E 196 33.63 -80.24 -61.80
CA VAL E 196 32.19 -80.01 -62.00
C VAL E 196 31.42 -81.18 -61.40
N THR E 197 30.49 -80.88 -60.51
CA THR E 197 29.55 -81.87 -60.00
C THR E 197 28.14 -81.50 -60.46
N HIS E 198 27.40 -82.49 -60.93
CA HIS E 198 26.08 -82.28 -61.49
C HIS E 198 25.34 -83.61 -61.48
N GLN E 199 24.01 -83.53 -61.45
CA GLN E 199 23.19 -84.74 -61.33
C GLN E 199 23.43 -85.71 -62.47
N GLY E 200 23.75 -85.19 -63.67
CA GLY E 200 23.99 -86.02 -64.83
C GLY E 200 25.34 -86.70 -64.90
N LEU E 201 26.21 -86.46 -63.91
CA LEU E 201 27.54 -87.05 -63.86
C LEU E 201 27.61 -88.05 -62.71
N SER E 202 28.03 -89.28 -63.02
CA SER E 202 28.14 -90.30 -61.98
C SER E 202 29.20 -89.94 -60.95
N SER E 203 30.23 -89.21 -61.35
CA SER E 203 31.27 -88.70 -60.47
C SER E 203 31.69 -87.33 -60.99
N PRO E 204 32.26 -86.49 -60.12
CA PRO E 204 32.69 -85.16 -60.58
C PRO E 204 33.70 -85.24 -61.71
N VAL E 205 33.51 -84.38 -62.71
CA VAL E 205 34.37 -84.31 -63.88
C VAL E 205 35.33 -83.13 -63.72
N THR E 206 36.62 -83.38 -63.94
CA THR E 206 37.65 -82.36 -63.82
C THR E 206 38.32 -82.15 -65.17
N LYS E 207 38.30 -80.91 -65.64
CA LYS E 207 39.12 -80.48 -66.78
C LYS E 207 40.25 -79.61 -66.24
N SER E 208 41.47 -79.85 -66.73
CA SER E 208 42.61 -79.12 -66.20
C SER E 208 43.65 -78.86 -67.29
N PHE E 209 44.58 -77.96 -66.98
CA PHE E 209 45.75 -77.71 -67.81
C PHE E 209 46.92 -77.35 -66.91
N ASN E 210 48.12 -77.49 -67.46
CA ASN E 210 49.36 -77.08 -66.80
C ASN E 210 49.84 -75.79 -67.43
N ARG E 211 50.12 -74.78 -66.61
CA ARG E 211 50.62 -73.51 -67.12
C ARG E 211 51.94 -73.72 -67.85
N GLY E 212 52.00 -73.24 -69.10
CA GLY E 212 53.19 -73.32 -69.91
C GLY E 212 53.21 -74.47 -70.89
N GLU E 213 52.52 -75.57 -70.59
CA GLU E 213 52.45 -76.72 -71.47
C GLU E 213 51.26 -76.59 -72.41
N CYS E 214 51.47 -76.88 -73.69
CA CYS E 214 50.43 -76.69 -74.69
C CYS E 214 49.18 -77.50 -74.36
#